data_2KJ1
#
_entry.id   2KJ1
#
_entity_poly.entity_id   1
_entity_poly.type   'polypeptide(L)'
_entity_poly.pdbx_seq_one_letter_code
;GHLNQIKRGVNMKIRIKGPNKETINREVSILRHSYQKEIQAKETMKEVLSDNMEVLSDHIVIEGLSAEEIIKMGETVLEI
EELHHHHHH
;
_entity_poly.pdbx_strand_id   A,B,C,D
#
# COMPACT_ATOMS: atom_id res chain seq x y z
N GLY A 18 -10.47 -2.02 41.35
CA GLY A 18 -10.55 -3.15 40.37
C GLY A 18 -11.10 -2.63 39.05
N PRO A 19 -11.49 -3.52 38.16
CA PRO A 19 -12.05 -3.12 36.84
C PRO A 19 -13.10 -2.00 36.99
N ASN A 20 -13.28 -1.20 35.96
CA ASN A 20 -14.28 -0.10 36.07
C ASN A 20 -14.97 0.09 34.72
N LYS A 21 -16.27 0.09 34.72
CA LYS A 21 -17.04 0.24 33.44
C LYS A 21 -16.38 1.29 32.54
N GLU A 22 -15.62 2.19 33.09
CA GLU A 22 -14.97 3.22 32.24
C GLU A 22 -13.83 2.59 31.43
N THR A 23 -13.19 1.57 31.94
CA THR A 23 -12.07 0.93 31.20
C THR A 23 -12.62 0.04 30.07
N ILE A 24 -13.62 -0.78 30.32
CA ILE A 24 -14.15 -1.64 29.20
C ILE A 24 -14.66 -0.71 28.10
N ASN A 25 -15.37 0.33 28.47
CA ASN A 25 -15.90 1.26 27.45
C ASN A 25 -14.74 1.89 26.67
N ARG A 26 -13.66 2.19 27.32
CA ARG A 26 -12.51 2.81 26.60
C ARG A 26 -12.07 1.88 25.47
N GLU A 27 -11.62 0.70 25.79
CA GLU A 27 -11.18 -0.23 24.72
C GLU A 27 -12.29 -0.40 23.69
N VAL A 28 -13.53 -0.51 24.13
CA VAL A 28 -14.64 -0.66 23.14
C VAL A 28 -14.77 0.62 22.31
N SER A 29 -14.44 1.74 22.89
CA SER A 29 -14.54 3.03 22.14
C SER A 29 -13.49 3.02 21.02
N ILE A 30 -12.25 2.84 21.37
CA ILE A 30 -11.20 2.81 20.32
C ILE A 30 -11.55 1.72 19.32
N LEU A 31 -12.13 0.65 19.79
CA LEU A 31 -12.52 -0.48 18.89
C LEU A 31 -13.29 0.08 17.68
N ARG A 32 -14.40 0.73 17.93
CA ARG A 32 -15.20 1.29 16.80
C ARG A 32 -14.31 2.20 15.94
N HIS A 33 -13.52 3.05 16.55
CA HIS A 33 -12.65 3.95 15.74
C HIS A 33 -11.66 3.10 14.93
N SER A 34 -11.13 2.07 15.52
CA SER A 34 -10.16 1.20 14.80
C SER A 34 -10.78 0.71 13.49
N TYR A 35 -11.92 0.08 13.56
CA TYR A 35 -12.57 -0.42 12.32
C TYR A 35 -12.61 0.72 11.29
N GLN A 36 -13.02 1.88 11.71
CA GLN A 36 -13.09 3.03 10.76
C GLN A 36 -11.79 3.08 9.95
N LYS A 37 -10.68 3.29 10.58
CA LYS A 37 -9.39 3.34 9.84
C LYS A 37 -9.32 2.17 8.84
N GLU A 38 -9.67 0.99 9.27
CA GLU A 38 -9.60 -0.18 8.34
C GLU A 38 -10.39 0.10 7.06
N ILE A 39 -11.69 0.23 7.14
CA ILE A 39 -12.47 0.49 5.90
C ILE A 39 -11.83 1.65 5.12
N GLN A 40 -11.54 2.74 5.78
CA GLN A 40 -10.90 3.88 5.05
C GLN A 40 -9.55 3.42 4.50
N ALA A 41 -9.09 2.28 4.94
CA ALA A 41 -7.80 1.75 4.44
C ALA A 41 -8.01 1.12 3.07
N LYS A 42 -8.97 0.24 2.96
CA LYS A 42 -9.23 -0.39 1.63
C LYS A 42 -9.50 0.73 0.63
N GLU A 43 -10.01 1.84 1.11
CA GLU A 43 -10.29 2.98 0.19
C GLU A 43 -8.98 3.51 -0.38
N THR A 44 -8.11 3.99 0.47
CA THR A 44 -6.79 4.51 -0.04
C THR A 44 -6.05 3.37 -0.75
N MET A 45 -6.30 2.15 -0.36
CA MET A 45 -5.62 1.01 -1.03
C MET A 45 -6.13 0.89 -2.46
N LYS A 46 -7.40 0.66 -2.63
CA LYS A 46 -7.97 0.54 -4.00
C LYS A 46 -7.45 1.69 -4.86
N GLU A 47 -7.13 2.80 -4.25
CA GLU A 47 -6.61 3.96 -5.02
C GLU A 47 -5.19 3.65 -5.47
N VAL A 48 -4.35 3.22 -4.56
CA VAL A 48 -2.94 2.90 -4.94
C VAL A 48 -2.93 1.98 -6.18
N LEU A 49 -3.84 1.06 -6.26
CA LEU A 49 -3.86 0.16 -7.45
C LEU A 49 -4.51 0.88 -8.64
N SER A 50 -5.62 1.53 -8.42
CA SER A 50 -6.27 2.25 -9.54
C SER A 50 -5.21 3.09 -10.28
N ASP A 51 -4.26 3.61 -9.55
CA ASP A 51 -3.18 4.42 -10.18
C ASP A 51 -2.16 3.45 -10.82
N ASN A 52 -1.57 2.61 -10.02
CA ASN A 52 -0.56 1.65 -10.56
C ASN A 52 -1.07 1.04 -11.87
N MET A 53 -2.26 0.52 -11.87
CA MET A 53 -2.82 -0.09 -13.11
C MET A 53 -2.93 0.98 -14.20
N GLU A 54 -3.48 2.11 -13.88
CA GLU A 54 -3.63 3.19 -14.90
C GLU A 54 -2.31 3.36 -15.66
N VAL A 55 -1.22 3.47 -14.95
CA VAL A 55 0.10 3.62 -15.61
C VAL A 55 0.40 2.38 -16.45
N LEU A 56 0.19 1.23 -15.88
CA LEU A 56 0.45 -0.03 -16.65
C LEU A 56 -0.42 -0.01 -17.91
N SER A 57 -1.71 0.05 -17.75
CA SER A 57 -2.60 0.08 -18.95
C SER A 57 -2.29 1.32 -19.79
N ASP A 58 -1.48 2.21 -19.27
CA ASP A 58 -1.15 3.43 -20.09
C ASP A 58 -0.24 2.99 -21.22
N HIS A 59 0.95 2.55 -20.92
CA HIS A 59 1.87 2.12 -22.01
C HIS A 59 1.20 0.98 -22.80
N ILE A 60 0.84 -0.08 -22.13
CA ILE A 60 0.18 -1.22 -22.83
C ILE A 60 1.04 -1.68 -24.01
N VAL A 61 0.76 -2.85 -24.52
CA VAL A 61 1.55 -3.38 -25.67
C VAL A 61 1.40 -2.43 -26.87
N ILE A 62 2.49 -2.05 -27.51
CA ILE A 62 2.38 -1.16 -28.72
C ILE A 62 3.13 -1.73 -29.91
N GLU A 63 2.51 -1.67 -31.06
CA GLU A 63 3.15 -2.17 -32.29
C GLU A 63 4.45 -1.42 -32.45
N GLY A 64 5.53 -2.11 -32.65
CA GLY A 64 6.83 -1.41 -32.75
C GLY A 64 7.41 -1.34 -31.35
N LEU A 65 6.64 -0.87 -30.39
CA LEU A 65 7.13 -0.78 -29.01
C LEU A 65 6.18 -1.59 -28.16
N SER A 66 6.19 -2.86 -28.40
CA SER A 66 5.32 -3.78 -27.66
C SER A 66 5.82 -3.84 -26.21
N ALA A 67 5.12 -3.30 -25.25
CA ALA A 67 5.66 -3.37 -23.86
C ALA A 67 5.90 -4.84 -23.50
N GLU A 68 5.01 -5.71 -23.91
CA GLU A 68 5.21 -7.15 -23.61
C GLU A 68 6.51 -7.59 -24.27
N GLU A 69 6.54 -7.65 -25.59
CA GLU A 69 7.78 -8.07 -26.31
C GLU A 69 8.99 -7.40 -25.66
N ILE A 70 8.93 -6.12 -25.42
CA ILE A 70 10.08 -5.43 -24.77
C ILE A 70 10.53 -6.24 -23.56
N ILE A 71 9.67 -6.34 -22.56
CA ILE A 71 10.01 -7.10 -21.33
C ILE A 71 10.80 -8.36 -21.70
N LYS A 72 10.33 -9.10 -22.66
CA LYS A 72 11.06 -10.33 -23.07
C LYS A 72 12.51 -9.97 -23.37
N MET A 73 12.72 -9.15 -24.36
CA MET A 73 14.11 -8.76 -24.74
C MET A 73 14.98 -8.59 -23.49
N GLY A 74 14.50 -7.90 -22.49
CA GLY A 74 15.35 -7.69 -21.25
C GLY A 74 15.35 -8.98 -20.40
N GLU A 75 14.40 -9.87 -20.62
CA GLU A 75 14.38 -11.13 -19.83
C GLU A 75 15.46 -12.07 -20.35
N THR A 76 15.82 -11.94 -21.60
CA THR A 76 16.88 -12.83 -22.17
C THR A 76 18.21 -12.51 -21.49
N VAL A 77 18.56 -11.26 -21.40
CA VAL A 77 19.85 -10.88 -20.76
C VAL A 77 19.65 -9.57 -19.97
N LEU A 78 19.47 -9.66 -18.69
CA LEU A 78 19.28 -8.43 -17.87
C LEU A 78 20.62 -7.70 -17.72
N GLY B 18 -12.45 -13.59 39.89
CA GLY B 18 -12.10 -14.31 38.64
C GLY B 18 -11.11 -13.47 37.84
N PRO B 19 -11.57 -12.37 37.29
CA PRO B 19 -10.71 -11.45 36.49
C PRO B 19 -9.61 -10.81 37.32
N ASN B 20 -8.82 -9.97 36.72
CA ASN B 20 -7.72 -9.30 37.48
C ASN B 20 -7.42 -7.96 36.84
N LYS B 21 -7.27 -6.93 37.63
CA LYS B 21 -6.95 -5.59 37.06
C LYS B 21 -5.75 -5.69 36.11
N GLU B 22 -4.88 -6.64 36.32
CA GLU B 22 -3.71 -6.76 35.41
C GLU B 22 -4.15 -7.29 34.04
N THR B 23 -5.34 -7.83 33.95
CA THR B 23 -5.81 -8.34 32.64
C THR B 23 -6.49 -7.20 31.87
N ILE B 24 -7.52 -6.60 32.42
CA ILE B 24 -8.20 -5.48 31.69
C ILE B 24 -7.12 -4.52 31.18
N ASN B 25 -6.10 -4.27 31.97
CA ASN B 25 -5.03 -3.33 31.53
C ASN B 25 -4.20 -3.98 30.42
N ARG B 26 -3.77 -5.19 30.60
CA ARG B 26 -2.95 -5.86 29.55
C ARG B 26 -3.63 -5.64 28.21
N GLU B 27 -4.93 -5.69 28.18
CA GLU B 27 -5.67 -5.47 26.92
C GLU B 27 -5.59 -3.98 26.55
N VAL B 28 -6.30 -3.15 27.28
CA VAL B 28 -6.27 -1.68 27.01
C VAL B 28 -4.85 -1.24 26.68
N SER B 29 -3.85 -1.93 27.18
CA SER B 29 -2.45 -1.52 26.88
C SER B 29 -2.13 -1.80 25.41
N ILE B 30 -2.03 -3.05 25.03
CA ILE B 30 -1.73 -3.36 23.60
C ILE B 30 -2.83 -2.73 22.73
N LEU B 31 -3.92 -2.36 23.34
CA LEU B 31 -5.05 -1.73 22.58
C LEU B 31 -4.58 -0.39 22.01
N ARG B 32 -4.01 0.44 22.84
CA ARG B 32 -3.53 1.77 22.34
C ARG B 32 -2.37 1.53 21.37
N HIS B 33 -1.51 0.59 21.68
CA HIS B 33 -0.36 0.31 20.77
C HIS B 33 -0.90 -0.08 19.39
N SER B 34 -1.98 -0.82 19.34
CA SER B 34 -2.56 -1.21 18.03
C SER B 34 -2.92 0.05 17.27
N TYR B 35 -3.84 0.84 17.79
CA TYR B 35 -4.26 2.10 17.09
C TYR B 35 -3.01 2.79 16.55
N GLN B 36 -1.98 2.90 17.34
CA GLN B 36 -0.73 3.55 16.87
C GLN B 36 -0.37 3.02 15.49
N LYS B 37 -0.08 1.75 15.39
CA LYS B 37 0.29 1.17 14.07
C LYS B 37 -0.71 1.63 13.00
N GLU B 38 -1.96 1.69 13.32
CA GLU B 38 -2.98 2.12 12.30
C GLU B 38 -2.68 3.53 11.80
N ILE B 39 -2.54 4.48 12.68
CA ILE B 39 -2.24 5.87 12.22
C ILE B 39 -0.88 5.89 11.53
N GLN B 40 0.11 5.27 12.12
CA GLN B 40 1.45 5.24 11.46
C GLN B 40 1.27 4.65 10.07
N ALA B 41 0.32 3.77 9.91
CA ALA B 41 0.08 3.17 8.58
C ALA B 41 -0.26 4.29 7.60
N LYS B 42 -1.36 4.95 7.81
CA LYS B 42 -1.75 6.06 6.90
C LYS B 42 -0.51 6.90 6.54
N GLU B 43 0.42 7.01 7.44
CA GLU B 43 1.66 7.82 7.13
C GLU B 43 2.45 7.10 6.05
N THR B 44 2.47 5.79 6.11
CA THR B 44 3.23 5.01 5.06
C THR B 44 2.45 5.08 3.74
N MET B 45 1.28 4.53 3.70
CA MET B 45 0.48 4.57 2.44
C MET B 45 0.50 5.99 1.86
N LYS B 46 0.68 6.97 2.70
CA LYS B 46 0.72 8.37 2.19
C LYS B 46 1.96 8.55 1.33
N GLU B 47 3.11 8.30 1.90
CA GLU B 47 4.37 8.44 1.11
C GLU B 47 4.24 7.65 -0.20
N VAL B 48 3.62 6.50 -0.15
CA VAL B 48 3.46 5.70 -1.40
C VAL B 48 2.79 6.56 -2.47
N LEU B 49 1.51 6.79 -2.33
CA LEU B 49 0.76 7.60 -3.36
C LEU B 49 1.63 8.77 -3.83
N SER B 50 2.35 9.40 -2.94
CA SER B 50 3.23 10.52 -3.38
C SER B 50 4.08 10.02 -4.54
N ASP B 51 4.64 8.85 -4.37
CA ASP B 51 5.48 8.26 -5.46
C ASP B 51 4.59 7.96 -6.66
N ASN B 52 3.61 7.11 -6.50
CA ASN B 52 2.71 6.77 -7.64
C ASN B 52 2.29 8.05 -8.37
N MET B 53 2.17 9.13 -7.65
CA MET B 53 1.75 10.41 -8.30
C MET B 53 2.88 10.96 -9.16
N GLU B 54 4.00 11.28 -8.56
CA GLU B 54 5.13 11.85 -9.36
C GLU B 54 5.35 10.96 -10.59
N VAL B 55 5.10 9.68 -10.48
CA VAL B 55 5.30 8.78 -11.64
C VAL B 55 4.34 9.21 -12.76
N LEU B 56 3.06 8.97 -12.60
CA LEU B 56 2.07 9.34 -13.66
C LEU B 56 2.48 10.66 -14.34
N SER B 57 2.98 11.60 -13.58
CA SER B 57 3.40 12.89 -14.18
C SER B 57 4.61 12.68 -15.10
N ASP B 58 5.56 11.88 -14.67
CA ASP B 58 6.75 11.67 -15.52
C ASP B 58 6.37 11.03 -16.85
N HIS B 59 5.68 9.92 -16.82
CA HIS B 59 5.33 9.23 -18.10
C HIS B 59 4.11 9.87 -18.79
N ILE B 60 3.53 10.90 -18.23
CA ILE B 60 2.36 11.52 -18.93
C ILE B 60 2.81 11.98 -20.33
N VAL B 61 2.78 11.09 -21.27
CA VAL B 61 3.22 11.44 -22.65
C VAL B 61 2.56 12.74 -23.11
N ILE B 62 3.21 13.45 -23.98
CA ILE B 62 2.65 14.73 -24.49
C ILE B 62 3.38 15.12 -25.76
N GLU B 63 2.80 16.00 -26.51
CA GLU B 63 3.42 16.46 -27.79
C GLU B 63 3.69 15.26 -28.70
N GLY B 64 3.34 15.39 -29.94
CA GLY B 64 3.56 14.27 -30.90
C GLY B 64 2.57 13.15 -30.59
N LEU B 65 2.41 12.78 -29.34
CA LEU B 65 1.48 11.71 -28.97
C LEU B 65 0.60 12.19 -27.82
N SER B 66 -0.68 11.93 -27.87
CA SER B 66 -1.59 12.39 -26.77
C SER B 66 -2.09 11.17 -25.99
N ALA B 67 -2.02 11.21 -24.68
CA ALA B 67 -2.48 10.04 -23.86
C ALA B 67 -3.75 9.45 -24.49
N GLU B 68 -4.54 10.25 -25.15
CA GLU B 68 -5.78 9.71 -25.78
C GLU B 68 -5.40 8.67 -26.83
N GLU B 69 -4.53 9.02 -27.74
CA GLU B 69 -4.12 8.03 -28.78
C GLU B 69 -3.65 6.75 -28.08
N ILE B 70 -2.84 6.89 -27.07
CA ILE B 70 -2.37 5.69 -26.32
C ILE B 70 -3.57 4.91 -25.82
N ILE B 71 -4.56 5.60 -25.30
CA ILE B 71 -5.77 4.90 -24.82
C ILE B 71 -6.43 4.22 -26.02
N LYS B 72 -6.49 4.90 -27.13
CA LYS B 72 -7.10 4.28 -28.35
C LYS B 72 -6.52 2.88 -28.54
N MET B 73 -5.27 2.70 -28.23
CA MET B 73 -4.68 1.32 -28.36
C MET B 73 -5.18 0.48 -27.19
N GLY B 74 -5.49 1.11 -26.10
CA GLY B 74 -6.01 0.33 -24.92
C GLY B 74 -7.54 0.16 -25.04
N GLU B 75 -8.15 0.76 -26.05
CA GLU B 75 -9.62 0.59 -26.20
C GLU B 75 -9.91 -0.55 -27.16
N THR B 76 -9.20 -0.60 -28.26
CA THR B 76 -9.42 -1.70 -29.24
C THR B 76 -9.22 -3.05 -28.57
N VAL B 77 -8.05 -3.28 -28.01
CA VAL B 77 -7.80 -4.59 -27.34
C VAL B 77 -6.67 -4.42 -26.32
N LEU B 78 -6.73 -5.14 -25.23
CA LEU B 78 -5.66 -5.02 -24.20
C LEU B 78 -4.36 -5.60 -24.75
N GLY C 18 -20.22 -14.68 33.78
CA GLY C 18 -20.06 -13.52 32.85
C GLY C 18 -18.58 -13.35 32.50
N PRO C 19 -17.82 -12.78 33.40
CA PRO C 19 -16.35 -12.57 33.18
C PRO C 19 -15.59 -13.90 33.20
N ASN C 20 -15.07 -14.32 32.08
CA ASN C 20 -14.31 -15.59 32.02
C ASN C 20 -12.86 -15.31 31.66
N LYS C 21 -11.95 -15.59 32.58
CA LYS C 21 -10.51 -15.36 32.28
C LYS C 21 -10.12 -16.11 30.99
N GLU C 22 -10.94 -17.02 30.54
CA GLU C 22 -10.62 -17.74 29.28
C GLU C 22 -11.01 -16.84 28.11
N THR C 23 -12.27 -16.55 27.99
CA THR C 23 -12.73 -15.67 26.88
C THR C 23 -11.76 -14.50 26.72
N ILE C 24 -11.17 -14.05 27.80
CA ILE C 24 -10.17 -12.95 27.66
C ILE C 24 -8.98 -13.52 26.92
N ASN C 25 -8.48 -14.64 27.38
CA ASN C 25 -7.31 -15.25 26.72
C ASN C 25 -7.48 -15.21 25.21
N ARG C 26 -8.60 -15.64 24.68
CA ARG C 26 -8.76 -15.57 23.20
C ARG C 26 -8.51 -14.11 22.79
N GLU C 27 -9.16 -13.22 23.48
CA GLU C 27 -8.99 -11.78 23.18
C GLU C 27 -7.54 -11.36 23.40
N VAL C 28 -7.11 -11.29 24.63
CA VAL C 28 -5.71 -10.87 24.95
C VAL C 28 -4.68 -11.70 24.14
N SER C 29 -5.04 -12.90 23.73
CA SER C 29 -4.08 -13.71 22.93
C SER C 29 -4.14 -13.27 21.47
N ILE C 30 -5.28 -13.37 20.82
CA ILE C 30 -5.34 -12.93 19.41
C ILE C 30 -4.92 -11.46 19.35
N LEU C 31 -4.81 -10.86 20.50
CA LEU C 31 -4.37 -9.46 20.58
C LEU C 31 -2.89 -9.44 20.22
N ARG C 32 -2.05 -9.94 21.09
CA ARG C 32 -0.59 -9.96 20.77
C ARG C 32 -0.40 -10.50 19.35
N HIS C 33 -1.33 -11.30 18.88
CA HIS C 33 -1.22 -11.85 17.50
C HIS C 33 -1.52 -10.73 16.51
N SER C 34 -2.73 -10.22 16.54
CA SER C 34 -3.12 -9.12 15.61
C SER C 34 -1.95 -8.14 15.51
N TYR C 35 -1.25 -7.94 16.59
CA TYR C 35 -0.09 -7.02 16.56
C TYR C 35 0.94 -7.57 15.57
N GLN C 36 1.49 -8.72 15.87
CA GLN C 36 2.50 -9.34 14.95
C GLN C 36 2.07 -9.16 13.49
N LYS C 37 0.79 -9.00 13.26
CA LYS C 37 0.33 -8.80 11.85
C LYS C 37 0.62 -7.34 11.46
N GLU C 38 0.09 -6.41 12.20
CA GLU C 38 0.32 -4.96 11.90
C GLU C 38 1.80 -4.75 11.55
N ILE C 39 2.69 -5.16 12.40
CA ILE C 39 4.15 -4.97 12.08
C ILE C 39 4.49 -5.81 10.85
N GLN C 40 3.84 -6.93 10.68
CA GLN C 40 4.14 -7.76 9.47
C GLN C 40 3.80 -6.91 8.24
N ALA C 41 2.58 -6.44 8.16
CA ALA C 41 2.19 -5.60 6.99
C ALA C 41 3.23 -4.51 6.78
N LYS C 42 3.85 -4.05 7.83
CA LYS C 42 4.90 -3.01 7.65
C LYS C 42 6.04 -3.62 6.83
N GLU C 43 6.28 -4.88 7.03
CA GLU C 43 7.37 -5.57 6.27
C GLU C 43 7.02 -5.56 4.78
N THR C 44 5.80 -5.87 4.45
CA THR C 44 5.39 -5.84 3.01
C THR C 44 5.41 -4.39 2.54
N MET C 45 4.94 -3.50 3.36
CA MET C 45 4.94 -2.05 2.98
C MET C 45 6.37 -1.61 2.68
N LYS C 46 7.25 -1.72 3.63
CA LYS C 46 8.66 -1.30 3.39
C LYS C 46 9.15 -1.95 2.09
N GLU C 47 8.57 -3.07 1.74
CA GLU C 47 8.98 -3.73 0.47
C GLU C 47 8.44 -2.91 -0.70
N VAL C 48 7.17 -2.59 -0.67
CA VAL C 48 6.58 -1.78 -1.77
C VAL C 48 7.46 -0.56 -2.05
N LEU C 49 7.63 0.29 -1.07
CA LEU C 49 8.48 1.51 -1.30
C LEU C 49 9.77 1.11 -2.00
N SER C 50 10.49 0.15 -1.46
CA SER C 50 11.77 -0.28 -2.10
C SER C 50 11.56 -0.40 -3.62
N ASP C 51 10.51 -1.04 -4.04
CA ASP C 51 10.26 -1.17 -5.50
C ASP C 51 9.74 0.16 -6.05
N ASN C 52 8.90 0.83 -5.31
CA ASN C 52 8.38 2.14 -5.79
C ASN C 52 9.56 3.06 -6.11
N MET C 53 10.49 3.17 -5.20
CA MET C 53 11.67 4.04 -5.47
C MET C 53 12.39 3.57 -6.74
N GLU C 54 12.88 2.37 -6.74
CA GLU C 54 13.60 1.85 -7.95
C GLU C 54 12.80 2.20 -9.21
N VAL C 55 11.51 2.00 -9.18
CA VAL C 55 10.68 2.32 -10.38
C VAL C 55 10.95 3.76 -10.82
N LEU C 56 10.73 4.71 -9.94
CA LEU C 56 10.97 6.14 -10.31
C LEU C 56 12.47 6.39 -10.54
N SER C 57 13.27 6.09 -9.56
CA SER C 57 14.74 6.33 -9.69
C SER C 57 15.30 5.63 -10.93
N ASP C 58 14.67 4.58 -11.40
CA ASP C 58 15.22 3.88 -12.60
C ASP C 58 14.72 4.55 -13.88
N HIS C 59 13.50 4.97 -13.92
CA HIS C 59 12.97 5.61 -15.16
C HIS C 59 13.36 7.09 -15.21
N ILE C 60 14.05 7.58 -14.21
CA ILE C 60 14.46 9.02 -14.24
C ILE C 60 15.06 9.34 -15.62
N VAL C 61 14.25 9.76 -16.54
CA VAL C 61 14.75 10.05 -17.91
C VAL C 61 15.64 11.31 -17.90
N ILE C 62 16.58 11.34 -18.82
CA ILE C 62 17.52 12.49 -18.90
C ILE C 62 18.09 12.55 -20.32
N GLU C 63 18.53 13.72 -20.72
CA GLU C 63 19.09 13.91 -22.09
C GLU C 63 18.02 13.55 -23.13
N GLY C 64 17.34 14.55 -23.61
CA GLY C 64 16.24 14.34 -24.59
C GLY C 64 14.91 14.75 -23.95
N LEU C 65 14.62 14.23 -22.78
CA LEU C 65 13.38 14.58 -22.07
C LEU C 65 13.73 14.95 -20.64
N SER C 66 13.35 16.12 -20.20
CA SER C 66 13.70 16.56 -18.82
C SER C 66 12.47 16.46 -17.90
N ALA C 67 12.50 15.59 -16.91
CA ALA C 67 11.33 15.48 -16.01
C ALA C 67 10.90 16.86 -15.54
N GLU C 68 11.80 17.82 -15.57
CA GLU C 68 11.45 19.19 -15.15
C GLU C 68 10.40 19.72 -16.12
N GLU C 69 10.62 19.57 -17.39
CA GLU C 69 9.64 20.05 -18.39
C GLU C 69 8.31 19.31 -18.19
N ILE C 70 8.33 18.00 -18.31
CA ILE C 70 7.08 17.22 -18.12
C ILE C 70 6.47 17.56 -16.75
N ILE C 71 7.26 18.06 -15.85
CA ILE C 71 6.71 18.44 -14.51
C ILE C 71 6.02 19.79 -14.64
N LYS C 72 6.55 20.63 -15.48
CA LYS C 72 5.92 21.97 -15.68
C LYS C 72 4.48 21.76 -16.15
N MET C 73 4.29 21.05 -17.22
CA MET C 73 2.90 20.80 -17.69
C MET C 73 2.12 20.18 -16.54
N GLY C 74 2.75 19.30 -15.79
CA GLY C 74 2.04 18.65 -14.64
C GLY C 74 1.75 19.71 -13.56
N GLU C 75 2.37 20.88 -13.64
CA GLU C 75 2.10 21.92 -12.60
C GLU C 75 0.96 22.83 -13.08
N THR C 76 0.75 22.88 -14.37
CA THR C 76 -0.35 23.74 -14.91
C THR C 76 -1.62 23.53 -14.09
N VAL C 77 -2.07 22.31 -13.98
CA VAL C 77 -3.31 22.04 -13.19
C VAL C 77 -3.30 20.59 -12.70
N LEU C 78 -2.37 19.81 -13.16
CA LEU C 78 -2.31 18.39 -12.72
C LEU C 78 -1.59 18.30 -11.37
N GLY D 18 -21.72 -2.03 33.55
CA GLY D 18 -21.11 -2.04 32.19
C GLY D 18 -20.50 -3.41 31.90
N PRO D 19 -19.60 -3.86 32.74
CA PRO D 19 -18.94 -5.19 32.56
C PRO D 19 -19.96 -6.29 32.23
N ASN D 20 -20.08 -6.64 30.98
CA ASN D 20 -21.06 -7.69 30.59
C ASN D 20 -20.43 -8.56 29.50
N LYS D 21 -20.41 -9.86 29.69
CA LYS D 21 -19.80 -10.77 28.68
C LYS D 21 -20.20 -10.33 27.26
N GLU D 22 -21.25 -9.58 27.13
CA GLU D 22 -21.66 -9.13 25.77
C GLU D 22 -20.67 -8.05 25.27
N THR D 23 -20.20 -7.20 26.16
CA THR D 23 -19.26 -6.13 25.74
C THR D 23 -17.89 -6.71 25.37
N ILE D 24 -17.33 -7.61 26.16
CA ILE D 24 -16.01 -8.19 25.77
C ILE D 24 -16.22 -8.96 24.46
N ASN D 25 -17.33 -9.62 24.35
CA ASN D 25 -17.62 -10.40 23.11
C ASN D 25 -17.68 -9.46 21.92
N ARG D 26 -18.08 -8.23 22.12
CA ARG D 26 -18.13 -7.29 20.98
C ARG D 26 -16.71 -7.04 20.50
N GLU D 27 -15.82 -6.80 21.42
CA GLU D 27 -14.39 -6.57 21.03
C GLU D 27 -13.83 -7.85 20.41
N VAL D 28 -14.14 -8.99 20.96
CA VAL D 28 -13.60 -10.26 20.38
C VAL D 28 -14.27 -10.55 19.02
N SER D 29 -15.56 -10.40 18.93
CA SER D 29 -16.26 -10.67 17.64
C SER D 29 -15.71 -9.77 16.53
N ILE D 30 -15.59 -8.50 16.78
CA ILE D 30 -15.04 -7.60 15.72
C ILE D 30 -13.58 -7.99 15.47
N LEU D 31 -12.95 -8.54 16.46
CA LEU D 31 -11.53 -8.98 16.33
C LEU D 31 -11.40 -9.92 15.15
N ARG D 32 -12.12 -11.01 15.15
CA ARG D 32 -12.02 -11.95 14.01
C ARG D 32 -12.40 -11.22 12.72
N HIS D 33 -13.37 -10.34 12.79
CA HIS D 33 -13.76 -9.59 11.56
C HIS D 33 -12.55 -8.79 11.07
N SER D 34 -11.99 -7.96 11.90
CA SER D 34 -10.81 -7.17 11.48
C SER D 34 -9.70 -8.11 11.02
N TYR D 35 -9.47 -9.18 11.74
CA TYR D 35 -8.42 -10.14 11.32
C TYR D 35 -8.61 -10.46 9.84
N GLN D 36 -9.75 -11.01 9.50
CA GLN D 36 -10.01 -11.36 8.07
C GLN D 36 -9.54 -10.21 7.18
N LYS D 37 -10.05 -9.04 7.38
CA LYS D 37 -9.63 -7.89 6.53
C LYS D 37 -8.09 -7.83 6.49
N GLU D 38 -7.45 -8.00 7.63
CA GLU D 38 -5.95 -7.94 7.64
C GLU D 38 -5.36 -8.97 6.67
N ILE D 39 -5.53 -10.25 6.94
CA ILE D 39 -4.97 -11.28 6.02
C ILE D 39 -5.34 -10.92 4.58
N GLN D 40 -6.60 -10.66 4.32
CA GLN D 40 -6.99 -10.27 2.94
C GLN D 40 -6.05 -9.15 2.49
N ALA D 41 -5.89 -8.15 3.32
CA ALA D 41 -4.99 -7.02 2.96
C ALA D 41 -3.65 -7.57 2.47
N LYS D 42 -3.14 -8.57 3.12
CA LYS D 42 -1.84 -9.15 2.67
C LYS D 42 -2.00 -9.56 1.20
N GLU D 43 -3.18 -10.01 0.84
CA GLU D 43 -3.40 -10.43 -0.59
C GLU D 43 -3.33 -9.20 -1.49
N THR D 44 -4.07 -8.17 -1.16
CA THR D 44 -4.04 -6.93 -2.02
C THR D 44 -2.62 -6.37 -2.01
N MET D 45 -1.86 -6.63 -0.98
CA MET D 45 -0.46 -6.10 -0.93
C MET D 45 0.37 -6.82 -2.00
N LYS D 46 0.44 -8.13 -1.93
CA LYS D 46 1.22 -8.88 -2.94
C LYS D 46 0.86 -8.35 -4.33
N GLU D 47 -0.37 -7.95 -4.50
CA GLU D 47 -0.81 -7.40 -5.81
C GLU D 47 -0.01 -6.13 -6.08
N VAL D 48 0.02 -5.22 -5.15
CA VAL D 48 0.78 -3.95 -5.35
C VAL D 48 2.18 -4.28 -5.87
N LEU D 49 2.78 -5.33 -5.38
CA LEU D 49 4.15 -5.70 -5.87
C LEU D 49 4.03 -6.20 -7.31
N SER D 50 3.22 -7.20 -7.53
CA SER D 50 3.07 -7.73 -8.91
C SER D 50 2.87 -6.58 -9.89
N ASP D 51 2.09 -5.60 -9.53
CA ASP D 51 1.87 -4.44 -10.43
C ASP D 51 3.13 -3.56 -10.45
N ASN D 52 3.91 -3.63 -9.40
CA ASN D 52 5.15 -2.82 -9.34
C ASN D 52 6.24 -3.50 -10.19
N MET D 53 6.55 -4.73 -9.89
CA MET D 53 7.59 -5.46 -10.67
C MET D 53 7.28 -5.33 -12.16
N GLU D 54 6.04 -5.43 -12.52
CA GLU D 54 5.68 -5.30 -13.97
C GLU D 54 5.93 -3.85 -14.40
N VAL D 55 5.41 -2.91 -13.66
CA VAL D 55 5.63 -1.48 -14.02
C VAL D 55 7.14 -1.24 -14.19
N LEU D 56 7.94 -1.87 -13.37
CA LEU D 56 9.43 -1.67 -13.48
C LEU D 56 9.95 -2.45 -14.68
N SER D 57 9.79 -3.75 -14.69
CA SER D 57 10.29 -4.55 -15.84
C SER D 57 9.61 -4.10 -17.12
N ASP D 58 8.67 -3.19 -17.01
CA ASP D 58 7.99 -2.72 -18.25
C ASP D 58 8.76 -1.54 -18.82
N HIS D 59 8.72 -0.41 -18.16
CA HIS D 59 9.41 0.79 -18.71
C HIS D 59 10.91 0.56 -18.81
N ILE D 60 11.45 -0.40 -18.10
CA ILE D 60 12.93 -0.66 -18.17
C ILE D 60 13.44 -0.47 -19.60
N VAL D 61 13.87 0.72 -19.92
CA VAL D 61 14.38 1.00 -21.30
C VAL D 61 15.35 -0.08 -21.73
N ILE D 62 15.59 -0.17 -23.01
CA ILE D 62 16.53 -1.21 -23.53
C ILE D 62 17.09 -0.82 -24.90
N GLU D 63 18.20 -1.43 -25.24
CA GLU D 63 18.87 -1.17 -26.56
C GLU D 63 18.87 0.32 -26.88
N GLY D 64 19.97 0.98 -26.62
CA GLY D 64 20.07 2.44 -26.87
C GLY D 64 20.44 3.10 -25.54
N LEU D 65 19.65 2.87 -24.54
CA LEU D 65 19.91 3.45 -23.21
C LEU D 65 19.86 2.31 -22.18
N SER D 66 20.98 1.85 -21.74
CA SER D 66 20.98 0.72 -20.77
C SER D 66 20.54 1.23 -19.39
N ALA D 67 19.51 0.65 -18.80
CA ALA D 67 19.04 1.12 -17.48
C ALA D 67 20.23 1.37 -16.56
N GLU D 68 21.34 0.72 -16.80
CA GLU D 68 22.53 0.95 -15.93
C GLU D 68 23.13 2.30 -16.29
N GLU D 69 23.52 2.48 -17.51
CA GLU D 69 24.11 3.77 -17.94
C GLU D 69 23.29 4.93 -17.37
N ILE D 70 22.03 5.01 -17.69
CA ILE D 70 21.20 6.12 -17.14
C ILE D 70 21.28 6.10 -15.62
N ILE D 71 20.82 5.04 -15.01
CA ILE D 71 20.85 4.95 -13.52
C ILE D 71 22.18 5.50 -12.99
N LYS D 72 23.29 5.03 -13.50
CA LYS D 72 24.59 5.55 -13.02
C LYS D 72 24.64 7.06 -13.23
N MET D 73 24.43 7.49 -14.44
CA MET D 73 24.47 8.95 -14.72
C MET D 73 23.72 9.69 -13.60
N GLY D 74 22.53 9.27 -13.30
CA GLY D 74 21.74 9.97 -12.21
C GLY D 74 22.40 9.71 -10.85
N GLU D 75 23.30 8.76 -10.76
CA GLU D 75 23.96 8.50 -9.45
C GLU D 75 24.96 9.62 -9.15
N THR D 76 25.72 10.02 -10.15
CA THR D 76 26.71 11.11 -9.91
C THR D 76 26.03 12.26 -9.18
N VAL D 77 24.81 12.57 -9.52
CA VAL D 77 24.09 13.68 -8.85
C VAL D 77 22.58 13.49 -9.00
N LEU D 78 21.81 13.87 -8.03
CA LEU D 78 20.33 13.71 -8.13
C LEU D 78 19.71 15.00 -8.66
N GLY A 18 -7.74 1.00 42.48
CA GLY A 18 -7.95 -0.24 41.69
C GLY A 18 -8.69 0.09 40.39
N PRO A 19 -8.94 -0.90 39.57
CA PRO A 19 -9.65 -0.70 38.27
C PRO A 19 -11.11 -0.28 38.49
N ASN A 20 -11.77 0.13 37.44
CA ASN A 20 -13.19 0.55 37.59
C ASN A 20 -13.81 0.76 36.20
N LYS A 21 -15.10 0.89 36.16
CA LYS A 21 -15.82 1.07 34.85
C LYS A 21 -15.01 1.97 33.91
N GLU A 22 -14.16 2.81 34.44
CA GLU A 22 -13.37 3.71 33.55
C GLU A 22 -12.31 2.91 32.78
N THR A 23 -11.85 1.81 33.31
CA THR A 23 -10.82 1.02 32.62
C THR A 23 -11.47 0.14 31.52
N ILE A 24 -12.51 -0.60 31.83
CA ILE A 24 -13.15 -1.43 30.75
C ILE A 24 -13.56 -0.51 29.61
N ASN A 25 -14.03 0.67 29.92
CA ASN A 25 -14.48 1.62 28.86
C ASN A 25 -13.27 2.12 28.06
N ARG A 26 -12.16 2.39 28.71
CA ARG A 26 -10.98 2.90 27.97
C ARG A 26 -10.58 1.91 26.88
N GLU A 27 -10.56 0.64 27.20
CA GLU A 27 -10.17 -0.37 26.18
C GLU A 27 -11.25 -0.43 25.09
N VAL A 28 -12.50 -0.44 25.47
CA VAL A 28 -13.58 -0.50 24.44
C VAL A 28 -13.69 0.85 23.72
N SER A 29 -13.09 1.88 24.26
CA SER A 29 -13.14 3.21 23.59
C SER A 29 -12.22 3.19 22.38
N ILE A 30 -10.94 2.99 22.59
CA ILE A 30 -10.01 2.94 21.43
C ILE A 30 -10.52 1.87 20.47
N LEU A 31 -11.03 0.80 21.02
CA LEU A 31 -11.58 -0.31 20.18
C LEU A 31 -12.48 0.29 19.09
N ARG A 32 -13.48 1.04 19.48
CA ARG A 32 -14.38 1.65 18.46
C ARG A 32 -13.56 2.47 17.47
N HIS A 33 -12.68 3.29 17.96
CA HIS A 33 -11.84 4.12 17.04
C HIS A 33 -11.09 3.19 16.08
N SER A 34 -10.43 2.20 16.62
CA SER A 34 -9.68 1.26 15.74
C SER A 34 -10.55 0.86 14.56
N TYR A 35 -11.75 0.43 14.80
CA TYR A 35 -12.65 0.04 13.68
C TYR A 35 -12.64 1.15 12.64
N GLN A 36 -12.90 2.36 13.07
CA GLN A 36 -12.91 3.50 12.11
C GLN A 36 -11.68 3.42 11.22
N LYS A 37 -10.51 3.58 11.77
CA LYS A 37 -9.27 3.50 10.94
C LYS A 37 -9.38 2.34 9.95
N GLU A 38 -9.77 1.18 10.41
CA GLU A 38 -9.88 0.01 9.48
C GLU A 38 -10.72 0.38 8.25
N ILE A 39 -11.99 0.63 8.41
CA ILE A 39 -12.83 0.99 7.23
C ILE A 39 -12.12 2.11 6.45
N GLN A 40 -11.80 3.20 7.10
CA GLN A 40 -11.09 4.29 6.38
C GLN A 40 -9.85 3.72 5.71
N ALA A 41 -9.44 2.54 6.11
CA ALA A 41 -8.24 1.92 5.48
C ALA A 41 -8.63 1.39 4.11
N LYS A 42 -9.67 0.60 4.04
CA LYS A 42 -10.10 0.08 2.71
C LYS A 42 -10.23 1.26 1.76
N GLU A 43 -10.56 2.41 2.28
CA GLU A 43 -10.68 3.62 1.40
C GLU A 43 -9.30 3.93 0.81
N THR A 44 -8.35 4.25 1.64
CA THR A 44 -6.97 4.56 1.11
C THR A 44 -6.43 3.34 0.37
N MET A 45 -6.72 2.15 0.83
CA MET A 45 -6.22 0.95 0.13
C MET A 45 -6.85 0.88 -1.27
N LYS A 46 -8.15 0.79 -1.33
CA LYS A 46 -8.83 0.73 -2.66
C LYS A 46 -8.25 1.82 -3.56
N GLU A 47 -7.76 2.89 -3.00
CA GLU A 47 -7.17 3.97 -3.84
C GLU A 47 -5.84 3.46 -4.38
N VAL A 48 -5.02 2.90 -3.54
CA VAL A 48 -3.71 2.38 -4.02
C VAL A 48 -3.93 1.52 -5.27
N LEU A 49 -4.93 0.67 -5.26
CA LEU A 49 -5.18 -0.17 -6.47
C LEU A 49 -5.70 0.74 -7.59
N SER A 50 -6.72 1.50 -7.33
CA SER A 50 -7.27 2.40 -8.38
C SER A 50 -6.11 3.14 -9.06
N ASP A 51 -5.21 3.70 -8.28
CA ASP A 51 -4.07 4.42 -8.88
C ASP A 51 -3.14 3.41 -9.56
N ASN A 52 -3.10 2.20 -9.07
CA ASN A 52 -2.23 1.17 -9.69
C ASN A 52 -2.82 0.78 -11.05
N MET A 53 -4.03 0.33 -11.07
CA MET A 53 -4.68 -0.07 -12.36
C MET A 53 -4.58 1.10 -13.35
N GLU A 54 -4.55 2.31 -12.87
CA GLU A 54 -4.45 3.47 -13.80
C GLU A 54 -3.06 3.48 -14.43
N VAL A 55 -2.04 3.53 -13.62
CA VAL A 55 -0.66 3.53 -14.15
C VAL A 55 -0.45 2.29 -15.03
N LEU A 56 -1.10 1.21 -14.71
CA LEU A 56 -0.94 -0.02 -15.54
C LEU A 56 -1.77 0.14 -16.82
N SER A 57 -3.05 0.37 -16.68
CA SER A 57 -3.92 0.55 -17.89
C SER A 57 -3.22 1.50 -18.87
N ASP A 58 -2.25 2.24 -18.40
CA ASP A 58 -1.55 3.16 -19.35
C ASP A 58 -0.47 2.34 -20.07
N HIS A 59 0.46 1.80 -19.35
CA HIS A 59 1.54 0.99 -19.99
C HIS A 59 0.95 -0.32 -20.53
N ILE A 60 -0.36 -0.42 -20.58
CA ILE A 60 -1.01 -1.65 -21.10
C ILE A 60 -0.25 -2.19 -22.31
N VAL A 61 -0.50 -3.41 -22.66
CA VAL A 61 0.19 -4.02 -23.84
C VAL A 61 0.02 -3.11 -25.04
N ILE A 62 1.09 -2.75 -25.72
CA ILE A 62 0.92 -1.87 -26.92
C ILE A 62 1.66 -2.40 -28.14
N GLU A 63 1.00 -2.29 -29.28
CA GLU A 63 1.61 -2.75 -30.56
C GLU A 63 2.92 -2.02 -30.72
N GLY A 64 3.97 -2.74 -30.95
CA GLY A 64 5.29 -2.09 -31.07
C GLY A 64 6.00 -2.29 -29.74
N LEU A 65 5.37 -1.94 -28.65
CA LEU A 65 5.99 -2.11 -27.34
C LEU A 65 5.00 -2.82 -26.46
N SER A 66 4.68 -4.00 -26.85
CA SER A 66 3.71 -4.82 -26.08
C SER A 66 4.35 -5.05 -24.71
N ALA A 67 3.80 -4.54 -23.64
CA ALA A 67 4.49 -4.77 -22.32
C ALA A 67 4.82 -6.26 -22.16
N GLU A 68 4.05 -7.13 -22.75
CA GLU A 68 4.34 -8.59 -22.64
C GLU A 68 5.64 -8.90 -23.40
N GLU A 69 5.61 -8.81 -24.71
CA GLU A 69 6.83 -9.11 -25.52
C GLU A 69 8.07 -8.55 -24.83
N ILE A 70 8.06 -7.29 -24.46
CA ILE A 70 9.25 -6.72 -23.78
C ILE A 70 9.51 -7.47 -22.48
N ILE A 71 8.52 -7.54 -21.61
CA ILE A 71 8.71 -8.27 -20.31
C ILE A 71 9.51 -9.54 -20.56
N LYS A 72 9.10 -10.34 -21.50
CA LYS A 72 9.84 -11.60 -21.78
C LYS A 72 11.32 -11.26 -21.96
N MET A 73 11.63 -10.52 -22.99
CA MET A 73 13.05 -10.16 -23.26
C MET A 73 13.78 -9.87 -21.94
N GLY A 74 13.20 -9.10 -21.08
CA GLY A 74 13.89 -8.78 -19.77
C GLY A 74 13.81 -9.98 -18.81
N GLU A 75 12.91 -10.91 -19.06
CA GLU A 75 12.82 -12.10 -18.17
C GLU A 75 13.96 -13.06 -18.49
N THR A 76 14.46 -13.01 -19.69
CA THR A 76 15.59 -13.91 -20.07
C THR A 76 16.79 -13.60 -19.18
N VAL A 77 17.00 -12.34 -18.88
CA VAL A 77 18.16 -11.96 -18.02
C VAL A 77 17.67 -11.64 -16.61
N LEU A 78 16.41 -11.31 -16.47
CA LEU A 78 15.86 -10.99 -15.13
C LEU A 78 14.42 -11.48 -15.04
N GLY B 18 -12.78 -12.65 39.65
CA GLY B 18 -12.24 -13.54 38.58
C GLY B 18 -11.09 -12.83 37.85
N PRO B 19 -11.40 -11.83 37.06
CA PRO B 19 -10.38 -11.06 36.30
C PRO B 19 -9.14 -10.73 37.14
N ASN B 20 -8.16 -10.11 36.55
CA ASN B 20 -6.94 -9.76 37.29
C ASN B 20 -6.39 -8.43 36.75
N LYS B 21 -6.07 -7.52 37.63
CA LYS B 21 -5.54 -6.20 37.16
C LYS B 21 -4.45 -6.41 36.10
N GLU B 22 -3.80 -7.53 36.11
CA GLU B 22 -2.73 -7.78 35.10
C GLU B 22 -3.34 -8.09 33.73
N THR B 23 -4.57 -8.53 33.68
CA THR B 23 -5.19 -8.85 32.37
C THR B 23 -5.83 -7.60 31.76
N ILE B 24 -6.41 -6.73 32.56
CA ILE B 24 -7.02 -5.50 31.97
C ILE B 24 -5.88 -4.61 31.46
N ASN B 25 -4.83 -4.48 32.23
CA ASN B 25 -3.69 -3.62 31.78
C ASN B 25 -2.97 -4.29 30.61
N ARG B 26 -2.77 -5.58 30.69
CA ARG B 26 -2.07 -6.27 29.57
C ARG B 26 -2.77 -5.90 28.29
N GLU B 27 -4.08 -5.80 28.33
CA GLU B 27 -4.83 -5.40 27.11
C GLU B 27 -4.56 -3.93 26.84
N VAL B 28 -5.22 -3.05 27.57
CA VAL B 28 -5.03 -1.58 27.39
C VAL B 28 -3.57 -1.26 27.03
N SER B 29 -2.62 -2.02 27.54
CA SER B 29 -1.20 -1.74 27.21
C SER B 29 -0.93 -2.07 25.73
N ILE B 30 -0.98 -3.34 25.38
CA ILE B 30 -0.74 -3.71 23.97
C ILE B 30 -1.82 -3.05 23.09
N LEU B 31 -2.82 -2.49 23.73
CA LEU B 31 -3.91 -1.81 22.99
C LEU B 31 -3.36 -0.52 22.38
N ARG B 32 -2.69 0.27 23.18
CA ARG B 32 -2.11 1.54 22.66
C ARG B 32 -0.99 1.22 21.66
N HIS B 33 -0.22 0.20 21.94
CA HIS B 33 0.88 -0.17 20.99
C HIS B 33 0.27 -0.56 19.64
N SER B 34 -0.74 -1.37 19.66
CA SER B 34 -1.40 -1.78 18.38
C SER B 34 -1.95 -0.52 17.71
N TYR B 35 -2.37 0.43 18.50
CA TYR B 35 -2.91 1.69 17.92
C TYR B 35 -1.77 2.48 17.29
N GLN B 36 -0.74 2.75 18.05
CA GLN B 36 0.42 3.51 17.51
C GLN B 36 0.94 2.83 16.25
N LYS B 37 0.61 1.58 16.03
CA LYS B 37 1.10 0.90 14.79
C LYS B 37 0.18 1.25 13.62
N GLU B 38 -1.11 1.15 13.81
CA GLU B 38 -2.05 1.47 12.70
C GLU B 38 -1.79 2.90 12.19
N ILE B 39 -1.65 3.84 13.08
CA ILE B 39 -1.39 5.24 12.63
C ILE B 39 -0.05 5.27 11.88
N GLN B 40 0.99 4.71 12.45
CA GLN B 40 2.30 4.71 11.73
C GLN B 40 2.07 4.14 10.33
N ALA B 41 1.15 3.22 10.20
CA ALA B 41 0.90 2.63 8.86
C ALA B 41 0.46 3.74 7.90
N LYS B 42 -0.70 4.31 8.13
CA LYS B 42 -1.19 5.40 7.24
C LYS B 42 -0.02 6.33 6.87
N GLU B 43 0.92 6.49 7.76
CA GLU B 43 2.08 7.39 7.44
C GLU B 43 2.89 6.75 6.31
N THR B 44 3.04 5.46 6.34
CA THR B 44 3.79 4.78 5.25
C THR B 44 2.92 4.75 4.00
N MET B 45 1.78 4.10 4.06
CA MET B 45 0.87 4.05 2.89
C MET B 45 0.76 5.43 2.24
N LYS B 46 0.82 6.47 3.02
CA LYS B 46 0.73 7.84 2.43
C LYS B 46 1.97 8.08 1.57
N GLU B 47 3.12 7.96 2.16
CA GLU B 47 4.38 8.18 1.38
C GLU B 47 4.29 7.45 0.06
N VAL B 48 3.74 6.25 0.06
CA VAL B 48 3.61 5.50 -1.22
C VAL B 48 2.82 6.34 -2.22
N LEU B 49 1.54 6.48 -2.01
CA LEU B 49 0.70 7.28 -2.96
C LEU B 49 1.46 8.53 -3.42
N SER B 50 2.09 9.23 -2.52
CA SER B 50 2.85 10.44 -2.95
C SER B 50 3.76 10.02 -4.10
N ASP B 51 4.38 8.89 -3.97
CA ASP B 51 5.28 8.39 -5.05
C ASP B 51 4.42 7.95 -6.24
N ASN B 52 3.54 7.01 -6.03
CA ASN B 52 2.66 6.54 -7.14
C ASN B 52 2.10 7.74 -7.91
N MET B 53 1.88 8.84 -7.24
CA MET B 53 1.32 10.04 -7.93
C MET B 53 2.38 10.65 -8.84
N GLU B 54 3.47 11.12 -8.28
CA GLU B 54 4.54 11.75 -9.12
C GLU B 54 4.81 10.87 -10.34
N VAL B 55 4.98 9.60 -10.15
CA VAL B 55 5.23 8.71 -11.32
C VAL B 55 3.99 8.74 -12.23
N LEU B 56 2.84 8.45 -11.67
CA LEU B 56 1.58 8.45 -12.50
C LEU B 56 1.59 9.68 -13.45
N SER B 57 1.84 10.84 -12.90
CA SER B 57 1.89 12.06 -13.77
C SER B 57 3.00 11.91 -14.80
N ASP B 58 3.98 11.11 -14.49
CA ASP B 58 5.11 10.90 -15.45
C ASP B 58 4.58 10.19 -16.70
N HIS B 59 4.16 8.95 -16.57
CA HIS B 59 3.67 8.20 -17.76
C HIS B 59 2.60 8.99 -18.51
N ILE B 60 1.91 9.89 -17.86
CA ILE B 60 0.86 10.66 -18.60
C ILE B 60 1.51 11.28 -19.85
N VAL B 61 1.51 10.55 -20.93
CA VAL B 61 2.15 11.05 -22.18
C VAL B 61 1.66 12.44 -22.53
N ILE B 62 2.50 13.20 -23.20
CA ILE B 62 2.13 14.59 -23.58
C ILE B 62 3.06 15.05 -24.69
N GLU B 63 2.63 16.05 -25.41
CA GLU B 63 3.45 16.61 -26.52
C GLU B 63 3.79 15.50 -27.53
N GLY B 64 3.40 15.68 -28.75
CA GLY B 64 3.69 14.66 -29.80
C GLY B 64 2.60 13.59 -29.78
N LEU B 65 2.23 13.08 -28.63
CA LEU B 65 1.19 12.05 -28.55
C LEU B 65 0.19 12.47 -27.47
N SER B 66 -1.08 12.45 -27.77
CA SER B 66 -2.09 12.87 -26.76
C SER B 66 -2.62 11.64 -26.00
N ALA B 67 -2.71 11.72 -24.69
CA ALA B 67 -3.21 10.57 -23.88
C ALA B 67 -4.37 9.87 -24.59
N GLU B 68 -5.16 10.61 -25.32
CA GLU B 68 -6.32 9.98 -26.03
C GLU B 68 -5.84 9.04 -27.14
N GLU B 69 -4.96 9.50 -27.98
CA GLU B 69 -4.46 8.64 -29.10
C GLU B 69 -3.86 7.33 -28.54
N ILE B 70 -3.01 7.43 -27.56
CA ILE B 70 -2.41 6.20 -26.98
C ILE B 70 -3.50 5.40 -26.27
N ILE B 71 -4.32 6.04 -25.49
CA ILE B 71 -5.41 5.32 -24.78
C ILE B 71 -6.18 4.47 -25.80
N LYS B 72 -6.49 5.05 -26.94
CA LYS B 72 -7.23 4.28 -27.98
C LYS B 72 -6.47 2.99 -28.29
N MET B 73 -5.23 3.10 -28.69
CA MET B 73 -4.44 1.89 -29.00
C MET B 73 -4.52 0.92 -27.81
N GLY B 74 -4.53 1.44 -26.61
CA GLY B 74 -4.60 0.54 -25.42
C GLY B 74 -6.06 0.16 -25.14
N GLU B 75 -7.00 0.70 -25.89
CA GLU B 75 -8.43 0.34 -25.65
C GLU B 75 -8.82 -0.85 -26.53
N THR B 76 -8.23 -0.97 -27.69
CA THR B 76 -8.57 -2.10 -28.59
C THR B 76 -8.58 -3.41 -27.80
N VAL B 77 -7.84 -3.48 -26.73
CA VAL B 77 -7.80 -4.72 -25.90
C VAL B 77 -8.77 -4.59 -24.74
N LEU B 78 -8.41 -5.14 -23.60
CA LEU B 78 -9.32 -5.05 -22.42
C LEU B 78 -9.55 -3.58 -22.07
N GLY C 18 -20.99 -17.98 29.44
CA GLY C 18 -19.87 -17.83 28.46
C GLY C 18 -18.95 -16.69 28.90
N PRO C 19 -19.36 -15.47 28.68
CA PRO C 19 -18.57 -14.27 29.05
C PRO C 19 -17.85 -14.45 30.40
N ASN C 20 -16.54 -14.34 30.42
CA ASN C 20 -15.79 -14.47 31.70
C ASN C 20 -14.30 -14.25 31.45
N LYS C 21 -13.48 -14.64 32.37
CA LYS C 21 -12.01 -14.47 32.20
C LYS C 21 -11.56 -15.07 30.84
N GLU C 22 -12.47 -15.71 30.15
CA GLU C 22 -12.13 -16.29 28.82
C GLU C 22 -12.27 -15.19 27.76
N THR C 23 -13.43 -14.61 27.66
CA THR C 23 -13.64 -13.56 26.65
C THR C 23 -12.51 -12.52 26.74
N ILE C 24 -12.14 -12.09 27.92
CA ILE C 24 -11.01 -11.10 27.98
C ILE C 24 -9.77 -11.79 27.44
N ASN C 25 -9.40 -12.92 27.97
CA ASN C 25 -8.19 -13.62 27.47
C ASN C 25 -8.25 -13.67 25.93
N ARG C 26 -9.38 -13.97 25.36
CA ARG C 26 -9.47 -14.04 23.87
C ARG C 26 -8.94 -12.74 23.28
N GLU C 27 -9.69 -11.66 23.39
CA GLU C 27 -9.22 -10.37 22.80
C GLU C 27 -7.71 -10.21 23.00
N VAL C 28 -7.22 -10.35 24.21
CA VAL C 28 -5.75 -10.22 24.44
C VAL C 28 -5.00 -11.30 23.63
N SER C 29 -5.66 -12.40 23.39
CA SER C 29 -5.05 -13.50 22.60
C SER C 29 -4.89 -13.07 21.13
N ILE C 30 -5.97 -12.87 20.43
CA ILE C 30 -5.86 -12.44 19.01
C ILE C 30 -5.05 -11.15 18.92
N LEU C 31 -4.82 -10.54 20.05
CA LEU C 31 -4.03 -9.29 20.08
C LEU C 31 -2.58 -9.63 19.75
N ARG C 32 -1.91 -10.35 20.61
CA ARG C 32 -0.50 -10.71 20.34
C ARG C 32 -0.41 -11.34 18.95
N HIS C 33 -1.43 -12.03 18.52
CA HIS C 33 -1.40 -12.65 17.17
C HIS C 33 -1.52 -11.54 16.11
N SER C 34 -2.66 -10.90 16.05
CA SER C 34 -2.85 -9.80 15.05
C SER C 34 -1.60 -8.91 15.04
N TYR C 35 -0.91 -8.85 16.14
CA TYR C 35 0.32 -8.00 16.19
C TYR C 35 1.35 -8.59 15.24
N GLN C 36 1.80 -9.79 15.51
CA GLN C 36 2.82 -10.43 14.62
C GLN C 36 2.42 -10.21 13.16
N LYS C 37 1.16 -10.07 12.90
CA LYS C 37 0.72 -9.82 11.50
C LYS C 37 0.95 -8.33 11.19
N GLU C 38 0.33 -7.46 11.94
CA GLU C 38 0.49 -6.00 11.71
C GLU C 38 1.97 -5.67 11.44
N ILE C 39 2.87 -6.14 12.27
CA ILE C 39 4.32 -5.84 12.02
C ILE C 39 4.72 -6.47 10.69
N GLN C 40 4.64 -7.78 10.60
CA GLN C 40 5.03 -8.46 9.32
C GLN C 40 4.47 -7.66 8.14
N ALA C 41 3.21 -7.33 8.18
CA ALA C 41 2.61 -6.54 7.07
C ALA C 41 3.47 -5.32 6.79
N LYS C 42 3.89 -4.62 7.81
CA LYS C 42 4.75 -3.43 7.58
C LYS C 42 5.92 -3.84 6.70
N GLU C 43 6.42 -5.03 6.89
CA GLU C 43 7.59 -5.49 6.07
C GLU C 43 7.17 -5.58 4.60
N THR C 44 5.95 -5.97 4.36
CA THR C 44 5.46 -6.06 2.94
C THR C 44 5.30 -4.64 2.40
N MET C 45 4.61 -3.79 3.13
CA MET C 45 4.42 -2.39 2.66
C MET C 45 5.79 -1.79 2.31
N LYS C 46 6.79 -2.05 3.10
CA LYS C 46 8.13 -1.50 2.80
C LYS C 46 8.54 -1.94 1.39
N GLU C 47 8.51 -3.22 1.14
CA GLU C 47 8.90 -3.73 -0.20
C GLU C 47 8.21 -2.87 -1.28
N VAL C 48 6.92 -2.63 -1.14
CA VAL C 48 6.22 -1.80 -2.17
C VAL C 48 7.05 -0.55 -2.44
N LEU C 49 7.34 0.21 -1.41
CA LEU C 49 8.17 1.45 -1.64
C LEU C 49 9.39 1.07 -2.47
N SER C 50 10.08 0.03 -2.10
CA SER C 50 11.28 -0.37 -2.88
C SER C 50 10.92 -0.41 -4.37
N ASP C 51 9.78 -0.96 -4.69
CA ASP C 51 9.36 -1.03 -6.12
C ASP C 51 8.95 0.37 -6.60
N ASN C 52 8.19 1.08 -5.81
CA ASN C 52 7.76 2.46 -6.21
C ASN C 52 9.00 3.33 -6.45
N MET C 53 10.06 3.08 -5.73
CA MET C 53 11.29 3.87 -5.89
C MET C 53 11.97 3.56 -7.24
N GLU C 54 12.17 2.30 -7.53
CA GLU C 54 12.85 1.94 -8.81
C GLU C 54 12.06 2.51 -10.00
N VAL C 55 10.77 2.34 -10.00
CA VAL C 55 9.96 2.86 -11.13
C VAL C 55 10.12 4.39 -11.24
N LEU C 56 10.17 5.07 -10.14
CA LEU C 56 10.36 6.56 -10.19
C LEU C 56 11.79 6.86 -10.67
N SER C 57 12.76 6.31 -10.00
CA SER C 57 14.18 6.55 -10.39
C SER C 57 14.46 5.97 -11.77
N ASP C 58 13.51 5.31 -12.37
CA ASP C 58 13.76 4.72 -13.73
C ASP C 58 13.28 5.67 -14.81
N HIS C 59 12.15 6.30 -14.63
CA HIS C 59 11.63 7.22 -15.68
C HIS C 59 12.30 8.59 -15.60
N ILE C 60 12.91 8.93 -14.47
CA ILE C 60 13.57 10.27 -14.37
C ILE C 60 14.29 10.58 -15.67
N VAL C 61 13.63 11.24 -16.58
CA VAL C 61 14.22 11.54 -17.91
C VAL C 61 15.51 12.36 -17.78
N ILE C 62 16.39 12.18 -18.72
CA ILE C 62 17.69 12.92 -18.72
C ILE C 62 18.32 12.87 -20.10
N GLU C 63 19.34 13.63 -20.27
CA GLU C 63 20.08 13.67 -21.58
C GLU C 63 19.11 13.65 -22.75
N GLY C 64 18.79 14.81 -23.26
CA GLY C 64 17.83 14.92 -24.39
C GLY C 64 16.71 15.83 -23.92
N LEU C 65 16.05 15.43 -22.87
CA LEU C 65 14.95 16.23 -22.31
C LEU C 65 15.34 16.57 -20.88
N SER C 66 14.55 17.37 -20.25
CA SER C 66 14.84 17.76 -18.83
C SER C 66 13.55 17.63 -18.01
N ALA C 67 13.65 17.15 -16.79
CA ALA C 67 12.43 17.01 -15.96
C ALA C 67 11.77 18.38 -15.78
N GLU C 68 12.51 19.43 -16.00
CA GLU C 68 11.93 20.80 -15.83
C GLU C 68 10.89 21.03 -16.92
N GLU C 69 11.27 20.92 -18.16
CA GLU C 69 10.30 21.14 -19.27
C GLU C 69 9.13 20.17 -19.10
N ILE C 70 9.39 19.01 -18.55
CA ILE C 70 8.30 18.02 -18.35
C ILE C 70 7.30 18.56 -17.31
N ILE C 71 7.74 18.77 -16.11
CA ILE C 71 6.82 19.30 -15.06
C ILE C 71 6.11 20.56 -15.58
N LYS C 72 6.81 21.38 -16.32
CA LYS C 72 6.17 22.61 -16.86
C LYS C 72 4.90 22.21 -17.62
N MET C 73 5.05 21.47 -18.68
CA MET C 73 3.87 21.05 -19.48
C MET C 73 2.76 20.55 -18.56
N GLY C 74 3.10 19.87 -17.49
CA GLY C 74 2.03 19.36 -16.56
C GLY C 74 1.62 20.47 -15.57
N GLU C 75 2.34 21.57 -15.54
CA GLU C 75 1.98 22.67 -14.61
C GLU C 75 0.97 23.60 -15.29
N THR C 76 1.01 23.69 -16.60
CA THR C 76 0.07 24.58 -17.32
C THR C 76 -1.32 23.95 -17.32
N VAL C 77 -1.50 22.86 -18.02
CA VAL C 77 -2.82 22.19 -18.05
C VAL C 77 -3.01 21.35 -16.80
N LEU C 78 -3.92 20.41 -16.82
CA LEU C 78 -4.14 19.54 -15.63
C LEU C 78 -4.55 20.42 -14.44
N GLY D 18 -23.65 -0.33 33.71
CA GLY D 18 -22.64 -0.03 32.66
C GLY D 18 -21.78 -1.26 32.36
N PRO D 19 -20.96 -1.66 33.29
CA PRO D 19 -20.07 -2.84 33.13
C PRO D 19 -20.86 -4.15 33.16
N ASN D 20 -20.82 -4.91 32.09
CA ASN D 20 -21.58 -6.19 32.06
C ASN D 20 -21.17 -7.00 30.84
N LYS D 21 -21.32 -8.29 30.92
CA LYS D 21 -20.92 -9.20 29.80
C LYS D 21 -21.25 -8.59 28.43
N GLU D 22 -22.14 -7.65 28.36
CA GLU D 22 -22.46 -7.06 27.02
C GLU D 22 -21.36 -6.11 26.57
N THR D 23 -20.55 -5.63 27.48
CA THR D 23 -19.46 -4.69 27.09
C THR D 23 -18.23 -5.50 26.65
N ILE D 24 -17.84 -6.52 27.39
CA ILE D 24 -16.66 -7.32 26.95
C ILE D 24 -17.00 -7.93 25.60
N ASN D 25 -18.19 -8.43 25.46
CA ASN D 25 -18.60 -9.06 24.17
C ASN D 25 -18.59 -8.02 23.05
N ARG D 26 -19.04 -6.82 23.30
CA ARG D 26 -19.04 -5.79 22.24
C ARG D 26 -17.64 -5.68 21.64
N GLU D 27 -16.67 -5.37 22.46
CA GLU D 27 -15.28 -5.23 21.93
C GLU D 27 -14.80 -6.55 21.31
N VAL D 28 -15.17 -7.67 21.86
CA VAL D 28 -14.72 -8.97 21.28
C VAL D 28 -15.44 -9.23 19.95
N SER D 29 -16.68 -8.85 19.85
CA SER D 29 -17.43 -9.08 18.58
C SER D 29 -16.71 -8.38 17.43
N ILE D 30 -16.40 -7.12 17.59
CA ILE D 30 -15.68 -6.40 16.51
C ILE D 30 -14.30 -7.02 16.34
N LEU D 31 -13.67 -7.37 17.43
CA LEU D 31 -12.32 -7.99 17.37
C LEU D 31 -12.30 -9.08 16.29
N ARG D 32 -13.17 -10.06 16.39
CA ARG D 32 -13.18 -11.14 15.38
C ARG D 32 -13.45 -10.54 13.99
N HIS D 33 -14.37 -9.62 13.90
CA HIS D 33 -14.68 -9.00 12.59
C HIS D 33 -13.41 -8.34 12.02
N SER D 34 -12.79 -7.49 12.79
CA SER D 34 -11.56 -6.81 12.30
C SER D 34 -10.54 -7.84 11.83
N TYR D 35 -10.33 -8.90 12.58
CA TYR D 35 -9.34 -9.92 12.16
C TYR D 35 -9.63 -10.33 10.70
N GLN D 36 -10.76 -10.96 10.48
CA GLN D 36 -11.11 -11.39 9.10
C GLN D 36 -10.78 -10.27 8.10
N LYS D 37 -11.45 -9.16 8.20
CA LYS D 37 -11.17 -8.05 7.26
C LYS D 37 -9.66 -7.80 7.19
N GLU D 38 -8.96 -7.93 8.28
CA GLU D 38 -7.47 -7.68 8.24
C GLU D 38 -6.79 -8.70 7.33
N ILE D 39 -6.82 -9.96 7.67
CA ILE D 39 -6.15 -10.98 6.81
C ILE D 39 -6.54 -10.72 5.34
N GLN D 40 -7.81 -10.58 5.07
CA GLN D 40 -8.22 -10.30 3.67
C GLN D 40 -7.38 -9.14 3.14
N ALA D 41 -7.28 -8.08 3.89
CA ALA D 41 -6.48 -6.91 3.44
C ALA D 41 -5.09 -7.36 3.03
N LYS D 42 -4.45 -8.19 3.81
CA LYS D 42 -3.09 -8.65 3.42
C LYS D 42 -3.14 -9.19 1.99
N GLU D 43 -4.24 -9.81 1.65
CA GLU D 43 -4.36 -10.37 0.26
C GLU D 43 -4.32 -9.23 -0.75
N THR D 44 -5.08 -8.20 -0.52
CA THR D 44 -5.07 -7.04 -1.48
C THR D 44 -3.64 -6.49 -1.57
N MET D 45 -2.84 -6.70 -0.56
CA MET D 45 -1.44 -6.20 -0.59
C MET D 45 -0.66 -7.01 -1.64
N LYS D 46 -0.62 -8.31 -1.50
CA LYS D 46 0.11 -9.14 -2.48
C LYS D 46 -0.28 -8.69 -3.89
N GLU D 47 -1.49 -8.24 -4.05
CA GLU D 47 -1.93 -7.76 -5.40
C GLU D 47 -1.11 -6.52 -5.77
N VAL D 48 -1.02 -5.59 -4.88
CA VAL D 48 -0.25 -4.34 -5.15
C VAL D 48 1.15 -4.69 -5.69
N LEU D 49 1.78 -5.68 -5.12
CA LEU D 49 3.16 -6.06 -5.61
C LEU D 49 3.06 -6.60 -7.04
N SER D 50 2.32 -7.64 -7.24
CA SER D 50 2.19 -8.23 -8.61
C SER D 50 1.99 -7.10 -9.63
N ASP D 51 1.18 -6.14 -9.32
CA ASP D 51 0.96 -5.01 -10.27
C ASP D 51 2.22 -4.14 -10.30
N ASN D 52 2.95 -4.12 -9.22
CA ASN D 52 4.19 -3.31 -9.17
C ASN D 52 5.27 -3.99 -10.01
N MET D 53 5.65 -5.18 -9.64
CA MET D 53 6.69 -5.92 -10.40
C MET D 53 6.37 -5.85 -11.90
N GLU D 54 5.11 -5.85 -12.26
CA GLU D 54 4.77 -5.78 -13.70
C GLU D 54 5.10 -4.40 -14.24
N VAL D 55 4.76 -3.37 -13.51
CA VAL D 55 5.05 -1.98 -13.98
C VAL D 55 6.55 -1.81 -14.31
N LEU D 56 7.43 -2.37 -13.52
CA LEU D 56 8.87 -2.21 -13.85
C LEU D 56 9.25 -3.22 -14.93
N SER D 57 8.88 -4.47 -14.77
CA SER D 57 9.22 -5.48 -15.79
C SER D 57 8.76 -4.99 -17.17
N ASP D 58 7.94 -3.99 -17.21
CA ASP D 58 7.50 -3.46 -18.53
C ASP D 58 8.50 -2.37 -18.94
N HIS D 59 8.59 -1.34 -18.15
CA HIS D 59 9.52 -0.23 -18.49
C HIS D 59 10.97 -0.69 -18.38
N ILE D 60 11.21 -1.96 -18.25
CA ILE D 60 12.62 -2.42 -18.18
C ILE D 60 13.25 -2.18 -19.55
N VAL D 61 13.51 -0.94 -19.87
CA VAL D 61 14.10 -0.60 -21.19
C VAL D 61 15.19 -1.59 -21.57
N ILE D 62 15.44 -1.74 -22.83
CA ILE D 62 16.48 -2.72 -23.28
C ILE D 62 17.08 -2.34 -24.64
N GLU D 63 18.28 -2.80 -24.88
CA GLU D 63 18.98 -2.52 -26.18
C GLU D 63 18.81 -1.07 -26.58
N GLY D 64 19.79 -0.25 -26.30
CA GLY D 64 19.71 1.19 -26.61
C GLY D 64 19.98 1.96 -25.33
N LEU D 65 19.22 1.67 -24.30
CA LEU D 65 19.41 2.34 -23.01
C LEU D 65 19.31 1.28 -21.92
N SER D 66 20.42 0.93 -21.32
CA SER D 66 20.38 -0.12 -20.26
C SER D 66 19.89 0.51 -18.95
N ALA D 67 18.91 -0.08 -18.30
CA ALA D 67 18.40 0.49 -17.03
C ALA D 67 19.57 0.89 -16.14
N GLU D 68 20.70 0.26 -16.29
CA GLU D 68 21.87 0.62 -15.45
C GLU D 68 22.38 1.99 -15.89
N GLU D 69 22.85 2.09 -17.10
CA GLU D 69 23.37 3.39 -17.60
C GLU D 69 22.46 4.55 -17.17
N ILE D 70 21.19 4.50 -17.49
CA ILE D 70 20.29 5.61 -17.08
C ILE D 70 20.26 5.69 -15.56
N ILE D 71 19.93 4.62 -14.88
CA ILE D 71 19.90 4.67 -13.39
C ILE D 71 21.16 5.33 -12.86
N LYS D 72 22.32 4.85 -13.25
CA LYS D 72 23.58 5.47 -12.75
C LYS D 72 23.59 6.97 -13.07
N MET D 73 23.61 7.30 -14.33
CA MET D 73 23.66 8.74 -14.77
C MET D 73 22.90 9.63 -13.77
N GLY D 74 21.70 9.26 -13.40
CA GLY D 74 20.91 10.13 -12.44
C GLY D 74 21.40 9.92 -11.00
N GLU D 75 22.04 8.81 -10.71
CA GLU D 75 22.54 8.58 -9.32
C GLU D 75 23.89 9.26 -9.15
N THR D 76 24.59 9.49 -10.23
CA THR D 76 25.92 10.15 -10.13
C THR D 76 25.77 11.49 -9.42
N VAL D 77 24.56 11.97 -9.30
CA VAL D 77 24.34 13.27 -8.62
C VAL D 77 22.85 13.43 -8.31
N LEU D 78 22.30 12.55 -7.52
CA LEU D 78 20.85 12.65 -7.18
C LEU D 78 20.63 13.83 -6.25
N GLY A 18 -8.74 1.22 41.70
CA GLY A 18 -8.92 -0.09 40.99
C GLY A 18 -9.65 0.15 39.67
N PRO A 19 -9.82 -0.89 38.90
CA PRO A 19 -10.53 -0.82 37.59
C PRO A 19 -12.03 -0.57 37.76
N ASN A 20 -12.72 -0.27 36.70
CA ASN A 20 -14.19 -0.03 36.80
C ASN A 20 -14.78 0.11 35.39
N LYS A 21 -16.07 0.16 35.31
CA LYS A 21 -16.77 0.28 34.00
C LYS A 21 -16.00 1.20 33.05
N GLU A 22 -15.22 2.11 33.58
CA GLU A 22 -14.47 3.04 32.68
C GLU A 22 -13.30 2.33 31.99
N THR A 23 -12.78 1.29 32.57
CA THR A 23 -11.63 0.59 31.94
C THR A 23 -12.12 -0.23 30.73
N ILE A 24 -13.18 -0.99 30.83
CA ILE A 24 -13.63 -1.75 29.62
C ILE A 24 -14.11 -0.73 28.59
N ASN A 25 -14.64 0.37 29.04
CA ASN A 25 -15.13 1.38 28.06
C ASN A 25 -13.93 1.95 27.29
N ARG A 26 -12.86 2.26 27.96
CA ARG A 26 -11.67 2.81 27.25
C ARG A 26 -11.22 1.77 26.23
N GLU A 27 -11.25 0.52 26.60
CA GLU A 27 -10.82 -0.56 25.68
C GLU A 27 -11.82 -0.68 24.52
N VAL A 28 -13.10 -0.78 24.82
CA VAL A 28 -14.11 -0.90 23.73
C VAL A 28 -14.18 0.42 22.96
N SER A 29 -13.65 1.48 23.52
CA SER A 29 -13.69 2.79 22.82
C SER A 29 -12.68 2.77 21.66
N ILE A 30 -11.43 2.57 21.96
CA ILE A 30 -10.42 2.52 20.88
C ILE A 30 -10.81 1.39 19.93
N LEU A 31 -11.33 0.33 20.48
CA LEU A 31 -11.77 -0.83 19.64
C LEU A 31 -12.60 -0.30 18.47
N ARG A 32 -13.68 0.38 18.75
CA ARG A 32 -14.52 0.91 17.64
C ARG A 32 -13.64 1.74 16.70
N HIS A 33 -12.76 2.53 17.24
CA HIS A 33 -11.86 3.35 16.37
C HIS A 33 -11.07 2.43 15.45
N SER A 34 -10.44 1.43 16.01
CA SER A 34 -9.65 0.47 15.19
C SER A 34 -10.46 0.09 13.94
N TYR A 35 -11.70 -0.31 14.13
CA TYR A 35 -12.54 -0.69 12.95
C TYR A 35 -12.48 0.43 11.92
N GLN A 36 -12.78 1.63 12.32
CA GLN A 36 -12.75 2.77 11.36
C GLN A 36 -11.46 2.71 10.53
N LYS A 37 -10.34 2.93 11.15
CA LYS A 37 -9.04 2.89 10.40
C LYS A 37 -9.03 1.75 9.37
N GLU A 38 -9.46 0.58 9.77
CA GLU A 38 -9.46 -0.57 8.81
C GLU A 38 -10.28 -0.26 7.56
N ILE A 39 -11.57 -0.06 7.69
CA ILE A 39 -12.39 0.21 6.47
C ILE A 39 -11.72 1.27 5.59
N GLN A 40 -11.28 2.37 6.15
CA GLN A 40 -10.61 3.40 5.28
C GLN A 40 -9.28 2.84 4.79
N ALA A 41 -8.83 1.75 5.37
CA ALA A 41 -7.55 1.15 4.93
C ALA A 41 -7.78 0.42 3.61
N LYS A 42 -8.73 -0.48 3.57
CA LYS A 42 -9.01 -1.21 2.30
C LYS A 42 -9.34 -0.16 1.24
N GLU A 43 -9.86 0.96 1.65
CA GLU A 43 -10.21 2.03 0.67
C GLU A 43 -8.93 2.56 0.02
N THR A 44 -8.02 3.07 0.80
CA THR A 44 -6.74 3.60 0.21
C THR A 44 -6.05 2.49 -0.58
N MET A 45 -6.29 1.26 -0.26
CA MET A 45 -5.65 0.15 -1.01
C MET A 45 -6.23 0.10 -2.43
N LYS A 46 -7.52 -0.08 -2.53
CA LYS A 46 -8.15 -0.13 -3.88
C LYS A 46 -7.67 1.05 -4.72
N GLU A 47 -7.36 2.15 -4.08
CA GLU A 47 -6.88 3.33 -4.83
C GLU A 47 -5.47 3.05 -5.38
N VAL A 48 -4.55 2.71 -4.52
CA VAL A 48 -3.16 2.42 -4.97
C VAL A 48 -3.19 1.53 -6.22
N LEU A 49 -4.13 0.64 -6.31
CA LEU A 49 -4.19 -0.25 -7.51
C LEU A 49 -4.69 0.56 -8.71
N SER A 50 -5.75 1.30 -8.54
CA SER A 50 -6.28 2.13 -9.67
C SER A 50 -5.12 2.81 -10.38
N ASP A 51 -4.15 3.28 -9.63
CA ASP A 51 -2.97 3.94 -10.24
C ASP A 51 -2.09 2.87 -10.87
N ASN A 52 -1.63 1.93 -10.08
CA ASN A 52 -0.75 0.85 -10.60
C ASN A 52 -1.30 0.36 -11.95
N MET A 53 -2.52 -0.06 -11.97
CA MET A 53 -3.12 -0.55 -13.25
C MET A 53 -3.10 0.56 -14.31
N GLU A 54 -3.55 1.73 -13.94
CA GLU A 54 -3.56 2.86 -14.92
C GLU A 54 -2.16 3.00 -15.54
N VAL A 55 -1.16 3.15 -14.72
CA VAL A 55 0.22 3.30 -15.26
C VAL A 55 0.56 2.06 -16.09
N LEU A 56 0.08 0.90 -15.68
CA LEU A 56 0.36 -0.32 -16.49
C LEU A 56 -0.30 -0.11 -17.85
N SER A 57 -1.56 0.21 -17.85
CA SER A 57 -2.27 0.46 -19.13
C SER A 57 -1.43 1.43 -19.96
N ASP A 58 -0.55 2.17 -19.32
CA ASP A 58 0.30 3.13 -20.10
C ASP A 58 1.37 2.34 -20.86
N HIS A 59 2.35 1.82 -20.15
CA HIS A 59 3.40 1.04 -20.87
C HIS A 59 2.82 -0.22 -21.49
N ILE A 60 1.51 -0.33 -21.54
CA ILE A 60 0.86 -1.55 -22.14
C ILE A 60 1.60 -1.93 -23.43
N VAL A 61 1.29 -3.08 -23.94
CA VAL A 61 1.95 -3.55 -25.20
C VAL A 61 1.71 -2.54 -26.32
N ILE A 62 2.75 -2.17 -27.05
CA ILE A 62 2.56 -1.21 -28.19
C ILE A 62 3.01 -1.84 -29.51
N GLU A 63 2.18 -1.71 -30.52
CA GLU A 63 2.54 -2.26 -31.84
C GLU A 63 3.86 -1.61 -32.26
N GLY A 64 4.81 -2.41 -32.62
CA GLY A 64 6.13 -1.83 -32.98
C GLY A 64 6.99 -1.85 -31.72
N LEU A 65 6.46 -1.34 -30.62
CA LEU A 65 7.21 -1.35 -29.36
C LEU A 65 6.33 -2.06 -28.36
N SER A 66 6.17 -3.32 -28.60
CA SER A 66 5.31 -4.14 -27.72
C SER A 66 6.05 -4.35 -26.40
N ALA A 67 5.56 -3.83 -25.30
CA ALA A 67 6.31 -4.04 -24.02
C ALA A 67 6.59 -5.53 -23.86
N GLU A 68 5.73 -6.36 -24.37
CA GLU A 68 5.97 -7.83 -24.26
C GLU A 68 7.24 -8.19 -25.03
N GLU A 69 7.20 -8.10 -26.34
CA GLU A 69 8.40 -8.43 -27.16
C GLU A 69 9.63 -7.83 -26.50
N ILE A 70 9.59 -6.57 -26.15
CA ILE A 70 10.76 -5.94 -25.47
C ILE A 70 11.24 -6.86 -24.34
N ILE A 71 10.44 -6.99 -23.32
CA ILE A 71 10.80 -7.85 -22.14
C ILE A 71 11.63 -9.05 -22.60
N LYS A 72 11.19 -9.74 -23.62
CA LYS A 72 11.96 -10.91 -24.11
C LYS A 72 13.39 -10.47 -24.43
N MET A 73 13.52 -9.47 -25.24
CA MET A 73 14.87 -8.97 -25.60
C MET A 73 15.71 -8.89 -24.32
N GLY A 74 15.18 -8.25 -23.31
CA GLY A 74 15.98 -8.12 -22.03
C GLY A 74 16.09 -9.49 -21.34
N GLU A 75 15.35 -10.48 -21.79
CA GLU A 75 15.44 -11.82 -21.16
C GLU A 75 16.76 -12.47 -21.60
N THR A 76 17.10 -12.34 -22.85
CA THR A 76 18.37 -12.94 -23.34
C THR A 76 19.53 -12.46 -22.46
N VAL A 77 19.40 -11.29 -21.89
CA VAL A 77 20.48 -10.73 -21.03
C VAL A 77 19.94 -10.52 -19.61
N LEU A 78 19.08 -9.56 -19.43
CA LEU A 78 18.52 -9.31 -18.07
C LEU A 78 17.58 -10.45 -17.68
N GLY B 18 -13.17 -13.10 39.89
CA GLY B 18 -12.46 -13.92 38.86
C GLY B 18 -11.45 -13.04 38.12
N PRO B 19 -11.92 -12.02 37.47
CA PRO B 19 -11.05 -11.08 36.69
C PRO B 19 -9.82 -10.64 37.50
N ASN B 20 -8.87 -10.04 36.85
CA ASN B 20 -7.65 -9.58 37.56
C ASN B 20 -7.19 -8.26 36.94
N LYS B 21 -6.92 -7.26 37.75
CA LYS B 21 -6.47 -5.95 37.20
C LYS B 21 -5.42 -6.18 36.10
N GLU B 22 -4.71 -7.26 36.17
CA GLU B 22 -3.66 -7.54 35.15
C GLU B 22 -4.29 -7.92 33.80
N THR B 23 -5.46 -8.50 33.82
CA THR B 23 -6.09 -8.92 32.54
C THR B 23 -6.69 -7.72 31.79
N ILE B 24 -7.26 -6.74 32.46
CA ILE B 24 -7.80 -5.58 31.70
C ILE B 24 -6.63 -4.71 31.27
N ASN B 25 -5.58 -4.70 32.04
CA ASN B 25 -4.39 -3.89 31.66
C ASN B 25 -3.65 -4.61 30.53
N ARG B 26 -3.65 -5.91 30.56
CA ARG B 26 -2.95 -6.64 29.47
C ARG B 26 -3.63 -6.23 28.18
N GLU B 27 -4.94 -6.15 28.20
CA GLU B 27 -5.65 -5.72 26.98
C GLU B 27 -5.34 -4.23 26.76
N VAL B 28 -6.03 -3.37 27.48
CA VAL B 28 -5.82 -1.89 27.35
C VAL B 28 -4.34 -1.57 27.03
N SER B 29 -3.41 -2.29 27.59
CA SER B 29 -1.98 -2.00 27.28
C SER B 29 -1.66 -2.38 25.83
N ILE B 30 -1.73 -3.65 25.53
CA ILE B 30 -1.44 -4.08 24.13
C ILE B 30 -2.48 -3.45 23.20
N LEU B 31 -3.46 -2.80 23.77
CA LEU B 31 -4.52 -2.13 22.97
C LEU B 31 -3.94 -0.86 22.35
N ARG B 32 -3.34 -0.03 23.16
CA ARG B 32 -2.74 1.22 22.62
C ARG B 32 -1.58 0.86 21.70
N HIS B 33 -0.89 -0.22 21.99
CA HIS B 33 0.24 -0.64 21.12
C HIS B 33 -0.28 -0.90 19.71
N SER B 34 -1.37 -1.62 19.60
CA SER B 34 -1.94 -1.90 18.25
C SER B 34 -2.34 -0.58 17.60
N TYR B 35 -2.84 0.34 18.39
CA TYR B 35 -3.22 1.66 17.82
C TYR B 35 -2.01 2.24 17.09
N GLN B 36 -0.90 2.34 17.76
CA GLN B 36 0.32 2.87 17.11
C GLN B 36 0.50 2.17 15.75
N LYS B 37 0.75 0.90 15.76
CA LYS B 37 0.93 0.17 14.48
C LYS B 37 -0.23 0.48 13.53
N GLU B 38 -1.29 1.06 14.02
CA GLU B 38 -2.43 1.38 13.11
C GLU B 38 -2.17 2.75 12.46
N ILE B 39 -2.02 3.78 13.24
CA ILE B 39 -1.73 5.11 12.64
C ILE B 39 -0.45 4.98 11.81
N GLN B 40 0.43 4.11 12.23
CA GLN B 40 1.69 3.93 11.44
C GLN B 40 1.30 3.41 10.06
N ALA B 41 0.54 2.34 10.01
CA ALA B 41 0.13 1.79 8.69
C ALA B 41 -0.48 2.88 7.83
N LYS B 42 -0.98 3.91 8.46
CA LYS B 42 -1.57 5.04 7.66
C LYS B 42 -0.42 5.89 7.12
N GLU B 43 0.68 5.89 7.82
CA GLU B 43 1.85 6.71 7.35
C GLU B 43 2.55 5.97 6.21
N THR B 44 2.30 4.69 6.08
CA THR B 44 2.93 3.93 4.96
C THR B 44 2.05 4.06 3.73
N MET B 45 0.86 3.53 3.78
CA MET B 45 -0.05 3.63 2.60
C MET B 45 -0.04 5.08 2.08
N LYS B 46 0.04 6.03 2.96
CA LYS B 46 0.07 7.46 2.52
C LYS B 46 1.38 7.72 1.77
N GLU B 47 2.49 7.52 2.43
CA GLU B 47 3.80 7.76 1.76
C GLU B 47 3.80 7.07 0.41
N VAL B 48 3.25 5.89 0.33
CA VAL B 48 3.22 5.17 -0.98
C VAL B 48 2.56 6.06 -2.02
N LEU B 49 1.26 6.22 -1.96
CA LEU B 49 0.53 7.06 -2.96
C LEU B 49 1.36 8.29 -3.34
N SER B 50 1.95 8.96 -2.38
CA SER B 50 2.79 10.15 -2.76
C SER B 50 3.76 9.71 -3.84
N ASP B 51 4.35 8.56 -3.66
CA ASP B 51 5.30 8.02 -4.67
C ASP B 51 4.51 7.61 -5.92
N ASN B 52 3.61 6.66 -5.79
CA ASN B 52 2.81 6.20 -6.96
C ASN B 52 2.35 7.42 -7.77
N MET B 53 2.06 8.51 -7.12
CA MET B 53 1.60 9.71 -7.85
C MET B 53 2.74 10.24 -8.72
N GLU B 54 3.85 10.59 -8.13
CA GLU B 54 4.98 11.13 -8.93
C GLU B 54 5.20 10.23 -10.14
N VAL B 55 5.11 8.94 -9.97
CA VAL B 55 5.30 8.02 -11.12
C VAL B 55 4.23 8.34 -12.18
N LEU B 56 3.02 7.94 -11.93
CA LEU B 56 1.92 8.18 -12.93
C LEU B 56 2.04 9.59 -13.52
N SER B 57 2.20 10.59 -12.69
CA SER B 57 2.30 11.99 -13.22
C SER B 57 3.61 12.15 -14.01
N ASP B 58 4.63 11.42 -13.64
CA ASP B 58 5.93 11.58 -14.37
C ASP B 58 5.84 10.98 -15.77
N HIS B 59 5.44 9.74 -15.89
CA HIS B 59 5.39 9.11 -17.25
C HIS B 59 4.12 9.50 -18.00
N ILE B 60 3.22 10.23 -17.40
CA ILE B 60 1.98 10.60 -18.15
C ILE B 60 2.40 11.30 -19.45
N VAL B 61 2.56 10.55 -20.50
CA VAL B 61 2.98 11.14 -21.80
C VAL B 61 2.02 12.25 -22.22
N ILE B 62 2.51 13.19 -22.98
CA ILE B 62 1.66 14.33 -23.43
C ILE B 62 2.29 14.97 -24.65
N GLU B 63 1.49 15.64 -25.42
CA GLU B 63 2.00 16.30 -26.66
C GLU B 63 2.66 15.27 -27.57
N GLY B 64 2.45 15.38 -28.84
CA GLY B 64 3.06 14.40 -29.78
C GLY B 64 2.35 13.05 -29.62
N LEU B 65 2.16 12.59 -28.41
CA LEU B 65 1.47 11.30 -28.19
C LEU B 65 0.40 11.49 -27.11
N SER B 66 -0.77 10.96 -27.32
CA SER B 66 -1.85 11.12 -26.29
C SER B 66 -2.04 9.81 -25.53
N ALA B 67 -2.04 9.83 -24.22
CA ALA B 67 -2.22 8.57 -23.45
C ALA B 67 -3.36 7.76 -24.06
N GLU B 68 -4.35 8.42 -24.59
CA GLU B 68 -5.49 7.69 -25.22
C GLU B 68 -4.94 6.92 -26.43
N GLU B 69 -4.21 7.57 -27.29
CA GLU B 69 -3.65 6.88 -28.48
C GLU B 69 -2.89 5.63 -28.02
N ILE B 70 -2.14 5.75 -26.96
CA ILE B 70 -1.39 4.56 -26.45
C ILE B 70 -2.40 3.46 -26.10
N ILE B 71 -3.30 3.76 -25.20
CA ILE B 71 -4.32 2.75 -24.80
C ILE B 71 -4.87 2.07 -26.06
N LYS B 72 -5.14 2.83 -27.08
CA LYS B 72 -5.67 2.21 -28.34
C LYS B 72 -4.72 1.11 -28.79
N MET B 73 -3.46 1.42 -28.95
CA MET B 73 -2.48 0.38 -29.37
C MET B 73 -2.60 -0.82 -28.43
N GLY B 74 -2.80 -0.55 -27.17
CA GLY B 74 -2.91 -1.67 -26.17
C GLY B 74 -4.33 -2.26 -26.22
N GLU B 75 -5.23 -1.70 -27.01
CA GLU B 75 -6.62 -2.26 -27.08
C GLU B 75 -6.71 -3.25 -28.23
N THR B 76 -6.07 -2.96 -29.34
CA THR B 76 -6.13 -3.89 -30.50
C THR B 76 -5.64 -5.27 -30.08
N VAL B 77 -4.38 -5.38 -29.72
CA VAL B 77 -3.84 -6.70 -29.29
C VAL B 77 -4.53 -7.16 -28.01
N LEU B 78 -4.15 -6.61 -26.89
CA LEU B 78 -4.78 -7.02 -25.60
C LEU B 78 -6.28 -6.68 -25.64
N GLY C 18 -22.15 -19.77 29.72
CA GLY C 18 -21.99 -18.43 29.08
C GLY C 18 -20.52 -18.03 29.09
N PRO C 19 -20.22 -16.85 28.62
CA PRO C 19 -18.81 -16.34 28.57
C PRO C 19 -18.11 -16.45 29.94
N ASN C 20 -16.85 -16.11 30.00
CA ASN C 20 -16.09 -16.15 31.27
C ASN C 20 -14.63 -15.79 30.97
N LYS C 21 -13.77 -15.89 31.94
CA LYS C 21 -12.34 -15.53 31.70
C LYS C 21 -11.85 -16.14 30.38
N GLU C 22 -12.55 -17.09 29.82
CA GLU C 22 -12.09 -17.70 28.54
C GLU C 22 -12.46 -16.80 27.35
N THR C 23 -13.32 -15.83 27.56
CA THR C 23 -13.69 -14.93 26.45
C THR C 23 -12.72 -13.74 26.40
N ILE C 24 -12.36 -13.19 27.54
CA ILE C 24 -11.37 -12.07 27.52
C ILE C 24 -10.05 -12.65 27.04
N ASN C 25 -9.74 -13.84 27.47
CA ASN C 25 -8.46 -14.49 27.04
C ASN C 25 -8.50 -14.72 25.53
N ARG C 26 -9.59 -15.21 25.02
CA ARG C 26 -9.68 -15.44 23.56
C ARG C 26 -9.44 -14.10 22.85
N GLU C 27 -9.83 -13.03 23.48
CA GLU C 27 -9.63 -11.69 22.87
C GLU C 27 -8.16 -11.31 22.99
N VAL C 28 -7.56 -11.53 24.14
CA VAL C 28 -6.12 -11.16 24.31
C VAL C 28 -5.25 -12.11 23.47
N SER C 29 -5.71 -13.32 23.24
CA SER C 29 -4.91 -14.28 22.44
C SER C 29 -4.89 -13.84 20.97
N ILE C 30 -6.04 -13.73 20.35
CA ILE C 30 -6.05 -13.29 18.93
C ILE C 30 -5.29 -11.97 18.84
N LEU C 31 -5.32 -11.21 19.90
CA LEU C 31 -4.60 -9.92 19.94
C LEU C 31 -3.14 -10.16 19.59
N ARG C 32 -2.50 -11.06 20.29
CA ARG C 32 -1.07 -11.35 20.00
C ARG C 32 -0.93 -11.71 18.53
N HIS C 33 -1.74 -12.62 18.04
CA HIS C 33 -1.64 -13.00 16.60
C HIS C 33 -1.81 -11.73 15.75
N SER C 34 -2.82 -10.96 16.01
CA SER C 34 -3.03 -9.71 15.23
C SER C 34 -1.72 -8.93 15.17
N TYR C 35 -1.12 -8.66 16.30
CA TYR C 35 0.16 -7.90 16.30
C TYR C 35 1.10 -8.49 15.25
N GLN C 36 1.32 -9.79 15.29
CA GLN C 36 2.23 -10.42 14.29
C GLN C 36 1.90 -9.86 12.90
N LYS C 37 0.70 -10.06 12.44
CA LYS C 37 0.32 -9.53 11.10
C LYS C 37 0.82 -8.09 10.96
N GLU C 38 0.56 -7.26 11.94
CA GLU C 38 1.03 -5.84 11.84
C GLU C 38 2.53 -5.79 11.50
N ILE C 39 3.37 -6.19 12.41
CA ILE C 39 4.84 -6.14 12.12
C ILE C 39 5.10 -6.76 10.74
N GLN C 40 4.61 -7.95 10.50
CA GLN C 40 4.83 -8.57 9.16
C GLN C 40 4.28 -7.63 8.10
N ALA C 41 3.45 -6.70 8.49
CA ALA C 41 2.89 -5.74 7.51
C ALA C 41 3.95 -4.70 7.17
N LYS C 42 4.54 -4.09 8.16
CA LYS C 42 5.60 -3.08 7.88
C LYS C 42 6.61 -3.71 6.92
N GLU C 43 6.78 -5.00 7.01
CA GLU C 43 7.75 -5.70 6.11
C GLU C 43 7.24 -5.63 4.67
N THR C 44 6.06 -6.15 4.44
CA THR C 44 5.52 -6.10 3.03
C THR C 44 5.35 -4.64 2.61
N MET C 45 4.93 -3.79 3.50
CA MET C 45 4.76 -2.35 3.13
C MET C 45 6.12 -1.80 2.70
N LYS C 46 7.08 -1.78 3.60
CA LYS C 46 8.43 -1.26 3.23
C LYS C 46 8.84 -1.86 1.89
N GLU C 47 8.30 -3.00 1.55
CA GLU C 47 8.63 -3.63 0.25
C GLU C 47 7.93 -2.86 -0.86
N VAL C 48 6.67 -2.59 -0.70
CA VAL C 48 5.91 -1.84 -1.74
C VAL C 48 6.69 -0.58 -2.12
N LEU C 49 7.21 0.14 -1.15
CA LEU C 49 7.99 1.36 -1.47
C LEU C 49 9.25 0.96 -2.23
N SER C 50 9.97 0.00 -1.71
CA SER C 50 11.21 -0.46 -2.41
C SER C 50 10.89 -0.71 -3.89
N ASP C 51 9.78 -1.34 -4.16
CA ASP C 51 9.42 -1.62 -5.58
C ASP C 51 8.98 -0.32 -6.26
N ASN C 52 8.34 0.56 -5.54
CA ASN C 52 7.90 1.85 -6.14
C ASN C 52 9.12 2.70 -6.46
N MET C 53 9.89 3.05 -5.45
CA MET C 53 11.10 3.88 -5.69
C MET C 53 11.94 3.25 -6.80
N GLU C 54 11.93 1.94 -6.89
CA GLU C 54 12.74 1.28 -7.96
C GLU C 54 12.19 1.70 -9.32
N VAL C 55 10.91 1.54 -9.53
CA VAL C 55 10.29 1.94 -10.83
C VAL C 55 10.60 3.41 -11.11
N LEU C 56 10.48 4.24 -10.11
CA LEU C 56 10.78 5.69 -10.32
C LEU C 56 12.27 5.85 -10.59
N SER C 57 13.09 5.50 -9.65
CA SER C 57 14.55 5.62 -9.87
C SER C 57 14.93 4.90 -11.16
N ASP C 58 14.01 4.20 -11.77
CA ASP C 58 14.35 3.49 -13.04
C ASP C 58 14.24 4.45 -14.21
N HIS C 59 13.05 4.79 -14.62
CA HIS C 59 12.91 5.70 -15.80
C HIS C 59 12.89 7.19 -15.40
N ILE C 60 13.41 7.55 -14.24
CA ILE C 60 13.42 9.00 -13.88
C ILE C 60 14.02 9.78 -15.05
N VAL C 61 13.20 10.27 -15.94
CA VAL C 61 13.74 11.02 -17.11
C VAL C 61 14.69 12.12 -16.66
N ILE C 62 15.61 12.50 -17.52
CA ILE C 62 16.60 13.55 -17.16
C ILE C 62 17.20 14.17 -18.42
N GLU C 63 17.74 15.35 -18.27
CA GLU C 63 18.38 16.07 -19.42
C GLU C 63 17.52 15.95 -20.68
N GLY C 64 16.75 16.95 -20.96
CA GLY C 64 15.86 16.93 -22.16
C GLY C 64 14.43 17.19 -21.69
N LEU C 65 13.99 16.42 -20.73
CA LEU C 65 12.64 16.59 -20.17
C LEU C 65 12.75 16.50 -18.65
N SER C 66 12.61 17.60 -17.97
CA SER C 66 12.75 17.56 -16.49
C SER C 66 11.48 16.97 -15.87
N ALA C 67 11.61 16.02 -14.97
CA ALA C 67 10.40 15.41 -14.35
C ALA C 67 9.48 16.51 -13.82
N GLU C 68 9.97 17.71 -13.64
CA GLU C 68 9.10 18.80 -13.14
C GLU C 68 8.31 19.36 -14.33
N GLU C 69 9.00 19.85 -15.34
CA GLU C 69 8.29 20.41 -16.52
C GLU C 69 7.15 19.47 -16.94
N ILE C 70 7.44 18.21 -17.16
CA ILE C 70 6.35 17.28 -17.57
C ILE C 70 5.29 17.23 -16.47
N ILE C 71 5.67 16.81 -15.28
CA ILE C 71 4.69 16.72 -14.17
C ILE C 71 3.81 17.98 -14.15
N LYS C 72 4.40 19.13 -14.20
CA LYS C 72 3.59 20.39 -14.18
C LYS C 72 2.56 20.34 -15.32
N MET C 73 3.05 20.40 -16.53
CA MET C 73 2.15 20.39 -17.73
C MET C 73 0.87 19.59 -17.46
N GLY C 74 0.97 18.42 -16.90
CA GLY C 74 -0.29 17.61 -16.66
C GLY C 74 -1.01 18.13 -15.40
N GLU C 75 -0.30 18.75 -14.48
CA GLU C 75 -0.98 19.27 -13.25
C GLU C 75 -1.65 20.61 -13.57
N THR C 76 -1.25 21.24 -14.64
CA THR C 76 -1.87 22.55 -15.00
C THR C 76 -3.20 22.29 -15.72
N VAL C 77 -3.18 21.50 -16.75
CA VAL C 77 -4.44 21.20 -17.49
C VAL C 77 -5.12 19.99 -16.86
N LEU C 78 -5.54 19.05 -17.67
CA LEU C 78 -6.20 17.84 -17.11
C LEU C 78 -7.26 18.26 -16.09
N GLY D 18 -25.68 -1.27 32.59
CA GLY D 18 -24.21 -1.07 32.80
C GLY D 18 -23.44 -2.22 32.15
N PRO D 19 -22.17 -2.30 32.43
CA PRO D 19 -21.30 -3.38 31.88
C PRO D 19 -21.90 -4.77 32.07
N ASN D 20 -21.53 -5.72 31.26
CA ASN D 20 -22.08 -7.09 31.41
C ASN D 20 -21.60 -7.94 30.22
N LYS D 21 -21.80 -9.22 30.30
CA LYS D 21 -21.35 -10.14 29.21
C LYS D 21 -21.63 -9.53 27.83
N GLU D 22 -22.49 -8.57 27.75
CA GLU D 22 -22.78 -7.94 26.42
C GLU D 22 -21.60 -7.07 25.99
N THR D 23 -20.91 -6.46 26.92
CA THR D 23 -19.77 -5.57 26.55
C THR D 23 -18.55 -6.41 26.14
N ILE D 24 -18.22 -7.46 26.85
CA ILE D 24 -17.03 -8.28 26.42
C ILE D 24 -17.34 -8.86 25.04
N ASN D 25 -18.54 -9.35 24.86
CA ASN D 25 -18.91 -9.94 23.55
C ASN D 25 -18.82 -8.88 22.46
N ARG D 26 -19.15 -7.65 22.76
CA ARG D 26 -19.08 -6.59 21.72
C ARG D 26 -17.61 -6.46 21.29
N GLU D 27 -16.71 -6.59 22.22
CA GLU D 27 -15.27 -6.48 21.88
C GLU D 27 -14.83 -7.75 21.14
N VAL D 28 -15.26 -8.90 21.58
CA VAL D 28 -14.87 -10.16 20.89
C VAL D 28 -15.55 -10.24 19.51
N SER D 29 -16.75 -9.77 19.41
CA SER D 29 -17.48 -9.85 18.10
C SER D 29 -16.71 -9.02 17.06
N ILE D 30 -16.44 -7.78 17.35
CA ILE D 30 -15.69 -6.94 16.37
C ILE D 30 -14.32 -7.55 16.15
N LEU D 31 -13.82 -8.25 17.14
CA LEU D 31 -12.47 -8.90 17.03
C LEU D 31 -12.44 -9.85 15.82
N ARG D 32 -13.33 -10.79 15.78
CA ARG D 32 -13.37 -11.76 14.64
C ARG D 32 -13.59 -11.00 13.33
N HIS D 33 -14.48 -10.05 13.32
CA HIS D 33 -14.73 -9.30 12.06
C HIS D 33 -13.47 -8.50 11.68
N SER D 34 -12.93 -7.77 12.61
CA SER D 34 -11.71 -6.97 12.30
C SER D 34 -10.63 -7.87 11.70
N TYR D 35 -10.40 -9.02 12.28
CA TYR D 35 -9.36 -9.93 11.72
C TYR D 35 -9.70 -10.27 10.27
N GLN D 36 -10.90 -10.71 10.03
CA GLN D 36 -11.30 -11.06 8.63
C GLN D 36 -10.83 -9.96 7.68
N LYS D 37 -11.34 -8.77 7.83
CA LYS D 37 -10.92 -7.66 6.92
C LYS D 37 -9.40 -7.59 6.85
N GLU D 38 -8.72 -7.89 7.92
CA GLU D 38 -7.21 -7.82 7.88
C GLU D 38 -6.65 -8.86 6.91
N ILE D 39 -6.85 -10.13 7.18
CA ILE D 39 -6.31 -11.17 6.25
C ILE D 39 -6.67 -10.80 4.81
N GLN D 40 -7.92 -10.46 4.56
CA GLN D 40 -8.30 -10.09 3.17
C GLN D 40 -7.41 -8.93 2.72
N ALA D 41 -7.31 -7.91 3.52
CA ALA D 41 -6.45 -6.75 3.15
C ALA D 41 -5.08 -7.25 2.73
N LYS D 42 -4.53 -8.18 3.45
CA LYS D 42 -3.19 -8.72 3.07
C LYS D 42 -3.28 -9.23 1.64
N GLU D 43 -4.41 -9.75 1.27
CA GLU D 43 -4.58 -10.29 -0.12
C GLU D 43 -4.43 -9.13 -1.11
N THR D 44 -5.10 -8.05 -0.86
CA THR D 44 -4.98 -6.87 -1.79
C THR D 44 -3.54 -6.35 -1.73
N MET D 45 -2.86 -6.62 -0.64
CA MET D 45 -1.45 -6.14 -0.51
C MET D 45 -0.58 -6.92 -1.50
N LYS D 46 -0.46 -8.21 -1.32
CA LYS D 46 0.36 -9.02 -2.26
C LYS D 46 -0.02 -8.63 -3.70
N GLU D 47 -1.25 -8.23 -3.89
CA GLU D 47 -1.70 -7.82 -5.23
C GLU D 47 -0.94 -6.55 -5.64
N VAL D 48 -0.95 -5.56 -4.80
CA VAL D 48 -0.23 -4.29 -5.13
C VAL D 48 1.18 -4.62 -5.61
N LEU D 49 1.80 -5.64 -5.06
CA LEU D 49 3.18 -5.99 -5.51
C LEU D 49 3.10 -6.56 -6.94
N SER D 50 2.34 -7.61 -7.13
CA SER D 50 2.23 -8.22 -8.48
C SER D 50 2.00 -7.12 -9.52
N ASP D 51 1.19 -6.15 -9.21
CA ASP D 51 0.93 -5.06 -10.18
C ASP D 51 2.13 -4.10 -10.22
N ASN D 52 2.92 -4.10 -9.18
CA ASN D 52 4.11 -3.20 -9.16
C ASN D 52 5.26 -3.86 -9.94
N MET D 53 5.63 -5.05 -9.57
CA MET D 53 6.73 -5.74 -10.29
C MET D 53 6.39 -5.82 -11.78
N GLU D 54 5.13 -6.02 -12.09
CA GLU D 54 4.73 -6.11 -13.53
C GLU D 54 5.01 -4.75 -14.17
N VAL D 55 4.44 -3.71 -13.63
CA VAL D 55 4.67 -2.34 -14.19
C VAL D 55 6.18 -2.11 -14.33
N LEU D 56 6.96 -2.65 -13.44
CA LEU D 56 8.45 -2.47 -13.53
C LEU D 56 8.96 -3.29 -14.70
N SER D 57 8.75 -4.57 -14.67
CA SER D 57 9.20 -5.42 -15.80
C SER D 57 8.44 -5.00 -17.05
N ASP D 58 7.63 -3.97 -16.95
CA ASP D 58 6.88 -3.51 -18.14
C ASP D 58 7.70 -2.48 -18.90
N HIS D 59 7.81 -1.29 -18.38
CA HIS D 59 8.56 -0.23 -19.13
C HIS D 59 10.07 -0.47 -19.18
N ILE D 60 10.63 -1.37 -18.39
CA ILE D 60 12.13 -1.60 -18.40
C ILE D 60 12.75 -1.21 -19.75
N VAL D 61 13.07 0.04 -19.92
CA VAL D 61 13.66 0.50 -21.21
C VAL D 61 14.87 -0.35 -21.59
N ILE D 62 15.23 -0.30 -22.84
CA ILE D 62 16.39 -1.10 -23.33
C ILE D 62 16.98 -0.50 -24.60
N GLU D 63 18.21 -0.85 -24.87
CA GLU D 63 18.92 -0.36 -26.10
C GLU D 63 18.66 1.13 -26.31
N GLY D 64 19.62 1.95 -25.95
CA GLY D 64 19.46 3.42 -26.11
C GLY D 64 19.56 4.05 -24.72
N LEU D 65 18.72 3.61 -23.82
CA LEU D 65 18.73 4.15 -22.44
C LEU D 65 18.74 2.99 -21.45
N SER D 66 19.88 2.67 -20.91
CA SER D 66 19.94 1.54 -19.95
C SER D 66 19.52 2.03 -18.56
N ALA D 67 18.52 1.44 -17.96
CA ALA D 67 18.07 1.90 -16.62
C ALA D 67 19.29 2.04 -15.70
N GLU D 68 20.29 1.23 -15.90
CA GLU D 68 21.50 1.32 -15.04
C GLU D 68 22.17 2.69 -15.21
N GLU D 69 22.80 2.90 -16.34
CA GLU D 69 23.48 4.21 -16.59
C GLU D 69 22.61 5.36 -16.08
N ILE D 70 21.37 5.42 -16.48
CA ILE D 70 20.50 6.53 -16.00
C ILE D 70 20.38 6.46 -14.48
N ILE D 71 19.94 5.33 -13.95
CA ILE D 71 19.80 5.19 -12.47
C ILE D 71 20.96 5.88 -11.77
N LYS D 72 22.17 5.59 -12.16
CA LYS D 72 23.33 6.24 -11.51
C LYS D 72 23.19 7.76 -11.58
N MET D 73 23.15 8.29 -12.78
CA MET D 73 23.03 9.76 -12.96
C MET D 73 22.11 10.35 -11.87
N GLY D 74 20.95 9.79 -11.69
CA GLY D 74 20.00 10.36 -10.66
C GLY D 74 20.47 10.01 -9.23
N GLU D 75 21.35 9.05 -9.07
CA GLU D 75 21.83 8.72 -7.70
C GLU D 75 23.01 9.62 -7.33
N THR D 76 23.62 10.23 -8.31
CA THR D 76 24.77 11.13 -8.02
C THR D 76 24.26 12.52 -7.64
N VAL D 77 23.19 12.95 -8.25
CA VAL D 77 22.64 14.29 -7.93
C VAL D 77 21.57 14.16 -6.84
N LEU D 78 20.47 13.55 -7.17
CA LEU D 78 19.39 13.39 -6.15
C LEU D 78 19.75 12.25 -5.20
N GLY A 18 -6.77 2.33 41.06
CA GLY A 18 -6.49 0.96 40.58
C GLY A 18 -7.47 0.59 39.46
N PRO A 19 -7.38 -0.61 38.97
CA PRO A 19 -8.27 -1.11 37.88
C PRO A 19 -9.75 -0.83 38.19
N ASN A 20 -10.58 -0.78 37.19
CA ASN A 20 -12.02 -0.51 37.43
C ASN A 20 -12.74 -0.39 36.08
N LYS A 21 -14.04 -0.38 36.11
CA LYS A 21 -14.83 -0.30 34.84
C LYS A 21 -14.18 0.69 33.86
N GLU A 22 -13.39 1.59 34.34
CA GLU A 22 -12.75 2.58 33.42
C GLU A 22 -11.64 1.90 32.58
N THR A 23 -11.15 0.78 33.02
CA THR A 23 -10.07 0.09 32.26
C THR A 23 -10.69 -0.82 31.19
N ILE A 24 -11.70 -1.60 31.51
CA ILE A 24 -12.32 -2.46 30.45
C ILE A 24 -12.86 -1.54 29.34
N ASN A 25 -13.40 -0.42 29.73
CA ASN A 25 -13.96 0.52 28.71
C ASN A 25 -12.82 1.13 27.88
N ARG A 26 -11.75 1.54 28.50
CA ARG A 26 -10.63 2.15 27.73
C ARG A 26 -10.18 1.22 26.61
N GLU A 27 -10.04 -0.05 26.90
CA GLU A 27 -9.60 -0.99 25.83
C GLU A 27 -10.72 -1.20 24.82
N VAL A 28 -11.96 -1.24 25.27
CA VAL A 28 -13.09 -1.43 24.32
C VAL A 28 -13.30 -0.14 23.52
N SER A 29 -12.87 0.97 24.03
CA SER A 29 -13.05 2.25 23.30
C SER A 29 -12.11 2.27 22.10
N ILE A 30 -10.82 2.18 22.34
CA ILE A 30 -9.86 2.17 21.20
C ILE A 30 -10.29 1.06 20.24
N LEU A 31 -10.83 0.01 20.77
CA LEU A 31 -11.29 -1.12 19.93
C LEU A 31 -12.21 -0.58 18.82
N ARG A 32 -13.25 0.11 19.19
CA ARG A 32 -14.17 0.67 18.17
C ARG A 32 -13.35 1.50 17.17
N HIS A 33 -12.49 2.35 17.66
CA HIS A 33 -11.66 3.18 16.74
C HIS A 33 -10.90 2.25 15.79
N SER A 34 -10.21 1.28 16.32
CA SER A 34 -9.46 0.33 15.46
C SER A 34 -10.35 -0.13 14.30
N TYR A 35 -11.56 -0.54 14.60
CA TYR A 35 -12.47 -0.99 13.50
C TYR A 35 -12.46 0.06 12.40
N GLN A 36 -12.84 1.27 12.73
CA GLN A 36 -12.87 2.35 11.70
C GLN A 36 -11.60 2.27 10.84
N LYS A 37 -10.46 2.51 11.40
CA LYS A 37 -9.20 2.46 10.59
C LYS A 37 -9.22 1.24 9.68
N GLU A 38 -9.53 0.08 10.20
CA GLU A 38 -9.56 -1.14 9.35
C GLU A 38 -10.43 -0.90 8.11
N ILE A 39 -11.71 -0.73 8.26
CA ILE A 39 -12.56 -0.51 7.06
C ILE A 39 -11.95 0.61 6.20
N GLN A 40 -11.68 1.75 6.78
CA GLN A 40 -11.06 2.85 5.99
C GLN A 40 -9.78 2.33 5.33
N ALA A 41 -9.32 1.19 5.75
CA ALA A 41 -8.08 0.61 5.15
C ALA A 41 -8.43 -0.07 3.83
N LYS A 42 -9.43 -0.91 3.84
CA LYS A 42 -9.83 -1.57 2.56
C LYS A 42 -10.09 -0.49 1.52
N GLU A 43 -10.53 0.66 1.97
CA GLU A 43 -10.81 1.77 1.01
C GLU A 43 -9.48 2.26 0.40
N THR A 44 -8.60 2.75 1.22
CA THR A 44 -7.28 3.22 0.66
C THR A 44 -6.61 2.09 -0.11
N MET A 45 -6.85 0.87 0.29
CA MET A 45 -6.22 -0.28 -0.43
C MET A 45 -6.83 -0.37 -1.83
N LYS A 46 -8.12 -0.55 -1.92
CA LYS A 46 -8.77 -0.64 -3.26
C LYS A 46 -8.26 0.49 -4.16
N GLU A 47 -7.89 1.60 -3.58
CA GLU A 47 -7.38 2.72 -4.40
C GLU A 47 -5.98 2.39 -4.89
N VAL A 48 -5.10 2.00 -4.00
CA VAL A 48 -3.71 1.66 -4.40
C VAL A 48 -3.73 0.77 -5.65
N LEU A 49 -4.65 -0.17 -5.72
CA LEU A 49 -4.71 -1.06 -6.92
C LEU A 49 -5.22 -0.24 -8.12
N SER A 50 -6.29 0.47 -7.96
CA SER A 50 -6.83 1.29 -9.09
C SER A 50 -5.68 2.07 -9.75
N ASP A 51 -4.85 2.70 -8.98
CA ASP A 51 -3.73 3.48 -9.57
C ASP A 51 -2.68 2.50 -10.13
N ASN A 52 -2.58 1.34 -9.54
CA ASN A 52 -1.58 0.36 -10.03
C ASN A 52 -2.01 -0.16 -11.41
N MET A 53 -3.15 -0.79 -11.49
CA MET A 53 -3.62 -1.31 -12.80
C MET A 53 -3.62 -0.19 -13.84
N GLU A 54 -3.87 1.02 -13.42
CA GLU A 54 -3.88 2.17 -14.39
C GLU A 54 -2.45 2.36 -14.92
N VAL A 55 -1.51 2.53 -14.04
CA VAL A 55 -0.09 2.72 -14.49
C VAL A 55 0.28 1.58 -15.44
N LEU A 56 -0.22 0.40 -15.20
CA LEU A 56 0.11 -0.73 -16.11
C LEU A 56 -0.65 -0.53 -17.42
N SER A 57 -1.93 -0.23 -17.31
CA SER A 57 -2.73 0.01 -18.53
C SER A 57 -1.97 0.95 -19.46
N ASP A 58 -1.08 1.75 -18.92
CA ASP A 58 -0.30 2.67 -19.78
C ASP A 58 0.80 1.86 -20.46
N HIS A 59 1.69 1.31 -19.68
CA HIS A 59 2.80 0.50 -20.27
C HIS A 59 2.24 -0.63 -21.12
N ILE A 60 0.94 -0.74 -21.24
CA ILE A 60 0.36 -1.83 -22.08
C ILE A 60 1.11 -1.88 -23.41
N VAL A 61 0.97 -2.94 -24.14
CA VAL A 61 1.70 -3.07 -25.44
C VAL A 61 1.43 -1.87 -26.33
N ILE A 62 2.11 -0.79 -26.09
CA ILE A 62 1.88 0.44 -26.91
C ILE A 62 2.86 1.55 -26.53
N GLU A 63 2.70 2.64 -27.22
CA GLU A 63 3.55 3.86 -27.00
C GLU A 63 5.01 3.55 -27.30
N GLY A 64 5.32 3.48 -28.57
CA GLY A 64 6.71 3.23 -29.03
C GLY A 64 7.33 1.98 -28.38
N LEU A 65 6.74 1.45 -27.33
CA LEU A 65 7.33 0.30 -26.64
C LEU A 65 6.30 -0.79 -26.44
N SER A 66 6.19 -1.69 -27.37
CA SER A 66 5.24 -2.81 -27.19
C SER A 66 5.82 -3.65 -26.04
N ALA A 67 5.24 -3.59 -24.87
CA ALA A 67 5.84 -4.36 -23.74
C ALA A 67 6.14 -5.81 -24.14
N GLU A 68 5.20 -6.50 -24.72
CA GLU A 68 5.48 -7.92 -25.08
C GLU A 68 6.75 -7.97 -25.95
N GLU A 69 6.63 -7.65 -27.20
CA GLU A 69 7.81 -7.70 -28.13
C GLU A 69 9.07 -7.20 -27.43
N ILE A 70 9.05 -6.03 -26.83
CA ILE A 70 10.27 -5.52 -26.17
C ILE A 70 10.68 -6.45 -25.02
N ILE A 71 9.76 -6.75 -24.14
CA ILE A 71 10.07 -7.66 -23.00
C ILE A 71 10.97 -8.79 -23.49
N LYS A 72 10.58 -9.48 -24.52
CA LYS A 72 11.45 -10.58 -25.02
C LYS A 72 12.83 -10.01 -25.30
N MET A 73 12.90 -9.06 -26.18
CA MET A 73 14.22 -8.45 -26.51
C MET A 73 14.96 -8.19 -25.20
N GLY A 74 14.31 -7.56 -24.25
CA GLY A 74 15.00 -7.26 -22.95
C GLY A 74 15.18 -8.54 -22.11
N GLU A 75 14.62 -9.65 -22.53
CA GLU A 75 14.80 -10.90 -21.73
C GLU A 75 16.08 -11.60 -22.19
N THR A 76 16.48 -11.38 -23.41
CA THR A 76 17.73 -12.03 -23.91
C THR A 76 18.93 -11.52 -23.11
N VAL A 77 18.89 -10.29 -22.71
CA VAL A 77 20.03 -9.72 -21.92
C VAL A 77 19.49 -8.74 -20.88
N LEU A 78 18.96 -9.24 -19.80
CA LEU A 78 18.41 -8.33 -18.75
C LEU A 78 19.46 -7.27 -18.40
N GLY B 18 -12.34 -13.00 40.12
CA GLY B 18 -12.15 -14.02 39.05
C GLY B 18 -10.93 -13.67 38.21
N PRO B 19 -11.06 -12.66 37.37
CA PRO B 19 -9.95 -12.20 36.50
C PRO B 19 -8.68 -11.90 37.28
N ASN B 20 -7.73 -11.29 36.64
CA ASN B 20 -6.45 -10.96 37.32
C ASN B 20 -5.98 -9.58 36.84
N LYS B 21 -5.67 -8.69 37.74
CA LYS B 21 -5.21 -7.34 37.33
C LYS B 21 -4.11 -7.48 36.26
N GLU B 22 -3.39 -8.57 36.26
CA GLU B 22 -2.30 -8.72 35.26
C GLU B 22 -2.89 -8.96 33.87
N THR B 23 -4.15 -9.27 33.78
CA THR B 23 -4.79 -9.50 32.46
C THR B 23 -5.36 -8.18 31.94
N ILE B 24 -6.23 -7.53 32.69
CA ILE B 24 -6.78 -6.23 32.19
C ILE B 24 -5.61 -5.35 31.74
N ASN B 25 -4.53 -5.38 32.46
CA ASN B 25 -3.37 -4.51 32.08
C ASN B 25 -2.60 -5.16 30.92
N ARG B 26 -2.25 -6.41 31.02
CA ARG B 26 -1.49 -7.05 29.90
C ARG B 26 -2.22 -6.74 28.60
N GLU B 27 -3.52 -6.65 28.67
CA GLU B 27 -4.30 -6.32 27.46
C GLU B 27 -4.15 -4.83 27.19
N VAL B 28 -4.80 -4.02 27.97
CA VAL B 28 -4.71 -2.54 27.79
C VAL B 28 -3.28 -2.12 27.42
N SER B 29 -2.30 -2.80 27.93
CA SER B 29 -0.89 -2.42 27.59
C SER B 29 -0.63 -2.72 26.11
N ILE B 30 -0.61 -3.96 25.74
CA ILE B 30 -0.37 -4.30 24.30
C ILE B 30 -1.48 -3.63 23.46
N LEU B 31 -2.57 -3.27 24.08
CA LEU B 31 -3.70 -2.61 23.36
C LEU B 31 -3.21 -1.26 22.81
N ARG B 32 -2.56 -0.50 23.65
CA ARG B 32 -2.05 0.82 23.19
C ARG B 32 -0.96 0.61 22.14
N HIS B 33 -0.09 -0.34 22.38
CA HIS B 33 0.98 -0.62 21.39
C HIS B 33 0.35 -0.96 20.05
N SER B 34 -0.75 -1.68 20.07
CA SER B 34 -1.44 -2.01 18.81
C SER B 34 -1.77 -0.71 18.07
N TYR B 35 -2.64 0.09 18.64
CA TYR B 35 -3.02 1.38 18.00
C TYR B 35 -1.76 2.07 17.44
N GLN B 36 -0.68 2.04 18.19
CA GLN B 36 0.57 2.68 17.72
C GLN B 36 1.02 2.07 16.40
N LYS B 37 0.73 0.81 16.19
CA LYS B 37 1.15 0.18 14.90
C LYS B 37 0.11 0.50 13.82
N GLU B 38 -1.14 0.38 14.13
CA GLU B 38 -2.20 0.69 13.12
C GLU B 38 -2.04 2.11 12.61
N ILE B 39 -1.81 3.05 13.49
CA ILE B 39 -1.64 4.47 13.03
C ILE B 39 -0.35 4.58 12.22
N GLN B 40 0.76 4.16 12.76
CA GLN B 40 2.03 4.24 11.97
C GLN B 40 1.79 3.59 10.60
N ALA B 41 1.09 2.48 10.59
CA ALA B 41 0.82 1.81 9.29
C ALA B 41 0.29 2.85 8.31
N LYS B 42 -0.87 3.39 8.58
CA LYS B 42 -1.45 4.41 7.65
C LYS B 42 -0.36 5.39 7.21
N GLU B 43 0.63 5.63 8.04
CA GLU B 43 1.72 6.57 7.62
C GLU B 43 2.52 5.93 6.49
N THR B 44 2.67 4.63 6.53
CA THR B 44 3.42 3.94 5.43
C THR B 44 2.55 3.94 4.17
N MET B 45 1.41 3.31 4.22
CA MET B 45 0.52 3.30 3.02
C MET B 45 0.39 4.71 2.44
N LYS B 46 0.56 5.71 3.26
CA LYS B 46 0.47 7.12 2.76
C LYS B 46 1.66 7.38 1.83
N GLU B 47 2.85 7.22 2.34
CA GLU B 47 4.05 7.45 1.51
C GLU B 47 3.92 6.67 0.20
N VAL B 48 3.33 5.50 0.25
CA VAL B 48 3.18 4.71 -1.00
C VAL B 48 2.36 5.51 -2.02
N LEU B 49 1.07 5.62 -1.81
CA LEU B 49 0.21 6.37 -2.78
C LEU B 49 0.93 7.62 -3.27
N SER B 50 1.62 8.32 -2.40
CA SER B 50 2.37 9.52 -2.86
C SER B 50 3.24 9.09 -4.04
N ASP B 51 3.90 7.99 -3.88
CA ASP B 51 4.77 7.46 -4.98
C ASP B 51 3.87 7.06 -6.15
N ASN B 52 2.99 6.11 -5.93
CA ASN B 52 2.06 5.66 -7.02
C ASN B 52 1.49 6.88 -7.76
N MET B 53 1.36 7.98 -7.08
CA MET B 53 0.80 9.20 -7.73
C MET B 53 1.88 9.89 -8.57
N GLU B 54 2.97 10.26 -7.95
CA GLU B 54 4.06 10.94 -8.71
C GLU B 54 4.39 10.10 -9.95
N VAL B 55 4.33 8.81 -9.82
CA VAL B 55 4.64 7.93 -11.00
C VAL B 55 3.57 8.13 -12.07
N LEU B 56 2.39 7.62 -11.85
CA LEU B 56 1.29 7.77 -12.87
C LEU B 56 1.30 9.18 -13.46
N SER B 57 1.54 10.18 -12.65
CA SER B 57 1.56 11.58 -13.19
C SER B 57 2.84 11.78 -14.01
N ASP B 58 3.97 11.43 -13.44
CA ASP B 58 5.27 11.62 -14.16
C ASP B 58 5.11 11.23 -15.62
N HIS B 59 4.24 10.29 -15.91
CA HIS B 59 4.06 9.87 -17.33
C HIS B 59 3.06 10.79 -18.03
N ILE B 60 1.82 10.79 -17.58
CA ILE B 60 0.74 11.66 -18.20
C ILE B 60 1.15 12.09 -19.60
N VAL B 61 1.09 11.19 -20.54
CA VAL B 61 1.48 11.51 -21.94
C VAL B 61 0.93 12.87 -22.34
N ILE B 62 1.64 13.56 -23.18
CA ILE B 62 1.20 14.92 -23.62
C ILE B 62 1.98 15.29 -24.87
N GLU B 63 1.47 16.25 -25.59
CA GLU B 63 2.14 16.71 -26.84
C GLU B 63 2.32 15.52 -27.80
N GLY B 64 1.87 15.69 -29.00
CA GLY B 64 2.02 14.57 -30.00
C GLY B 64 0.91 13.54 -29.77
N LEU B 65 0.69 13.11 -28.56
CA LEU B 65 -0.36 12.12 -28.27
C LEU B 65 -1.18 12.60 -27.08
N SER B 66 -2.47 12.39 -27.11
CA SER B 66 -3.34 12.85 -25.98
C SER B 66 -3.83 11.63 -25.19
N ALA B 67 -3.75 11.68 -23.87
CA ALA B 67 -4.21 10.52 -23.04
C ALA B 67 -5.51 9.97 -23.61
N GLU B 68 -6.38 10.81 -24.10
CA GLU B 68 -7.66 10.32 -24.66
C GLU B 68 -7.38 9.21 -25.69
N GLU B 69 -6.68 9.53 -26.75
CA GLU B 69 -6.39 8.50 -27.79
C GLU B 69 -5.74 7.28 -27.14
N ILE B 70 -4.82 7.48 -26.24
CA ILE B 70 -4.17 6.31 -25.58
C ILE B 70 -5.22 5.50 -24.83
N ILE B 71 -5.99 6.15 -24.00
CA ILE B 71 -7.04 5.42 -23.23
C ILE B 71 -7.86 4.53 -24.17
N LYS B 72 -8.26 5.05 -25.30
CA LYS B 72 -9.06 4.25 -26.26
C LYS B 72 -8.31 2.95 -26.59
N MET B 73 -7.14 3.06 -27.14
CA MET B 73 -6.36 1.83 -27.49
C MET B 73 -6.28 0.93 -26.26
N GLY B 74 -6.17 1.50 -25.09
CA GLY B 74 -6.08 0.67 -23.85
C GLY B 74 -7.49 0.23 -23.42
N GLU B 75 -8.53 0.72 -24.06
CA GLU B 75 -9.91 0.30 -23.67
C GLU B 75 -10.33 -0.90 -24.51
N THR B 76 -9.85 -0.97 -25.72
CA THR B 76 -10.22 -2.12 -26.61
C THR B 76 -10.01 -3.43 -25.85
N VAL B 77 -8.79 -3.70 -25.45
CA VAL B 77 -8.51 -4.97 -24.70
C VAL B 77 -7.23 -4.79 -23.88
N LEU B 78 -7.16 -5.44 -22.74
CA LEU B 78 -5.94 -5.31 -21.90
C LEU B 78 -4.76 -5.98 -22.61
N GLY C 18 -21.14 -19.71 29.19
CA GLY C 18 -21.14 -18.30 28.72
C GLY C 18 -19.74 -17.70 28.86
N PRO C 19 -19.52 -16.57 28.25
CA PRO C 19 -18.20 -15.86 28.30
C PRO C 19 -17.70 -15.67 29.73
N ASN C 20 -16.40 -15.56 29.91
CA ASN C 20 -15.86 -15.38 31.29
C ASN C 20 -14.36 -15.12 31.20
N LYS C 21 -13.66 -15.31 32.27
CA LYS C 21 -12.19 -15.09 32.27
C LYS C 21 -11.56 -15.82 31.07
N GLU C 22 -12.33 -16.63 30.38
CA GLU C 22 -11.79 -17.33 29.19
C GLU C 22 -11.88 -16.41 27.98
N THR C 23 -13.05 -15.92 27.67
CA THR C 23 -13.19 -15.02 26.52
C THR C 23 -12.13 -13.92 26.56
N ILE C 24 -11.89 -13.31 27.71
CA ILE C 24 -10.82 -12.27 27.74
C ILE C 24 -9.49 -12.97 27.39
N ASN C 25 -9.11 -13.97 28.15
CA ASN C 25 -7.84 -14.68 27.85
C ASN C 25 -7.73 -14.93 26.35
N ARG C 26 -8.79 -15.40 25.72
CA ARG C 26 -8.72 -15.63 24.25
C ARG C 26 -8.31 -14.31 23.62
N GLU C 27 -9.02 -13.27 23.94
CA GLU C 27 -8.70 -11.93 23.39
C GLU C 27 -7.19 -11.71 23.49
N VAL C 28 -6.68 -11.49 24.67
CA VAL C 28 -5.21 -11.28 24.85
C VAL C 28 -4.43 -12.34 24.06
N SER C 29 -5.09 -13.42 23.68
CA SER C 29 -4.39 -14.47 22.90
C SER C 29 -4.31 -14.03 21.44
N ILE C 30 -5.43 -13.92 20.78
CA ILE C 30 -5.40 -13.46 19.37
C ILE C 30 -4.69 -12.11 19.34
N LEU C 31 -4.85 -11.36 20.40
CA LEU C 31 -4.20 -10.04 20.50
C LEU C 31 -2.72 -10.22 20.16
N ARG C 32 -1.98 -10.87 21.04
CA ARG C 32 -0.52 -11.09 20.77
C ARG C 32 -0.33 -11.68 19.37
N HIS C 33 -1.36 -12.29 18.83
CA HIS C 33 -1.23 -12.86 17.46
C HIS C 33 -1.32 -11.73 16.44
N SER C 34 -2.43 -11.05 16.40
CA SER C 34 -2.57 -9.91 15.45
C SER C 34 -1.33 -9.03 15.53
N TYR C 35 -0.80 -8.87 16.71
CA TYR C 35 0.44 -8.04 16.86
C TYR C 35 1.52 -8.61 15.96
N GLN C 36 1.99 -9.79 16.28
CA GLN C 36 3.06 -10.42 15.44
C GLN C 36 2.67 -10.30 13.96
N LYS C 37 1.43 -10.03 13.67
CA LYS C 37 1.03 -9.86 12.25
C LYS C 37 1.24 -8.40 11.86
N GLU C 38 0.62 -7.50 12.56
CA GLU C 38 0.79 -6.05 12.24
C GLU C 38 2.26 -5.75 11.97
N ILE C 39 3.15 -6.27 12.78
CA ILE C 39 4.60 -6.02 12.53
C ILE C 39 5.01 -6.73 11.24
N GLN C 40 4.94 -8.04 11.22
CA GLN C 40 5.33 -8.78 9.96
C GLN C 40 4.76 -8.04 8.75
N ALA C 41 3.51 -7.68 8.80
CA ALA C 41 2.92 -6.94 7.66
C ALA C 41 3.83 -5.78 7.30
N LYS C 42 4.07 -4.91 8.25
CA LYS C 42 4.96 -3.74 7.98
C LYS C 42 6.16 -4.20 7.15
N GLU C 43 6.67 -5.38 7.43
CA GLU C 43 7.85 -5.87 6.65
C GLU C 43 7.44 -6.05 5.19
N THR C 44 6.22 -6.43 4.96
CA THR C 44 5.74 -6.59 3.54
C THR C 44 5.59 -5.20 2.95
N MET C 45 4.89 -4.32 3.62
CA MET C 45 4.72 -2.93 3.10
C MET C 45 6.10 -2.36 2.77
N LYS C 46 7.10 -2.76 3.51
CA LYS C 46 8.47 -2.25 3.24
C LYS C 46 8.90 -2.69 1.83
N GLU C 47 8.94 -3.98 1.60
CA GLU C 47 9.35 -4.48 0.25
C GLU C 47 8.63 -3.67 -0.83
N VAL C 48 7.35 -3.45 -0.68
CA VAL C 48 6.62 -2.65 -1.71
C VAL C 48 7.39 -1.36 -1.98
N LEU C 49 7.56 -0.53 -0.99
CA LEU C 49 8.31 0.75 -1.22
C LEU C 49 9.59 0.44 -2.00
N SER C 50 10.31 -0.57 -1.61
CA SER C 50 11.57 -0.90 -2.33
C SER C 50 11.25 -1.03 -3.83
N ASP C 51 10.12 -1.60 -4.15
CA ASP C 51 9.75 -1.75 -5.59
C ASP C 51 9.26 -0.39 -6.12
N ASN C 52 8.40 0.27 -5.40
CA ASN C 52 7.90 1.59 -5.87
C ASN C 52 9.08 2.56 -5.95
N MET C 53 10.18 2.22 -5.34
CA MET C 53 11.37 3.11 -5.38
C MET C 53 12.12 2.91 -6.69
N GLU C 54 12.55 1.72 -6.97
CA GLU C 54 13.27 1.47 -8.25
C GLU C 54 12.37 1.88 -9.41
N VAL C 55 11.13 1.49 -9.36
CA VAL C 55 10.18 1.85 -10.45
C VAL C 55 10.22 3.36 -10.69
N LEU C 56 9.91 4.15 -9.69
CA LEU C 56 9.93 5.63 -9.89
C LEU C 56 11.34 6.07 -10.34
N SER C 57 12.36 5.51 -9.74
CA SER C 57 13.75 5.88 -10.14
C SER C 57 14.07 5.33 -11.52
N ASP C 58 13.17 4.56 -12.07
CA ASP C 58 13.43 4.01 -13.44
C ASP C 58 12.87 5.00 -14.45
N HIS C 59 11.80 5.65 -14.10
CA HIS C 59 11.18 6.65 -15.03
C HIS C 59 12.03 7.91 -15.10
N ILE C 60 12.21 8.60 -13.97
CA ILE C 60 13.02 9.87 -13.94
C ILE C 60 13.27 10.39 -15.36
N VAL C 61 12.34 11.15 -15.87
CA VAL C 61 12.50 11.68 -17.26
C VAL C 61 13.90 12.24 -17.45
N ILE C 62 14.49 11.99 -18.60
CA ILE C 62 15.88 12.48 -18.84
C ILE C 62 16.22 12.40 -20.32
N GLU C 63 17.26 13.07 -20.70
CA GLU C 63 17.72 13.08 -22.12
C GLU C 63 16.62 13.60 -23.05
N GLY C 64 16.70 14.86 -23.38
CA GLY C 64 15.69 15.48 -24.30
C GLY C 64 14.61 16.20 -23.49
N LEU C 65 14.06 15.52 -22.52
CA LEU C 65 13.01 16.12 -21.67
C LEU C 65 13.47 16.00 -20.21
N SER C 66 13.57 17.09 -19.51
CA SER C 66 14.07 17.02 -18.11
C SER C 66 12.94 16.71 -17.12
N ALA C 67 13.25 16.77 -15.85
CA ALA C 67 12.23 16.49 -14.81
C ALA C 67 11.54 17.80 -14.44
N GLU C 68 12.19 18.91 -14.69
CA GLU C 68 11.58 20.22 -14.37
C GLU C 68 10.39 20.44 -15.30
N GLU C 69 10.60 20.32 -16.58
CA GLU C 69 9.48 20.51 -17.55
C GLU C 69 8.37 19.52 -17.23
N ILE C 70 8.60 18.25 -17.47
CA ILE C 70 7.54 17.23 -17.21
C ILE C 70 6.83 17.54 -15.88
N ILE C 71 7.55 17.99 -14.90
CA ILE C 71 6.91 18.32 -13.60
C ILE C 71 5.99 19.53 -13.81
N LYS C 72 6.41 20.45 -14.64
CA LYS C 72 5.57 21.65 -14.91
C LYS C 72 4.19 21.17 -15.36
N MET C 73 4.13 20.34 -16.36
CA MET C 73 2.82 19.81 -16.82
C MET C 73 2.16 19.05 -15.67
N GLY C 74 2.94 18.60 -14.74
CA GLY C 74 2.36 17.87 -13.57
C GLY C 74 2.05 18.88 -12.44
N GLU C 75 2.37 20.15 -12.64
CA GLU C 75 2.09 21.16 -11.59
C GLU C 75 0.76 21.86 -11.90
N THR C 76 0.44 21.99 -13.17
CA THR C 76 -0.83 22.67 -13.54
C THR C 76 -1.98 22.14 -12.70
N VAL C 77 -2.40 20.92 -12.93
CA VAL C 77 -3.53 20.36 -12.14
C VAL C 77 -3.47 18.83 -12.17
N LEU C 78 -3.94 18.19 -11.13
CA LEU C 78 -3.91 16.70 -11.10
C LEU C 78 -5.13 16.18 -10.34
N GLY D 18 -23.96 -1.38 33.20
CA GLY D 18 -23.08 -1.04 32.03
C GLY D 18 -22.05 -2.15 31.79
N PRO D 19 -21.04 -2.20 32.62
CA PRO D 19 -19.97 -3.23 32.50
C PRO D 19 -20.48 -4.64 32.81
N ASN D 20 -20.26 -5.58 31.94
CA ASN D 20 -20.73 -6.97 32.18
C ASN D 20 -20.19 -7.87 31.07
N LYS D 21 -20.28 -9.15 31.25
CA LYS D 21 -19.76 -10.11 30.22
C LYS D 21 -20.09 -9.62 28.80
N GLU D 22 -21.10 -8.81 28.64
CA GLU D 22 -21.46 -8.34 27.27
C GLU D 22 -20.45 -7.29 26.78
N THR D 23 -19.59 -6.79 27.63
CA THR D 23 -18.62 -5.77 27.18
C THR D 23 -17.39 -6.47 26.61
N ILE D 24 -16.86 -7.51 27.24
CA ILE D 24 -15.69 -8.19 26.62
C ILE D 24 -16.21 -8.93 25.38
N ASN D 25 -17.45 -9.29 25.38
CA ASN D 25 -18.02 -10.01 24.20
C ASN D 25 -18.05 -9.05 23.00
N ARG D 26 -18.49 -7.84 23.19
CA ARG D 26 -18.52 -6.88 22.06
C ARG D 26 -17.09 -6.68 21.55
N GLU D 27 -16.15 -6.69 22.45
CA GLU D 27 -14.73 -6.51 22.04
C GLU D 27 -14.21 -7.79 21.38
N VAL D 28 -14.49 -8.93 21.98
CA VAL D 28 -14.01 -10.21 21.36
C VAL D 28 -14.73 -10.44 20.03
N SER D 29 -15.96 -10.02 19.93
CA SER D 29 -16.69 -10.20 18.65
C SER D 29 -15.97 -9.42 17.55
N ILE D 30 -15.74 -8.16 17.77
CA ILE D 30 -15.02 -7.34 16.76
C ILE D 30 -13.61 -7.91 16.58
N LEU D 31 -12.98 -8.29 17.67
CA LEU D 31 -11.62 -8.88 17.60
C LEU D 31 -11.56 -9.88 16.44
N ARG D 32 -12.42 -10.86 16.45
CA ARG D 32 -12.43 -11.86 15.35
C ARG D 32 -12.59 -11.13 14.01
N HIS D 33 -13.52 -10.23 13.93
CA HIS D 33 -13.72 -9.48 12.65
C HIS D 33 -12.43 -8.78 12.25
N SER D 34 -11.81 -8.11 13.18
CA SER D 34 -10.54 -7.40 12.88
C SER D 34 -9.56 -8.36 12.21
N TYR D 35 -9.31 -9.50 12.81
CA TYR D 35 -8.37 -10.47 12.20
C TYR D 35 -8.72 -10.64 10.73
N GLN D 36 -9.97 -10.87 10.43
CA GLN D 36 -10.39 -11.04 9.01
C GLN D 36 -9.75 -9.95 8.17
N LYS D 37 -10.00 -8.70 8.47
CA LYS D 37 -9.38 -7.60 7.67
C LYS D 37 -7.89 -7.88 7.48
N GLU D 38 -7.18 -8.18 8.54
CA GLU D 38 -5.72 -8.44 8.42
C GLU D 38 -5.44 -9.49 7.33
N ILE D 39 -5.86 -10.71 7.51
CA ILE D 39 -5.59 -11.74 6.48
C ILE D 39 -5.97 -11.20 5.09
N GLN D 40 -7.16 -10.68 4.94
CA GLN D 40 -7.55 -10.12 3.62
C GLN D 40 -6.56 -9.01 3.23
N ALA D 41 -5.78 -8.58 4.18
CA ALA D 41 -4.78 -7.51 3.89
C ALA D 41 -3.57 -8.13 3.18
N LYS D 42 -3.00 -9.15 3.74
CA LYS D 42 -1.84 -9.79 3.06
C LYS D 42 -2.27 -10.15 1.64
N GLU D 43 -3.53 -10.44 1.46
CA GLU D 43 -4.01 -10.79 0.08
C GLU D 43 -3.82 -9.59 -0.84
N THR D 44 -4.42 -8.48 -0.50
CA THR D 44 -4.25 -7.26 -1.38
C THR D 44 -2.78 -6.88 -1.44
N MET D 45 -2.03 -7.16 -0.40
CA MET D 45 -0.59 -6.82 -0.42
C MET D 45 0.13 -7.64 -1.49
N LYS D 46 0.17 -8.93 -1.33
CA LYS D 46 0.86 -9.79 -2.34
C LYS D 46 0.41 -9.36 -3.74
N GLU D 47 -0.78 -8.83 -3.86
CA GLU D 47 -1.25 -8.39 -5.19
C GLU D 47 -0.50 -7.11 -5.57
N VAL D 48 -0.37 -6.20 -4.65
CA VAL D 48 0.35 -4.93 -4.94
C VAL D 48 1.73 -5.23 -5.54
N LEU D 49 2.44 -6.17 -4.98
CA LEU D 49 3.79 -6.50 -5.53
C LEU D 49 3.63 -7.08 -6.94
N SER D 50 2.88 -8.13 -7.07
CA SER D 50 2.68 -8.76 -8.43
C SER D 50 2.46 -7.65 -9.47
N ASP D 51 1.63 -6.70 -9.17
CA ASP D 51 1.36 -5.60 -10.14
C ASP D 51 2.58 -4.68 -10.21
N ASN D 52 3.29 -4.55 -9.13
CA ASN D 52 4.50 -3.67 -9.13
C ASN D 52 5.60 -4.32 -9.96
N MET D 53 6.08 -5.47 -9.56
CA MET D 53 7.15 -6.15 -10.32
C MET D 53 6.77 -6.20 -11.81
N GLU D 54 5.51 -6.37 -12.11
CA GLU D 54 5.10 -6.43 -13.54
C GLU D 54 5.39 -5.06 -14.18
N VAL D 55 4.94 -4.00 -13.57
CA VAL D 55 5.20 -2.64 -14.13
C VAL D 55 6.70 -2.47 -14.38
N LEU D 56 7.52 -2.94 -13.47
CA LEU D 56 8.99 -2.80 -13.67
C LEU D 56 9.44 -3.76 -14.76
N SER D 57 9.18 -5.03 -14.58
CA SER D 57 9.58 -6.01 -15.62
C SER D 57 8.79 -5.73 -16.89
N ASP D 58 8.02 -4.67 -16.92
CA ASP D 58 7.24 -4.37 -18.15
C ASP D 58 8.03 -3.41 -19.02
N HIS D 59 8.19 -2.17 -18.61
CA HIS D 59 8.89 -1.21 -19.50
C HIS D 59 10.41 -1.48 -19.60
N ILE D 60 11.00 -2.24 -18.68
CA ILE D 60 12.49 -2.51 -18.71
C ILE D 60 13.17 -1.86 -19.91
N VAL D 61 13.30 -0.57 -19.90
CA VAL D 61 13.94 0.14 -21.05
C VAL D 61 15.21 -0.60 -21.46
N ILE D 62 15.51 -0.59 -22.73
CA ILE D 62 16.73 -1.29 -23.24
C ILE D 62 17.15 -0.73 -24.59
N GLU D 63 18.39 -0.92 -24.93
CA GLU D 63 18.91 -0.43 -26.24
C GLU D 63 18.45 1.02 -26.47
N GLY D 64 19.31 1.95 -26.17
CA GLY D 64 18.96 3.39 -26.31
C GLY D 64 19.25 4.05 -24.98
N LEU D 65 18.60 3.57 -23.96
CA LEU D 65 18.81 4.11 -22.60
C LEU D 65 18.96 2.92 -21.66
N SER D 66 20.02 2.86 -20.89
CA SER D 66 20.21 1.70 -19.99
C SER D 66 19.62 2.00 -18.60
N ALA D 67 18.80 1.11 -18.06
CA ALA D 67 18.18 1.35 -16.72
C ALA D 67 19.24 1.79 -15.69
N GLU D 68 20.39 1.19 -15.71
CA GLU D 68 21.45 1.60 -14.75
C GLU D 68 21.79 3.07 -15.01
N GLU D 69 22.26 3.38 -16.19
CA GLU D 69 22.64 4.78 -16.54
C GLU D 69 21.64 5.79 -15.98
N ILE D 70 20.37 5.64 -16.27
CA ILE D 70 19.37 6.63 -15.74
C ILE D 70 19.46 6.66 -14.22
N ILE D 71 19.25 5.55 -13.58
CA ILE D 71 19.31 5.52 -12.08
C ILE D 71 20.51 6.35 -11.62
N LYS D 72 21.69 6.05 -12.11
CA LYS D 72 22.88 6.84 -11.69
C LYS D 72 22.66 8.32 -12.00
N MET D 73 22.42 8.62 -13.25
CA MET D 73 22.20 10.04 -13.65
C MET D 73 21.36 10.75 -12.58
N GLY D 74 20.25 10.18 -12.23
CA GLY D 74 19.36 10.85 -11.20
C GLY D 74 20.05 10.80 -9.81
N GLU D 75 21.03 9.96 -9.64
CA GLU D 75 21.72 9.91 -8.32
C GLU D 75 22.57 11.16 -8.15
N THR D 76 23.25 11.58 -9.18
CA THR D 76 24.11 12.79 -9.07
C THR D 76 23.23 14.00 -8.75
N VAL D 77 22.12 14.15 -9.42
CA VAL D 77 21.23 15.31 -9.15
C VAL D 77 19.90 15.11 -9.87
N LEU D 78 18.81 15.45 -9.23
CA LEU D 78 17.47 15.29 -9.88
C LEU D 78 16.57 16.45 -9.48
N GLY A 18 -8.05 -1.04 42.67
CA GLY A 18 -8.27 -2.15 41.70
C GLY A 18 -8.70 -1.56 40.36
N PRO A 19 -9.09 -2.39 39.44
CA PRO A 19 -9.53 -1.94 38.09
C PRO A 19 -10.51 -0.76 38.20
N ASN A 20 -10.71 -0.03 37.14
CA ASN A 20 -11.65 1.13 37.18
C ASN A 20 -12.47 1.17 35.90
N LYS A 21 -13.77 1.17 36.02
CA LYS A 21 -14.63 1.18 34.80
C LYS A 21 -14.08 2.18 33.77
N GLU A 22 -13.32 3.15 34.19
CA GLU A 22 -12.78 4.14 33.21
C GLU A 22 -11.64 3.51 32.39
N THR A 23 -11.03 2.45 32.89
CA THR A 23 -9.91 1.82 32.14
C THR A 23 -10.49 0.83 31.11
N ILE A 24 -11.42 -0.01 31.49
CA ILE A 24 -12.00 -0.95 30.49
C ILE A 24 -12.63 -0.11 29.37
N ASN A 25 -13.30 0.96 29.73
CA ASN A 25 -13.94 1.82 28.70
C ASN A 25 -12.86 2.42 27.80
N ARG A 26 -11.77 2.88 28.36
CA ARG A 26 -10.70 3.48 27.51
C ARG A 26 -10.31 2.48 26.42
N GLU A 27 -10.34 1.22 26.74
CA GLU A 27 -9.96 0.18 25.73
C GLU A 27 -11.10 -0.04 24.74
N VAL A 28 -12.32 -0.11 25.22
CA VAL A 28 -13.47 -0.34 24.28
C VAL A 28 -13.70 0.92 23.44
N SER A 29 -13.38 2.07 23.97
CA SER A 29 -13.58 3.33 23.20
C SER A 29 -12.56 3.40 22.06
N ILE A 30 -11.30 3.41 22.37
CA ILE A 30 -10.27 3.47 21.29
C ILE A 30 -10.55 2.33 20.30
N LEU A 31 -11.13 1.27 20.79
CA LEU A 31 -11.48 0.12 19.94
C LEU A 31 -12.35 0.62 18.79
N ARG A 32 -13.41 1.30 19.12
CA ARG A 32 -14.30 1.84 18.06
C ARG A 32 -13.47 2.67 17.08
N HIS A 33 -12.64 3.55 17.58
CA HIS A 33 -11.80 4.38 16.67
C HIS A 33 -10.99 3.44 15.76
N SER A 34 -10.29 2.50 16.34
CA SER A 34 -9.48 1.56 15.54
C SER A 34 -10.32 1.05 14.36
N TYR A 35 -11.50 0.58 14.62
CA TYR A 35 -12.36 0.09 13.51
C TYR A 35 -12.39 1.15 12.42
N GLN A 36 -12.67 2.38 12.80
CA GLN A 36 -12.71 3.49 11.81
C GLN A 36 -11.50 3.36 10.88
N LYS A 37 -10.32 3.53 11.39
CA LYS A 37 -9.10 3.43 10.52
C LYS A 37 -9.24 2.23 9.58
N GLU A 38 -9.63 1.08 10.10
CA GLU A 38 -9.76 -0.12 9.22
C GLU A 38 -10.64 0.20 8.01
N ILE A 39 -11.91 0.46 8.22
CA ILE A 39 -12.80 0.77 7.05
C ILE A 39 -12.12 1.86 6.21
N GLN A 40 -11.76 2.96 6.80
CA GLN A 40 -11.09 4.04 6.00
C GLN A 40 -9.85 3.46 5.32
N ALA A 41 -9.44 2.28 5.71
CA ALA A 41 -8.24 1.66 5.07
C ALA A 41 -8.66 1.01 3.76
N LYS A 42 -9.71 0.23 3.77
CA LYS A 42 -10.17 -0.41 2.52
C LYS A 42 -10.46 0.69 1.50
N GLU A 43 -10.80 1.85 1.98
CA GLU A 43 -11.09 2.98 1.03
C GLU A 43 -9.77 3.44 0.40
N THR A 44 -8.87 3.95 1.19
CA THR A 44 -7.56 4.41 0.62
C THR A 44 -6.91 3.24 -0.13
N MET A 45 -7.20 2.04 0.28
CA MET A 45 -6.61 0.86 -0.42
C MET A 45 -7.26 0.72 -1.80
N LYS A 46 -8.56 0.68 -1.87
CA LYS A 46 -9.24 0.56 -3.18
C LYS A 46 -8.67 1.60 -4.15
N GLU A 47 -8.21 2.71 -3.63
CA GLU A 47 -7.63 3.76 -4.51
C GLU A 47 -6.25 3.31 -4.99
N VAL A 48 -5.43 2.85 -4.09
CA VAL A 48 -4.07 2.39 -4.48
C VAL A 48 -4.15 1.45 -5.67
N LEU A 49 -5.06 0.51 -5.66
CA LEU A 49 -5.16 -0.44 -6.82
C LEU A 49 -5.62 0.32 -8.06
N SER A 50 -6.74 0.99 -7.98
CA SER A 50 -7.26 1.75 -9.15
C SER A 50 -6.12 2.51 -9.84
N ASP A 51 -5.29 3.16 -9.08
CA ASP A 51 -4.15 3.91 -9.68
C ASP A 51 -3.08 2.92 -10.13
N ASN A 52 -2.96 1.81 -9.47
CA ASN A 52 -1.94 0.80 -9.88
C ASN A 52 -2.34 0.23 -11.22
N MET A 53 -3.49 -0.39 -11.30
CA MET A 53 -3.94 -0.98 -12.59
C MET A 53 -3.88 0.09 -13.68
N GLU A 54 -4.09 1.33 -13.32
CA GLU A 54 -4.04 2.42 -14.36
C GLU A 54 -2.60 2.50 -14.90
N VAL A 55 -1.65 2.65 -14.03
CA VAL A 55 -0.22 2.74 -14.49
C VAL A 55 0.09 1.52 -15.38
N LEU A 56 -0.45 0.39 -15.05
CA LEU A 56 -0.22 -0.82 -15.90
C LEU A 56 -1.01 -0.61 -17.20
N SER A 57 -2.25 -0.23 -17.08
CA SER A 57 -3.07 0.00 -18.29
C SER A 57 -2.27 0.86 -19.27
N ASP A 58 -1.27 1.54 -18.79
CA ASP A 58 -0.45 2.38 -19.71
C ASP A 58 0.56 1.46 -20.39
N HIS A 59 1.46 0.88 -19.62
CA HIS A 59 2.48 -0.02 -20.24
C HIS A 59 1.79 -1.23 -20.88
N ILE A 60 0.48 -1.24 -20.93
CA ILE A 60 -0.24 -2.38 -21.56
C ILE A 60 0.43 -2.74 -22.88
N VAL A 61 0.10 -3.89 -23.41
CA VAL A 61 0.67 -4.34 -24.72
C VAL A 61 0.77 -3.15 -25.66
N ILE A 62 1.58 -3.25 -26.67
CA ILE A 62 1.72 -2.12 -27.67
C ILE A 62 2.40 -2.68 -28.92
N GLU A 63 1.71 -2.60 -30.04
CA GLU A 63 2.28 -3.10 -31.31
C GLU A 63 3.65 -2.47 -31.52
N GLY A 64 4.68 -3.27 -31.55
CA GLY A 64 6.05 -2.72 -31.74
C GLY A 64 6.75 -2.70 -30.38
N LEU A 65 6.08 -2.26 -29.34
CA LEU A 65 6.72 -2.21 -28.01
C LEU A 65 5.71 -2.72 -27.02
N SER A 66 5.40 -3.95 -27.14
CA SER A 66 4.40 -4.58 -26.26
C SER A 66 5.06 -4.99 -24.95
N ALA A 67 4.40 -4.83 -23.83
CA ALA A 67 5.05 -5.22 -22.54
C ALA A 67 5.64 -6.63 -22.68
N GLU A 68 4.97 -7.51 -23.38
CA GLU A 68 5.52 -8.88 -23.55
C GLU A 68 6.93 -8.78 -24.12
N GLU A 69 7.04 -8.45 -25.39
CA GLU A 69 8.39 -8.34 -26.04
C GLU A 69 9.40 -7.76 -25.04
N ILE A 70 9.08 -6.65 -24.43
CA ILE A 70 10.03 -6.07 -23.43
C ILE A 70 10.44 -7.16 -22.46
N ILE A 71 9.54 -7.58 -21.62
CA ILE A 71 9.87 -8.64 -20.64
C ILE A 71 10.58 -9.80 -21.35
N LYS A 72 9.95 -10.40 -22.32
CA LYS A 72 10.59 -11.54 -23.03
C LYS A 72 12.02 -11.18 -23.39
N MET A 73 12.35 -9.93 -23.39
CA MET A 73 13.76 -9.53 -23.69
C MET A 73 14.47 -9.51 -22.35
N GLY A 74 13.79 -9.04 -21.34
CA GLY A 74 14.43 -8.99 -19.98
C GLY A 74 14.61 -10.42 -19.46
N GLU A 75 13.85 -11.38 -19.96
CA GLU A 75 14.03 -12.78 -19.48
C GLU A 75 15.17 -13.42 -20.26
N THR A 76 15.18 -13.26 -21.57
CA THR A 76 16.30 -13.85 -22.37
C THR A 76 17.63 -13.48 -21.71
N VAL A 77 17.82 -12.23 -21.41
CA VAL A 77 19.09 -11.79 -20.76
C VAL A 77 18.85 -10.47 -20.03
N LEU A 78 18.41 -10.52 -18.80
CA LEU A 78 18.17 -9.26 -18.05
C LEU A 78 19.49 -8.49 -17.88
N GLY B 18 -12.66 -13.29 39.26
CA GLY B 18 -12.54 -13.95 37.93
C GLY B 18 -11.34 -13.35 37.18
N PRO B 19 -11.49 -12.15 36.70
CA PRO B 19 -10.41 -11.43 35.96
C PRO B 19 -9.25 -11.04 36.87
N ASN B 20 -8.18 -10.55 36.30
CA ASN B 20 -7.00 -10.14 37.12
C ASN B 20 -6.55 -8.74 36.67
N LYS B 21 -6.46 -7.83 37.60
CA LYS B 21 -6.04 -6.43 37.26
C LYS B 21 -4.82 -6.46 36.32
N GLU B 22 -4.20 -7.58 36.19
CA GLU B 22 -3.04 -7.70 35.29
C GLU B 22 -3.53 -7.90 33.87
N THR B 23 -4.29 -8.94 33.64
CA THR B 23 -4.80 -9.21 32.27
C THR B 23 -5.44 -7.94 31.69
N ILE B 24 -6.17 -7.16 32.46
CA ILE B 24 -6.76 -5.92 31.87
C ILE B 24 -5.60 -4.94 31.58
N ASN B 25 -4.84 -4.60 32.59
CA ASN B 25 -3.71 -3.66 32.38
C ASN B 25 -2.93 -4.04 31.11
N ARG B 26 -2.52 -5.27 30.99
CA ARG B 26 -1.78 -5.67 29.75
C ARG B 26 -2.63 -5.23 28.57
N GLU B 27 -3.83 -5.73 28.51
CA GLU B 27 -4.74 -5.38 27.39
C GLU B 27 -4.61 -3.88 27.07
N VAL B 28 -4.93 -3.02 28.00
CA VAL B 28 -4.81 -1.54 27.75
C VAL B 28 -3.37 -1.18 27.38
N SER B 29 -2.45 -2.08 27.60
CA SER B 29 -1.02 -1.79 27.24
C SER B 29 -0.83 -1.99 25.74
N ILE B 30 -1.00 -3.19 25.26
CA ILE B 30 -0.86 -3.41 23.80
C ILE B 30 -1.83 -2.47 23.09
N LEU B 31 -2.90 -2.14 23.77
CA LEU B 31 -3.91 -1.22 23.18
C LEU B 31 -3.20 0.08 22.76
N ARG B 32 -2.82 0.89 23.71
CA ARG B 32 -2.13 2.16 23.35
C ARG B 32 -1.00 1.88 22.36
N HIS B 33 -0.50 0.67 22.36
CA HIS B 33 0.61 0.34 21.41
C HIS B 33 0.04 0.18 20.00
N SER B 34 -0.75 -0.84 19.78
CA SER B 34 -1.33 -1.05 18.43
C SER B 34 -1.92 0.27 17.93
N TYR B 35 -2.36 1.11 18.81
CA TYR B 35 -2.93 2.42 18.37
C TYR B 35 -1.83 3.23 17.69
N GLN B 36 -0.86 3.69 18.43
CA GLN B 36 0.24 4.50 17.82
C GLN B 36 0.71 3.84 16.52
N LYS B 37 0.47 2.56 16.38
CA LYS B 37 0.89 1.88 15.12
C LYS B 37 -0.16 2.14 14.05
N GLU B 38 -1.39 1.77 14.31
CA GLU B 38 -2.47 1.99 13.30
C GLU B 38 -2.37 3.40 12.72
N ILE B 39 -2.21 4.40 13.53
CA ILE B 39 -2.10 5.78 12.99
C ILE B 39 -0.82 5.89 12.16
N GLN B 40 0.33 5.74 12.77
CA GLN B 40 1.61 5.84 11.99
C GLN B 40 1.45 5.06 10.68
N ALA B 41 0.95 3.86 10.75
CA ALA B 41 0.76 3.07 9.50
C ALA B 41 0.04 3.93 8.48
N LYS B 42 -1.01 4.60 8.89
CA LYS B 42 -1.75 5.48 7.94
C LYS B 42 -0.74 6.41 7.28
N GLU B 43 0.26 6.84 8.01
CA GLU B 43 1.28 7.77 7.43
C GLU B 43 2.02 7.05 6.29
N THR B 44 2.21 5.76 6.43
CA THR B 44 2.92 5.01 5.35
C THR B 44 1.99 4.90 4.13
N MET B 45 0.77 4.50 4.34
CA MET B 45 -0.19 4.39 3.20
C MET B 45 -0.22 5.73 2.45
N LYS B 46 -0.07 6.81 3.16
CA LYS B 46 -0.09 8.15 2.49
C LYS B 46 1.08 8.23 1.52
N GLU B 47 2.28 8.07 2.01
CA GLU B 47 3.46 8.14 1.11
C GLU B 47 3.21 7.27 -0.12
N VAL B 48 2.74 6.07 0.07
CA VAL B 48 2.47 5.18 -1.10
C VAL B 48 1.70 5.96 -2.17
N LEU B 49 0.59 6.55 -1.82
CA LEU B 49 -0.18 7.32 -2.84
C LEU B 49 0.72 8.40 -3.44
N SER B 50 1.41 9.14 -2.62
CA SER B 50 2.30 10.22 -3.16
C SER B 50 3.14 9.66 -4.32
N ASP B 51 3.60 8.45 -4.19
CA ASP B 51 4.42 7.84 -5.28
C ASP B 51 3.52 7.52 -6.48
N ASN B 52 2.40 6.88 -6.24
CA ASN B 52 1.48 6.55 -7.37
C ASN B 52 1.06 7.85 -8.07
N MET B 53 0.93 8.92 -7.33
CA MET B 53 0.53 10.20 -7.95
C MET B 53 1.62 10.67 -8.92
N GLU B 54 2.81 10.84 -8.44
CA GLU B 54 3.92 11.30 -9.34
C GLU B 54 4.12 10.27 -10.45
N VAL B 55 4.30 9.03 -10.09
CA VAL B 55 4.51 7.95 -11.10
C VAL B 55 3.47 8.09 -12.23
N LEU B 56 2.20 8.14 -11.87
CA LEU B 56 1.16 8.28 -12.93
C LEU B 56 1.33 9.62 -13.66
N SER B 57 1.52 10.68 -12.91
CA SER B 57 1.70 12.01 -13.55
C SER B 57 2.94 12.00 -14.45
N ASP B 58 3.72 10.95 -14.40
CA ASP B 58 4.93 10.89 -15.26
C ASP B 58 4.60 10.20 -16.58
N HIS B 59 3.78 9.19 -16.53
CA HIS B 59 3.42 8.46 -17.79
C HIS B 59 2.51 9.31 -18.68
N ILE B 60 1.72 10.18 -18.11
CA ILE B 60 0.81 11.03 -18.94
C ILE B 60 1.58 11.61 -20.13
N VAL B 61 1.69 10.86 -21.19
CA VAL B 61 2.46 11.31 -22.38
C VAL B 61 1.86 12.58 -22.99
N ILE B 62 2.70 13.35 -23.64
CA ILE B 62 2.24 14.62 -24.29
C ILE B 62 3.30 15.09 -25.29
N GLU B 63 2.92 16.04 -26.07
CA GLU B 63 3.86 16.63 -27.08
C GLU B 63 4.61 15.53 -27.83
N GLY B 64 4.08 15.14 -28.96
CA GLY B 64 4.70 14.05 -29.76
C GLY B 64 3.66 12.96 -29.92
N LEU B 65 3.19 12.45 -28.81
CA LEU B 65 2.16 11.40 -28.83
C LEU B 65 0.96 11.94 -28.08
N SER B 66 -0.14 11.27 -28.17
CA SER B 66 -1.37 11.71 -27.46
C SER B 66 -1.94 10.55 -26.65
N ALA B 67 -2.35 10.80 -25.43
CA ALA B 67 -2.92 9.70 -24.59
C ALA B 67 -4.11 9.06 -25.29
N GLU B 68 -4.69 9.74 -26.24
CA GLU B 68 -5.85 9.15 -26.96
C GLU B 68 -5.37 8.00 -27.83
N GLU B 69 -4.41 8.25 -28.69
CA GLU B 69 -3.89 7.15 -29.55
C GLU B 69 -3.38 6.02 -28.67
N ILE B 70 -2.85 6.35 -27.52
CA ILE B 70 -2.33 5.29 -26.60
C ILE B 70 -3.50 4.40 -26.14
N ILE B 71 -4.40 4.94 -25.38
CA ILE B 71 -5.56 4.11 -24.90
C ILE B 71 -6.16 3.34 -26.08
N LYS B 72 -6.17 3.93 -27.24
CA LYS B 72 -6.74 3.22 -28.42
C LYS B 72 -5.98 1.91 -28.61
N MET B 73 -4.70 1.98 -28.86
CA MET B 73 -3.89 0.75 -29.05
C MET B 73 -4.25 -0.29 -27.99
N GLY B 74 -4.48 0.13 -26.77
CA GLY B 74 -4.81 -0.87 -25.68
C GLY B 74 -6.30 -1.25 -25.77
N GLU B 75 -7.09 -0.54 -26.55
CA GLU B 75 -8.54 -0.90 -26.64
C GLU B 75 -8.72 -1.99 -27.69
N THR B 76 -7.87 -2.02 -28.68
CA THR B 76 -7.98 -3.07 -29.73
C THR B 76 -7.82 -4.45 -29.10
N VAL B 77 -6.62 -4.78 -28.68
CA VAL B 77 -6.39 -6.11 -28.05
C VAL B 77 -6.49 -5.98 -26.52
N LEU B 78 -6.66 -7.07 -25.83
CA LEU B 78 -6.76 -7.00 -24.35
C LEU B 78 -7.76 -5.91 -23.96
N GLY C 18 -20.48 -20.54 29.69
CA GLY C 18 -20.72 -19.08 29.81
C GLY C 18 -19.37 -18.34 29.83
N PRO C 19 -19.42 -17.03 29.79
CA PRO C 19 -18.19 -16.18 29.79
C PRO C 19 -17.42 -16.30 31.12
N ASN C 20 -16.16 -15.94 31.11
CA ASN C 20 -15.34 -15.98 32.35
C ASN C 20 -13.89 -15.62 31.98
N LYS C 21 -13.00 -15.74 32.92
CA LYS C 21 -11.57 -15.40 32.63
C LYS C 21 -11.13 -16.00 31.28
N GLU C 22 -11.87 -16.92 30.74
CA GLU C 22 -11.47 -17.50 29.43
C GLU C 22 -11.77 -16.51 28.30
N THR C 23 -12.86 -15.80 28.39
CA THR C 23 -13.21 -14.84 27.31
C THR C 23 -12.26 -13.62 27.34
N ILE C 24 -11.94 -13.08 28.50
CA ILE C 24 -10.99 -11.91 28.49
C ILE C 24 -9.65 -12.40 27.95
N ASN C 25 -9.19 -13.54 28.41
CA ASN C 25 -7.89 -14.07 27.93
C ASN C 25 -7.97 -14.33 26.43
N ARG C 26 -9.11 -14.72 25.93
CA ARG C 26 -9.24 -14.98 24.46
C ARG C 26 -9.03 -13.66 23.74
N GLU C 27 -9.39 -12.58 24.37
CA GLU C 27 -9.22 -11.24 23.74
C GLU C 27 -7.77 -10.79 23.87
N VAL C 28 -7.18 -10.95 25.01
CA VAL C 28 -5.76 -10.51 25.18
C VAL C 28 -4.83 -11.47 24.43
N SER C 29 -5.16 -12.72 24.40
CA SER C 29 -4.30 -13.72 23.69
C SER C 29 -4.30 -13.43 22.18
N ILE C 30 -5.45 -13.38 21.57
CA ILE C 30 -5.49 -13.10 20.10
C ILE C 30 -4.90 -11.71 19.85
N LEU C 31 -4.97 -10.85 20.83
CA LEU C 31 -4.41 -9.48 20.68
C LEU C 31 -2.94 -9.60 20.33
N ARG C 32 -2.21 -10.38 21.09
CA ARG C 32 -0.76 -10.56 20.80
C ARG C 32 -0.61 -11.13 19.40
N HIS C 33 -1.33 -12.17 19.09
CA HIS C 33 -1.23 -12.77 17.72
C HIS C 33 -1.44 -11.67 16.68
N SER C 34 -2.56 -11.00 16.72
CA SER C 34 -2.82 -9.92 15.73
C SER C 34 -1.59 -9.01 15.67
N TYR C 35 -1.02 -8.68 16.80
CA TYR C 35 0.18 -7.80 16.79
C TYR C 35 1.20 -8.38 15.80
N GLN C 36 1.59 -9.61 16.00
CA GLN C 36 2.57 -10.24 15.07
C GLN C 36 2.18 -9.92 13.64
N LYS C 37 1.04 -10.36 13.21
CA LYS C 37 0.62 -10.06 11.80
C LYS C 37 0.83 -8.57 11.51
N GLU C 38 0.53 -7.70 12.45
CA GLU C 38 0.71 -6.23 12.19
C GLU C 38 2.18 -5.93 11.86
N ILE C 39 3.07 -6.09 12.80
CA ILE C 39 4.51 -5.79 12.53
C ILE C 39 4.91 -6.41 11.18
N GLN C 40 4.60 -7.66 10.98
CA GLN C 40 4.96 -8.30 9.67
C GLN C 40 4.48 -7.39 8.55
N ALA C 41 3.23 -7.00 8.59
CA ALA C 41 2.68 -6.11 7.53
C ALA C 41 3.61 -4.92 7.32
N LYS C 42 4.07 -4.31 8.38
CA LYS C 42 4.98 -3.14 8.20
C LYS C 42 6.13 -3.57 7.30
N GLU C 43 6.55 -4.80 7.42
CA GLU C 43 7.68 -5.29 6.57
C GLU C 43 7.26 -5.25 5.10
N THR C 44 6.11 -5.80 4.80
CA THR C 44 5.63 -5.77 3.37
C THR C 44 5.39 -4.33 2.94
N MET C 45 5.04 -3.47 3.86
CA MET C 45 4.81 -2.04 3.50
C MET C 45 6.12 -1.43 3.00
N LYS C 46 7.10 -1.35 3.86
CA LYS C 46 8.41 -0.77 3.43
C LYS C 46 8.82 -1.40 2.10
N GLU C 47 8.43 -2.62 1.88
CA GLU C 47 8.78 -3.29 0.60
C GLU C 47 8.05 -2.57 -0.54
N VAL C 48 6.78 -2.34 -0.37
CA VAL C 48 5.99 -1.64 -1.43
C VAL C 48 6.67 -0.33 -1.80
N LEU C 49 7.22 0.37 -0.83
CA LEU C 49 7.90 1.67 -1.15
C LEU C 49 9.18 1.39 -1.94
N SER C 50 10.07 0.61 -1.38
CA SER C 50 11.34 0.29 -2.10
C SER C 50 11.03 -0.06 -3.56
N ASP C 51 9.99 -0.80 -3.78
CA ASP C 51 9.63 -1.18 -5.18
C ASP C 51 9.05 0.04 -5.90
N ASN C 52 8.46 0.95 -5.15
CA ASN C 52 7.87 2.16 -5.77
C ASN C 52 9.00 3.14 -6.10
N MET C 53 9.77 3.53 -5.12
CA MET C 53 10.89 4.47 -5.38
C MET C 53 11.70 3.99 -6.58
N GLU C 54 11.91 2.70 -6.67
CA GLU C 54 12.71 2.17 -7.82
C GLU C 54 11.92 2.42 -9.11
N VAL C 55 10.69 1.98 -9.16
CA VAL C 55 9.85 2.21 -10.38
C VAL C 55 9.94 3.69 -10.77
N LEU C 56 9.93 4.57 -9.81
CA LEU C 56 10.03 6.03 -10.11
C LEU C 56 11.43 6.33 -10.62
N SER C 57 12.42 6.14 -9.81
CA SER C 57 13.81 6.42 -10.26
C SER C 57 14.14 5.56 -11.48
N ASP C 58 13.19 4.79 -11.98
CA ASP C 58 13.48 3.95 -13.17
C ASP C 58 13.10 4.71 -14.44
N HIS C 59 11.83 4.92 -14.67
CA HIS C 59 11.43 5.59 -15.94
C HIS C 59 11.74 7.10 -15.91
N ILE C 60 12.06 7.67 -14.77
CA ILE C 60 12.34 9.14 -14.74
C ILE C 60 13.16 9.55 -15.98
N VAL C 61 12.49 10.00 -16.99
CA VAL C 61 13.17 10.41 -18.26
C VAL C 61 14.24 11.47 -17.98
N ILE C 62 15.13 11.64 -18.92
CA ILE C 62 16.22 12.65 -18.77
C ILE C 62 16.77 13.07 -20.12
N GLU C 63 17.43 14.20 -20.13
CA GLU C 63 18.04 14.74 -21.40
C GLU C 63 17.10 14.57 -22.59
N GLY C 64 16.43 15.63 -22.96
CA GLY C 64 15.47 15.56 -24.10
C GLY C 64 14.09 15.94 -23.56
N LEU C 65 13.64 15.25 -22.54
CA LEU C 65 12.33 15.53 -21.94
C LEU C 65 12.52 15.61 -20.42
N SER C 66 12.39 16.77 -19.85
CA SER C 66 12.59 16.88 -18.38
C SER C 66 11.29 16.59 -17.64
N ALA C 67 11.30 15.67 -16.69
CA ALA C 67 10.05 15.36 -15.95
C ALA C 67 9.45 16.66 -15.42
N GLU C 68 10.27 17.60 -15.04
CA GLU C 68 9.74 18.89 -14.52
C GLU C 68 8.85 19.53 -15.58
N GLU C 69 9.43 20.04 -16.64
CA GLU C 69 8.62 20.68 -17.71
C GLU C 69 7.38 19.81 -17.99
N ILE C 70 7.57 18.54 -18.21
CA ILE C 70 6.40 17.66 -18.47
C ILE C 70 5.38 17.82 -17.33
N ILE C 71 5.72 17.38 -16.15
CA ILE C 71 4.78 17.50 -15.00
C ILE C 71 4.10 18.87 -15.04
N LYS C 72 4.87 19.93 -15.13
CA LYS C 72 4.27 21.29 -15.18
C LYS C 72 3.19 21.31 -16.27
N MET C 73 3.59 21.18 -17.49
CA MET C 73 2.62 21.23 -18.64
C MET C 73 1.28 20.61 -18.23
N GLY C 74 1.28 19.47 -17.60
CA GLY C 74 -0.04 18.83 -17.21
C GLY C 74 -0.62 19.55 -15.98
N GLU C 75 0.19 20.21 -15.19
CA GLU C 75 -0.35 20.92 -13.99
C GLU C 75 -1.10 22.17 -14.46
N THR C 76 -0.68 22.76 -15.54
CA THR C 76 -1.38 23.98 -16.05
C THR C 76 -2.54 23.56 -16.95
N VAL C 77 -2.41 22.44 -17.63
CA VAL C 77 -3.49 21.98 -18.53
C VAL C 77 -4.34 20.92 -17.81
N LEU C 78 -3.82 19.74 -17.64
CA LEU C 78 -4.59 18.67 -16.94
C LEU C 78 -4.95 19.16 -15.53
N GLY D 18 -23.27 -1.06 34.20
CA GLY D 18 -22.48 -0.49 33.08
C GLY D 18 -21.66 -1.61 32.42
N PRO D 19 -20.47 -1.89 32.90
CA PRO D 19 -19.59 -2.95 32.33
C PRO D 19 -20.08 -4.35 32.71
N ASN D 20 -19.97 -5.31 31.82
CA ASN D 20 -20.40 -6.70 32.13
C ASN D 20 -20.06 -7.61 30.97
N LYS D 21 -20.61 -8.79 30.96
CA LYS D 21 -20.33 -9.74 29.83
C LYS D 21 -20.58 -9.04 28.48
N GLU D 22 -21.10 -7.85 28.52
CA GLU D 22 -21.35 -7.11 27.25
C GLU D 22 -20.07 -6.41 26.83
N THR D 23 -19.54 -5.56 27.68
CA THR D 23 -18.31 -4.83 27.32
C THR D 23 -17.25 -5.81 26.82
N ILE D 24 -17.10 -6.98 27.42
CA ILE D 24 -16.08 -7.93 26.89
C ILE D 24 -16.54 -8.40 25.51
N ASN D 25 -17.72 -8.97 25.42
CA ASN D 25 -18.20 -9.45 24.09
C ASN D 25 -17.95 -8.40 23.02
N ARG D 26 -18.26 -7.15 23.28
CA ARG D 26 -17.99 -6.10 22.24
C ARG D 26 -16.53 -6.25 21.82
N GLU D 27 -15.64 -6.04 22.74
CA GLU D 27 -14.19 -6.14 22.42
C GLU D 27 -13.95 -7.36 21.53
N VAL D 28 -14.25 -8.55 22.01
CA VAL D 28 -14.03 -9.77 21.17
C VAL D 28 -14.84 -9.68 19.87
N SER D 29 -15.73 -8.72 19.80
CA SER D 29 -16.55 -8.56 18.56
C SER D 29 -15.73 -7.84 17.49
N ILE D 30 -15.39 -6.60 17.72
CA ILE D 30 -14.57 -5.88 16.70
C ILE D 30 -13.30 -6.71 16.48
N LEU D 31 -12.94 -7.47 17.46
CA LEU D 31 -11.74 -8.34 17.36
C LEU D 31 -11.89 -9.26 16.15
N ARG D 32 -12.72 -10.27 16.25
CA ARG D 32 -12.90 -11.21 15.10
C ARG D 32 -13.08 -10.41 13.81
N HIS D 33 -13.56 -9.20 13.93
CA HIS D 33 -13.75 -8.36 12.71
C HIS D 33 -12.38 -7.89 12.21
N SER D 34 -11.69 -7.11 13.00
CA SER D 34 -10.35 -6.62 12.57
C SER D 34 -9.53 -7.78 12.03
N TYR D 35 -9.55 -8.92 12.69
CA TYR D 35 -8.75 -10.07 12.19
C TYR D 35 -9.12 -10.34 10.73
N GLN D 36 -10.30 -10.86 10.48
CA GLN D 36 -10.71 -11.16 9.08
C GLN D 36 -10.30 -10.01 8.15
N LYS D 37 -10.18 -8.82 8.66
CA LYS D 37 -9.77 -7.69 7.78
C LYS D 37 -8.25 -7.73 7.63
N GLU D 38 -7.52 -7.70 8.72
CA GLU D 38 -6.03 -7.74 8.62
C GLU D 38 -5.60 -8.79 7.59
N ILE D 39 -6.11 -9.99 7.68
CA ILE D 39 -5.69 -11.02 6.69
C ILE D 39 -6.14 -10.58 5.29
N GLN D 40 -7.43 -10.47 5.06
CA GLN D 40 -7.91 -10.04 3.72
C GLN D 40 -7.05 -8.88 3.22
N ALA D 41 -6.87 -7.87 4.04
CA ALA D 41 -6.04 -6.72 3.61
C ALA D 41 -4.68 -7.23 3.13
N LYS D 42 -4.15 -8.22 3.78
CA LYS D 42 -2.84 -8.77 3.32
C LYS D 42 -2.99 -9.21 1.86
N GLU D 43 -4.14 -9.75 1.53
CA GLU D 43 -4.36 -10.22 0.13
C GLU D 43 -4.29 -9.03 -0.82
N THR D 44 -4.71 -7.89 -0.36
CA THR D 44 -4.65 -6.67 -1.24
C THR D 44 -3.19 -6.20 -1.32
N MET D 45 -2.53 -6.10 -0.20
CA MET D 45 -1.10 -5.68 -0.22
C MET D 45 -0.33 -6.55 -1.21
N LYS D 46 -0.63 -7.83 -1.23
CA LYS D 46 0.08 -8.74 -2.17
C LYS D 46 -0.18 -8.28 -3.61
N GLU D 47 -1.41 -8.23 -4.01
CA GLU D 47 -1.74 -7.80 -5.40
C GLU D 47 -0.92 -6.56 -5.75
N VAL D 48 -0.88 -5.59 -4.89
CA VAL D 48 -0.10 -4.36 -5.18
C VAL D 48 1.31 -4.74 -5.63
N LEU D 49 2.05 -5.43 -4.80
CA LEU D 49 3.44 -5.82 -5.18
C LEU D 49 3.43 -6.42 -6.59
N SER D 50 2.55 -7.35 -6.85
CA SER D 50 2.50 -7.97 -8.21
C SER D 50 2.51 -6.87 -9.27
N ASP D 51 1.83 -5.79 -9.03
CA ASP D 51 1.81 -4.67 -10.02
C ASP D 51 3.16 -3.96 -10.00
N ASN D 52 3.66 -3.66 -8.84
CA ASN D 52 4.99 -2.96 -8.75
C ASN D 52 6.05 -3.87 -9.37
N MET D 53 5.84 -5.16 -9.34
CA MET D 53 6.83 -6.10 -9.92
C MET D 53 6.87 -5.95 -11.44
N GLU D 54 5.76 -6.10 -12.10
CA GLU D 54 5.76 -5.96 -13.59
C GLU D 54 6.12 -4.53 -13.98
N VAL D 55 5.44 -3.57 -13.42
CA VAL D 55 5.74 -2.14 -13.75
C VAL D 55 7.26 -1.91 -13.72
N LEU D 56 7.94 -2.51 -12.78
CA LEU D 56 9.43 -2.35 -12.71
C LEU D 56 10.05 -3.04 -13.93
N SER D 57 9.74 -4.30 -14.11
CA SER D 57 10.29 -5.04 -15.28
C SER D 57 9.83 -4.40 -16.59
N ASP D 58 8.98 -3.41 -16.52
CA ASP D 58 8.51 -2.76 -17.79
C ASP D 58 9.44 -1.60 -18.13
N HIS D 59 9.79 -0.80 -17.17
CA HIS D 59 10.68 0.36 -17.46
C HIS D 59 12.11 -0.09 -17.67
N ILE D 60 12.47 -1.27 -17.19
CA ILE D 60 13.88 -1.75 -17.37
C ILE D 60 14.34 -1.44 -18.81
N VAL D 61 14.94 -0.29 -18.98
CA VAL D 61 15.38 0.15 -20.34
C VAL D 61 16.24 -0.91 -21.03
N ILE D 62 16.23 -0.89 -22.34
CA ILE D 62 17.01 -1.89 -23.12
C ILE D 62 17.15 -1.43 -24.57
N GLU D 63 18.08 -2.01 -25.26
CA GLU D 63 18.31 -1.68 -26.70
C GLU D 63 18.22 -0.18 -26.93
N GLY D 64 19.35 0.47 -26.92
CA GLY D 64 19.39 1.95 -27.10
C GLY D 64 20.18 2.52 -25.93
N LEU D 65 19.70 2.30 -24.74
CA LEU D 65 20.38 2.79 -23.54
C LEU D 65 20.52 1.61 -22.58
N SER D 66 21.71 1.28 -22.19
CA SER D 66 21.87 0.10 -21.28
C SER D 66 21.45 0.49 -19.85
N ALA D 67 20.82 -0.41 -19.14
CA ALA D 67 20.37 -0.11 -17.76
C ALA D 67 21.55 0.43 -16.93
N GLU D 68 22.75 0.29 -17.41
CA GLU D 68 23.93 0.79 -16.65
C GLU D 68 24.17 2.26 -16.95
N GLU D 69 24.21 2.63 -18.20
CA GLU D 69 24.43 4.07 -18.54
C GLU D 69 23.31 4.93 -17.97
N ILE D 70 22.10 4.48 -18.08
CA ILE D 70 20.97 5.28 -17.53
C ILE D 70 21.05 5.27 -16.00
N ILE D 71 21.04 4.12 -15.38
CA ILE D 71 21.13 4.09 -13.89
C ILE D 71 22.26 5.00 -13.44
N LYS D 72 23.27 5.15 -14.25
CA LYS D 72 24.40 6.06 -13.88
C LYS D 72 23.83 7.47 -13.74
N MET D 73 23.17 7.94 -14.77
CA MET D 73 22.58 9.31 -14.70
C MET D 73 21.80 9.46 -13.39
N GLY D 74 21.07 8.44 -13.00
CA GLY D 74 20.29 8.53 -11.72
C GLY D 74 21.26 8.38 -10.53
N GLU D 75 22.48 7.98 -10.77
CA GLU D 75 23.45 7.85 -9.65
C GLU D 75 23.84 9.25 -9.20
N THR D 76 24.03 10.14 -10.15
CA THR D 76 24.39 11.54 -9.79
C THR D 76 23.32 12.12 -8.87
N VAL D 77 22.26 11.39 -8.64
CA VAL D 77 21.16 11.88 -7.77
C VAL D 77 20.48 13.09 -8.40
N LEU D 78 19.46 12.87 -9.17
CA LEU D 78 18.74 14.00 -9.83
C LEU D 78 19.76 14.97 -10.43
N GLY A 18 -6.58 1.36 40.52
CA GLY A 18 -6.56 -0.10 40.23
C GLY A 18 -7.64 -0.43 39.20
N PRO A 19 -7.74 -1.68 38.84
CA PRO A 19 -8.75 -2.14 37.85
C PRO A 19 -10.14 -1.57 38.13
N ASN A 20 -10.88 -1.23 37.10
CA ASN A 20 -12.23 -0.67 37.32
C ASN A 20 -12.90 -0.44 35.96
N LYS A 21 -14.20 -0.36 35.94
CA LYS A 21 -14.94 -0.17 34.66
C LYS A 21 -14.19 0.80 33.73
N GLU A 22 -13.46 1.72 34.28
CA GLU A 22 -12.74 2.71 33.44
C GLU A 22 -11.61 2.03 32.65
N THR A 23 -11.17 0.87 33.06
CA THR A 23 -10.07 0.21 32.32
C THR A 23 -10.62 -0.54 31.09
N ILE A 24 -11.63 -1.35 31.23
CA ILE A 24 -12.14 -2.05 30.00
C ILE A 24 -12.61 -0.96 29.03
N ASN A 25 -12.99 0.18 29.54
CA ASN A 25 -13.46 1.26 28.64
C ASN A 25 -12.28 1.86 27.87
N ARG A 26 -11.20 2.17 28.54
CA ARG A 26 -10.04 2.78 27.83
C ARG A 26 -9.64 1.89 26.64
N GLU A 27 -9.64 0.60 26.83
CA GLU A 27 -9.25 -0.31 25.71
C GLU A 27 -10.43 -0.47 24.75
N VAL A 28 -11.63 -0.54 25.24
CA VAL A 28 -12.80 -0.70 24.33
C VAL A 28 -13.02 0.61 23.55
N SER A 29 -12.61 1.72 24.12
CA SER A 29 -12.77 3.03 23.43
C SER A 29 -11.80 3.10 22.26
N ILE A 30 -10.53 3.01 22.53
CA ILE A 30 -9.54 3.06 21.42
C ILE A 30 -9.96 2.01 20.38
N LEU A 31 -10.60 0.98 20.83
CA LEU A 31 -11.08 -0.09 19.90
C LEU A 31 -11.97 0.53 18.83
N ARG A 32 -13.00 1.22 19.24
CA ARG A 32 -13.90 1.86 18.24
C ARG A 32 -13.08 2.74 17.30
N HIS A 33 -12.26 3.60 17.85
CA HIS A 33 -11.43 4.48 16.98
C HIS A 33 -10.70 3.63 15.94
N SER A 34 -9.92 2.67 16.37
CA SER A 34 -9.19 1.81 15.42
C SER A 34 -10.11 1.39 14.27
N TYR A 35 -11.31 0.98 14.59
CA TYR A 35 -12.24 0.57 13.51
C TYR A 35 -12.46 1.76 12.58
N GLN A 36 -12.80 2.90 13.12
CA GLN A 36 -13.04 4.10 12.27
C GLN A 36 -11.90 4.24 11.27
N LYS A 37 -10.73 4.60 11.71
CA LYS A 37 -9.61 4.75 10.75
C LYS A 37 -9.50 3.49 9.89
N GLU A 38 -9.85 2.36 10.43
CA GLU A 38 -9.75 1.10 9.61
C GLU A 38 -10.61 1.24 8.35
N ILE A 39 -11.90 1.36 8.49
CA ILE A 39 -12.76 1.50 7.28
C ILE A 39 -12.18 2.60 6.38
N GLN A 40 -11.89 3.75 6.94
CA GLN A 40 -11.30 4.84 6.11
C GLN A 40 -9.99 4.34 5.50
N ALA A 41 -9.49 3.24 5.99
CA ALA A 41 -8.23 2.67 5.44
C ALA A 41 -8.56 1.96 4.13
N LYS A 42 -9.55 1.11 4.15
CA LYS A 42 -9.91 0.40 2.88
C LYS A 42 -10.11 1.46 1.80
N GLU A 43 -10.58 2.61 2.19
CA GLU A 43 -10.80 3.70 1.19
C GLU A 43 -9.45 4.12 0.60
N THR A 44 -8.53 4.53 1.44
CA THR A 44 -7.19 4.94 0.91
C THR A 44 -6.59 3.78 0.11
N MET A 45 -6.88 2.57 0.48
CA MET A 45 -6.33 1.41 -0.28
C MET A 45 -6.94 1.40 -1.68
N LYS A 46 -8.24 1.41 -1.78
CA LYS A 46 -8.90 1.42 -3.11
C LYS A 46 -8.23 2.46 -4.00
N GLU A 47 -7.76 3.53 -3.41
CA GLU A 47 -7.08 4.58 -4.21
C GLU A 47 -5.77 4.01 -4.74
N VAL A 48 -5.01 3.37 -3.89
CA VAL A 48 -3.71 2.77 -4.32
C VAL A 48 -3.92 1.97 -5.61
N LEU A 49 -4.93 1.16 -5.66
CA LEU A 49 -5.17 0.36 -6.91
C LEU A 49 -5.58 1.31 -8.04
N SER A 50 -6.48 2.22 -7.76
CA SER A 50 -6.91 3.17 -8.82
C SER A 50 -5.68 3.78 -9.51
N ASP A 51 -4.72 4.22 -8.76
CA ASP A 51 -3.50 4.82 -9.37
C ASP A 51 -2.69 3.70 -10.03
N ASN A 52 -2.82 2.51 -9.56
CA ASN A 52 -2.05 1.37 -10.15
C ASN A 52 -2.64 1.00 -11.51
N MET A 53 -3.88 0.58 -11.54
CA MET A 53 -4.51 0.18 -12.83
C MET A 53 -4.35 1.34 -13.84
N GLU A 54 -4.40 2.55 -13.40
CA GLU A 54 -4.25 3.69 -14.36
C GLU A 54 -2.81 3.73 -14.86
N VAL A 55 -1.86 3.74 -13.96
CA VAL A 55 -0.44 3.75 -14.39
C VAL A 55 -0.18 2.57 -15.33
N LEU A 56 -0.77 1.45 -15.06
CA LEU A 56 -0.58 0.27 -15.97
C LEU A 56 -1.34 0.56 -17.27
N SER A 57 -2.59 0.96 -17.16
CA SER A 57 -3.37 1.27 -18.39
C SER A 57 -2.53 2.16 -19.30
N ASP A 58 -1.53 2.81 -18.76
CA ASP A 58 -0.67 3.67 -19.63
C ASP A 58 0.33 2.76 -20.33
N HIS A 59 1.19 2.12 -19.59
CA HIS A 59 2.19 1.21 -20.21
C HIS A 59 1.48 0.04 -20.88
N ILE A 60 0.17 0.09 -20.98
CA ILE A 60 -0.60 -1.02 -21.62
C ILE A 60 0.16 -1.54 -22.85
N VAL A 61 -0.14 -2.73 -23.28
CA VAL A 61 0.56 -3.30 -24.47
C VAL A 61 0.38 -2.34 -25.65
N ILE A 62 1.46 -1.91 -26.27
CA ILE A 62 1.31 -0.98 -27.44
C ILE A 62 1.93 -1.55 -28.70
N GLU A 63 1.18 -1.45 -29.78
CA GLU A 63 1.66 -1.95 -31.10
C GLU A 63 2.98 -1.26 -31.39
N GLY A 64 3.99 -2.01 -31.66
CA GLY A 64 5.32 -1.42 -31.89
C GLY A 64 6.15 -1.67 -30.65
N LEU A 65 5.62 -1.33 -29.49
CA LEU A 65 6.37 -1.59 -28.25
C LEU A 65 5.41 -2.21 -27.26
N SER A 66 4.93 -3.34 -27.62
CA SER A 66 3.98 -4.07 -26.76
C SER A 66 4.67 -4.28 -25.41
N ALA A 67 4.15 -3.78 -24.32
CA ALA A 67 4.84 -3.99 -23.02
C ALA A 67 5.24 -5.46 -22.90
N GLU A 68 4.49 -6.33 -23.50
CA GLU A 68 4.85 -7.77 -23.44
C GLU A 68 6.15 -7.96 -24.22
N GLU A 69 6.11 -7.73 -25.51
CA GLU A 69 7.34 -7.89 -26.35
C GLU A 69 8.54 -7.33 -25.58
N ILE A 70 8.46 -6.12 -25.10
CA ILE A 70 9.60 -5.55 -24.32
C ILE A 70 10.05 -6.58 -23.28
N ILE A 71 9.21 -6.83 -22.31
CA ILE A 71 9.56 -7.82 -21.24
C ILE A 71 10.31 -9.01 -21.84
N LYS A 72 9.75 -9.64 -22.83
CA LYS A 72 10.46 -10.81 -23.45
C LYS A 72 11.88 -10.40 -23.79
N MET A 73 12.04 -9.49 -24.69
CA MET A 73 13.40 -9.04 -25.09
C MET A 73 14.26 -8.90 -23.83
N GLY A 74 13.75 -8.25 -22.82
CA GLY A 74 14.56 -8.04 -21.56
C GLY A 74 14.69 -9.38 -20.78
N GLU A 75 13.94 -10.39 -21.14
CA GLU A 75 14.07 -11.68 -20.40
C GLU A 75 15.27 -12.45 -20.96
N THR A 76 15.54 -12.29 -22.22
CA THR A 76 16.71 -13.02 -22.81
C THR A 76 18.00 -12.26 -22.47
N VAL A 77 17.92 -10.97 -22.30
CA VAL A 77 19.14 -10.19 -21.96
C VAL A 77 18.74 -8.99 -21.09
N LEU A 78 19.26 -8.90 -19.89
CA LEU A 78 18.92 -7.76 -19.01
C LEU A 78 20.18 -7.29 -18.27
N GLY B 18 -12.54 -13.05 39.47
CA GLY B 18 -12.28 -14.04 38.39
C GLY B 18 -11.08 -13.57 37.55
N PRO B 19 -11.09 -12.32 37.16
CA PRO B 19 -9.99 -11.72 36.35
C PRO B 19 -8.73 -11.46 37.18
N ASN B 20 -7.74 -10.85 36.59
CA ASN B 20 -6.50 -10.54 37.34
C ASN B 20 -5.86 -9.28 36.75
N LYS B 21 -5.38 -8.40 37.58
CA LYS B 21 -4.78 -7.12 37.09
C LYS B 21 -3.80 -7.38 35.93
N GLU B 22 -3.26 -8.56 35.82
CA GLU B 22 -2.30 -8.80 34.71
C GLU B 22 -3.06 -8.97 33.39
N THR B 23 -4.33 -9.29 33.44
CA THR B 23 -5.09 -9.47 32.18
C THR B 23 -5.60 -8.11 31.68
N ILE B 24 -6.11 -7.27 32.55
CA ILE B 24 -6.59 -5.94 32.07
C ILE B 24 -5.40 -5.17 31.50
N ASN B 25 -4.29 -5.19 32.18
CA ASN B 25 -3.10 -4.45 31.69
C ASN B 25 -2.50 -5.19 30.48
N ARG B 26 -2.51 -6.49 30.48
CA ARG B 26 -1.93 -7.22 29.33
C ARG B 26 -2.55 -6.70 28.03
N GLU B 27 -3.83 -6.50 28.02
CA GLU B 27 -4.46 -5.98 26.78
C GLU B 27 -4.09 -4.50 26.65
N VAL B 28 -4.64 -3.68 27.51
CA VAL B 28 -4.35 -2.21 27.46
C VAL B 28 -2.87 -1.97 27.12
N SER B 29 -1.99 -2.83 27.53
CA SER B 29 -0.54 -2.64 27.19
C SER B 29 -0.34 -2.85 25.70
N ILE B 30 -0.55 -4.05 25.23
CA ILE B 30 -0.37 -4.32 23.77
C ILE B 30 -1.39 -3.48 22.99
N LEU B 31 -2.33 -2.91 23.69
CA LEU B 31 -3.36 -2.05 23.03
C LEU B 31 -2.68 -0.76 22.54
N ARG B 32 -1.96 -0.11 23.41
CA ARG B 32 -1.26 1.14 23.01
C ARG B 32 -0.20 0.81 21.97
N HIS B 33 0.49 -0.29 22.15
CA HIS B 33 1.54 -0.68 21.16
C HIS B 33 0.88 -1.03 19.82
N SER B 34 -0.16 -1.83 19.87
CA SER B 34 -0.87 -2.20 18.61
C SER B 34 -1.42 -0.93 17.97
N TYR B 35 -1.82 0.01 18.78
CA TYR B 35 -2.36 1.28 18.23
C TYR B 35 -1.21 2.09 17.62
N GLN B 36 -0.18 2.31 18.38
CA GLN B 36 0.99 3.10 17.87
C GLN B 36 1.49 2.49 16.55
N LYS B 37 1.18 1.26 16.28
CA LYS B 37 1.65 0.65 15.00
C LYS B 37 0.67 1.01 13.88
N GLU B 38 -0.59 0.87 14.12
CA GLU B 38 -1.59 1.21 13.06
C GLU B 38 -1.37 2.66 12.60
N ILE B 39 -1.22 3.57 13.52
CA ILE B 39 -0.99 4.99 13.11
C ILE B 39 0.32 5.06 12.33
N GLN B 40 1.39 4.54 12.86
CA GLN B 40 2.68 4.60 12.10
C GLN B 40 2.41 4.06 10.69
N ALA B 41 1.54 3.10 10.56
CA ALA B 41 1.23 2.56 9.22
C ALA B 41 0.78 3.70 8.32
N LYS B 42 -0.35 4.29 8.62
CA LYS B 42 -0.86 5.41 7.79
C LYS B 42 0.31 6.33 7.39
N GLU B 43 1.29 6.46 8.25
CA GLU B 43 2.44 7.36 7.90
C GLU B 43 3.21 6.73 6.73
N THR B 44 3.28 5.42 6.71
CA THR B 44 3.98 4.74 5.56
C THR B 44 3.06 4.81 4.35
N MET B 45 1.90 4.20 4.43
CA MET B 45 0.94 4.24 3.28
C MET B 45 0.88 5.65 2.71
N LYS B 46 1.01 6.64 3.55
CA LYS B 46 0.96 8.04 3.04
C LYS B 46 2.17 8.27 2.13
N GLU B 47 3.34 8.10 2.66
CA GLU B 47 4.57 8.29 1.85
C GLU B 47 4.39 7.57 0.50
N VAL B 48 3.84 6.40 0.52
CA VAL B 48 3.65 5.66 -0.76
C VAL B 48 2.86 6.55 -1.73
N LEU B 49 1.58 6.71 -1.49
CA LEU B 49 0.74 7.55 -2.42
C LEU B 49 1.53 8.77 -2.90
N SER B 50 2.22 9.46 -2.04
CA SER B 50 3.01 10.63 -2.49
C SER B 50 3.86 10.18 -3.68
N ASP B 51 4.46 9.03 -3.54
CA ASP B 51 5.29 8.48 -4.63
C ASP B 51 4.37 8.02 -5.77
N ASN B 52 3.48 7.09 -5.51
CA ASN B 52 2.55 6.62 -6.57
C ASN B 52 2.01 7.80 -7.36
N MET B 53 1.86 8.93 -6.71
CA MET B 53 1.34 10.13 -7.40
C MET B 53 2.36 10.64 -8.41
N GLU B 54 3.51 11.05 -7.95
CA GLU B 54 4.55 11.56 -8.90
C GLU B 54 4.68 10.58 -10.06
N VAL B 55 4.76 9.31 -9.78
CA VAL B 55 4.87 8.30 -10.88
C VAL B 55 3.81 8.62 -11.93
N LEU B 56 2.56 8.37 -11.64
CA LEU B 56 1.48 8.64 -12.64
C LEU B 56 1.72 9.99 -13.32
N SER B 57 2.12 10.99 -12.58
CA SER B 57 2.38 12.33 -13.22
C SER B 57 3.55 12.20 -14.19
N ASP B 58 4.41 11.25 -13.97
CA ASP B 58 5.58 11.09 -14.87
C ASP B 58 5.11 10.42 -16.18
N HIS B 59 4.77 9.17 -16.11
CA HIS B 59 4.34 8.43 -17.35
C HIS B 59 3.10 9.07 -18.00
N ILE B 60 2.49 10.05 -17.39
CA ILE B 60 1.31 10.66 -18.08
C ILE B 60 1.80 11.27 -19.40
N VAL B 61 1.84 10.46 -20.43
CA VAL B 61 2.32 10.95 -21.76
C VAL B 61 1.72 12.31 -22.07
N ILE B 62 2.44 13.10 -22.82
CA ILE B 62 1.95 14.47 -23.16
C ILE B 62 2.78 15.00 -24.32
N GLU B 63 2.26 16.00 -24.97
CA GLU B 63 2.97 16.63 -26.11
C GLU B 63 3.28 15.57 -27.18
N GLY B 64 3.04 15.89 -28.42
CA GLY B 64 3.32 14.91 -29.51
C GLY B 64 2.29 13.78 -29.45
N LEU B 65 2.04 13.24 -28.28
CA LEU B 65 1.05 12.14 -28.15
C LEU B 65 0.07 12.50 -27.03
N SER B 66 -1.20 12.59 -27.33
CA SER B 66 -2.17 12.96 -26.28
C SER B 66 -2.66 11.71 -25.52
N ALA B 67 -2.64 11.74 -24.20
CA ALA B 67 -3.08 10.56 -23.41
C ALA B 67 -4.35 9.97 -24.04
N GLU B 68 -5.16 10.79 -24.65
CA GLU B 68 -6.39 10.25 -25.30
C GLU B 68 -5.98 9.33 -26.45
N GLU B 69 -4.99 9.73 -27.20
CA GLU B 69 -4.53 8.89 -28.34
C GLU B 69 -3.87 7.61 -27.81
N ILE B 70 -2.96 7.73 -26.88
CA ILE B 70 -2.31 6.52 -26.34
C ILE B 70 -3.37 5.63 -25.69
N ILE B 71 -4.41 6.23 -25.16
CA ILE B 71 -5.50 5.43 -24.53
C ILE B 71 -6.19 4.63 -25.63
N LYS B 72 -6.39 5.22 -26.78
CA LYS B 72 -7.05 4.48 -27.89
C LYS B 72 -6.26 3.20 -28.18
N MET B 73 -4.96 3.31 -28.30
CA MET B 73 -4.13 2.10 -28.56
C MET B 73 -4.25 1.16 -27.36
N GLY B 74 -4.58 1.71 -26.21
CA GLY B 74 -4.72 0.85 -24.99
C GLY B 74 -6.17 0.38 -24.86
N GLU B 75 -7.06 0.86 -25.71
CA GLU B 75 -8.48 0.42 -25.62
C GLU B 75 -8.70 -0.78 -26.54
N THR B 76 -8.06 -0.78 -27.69
CA THR B 76 -8.23 -1.93 -28.63
C THR B 76 -7.79 -3.21 -27.95
N VAL B 77 -6.68 -3.17 -27.27
CA VAL B 77 -6.19 -4.39 -26.56
C VAL B 77 -6.79 -4.45 -25.16
N LEU B 78 -7.14 -5.62 -24.71
CA LEU B 78 -7.74 -5.74 -23.35
C LEU B 78 -9.08 -5.01 -23.32
N GLY C 18 -22.24 -18.99 29.27
CA GLY C 18 -22.02 -17.87 28.31
C GLY C 18 -20.58 -17.36 28.45
N PRO C 19 -20.28 -16.26 27.81
CA PRO C 19 -18.92 -15.65 27.85
C PRO C 19 -18.40 -15.52 29.29
N ASN C 20 -17.11 -15.43 29.47
CA ASN C 20 -16.55 -15.31 30.85
C ASN C 20 -15.05 -15.08 30.76
N LYS C 21 -14.35 -15.38 31.81
CA LYS C 21 -12.87 -15.21 31.80
C LYS C 21 -12.28 -15.86 30.54
N GLU C 22 -13.08 -16.59 29.81
CA GLU C 22 -12.57 -17.23 28.56
C GLU C 22 -12.63 -16.20 27.42
N THR C 23 -13.78 -15.65 27.17
CA THR C 23 -13.90 -14.67 26.08
C THR C 23 -12.79 -13.61 26.21
N ILE C 24 -12.53 -13.09 27.38
CA ILE C 24 -11.41 -12.09 27.47
C ILE C 24 -10.15 -12.82 27.01
N ASN C 25 -9.80 -13.91 27.67
CA ASN C 25 -8.57 -14.66 27.26
C ASN C 25 -8.51 -14.75 25.74
N ARG C 26 -9.60 -15.08 25.10
CA ARG C 26 -9.57 -15.16 23.61
C ARG C 26 -9.10 -13.81 23.10
N GLU C 27 -9.75 -12.76 23.53
CA GLU C 27 -9.35 -11.39 23.09
C GLU C 27 -7.83 -11.27 23.19
N VAL C 28 -7.31 -11.22 24.39
CA VAL C 28 -5.83 -11.11 24.57
C VAL C 28 -5.12 -12.11 23.64
N SER C 29 -5.84 -13.09 23.16
CA SER C 29 -5.21 -14.09 22.25
C SER C 29 -5.11 -13.49 20.84
N ILE C 30 -6.23 -13.22 20.20
CA ILE C 30 -6.16 -12.61 18.85
C ILE C 30 -5.39 -11.30 18.98
N LEU C 31 -5.39 -10.74 20.16
CA LEU C 31 -4.66 -9.47 20.41
C LEU C 31 -3.19 -9.68 20.00
N ARG C 32 -2.45 -10.42 20.78
CA ARG C 32 -1.02 -10.66 20.43
C ARG C 32 -0.91 -11.18 18.99
N HIS C 33 -1.98 -11.72 18.47
CA HIS C 33 -1.95 -12.24 17.07
C HIS C 33 -1.99 -11.06 16.10
N SER C 34 -3.08 -10.32 16.10
CA SER C 34 -3.19 -9.16 15.19
C SER C 34 -1.89 -8.36 15.23
N TYR C 35 -1.17 -8.46 16.33
CA TYR C 35 0.12 -7.73 16.43
C TYR C 35 1.10 -8.37 15.45
N GLN C 36 1.45 -9.61 15.68
CA GLN C 36 2.41 -10.30 14.76
C GLN C 36 2.00 -10.03 13.31
N LYS C 37 0.77 -9.66 13.09
CA LYS C 37 0.33 -9.37 11.70
C LYS C 37 0.71 -7.92 11.38
N GLU C 38 0.19 -6.99 12.14
CA GLU C 38 0.51 -5.55 11.91
C GLU C 38 2.01 -5.38 11.59
N ILE C 39 2.87 -6.02 12.34
CA ILE C 39 4.32 -5.88 12.05
C ILE C 39 4.61 -6.56 10.71
N GLN C 40 4.40 -7.85 10.60
CA GLN C 40 4.67 -8.54 9.30
C GLN C 40 4.14 -7.68 8.16
N ALA C 41 2.91 -7.23 8.26
CA ALA C 41 2.35 -6.38 7.18
C ALA C 41 3.34 -5.26 6.87
N LYS C 42 3.66 -4.47 7.86
CA LYS C 42 4.62 -3.34 7.63
C LYS C 42 5.76 -3.83 6.73
N GLU C 43 6.20 -5.04 6.93
CA GLU C 43 7.33 -5.57 6.08
C GLU C 43 6.88 -5.65 4.63
N THR C 44 5.63 -5.92 4.41
CA THR C 44 5.11 -5.98 3.00
C THR C 44 5.01 -4.55 2.45
N MET C 45 4.33 -3.68 3.13
CA MET C 45 4.21 -2.28 2.65
C MET C 45 5.62 -1.74 2.37
N LYS C 46 6.57 -2.12 3.17
CA LYS C 46 7.96 -1.65 2.94
C LYS C 46 8.40 -2.05 1.54
N GLU C 47 8.37 -3.33 1.26
CA GLU C 47 8.78 -3.82 -0.09
C GLU C 47 8.17 -2.91 -1.16
N VAL C 48 6.91 -2.56 -1.01
CA VAL C 48 6.28 -1.67 -2.03
C VAL C 48 7.17 -0.45 -2.23
N LEU C 49 7.40 0.32 -1.19
CA LEU C 49 8.27 1.53 -1.34
C LEU C 49 9.51 1.16 -2.14
N SER C 50 10.17 0.09 -1.77
CA SER C 50 11.40 -0.32 -2.50
C SER C 50 11.12 -0.32 -4.01
N ASP C 51 9.94 -0.70 -4.40
CA ASP C 51 9.60 -0.70 -5.85
C ASP C 51 9.23 0.71 -6.29
N ASN C 52 8.40 1.38 -5.53
CA ASN C 52 8.02 2.78 -5.90
C ASN C 52 9.28 3.63 -6.01
N MET C 53 10.30 3.29 -5.27
CA MET C 53 11.56 4.08 -5.32
C MET C 53 12.32 3.78 -6.62
N GLU C 54 12.66 2.53 -6.84
CA GLU C 54 13.41 2.19 -8.09
C GLU C 54 12.58 2.63 -9.30
N VAL C 55 11.30 2.40 -9.26
CA VAL C 55 10.44 2.79 -10.41
C VAL C 55 10.66 4.27 -10.76
N LEU C 56 10.36 5.17 -9.85
CA LEU C 56 10.55 6.62 -10.16
C LEU C 56 12.02 6.89 -10.52
N SER C 57 12.93 6.33 -9.77
CA SER C 57 14.38 6.56 -10.05
C SER C 57 14.76 5.86 -11.37
N ASP C 58 13.89 5.05 -11.90
CA ASP C 58 14.22 4.36 -13.19
C ASP C 58 13.87 5.31 -14.34
N HIS C 59 12.83 6.08 -14.18
CA HIS C 59 12.44 7.03 -15.26
C HIS C 59 13.44 8.18 -15.32
N ILE C 60 13.55 8.95 -14.25
CA ILE C 60 14.50 10.11 -14.23
C ILE C 60 14.70 10.65 -15.65
N VAL C 61 13.79 11.46 -16.11
CA VAL C 61 13.90 12.00 -17.49
C VAL C 61 15.16 12.85 -17.62
N ILE C 62 15.83 12.76 -18.75
CA ILE C 62 17.08 13.54 -18.94
C ILE C 62 17.41 13.67 -20.42
N GLU C 63 18.30 14.56 -20.72
CA GLU C 63 18.75 14.81 -22.12
C GLU C 63 17.59 15.21 -23.02
N GLY C 64 17.36 16.49 -23.11
CA GLY C 64 16.25 17.02 -23.97
C GLY C 64 15.09 17.44 -23.08
N LEU C 65 14.64 16.55 -22.24
CA LEU C 65 13.51 16.87 -21.35
C LEU C 65 13.96 16.67 -19.90
N SER C 66 14.00 17.71 -19.12
CA SER C 66 14.49 17.58 -17.73
C SER C 66 13.37 17.13 -16.79
N ALA C 67 13.67 17.05 -15.53
CA ALA C 67 12.64 16.65 -14.54
C ALA C 67 11.80 17.89 -14.22
N GLU C 68 12.40 19.04 -14.31
CA GLU C 68 11.66 20.30 -14.01
C GLU C 68 10.53 20.47 -15.02
N GLU C 69 10.75 20.14 -16.26
CA GLU C 69 9.66 20.31 -17.25
C GLU C 69 8.60 19.24 -17.00
N ILE C 70 8.91 18.00 -17.29
CA ILE C 70 7.90 16.92 -17.08
C ILE C 70 7.21 17.10 -15.72
N ILE C 71 7.94 17.43 -14.68
CA ILE C 71 7.27 17.59 -13.35
C ILE C 71 6.49 18.91 -13.33
N LYS C 72 6.79 19.83 -14.21
CA LYS C 72 6.01 21.10 -14.22
C LYS C 72 4.57 20.76 -14.62
N MET C 73 4.41 19.97 -15.64
CA MET C 73 3.05 19.57 -16.08
C MET C 73 2.46 18.64 -15.02
N GLY C 74 3.30 17.94 -14.30
CA GLY C 74 2.80 17.02 -13.23
C GLY C 74 2.61 17.83 -11.94
N GLU C 75 2.96 19.10 -11.94
CA GLU C 75 2.78 19.92 -10.71
C GLU C 75 1.42 20.62 -10.77
N THR C 76 1.07 21.17 -11.91
CA THR C 76 -0.24 21.87 -12.02
C THR C 76 -1.37 20.87 -11.79
N VAL C 77 -1.53 19.91 -12.66
CA VAL C 77 -2.63 18.92 -12.47
C VAL C 77 -2.25 17.93 -11.36
N LEU C 78 -2.88 18.03 -10.23
CA LEU C 78 -2.57 17.11 -9.10
C LEU C 78 -1.05 17.01 -8.94
N GLY D 18 -23.80 -0.33 32.09
CA GLY D 18 -22.68 -0.01 31.16
C GLY D 18 -21.77 -1.23 31.04
N PRO D 19 -21.21 -1.67 32.14
CA PRO D 19 -20.31 -2.85 32.16
C PRO D 19 -21.08 -4.16 32.25
N ASN D 20 -20.77 -5.12 31.42
CA ASN D 20 -21.50 -6.41 31.47
C ASN D 20 -21.05 -7.25 30.27
N LYS D 21 -21.53 -8.45 30.15
CA LYS D 21 -21.13 -9.32 29.01
C LYS D 21 -21.18 -8.53 27.69
N GLU D 22 -21.81 -7.39 27.69
CA GLU D 22 -21.90 -6.58 26.44
C GLU D 22 -20.58 -5.85 26.19
N THR D 23 -19.80 -5.58 27.19
CA THR D 23 -18.52 -4.86 26.99
C THR D 23 -17.43 -5.84 26.54
N ILE D 24 -17.41 -7.03 27.09
CA ILE D 24 -16.36 -8.01 26.64
C ILE D 24 -16.66 -8.39 25.20
N ASN D 25 -17.91 -8.69 24.90
CA ASN D 25 -18.25 -9.06 23.51
C ASN D 25 -18.10 -7.84 22.59
N ARG D 26 -18.40 -6.68 23.10
CA ARG D 26 -18.26 -5.47 22.25
C ARG D 26 -16.84 -5.44 21.70
N GLU D 27 -15.89 -5.78 22.51
CA GLU D 27 -14.49 -5.79 22.03
C GLU D 27 -14.30 -7.02 21.14
N VAL D 28 -14.31 -8.19 21.72
CA VAL D 28 -14.13 -9.44 20.91
C VAL D 28 -14.90 -9.35 19.59
N SER D 29 -16.01 -8.68 19.57
CA SER D 29 -16.78 -8.57 18.30
C SER D 29 -16.00 -7.70 17.31
N ILE D 30 -15.80 -6.46 17.65
CA ILE D 30 -15.03 -5.56 16.74
C ILE D 30 -13.62 -6.11 16.59
N LEU D 31 -13.26 -7.04 17.43
CA LEU D 31 -11.89 -7.66 17.38
C LEU D 31 -11.82 -8.59 16.18
N ARG D 32 -12.73 -9.52 16.08
CA ARG D 32 -12.73 -10.46 14.93
C ARG D 32 -12.84 -9.67 13.63
N HIS D 33 -13.72 -8.71 13.59
CA HIS D 33 -13.87 -7.90 12.34
C HIS D 33 -12.51 -7.29 11.98
N SER D 34 -11.78 -6.84 12.96
CA SER D 34 -10.44 -6.27 12.66
C SER D 34 -9.56 -7.36 12.03
N TYR D 35 -9.75 -8.59 12.46
CA TYR D 35 -8.95 -9.70 11.88
C TYR D 35 -9.35 -9.87 10.41
N GLN D 36 -10.60 -10.11 10.15
CA GLN D 36 -11.06 -10.30 8.74
C GLN D 36 -10.60 -9.13 7.88
N LYS D 37 -10.26 -8.01 8.48
CA LYS D 37 -9.80 -6.85 7.67
C LYS D 37 -8.30 -6.98 7.42
N GLU D 38 -7.53 -7.27 8.44
CA GLU D 38 -6.06 -7.42 8.25
C GLU D 38 -5.80 -8.42 7.12
N ILE D 39 -6.46 -9.55 7.14
CA ILE D 39 -6.24 -10.54 6.05
C ILE D 39 -6.74 -9.93 4.75
N GLN D 40 -7.89 -9.31 4.76
CA GLN D 40 -8.40 -8.67 3.50
C GLN D 40 -7.31 -7.75 2.97
N ALA D 41 -6.68 -7.00 3.83
CA ALA D 41 -5.59 -6.10 3.36
C ALA D 41 -4.59 -6.90 2.55
N LYS D 42 -3.90 -7.81 3.18
CA LYS D 42 -2.88 -8.63 2.45
C LYS D 42 -3.43 -9.01 1.06
N GLU D 43 -4.71 -9.19 0.94
CA GLU D 43 -5.28 -9.56 -0.40
C GLU D 43 -5.10 -8.37 -1.34
N THR D 44 -5.26 -7.18 -0.83
CA THR D 44 -5.06 -5.97 -1.69
C THR D 44 -3.55 -5.74 -1.86
N MET D 45 -2.85 -5.48 -0.79
CA MET D 45 -1.37 -5.25 -0.87
C MET D 45 -0.74 -6.27 -1.83
N LYS D 46 -1.25 -7.48 -1.84
CA LYS D 46 -0.69 -8.50 -2.76
C LYS D 46 -0.98 -8.09 -4.20
N GLU D 47 -2.23 -7.93 -4.52
CA GLU D 47 -2.60 -7.53 -5.91
C GLU D 47 -1.71 -6.38 -6.35
N VAL D 48 -1.43 -5.45 -5.46
CA VAL D 48 -0.57 -4.30 -5.83
C VAL D 48 0.77 -4.84 -6.34
N LEU D 49 1.60 -5.34 -5.46
CA LEU D 49 2.95 -5.85 -5.89
C LEU D 49 2.85 -6.56 -7.23
N SER D 50 1.85 -7.38 -7.43
CA SER D 50 1.72 -8.06 -8.76
C SER D 50 1.77 -6.98 -9.83
N ASP D 51 1.06 -5.91 -9.61
CA ASP D 51 1.06 -4.78 -10.58
C ASP D 51 2.42 -4.08 -10.51
N ASN D 52 2.78 -3.57 -9.36
CA ASN D 52 4.08 -2.86 -9.22
C ASN D 52 5.18 -3.67 -9.92
N MET D 53 5.04 -4.97 -9.94
CA MET D 53 6.06 -5.82 -10.61
C MET D 53 6.01 -5.60 -12.12
N GLU D 54 4.89 -5.88 -12.73
CA GLU D 54 4.78 -5.69 -14.22
C GLU D 54 5.40 -4.33 -14.58
N VAL D 55 5.02 -3.29 -13.88
CA VAL D 55 5.61 -1.95 -14.17
C VAL D 55 7.14 -2.11 -14.28
N LEU D 56 7.79 -2.38 -13.18
CA LEU D 56 9.29 -2.54 -13.21
C LEU D 56 9.72 -3.30 -14.47
N SER D 57 9.06 -4.38 -14.79
CA SER D 57 9.44 -5.17 -16.01
C SER D 57 9.25 -4.33 -17.27
N ASP D 58 8.46 -3.31 -17.20
CA ASP D 58 8.26 -2.47 -18.41
C ASP D 58 9.40 -1.46 -18.52
N HIS D 59 9.46 -0.55 -17.61
CA HIS D 59 10.52 0.50 -17.65
C HIS D 59 11.94 -0.06 -17.69
N ILE D 60 12.17 -1.33 -17.45
CA ILE D 60 13.59 -1.81 -17.55
C ILE D 60 14.09 -1.52 -18.97
N VAL D 61 14.60 -0.35 -19.19
CA VAL D 61 15.09 0.03 -20.55
C VAL D 61 15.95 -1.08 -21.16
N ILE D 62 15.92 -1.17 -22.47
CA ILE D 62 16.72 -2.22 -23.18
C ILE D 62 16.90 -1.80 -24.62
N GLU D 63 17.89 -2.36 -25.25
CA GLU D 63 18.17 -2.04 -26.68
C GLU D 63 18.38 -0.53 -26.83
N GLY D 64 19.33 -0.14 -27.62
CA GLY D 64 19.58 1.31 -27.80
C GLY D 64 20.22 1.88 -26.52
N LEU D 65 19.65 1.58 -25.37
CA LEU D 65 20.21 2.10 -24.11
C LEU D 65 20.31 0.95 -23.10
N SER D 66 21.37 0.90 -22.33
CA SER D 66 21.52 -0.22 -21.35
C SER D 66 21.19 0.29 -19.93
N ALA D 67 20.47 -0.48 -19.17
CA ALA D 67 20.12 -0.04 -17.78
C ALA D 67 21.37 0.52 -17.09
N GLU D 68 22.49 -0.13 -17.25
CA GLU D 68 23.74 0.38 -16.62
C GLU D 68 23.97 1.82 -17.07
N GLU D 69 23.94 2.06 -18.36
CA GLU D 69 24.15 3.44 -18.86
C GLU D 69 23.15 4.39 -18.17
N ILE D 70 21.94 3.94 -18.02
CA ILE D 70 20.91 4.80 -17.36
C ILE D 70 21.31 5.01 -15.89
N ILE D 71 21.61 3.95 -15.19
CA ILE D 71 22.01 4.10 -13.77
C ILE D 71 23.08 5.19 -13.65
N LYS D 72 24.05 5.18 -14.52
CA LYS D 72 25.11 6.22 -14.46
C LYS D 72 24.47 7.61 -14.53
N MET D 73 23.86 7.94 -15.64
CA MET D 73 23.21 9.27 -15.75
C MET D 73 22.20 9.45 -14.61
N GLY D 74 21.88 8.38 -13.92
CA GLY D 74 20.91 8.49 -12.79
C GLY D 74 21.69 8.63 -11.46
N GLU D 75 22.99 8.44 -11.47
CA GLU D 75 23.77 8.56 -10.20
C GLU D 75 24.36 9.98 -10.11
N THR D 76 24.74 10.54 -11.22
CA THR D 76 25.33 11.91 -11.20
C THR D 76 24.46 12.82 -10.32
N VAL D 77 23.16 12.75 -10.49
CA VAL D 77 22.25 13.61 -9.68
C VAL D 77 20.87 12.97 -9.62
N LEU D 78 20.37 12.73 -8.43
CA LEU D 78 19.03 12.11 -8.30
C LEU D 78 18.99 10.81 -9.12
N GLY A 18 -8.27 -1.43 41.16
CA GLY A 18 -8.51 -2.70 40.40
C GLY A 18 -9.34 -2.39 39.14
N PRO A 19 -9.77 -3.41 38.45
CA PRO A 19 -10.58 -3.26 37.21
C PRO A 19 -11.75 -2.29 37.41
N ASN A 20 -12.13 -1.57 36.38
CA ASN A 20 -13.26 -0.62 36.52
C ASN A 20 -13.92 -0.43 35.15
N LYS A 21 -15.23 -0.39 35.13
CA LYS A 21 -15.96 -0.24 33.83
C LYS A 21 -15.25 0.75 32.91
N GLU A 22 -14.46 1.64 33.45
CA GLU A 22 -13.76 2.62 32.57
C GLU A 22 -12.66 1.92 31.76
N THR A 23 -12.19 0.78 32.21
CA THR A 23 -11.12 0.07 31.48
C THR A 23 -11.73 -0.80 30.36
N ILE A 24 -12.75 -1.57 30.63
CA ILE A 24 -13.35 -2.39 29.53
C ILE A 24 -13.82 -1.45 28.42
N ASN A 25 -14.31 -0.31 28.80
CA ASN A 25 -14.80 0.68 27.79
C ASN A 25 -13.62 1.26 27.00
N ARG A 26 -12.55 1.60 27.65
CA ARG A 26 -11.40 2.19 26.91
C ARG A 26 -10.95 1.24 25.80
N GLU A 27 -10.84 -0.02 26.09
CA GLU A 27 -10.41 -0.99 25.04
C GLU A 27 -11.52 -1.11 23.98
N VAL A 28 -12.75 -1.11 24.41
CA VAL A 28 -13.87 -1.23 23.41
C VAL A 28 -14.00 0.09 22.63
N SER A 29 -13.52 1.17 23.18
CA SER A 29 -13.61 2.48 22.48
C SER A 29 -12.68 2.46 21.27
N ILE A 30 -11.41 2.28 21.50
CA ILE A 30 -10.45 2.25 20.36
C ILE A 30 -10.91 1.15 19.39
N LEU A 31 -11.47 0.10 19.93
CA LEU A 31 -11.97 -1.02 19.08
C LEU A 31 -12.82 -0.44 17.95
N ARG A 32 -13.85 0.30 18.31
CA ARG A 32 -14.74 0.88 17.26
C ARG A 32 -13.90 1.75 16.31
N HIS A 33 -13.11 2.64 16.84
CA HIS A 33 -12.28 3.51 15.95
C HIS A 33 -11.44 2.63 15.02
N SER A 34 -10.75 1.67 15.57
CA SER A 34 -9.92 0.77 14.72
C SER A 34 -10.73 0.32 13.51
N TYR A 35 -11.94 -0.12 13.71
CA TYR A 35 -12.77 -0.55 12.56
C TYR A 35 -12.79 0.55 11.51
N GLN A 36 -13.17 1.74 11.89
CA GLN A 36 -13.20 2.86 10.92
C GLN A 36 -11.93 2.86 10.08
N LYS A 37 -10.80 3.08 10.69
CA LYS A 37 -9.52 3.09 9.92
C LYS A 37 -9.50 1.90 8.94
N GLU A 38 -9.83 0.72 9.41
CA GLU A 38 -9.81 -0.48 8.52
C GLU A 38 -10.63 -0.18 7.25
N ILE A 39 -11.92 -0.03 7.37
CA ILE A 39 -12.73 0.25 6.15
C ILE A 39 -12.09 1.42 5.38
N GLN A 40 -11.82 2.51 6.06
CA GLN A 40 -11.17 3.67 5.36
C GLN A 40 -9.87 3.21 4.70
N ALA A 41 -9.42 2.03 5.02
CA ALA A 41 -8.16 1.52 4.39
C ALA A 41 -8.49 0.77 3.12
N LYS A 42 -9.48 -0.07 3.17
CA LYS A 42 -9.85 -0.83 1.94
C LYS A 42 -10.09 0.16 0.80
N GLU A 43 -10.59 1.33 1.11
CA GLU A 43 -10.84 2.32 0.03
C GLU A 43 -9.53 3.01 -0.37
N THR A 44 -8.80 3.56 0.57
CA THR A 44 -7.51 4.22 0.18
C THR A 44 -6.67 3.22 -0.61
N MET A 45 -6.81 1.96 -0.31
CA MET A 45 -6.03 0.92 -1.04
C MET A 45 -6.51 0.87 -2.50
N LYS A 46 -7.78 0.66 -2.70
CA LYS A 46 -8.33 0.59 -4.08
C LYS A 46 -7.77 1.77 -4.89
N GLU A 47 -7.47 2.86 -4.24
CA GLU A 47 -6.90 4.02 -4.97
C GLU A 47 -5.48 3.67 -5.43
N VAL A 48 -4.66 3.22 -4.52
CA VAL A 48 -3.27 2.85 -4.89
C VAL A 48 -3.28 2.01 -6.17
N LEU A 49 -4.21 1.10 -6.29
CA LEU A 49 -4.28 0.25 -7.52
C LEU A 49 -4.69 1.12 -8.70
N SER A 50 -5.73 1.89 -8.54
CA SER A 50 -6.20 2.76 -9.66
C SER A 50 -5.00 3.49 -10.29
N ASP A 51 -4.14 4.05 -9.48
CA ASP A 51 -2.96 4.77 -10.04
C ASP A 51 -1.98 3.75 -10.61
N ASN A 52 -1.93 2.58 -10.03
CA ASN A 52 -1.01 1.52 -10.54
C ASN A 52 -1.47 1.08 -11.93
N MET A 53 -2.66 0.56 -12.04
CA MET A 53 -3.17 0.11 -13.35
C MET A 53 -2.99 1.22 -14.39
N GLU A 54 -3.39 2.42 -14.07
CA GLU A 54 -3.25 3.54 -15.05
C GLU A 54 -1.84 3.52 -15.64
N VAL A 55 -0.84 3.56 -14.80
CA VAL A 55 0.57 3.55 -15.30
C VAL A 55 0.79 2.33 -16.20
N LEU A 56 0.14 1.24 -15.90
CA LEU A 56 0.31 0.03 -16.77
C LEU A 56 -0.46 0.26 -18.06
N SER A 57 -1.72 0.59 -17.96
CA SER A 57 -2.53 0.85 -19.18
C SER A 57 -1.73 1.75 -20.12
N ASP A 58 -0.76 2.46 -19.60
CA ASP A 58 0.06 3.33 -20.48
C ASP A 58 1.10 2.47 -21.19
N HIS A 59 2.00 1.89 -20.45
CA HIS A 59 3.05 1.04 -21.10
C HIS A 59 2.39 -0.22 -21.69
N ILE A 60 1.09 -0.26 -21.73
CA ILE A 60 0.39 -1.46 -22.30
C ILE A 60 1.09 -1.90 -23.58
N VAL A 61 0.75 -3.06 -24.05
CA VAL A 61 1.39 -3.56 -25.31
C VAL A 61 1.19 -2.53 -26.40
N ILE A 62 2.22 -2.23 -27.16
CA ILE A 62 2.02 -1.24 -28.28
C ILE A 62 2.86 -1.57 -29.51
N GLU A 63 2.30 -1.30 -30.67
CA GLU A 63 3.02 -1.56 -31.94
C GLU A 63 4.30 -0.75 -31.92
N GLY A 64 5.42 -1.40 -32.03
CA GLY A 64 6.70 -0.68 -31.93
C GLY A 64 7.20 -0.88 -30.52
N LEU A 65 6.35 -0.62 -29.55
CA LEU A 65 6.74 -0.81 -28.15
C LEU A 65 5.77 -1.81 -27.55
N SER A 66 5.79 -2.97 -28.11
CA SER A 66 4.93 -4.07 -27.63
C SER A 66 5.57 -4.59 -26.34
N ALA A 67 5.02 -4.30 -25.18
CA ALA A 67 5.70 -4.78 -23.94
C ALA A 67 6.13 -6.24 -24.11
N GLU A 68 5.35 -7.03 -24.81
CA GLU A 68 5.77 -8.44 -25.03
C GLU A 68 7.15 -8.46 -25.68
N GLU A 69 7.22 -8.07 -26.93
CA GLU A 69 8.53 -8.05 -27.65
C GLU A 69 9.63 -7.56 -26.71
N ILE A 70 9.47 -6.41 -26.12
CA ILE A 70 10.52 -5.90 -25.20
C ILE A 70 10.85 -6.98 -24.16
N ILE A 71 9.89 -7.35 -23.34
CA ILE A 71 10.12 -8.39 -22.28
C ILE A 71 11.16 -9.41 -22.77
N LYS A 72 10.95 -9.98 -23.92
CA LYS A 72 11.92 -10.98 -24.43
C LYS A 72 13.30 -10.32 -24.59
N MET A 73 13.36 -9.24 -25.30
CA MET A 73 14.66 -8.54 -25.48
C MET A 73 15.33 -8.45 -24.11
N GLY A 74 14.62 -7.92 -23.15
CA GLY A 74 15.22 -7.77 -21.77
C GLY A 74 15.47 -9.16 -21.16
N GLU A 75 14.95 -10.21 -21.74
CA GLU A 75 15.18 -11.57 -21.18
C GLU A 75 16.62 -12.00 -21.50
N THR A 76 17.06 -11.74 -22.70
CA THR A 76 18.45 -12.14 -23.08
C THR A 76 19.44 -11.40 -22.18
N VAL A 77 19.25 -10.13 -21.98
CA VAL A 77 20.19 -9.36 -21.11
C VAL A 77 19.83 -9.58 -19.64
N LEU A 78 18.81 -8.91 -19.16
CA LEU A 78 18.41 -9.09 -17.74
C LEU A 78 18.22 -10.58 -17.44
N GLY B 18 -12.44 -13.45 39.48
CA GLY B 18 -12.09 -14.34 38.34
C GLY B 18 -10.92 -13.76 37.55
N PRO B 19 -11.17 -12.68 36.85
CA PRO B 19 -10.11 -12.00 36.03
C PRO B 19 -8.92 -11.53 36.87
N ASN B 20 -8.01 -10.83 36.27
CA ASN B 20 -6.83 -10.34 37.02
C ASN B 20 -6.30 -9.07 36.37
N LYS B 21 -5.89 -8.12 37.17
CA LYS B 21 -5.37 -6.83 36.63
C LYS B 21 -4.37 -7.05 35.49
N GLU B 22 -3.73 -8.19 35.44
CA GLU B 22 -2.74 -8.41 34.35
C GLU B 22 -3.47 -8.71 33.04
N THR B 23 -4.72 -9.11 33.07
CA THR B 23 -5.44 -9.42 31.82
C THR B 23 -6.07 -8.14 31.26
N ILE B 24 -6.60 -7.27 32.09
CA ILE B 24 -7.19 -6.01 31.54
C ILE B 24 -6.06 -5.17 30.95
N ASN B 25 -4.97 -5.05 31.65
CA ASN B 25 -3.84 -4.23 31.14
C ASN B 25 -3.16 -4.95 29.97
N ARG B 26 -2.99 -6.24 30.05
CA ARG B 26 -2.33 -6.96 28.92
C ARG B 26 -3.05 -6.59 27.65
N GLU B 27 -4.35 -6.47 27.70
CA GLU B 27 -5.11 -6.10 26.49
C GLU B 27 -4.86 -4.62 26.20
N VAL B 28 -5.49 -3.75 26.94
CA VAL B 28 -5.31 -2.28 26.73
C VAL B 28 -3.84 -1.95 26.39
N SER B 29 -2.91 -2.73 26.88
CA SER B 29 -1.48 -2.44 26.58
C SER B 29 -1.22 -2.74 25.10
N ILE B 30 -1.26 -3.99 24.71
CA ILE B 30 -1.02 -4.34 23.29
C ILE B 30 -2.07 -3.64 22.43
N LEU B 31 -3.11 -3.17 23.07
CA LEU B 31 -4.20 -2.46 22.32
C LEU B 31 -3.63 -1.15 21.75
N ARG B 32 -2.99 -0.37 22.58
CA ARG B 32 -2.42 0.91 22.08
C ARG B 32 -1.30 0.60 21.08
N HIS B 33 -0.50 -0.39 21.37
CA HIS B 33 0.60 -0.74 20.42
C HIS B 33 0.00 -1.04 19.05
N SER B 34 -1.14 -1.69 19.02
CA SER B 34 -1.79 -1.99 17.72
C SER B 34 -2.17 -0.67 17.06
N TYR B 35 -2.95 0.14 17.74
CA TYR B 35 -3.36 1.46 17.17
C TYR B 35 -2.13 2.12 16.55
N GLN B 36 -1.06 2.20 17.30
CA GLN B 36 0.19 2.82 16.78
C GLN B 36 0.47 2.32 15.37
N LYS B 37 0.54 1.03 15.19
CA LYS B 37 0.83 0.49 13.84
C LYS B 37 -0.18 1.02 12.81
N GLU B 38 -1.43 1.07 13.18
CA GLU B 38 -2.47 1.58 12.22
C GLU B 38 -2.12 3.00 11.76
N ILE B 39 -1.91 3.90 12.69
CA ILE B 39 -1.56 5.30 12.29
C ILE B 39 -0.22 5.27 11.56
N GLN B 40 0.76 4.58 12.08
CA GLN B 40 2.07 4.52 11.38
C GLN B 40 1.85 3.99 9.97
N ALA B 41 0.88 3.13 9.79
CA ALA B 41 0.60 2.60 8.43
C ALA B 41 0.24 3.75 7.51
N LYS B 42 -0.87 4.40 7.76
CA LYS B 42 -1.30 5.55 6.91
C LYS B 42 -0.08 6.40 6.56
N GLU B 43 0.87 6.50 7.46
CA GLU B 43 2.09 7.33 7.16
C GLU B 43 2.83 6.66 6.00
N THR B 44 2.90 5.36 6.01
CA THR B 44 3.59 4.64 4.89
C THR B 44 2.73 4.75 3.64
N MET B 45 1.54 4.21 3.68
CA MET B 45 0.65 4.29 2.48
C MET B 45 0.67 5.70 1.91
N LYS B 46 0.88 6.68 2.75
CA LYS B 46 0.93 8.09 2.24
C LYS B 46 2.14 8.24 1.33
N GLU B 47 3.30 8.01 1.86
CA GLU B 47 4.53 8.14 1.02
C GLU B 47 4.34 7.38 -0.28
N VAL B 48 3.70 6.24 -0.24
CA VAL B 48 3.47 5.47 -1.50
C VAL B 48 2.73 6.36 -2.50
N LEU B 49 1.45 6.56 -2.28
CA LEU B 49 0.65 7.41 -3.23
C LEU B 49 1.47 8.62 -3.68
N SER B 50 2.14 9.28 -2.77
CA SER B 50 2.96 10.45 -3.19
C SER B 50 3.87 9.98 -4.33
N ASP B 51 4.45 8.83 -4.16
CA ASP B 51 5.32 8.26 -5.22
C ASP B 51 4.45 7.87 -6.43
N ASN B 52 3.52 6.96 -6.23
CA ASN B 52 2.64 6.53 -7.35
C ASN B 52 2.15 7.76 -8.11
N MET B 53 2.01 8.87 -7.45
CA MET B 53 1.54 10.11 -8.13
C MET B 53 2.68 10.71 -8.95
N GLU B 54 3.76 11.06 -8.31
CA GLU B 54 4.91 11.64 -9.08
C GLU B 54 5.22 10.73 -10.26
N VAL B 55 5.21 9.44 -10.03
CA VAL B 55 5.49 8.48 -11.13
C VAL B 55 4.52 8.76 -12.29
N LEU B 56 3.28 8.39 -12.14
CA LEU B 56 2.28 8.61 -13.25
C LEU B 56 2.49 10.00 -13.87
N SER B 57 2.75 11.00 -13.07
CA SER B 57 2.96 12.37 -13.64
C SER B 57 4.14 12.32 -14.63
N ASP B 58 5.23 11.78 -14.23
CA ASP B 58 6.41 11.71 -15.15
C ASP B 58 5.99 11.06 -16.47
N HIS B 59 5.65 9.81 -16.42
CA HIS B 59 5.27 9.05 -17.65
C HIS B 59 4.01 9.63 -18.34
N ILE B 60 3.35 10.60 -17.77
CA ILE B 60 2.17 11.16 -18.50
C ILE B 60 2.70 11.84 -19.77
N VAL B 61 2.62 11.15 -20.87
CA VAL B 61 3.14 11.70 -22.15
C VAL B 61 2.48 13.05 -22.46
N ILE B 62 3.16 13.87 -23.20
CA ILE B 62 2.62 15.21 -23.55
C ILE B 62 3.35 15.72 -24.78
N GLU B 63 2.73 16.64 -25.47
CA GLU B 63 3.34 17.22 -26.70
C GLU B 63 3.64 16.11 -27.71
N GLY B 64 3.38 16.35 -28.95
CA GLY B 64 3.66 15.30 -29.97
C GLY B 64 2.64 14.16 -29.82
N LEU B 65 2.41 13.69 -28.62
CA LEU B 65 1.46 12.58 -28.40
C LEU B 65 0.53 12.97 -27.25
N SER B 66 -0.73 12.69 -27.36
CA SER B 66 -1.69 13.04 -26.26
C SER B 66 -2.16 11.75 -25.57
N ALA B 67 -2.10 11.69 -24.25
CA ALA B 67 -2.53 10.47 -23.53
C ALA B 67 -3.81 9.91 -24.18
N GLU B 68 -4.60 10.76 -24.76
CA GLU B 68 -5.85 10.27 -25.43
C GLU B 68 -5.47 9.25 -26.51
N GLU B 69 -4.62 9.63 -27.43
CA GLU B 69 -4.21 8.68 -28.50
C GLU B 69 -3.66 7.40 -27.85
N ILE B 70 -2.81 7.55 -26.87
CA ILE B 70 -2.25 6.35 -26.19
C ILE B 70 -3.38 5.52 -25.59
N ILE B 71 -4.40 6.16 -25.10
CA ILE B 71 -5.55 5.40 -24.52
C ILE B 71 -6.25 4.64 -25.63
N LYS B 72 -6.42 5.25 -26.78
CA LYS B 72 -7.09 4.54 -27.91
C LYS B 72 -6.34 3.23 -28.18
N MET B 73 -5.05 3.24 -28.06
CA MET B 73 -4.28 1.99 -28.29
C MET B 73 -4.52 1.04 -27.13
N GLY B 74 -4.72 1.58 -25.96
CA GLY B 74 -4.98 0.70 -24.76
C GLY B 74 -6.47 0.33 -24.72
N GLU B 75 -7.27 0.88 -25.60
CA GLU B 75 -8.73 0.53 -25.59
C GLU B 75 -8.98 -0.63 -26.55
N THR B 76 -8.41 -0.58 -27.72
CA THR B 76 -8.63 -1.68 -28.70
C THR B 76 -8.13 -3.00 -28.11
N VAL B 77 -6.85 -3.12 -27.88
CA VAL B 77 -6.31 -4.38 -27.30
C VAL B 77 -7.09 -4.74 -26.04
N LEU B 78 -6.73 -4.16 -24.93
CA LEU B 78 -7.46 -4.47 -23.66
C LEU B 78 -8.73 -3.63 -23.57
N GLY C 18 -21.54 -16.77 33.31
CA GLY C 18 -21.69 -16.06 32.01
C GLY C 18 -20.30 -15.81 31.40
N PRO C 19 -19.62 -14.78 31.82
CA PRO C 19 -18.25 -14.47 31.32
C PRO C 19 -17.22 -15.45 31.88
N ASN C 20 -16.09 -15.59 31.24
CA ASN C 20 -15.06 -16.54 31.77
C ASN C 20 -13.67 -16.07 31.35
N LYS C 21 -12.74 -16.06 32.27
CA LYS C 21 -11.35 -15.60 31.95
C LYS C 21 -10.92 -16.09 30.56
N GLU C 22 -11.50 -17.15 30.09
CA GLU C 22 -11.11 -17.69 28.75
C GLU C 22 -11.68 -16.80 27.63
N THR C 23 -12.61 -15.94 27.93
CA THR C 23 -13.19 -15.08 26.85
C THR C 23 -12.28 -13.86 26.61
N ILE C 24 -11.85 -13.13 27.63
CA ILE C 24 -10.94 -11.98 27.33
C ILE C 24 -9.63 -12.58 26.81
N ASN C 25 -9.33 -13.79 27.21
CA ASN C 25 -8.08 -14.43 26.74
C ASN C 25 -8.16 -14.68 25.23
N ARG C 26 -9.26 -15.22 24.77
CA ARG C 26 -9.39 -15.47 23.31
C ARG C 26 -9.25 -14.13 22.60
N GLU C 27 -9.72 -13.08 23.21
CA GLU C 27 -9.62 -11.74 22.60
C GLU C 27 -8.17 -11.27 22.61
N VAL C 28 -7.51 -11.39 23.73
CA VAL C 28 -6.09 -10.94 23.80
C VAL C 28 -5.22 -11.93 23.01
N SER C 29 -5.74 -13.10 22.72
CA SER C 29 -4.94 -14.09 21.94
C SER C 29 -4.89 -13.66 20.48
N ILE C 30 -6.02 -13.60 19.81
CA ILE C 30 -6.01 -13.17 18.39
C ILE C 30 -5.31 -11.82 18.32
N LEU C 31 -5.44 -11.05 19.36
CA LEU C 31 -4.77 -9.72 19.41
C LEU C 31 -3.28 -9.91 19.11
N ARG C 32 -2.65 -10.81 19.81
CA ARG C 32 -1.21 -11.08 19.56
C ARG C 32 -1.02 -11.44 18.08
N HIS C 33 -1.78 -12.41 17.61
CA HIS C 33 -1.65 -12.81 16.18
C HIS C 33 -1.77 -11.56 15.30
N SER C 34 -2.84 -10.81 15.49
CA SER C 34 -3.02 -9.57 14.67
C SER C 34 -1.71 -8.80 14.64
N TYR C 35 -1.09 -8.63 15.78
CA TYR C 35 0.20 -7.88 15.80
C TYR C 35 1.12 -8.45 14.73
N GLN C 36 1.37 -9.73 14.79
CA GLN C 36 2.25 -10.37 13.76
C GLN C 36 1.90 -9.84 12.38
N LYS C 37 0.70 -10.11 11.93
CA LYS C 37 0.29 -9.62 10.58
C LYS C 37 0.73 -8.16 10.40
N GLU C 38 0.45 -7.32 11.35
CA GLU C 38 0.86 -5.89 11.22
C GLU C 38 2.36 -5.80 10.90
N ILE C 39 3.22 -6.17 11.82
CA ILE C 39 4.68 -6.07 11.53
C ILE C 39 4.97 -6.72 10.18
N GLN C 40 4.53 -7.95 9.99
CA GLN C 40 4.78 -8.63 8.66
C GLN C 40 4.23 -7.73 7.55
N ALA C 41 3.41 -6.78 7.91
CA ALA C 41 2.85 -5.85 6.89
C ALA C 41 3.90 -4.82 6.51
N LYS C 42 4.49 -4.19 7.48
CA LYS C 42 5.55 -3.18 7.15
C LYS C 42 6.55 -3.86 6.23
N GLU C 43 6.74 -5.13 6.39
CA GLU C 43 7.70 -5.86 5.51
C GLU C 43 7.17 -5.80 4.08
N THR C 44 6.01 -6.33 3.83
CA THR C 44 5.44 -6.26 2.44
C THR C 44 5.38 -4.80 2.00
N MET C 45 5.10 -3.91 2.92
CA MET C 45 5.04 -2.47 2.56
C MET C 45 6.42 -2.02 2.06
N LYS C 46 7.43 -2.17 2.89
CA LYS C 46 8.80 -1.76 2.47
C LYS C 46 9.08 -2.28 1.07
N GLU C 47 8.50 -3.38 0.70
CA GLU C 47 8.74 -3.92 -0.67
C GLU C 47 8.00 -3.04 -1.68
N VAL C 48 6.86 -2.55 -1.32
CA VAL C 48 6.08 -1.68 -2.24
C VAL C 48 6.91 -0.45 -2.59
N LEU C 49 7.51 0.18 -1.61
CA LEU C 49 8.35 1.39 -1.91
C LEU C 49 9.52 0.97 -2.79
N SER C 50 10.20 -0.07 -2.42
CA SER C 50 11.35 -0.54 -3.25
C SER C 50 10.89 -0.67 -4.70
N ASP C 51 9.75 -1.26 -4.92
CA ASP C 51 9.24 -1.40 -6.31
C ASP C 51 8.88 -0.02 -6.86
N ASN C 52 8.36 0.84 -6.04
CA ASN C 52 8.00 2.21 -6.51
C ASN C 52 9.28 2.96 -6.87
N MET C 53 10.13 3.20 -5.91
CA MET C 53 11.40 3.93 -6.18
C MET C 53 12.06 3.32 -7.42
N GLU C 54 11.83 2.07 -7.70
CA GLU C 54 12.44 1.46 -8.91
C GLU C 54 11.76 2.03 -10.15
N VAL C 55 10.45 2.02 -10.17
CA VAL C 55 9.70 2.57 -11.34
C VAL C 55 10.10 4.04 -11.54
N LEU C 56 10.13 4.80 -10.49
CA LEU C 56 10.51 6.24 -10.61
C LEU C 56 11.99 6.36 -10.93
N SER C 57 12.83 5.87 -10.07
CA SER C 57 14.30 5.94 -10.33
C SER C 57 14.60 5.41 -11.73
N ASP C 58 13.66 4.76 -12.36
CA ASP C 58 13.93 4.24 -13.73
C ASP C 58 13.68 5.35 -14.74
N HIS C 59 12.45 5.67 -14.99
CA HIS C 59 12.15 6.74 -15.99
C HIS C 59 12.50 8.12 -15.41
N ILE C 60 13.25 8.18 -14.34
CA ILE C 60 13.62 9.51 -13.79
C ILE C 60 14.46 10.25 -14.83
N VAL C 61 13.83 10.81 -15.80
CA VAL C 61 14.57 11.54 -16.87
C VAL C 61 15.57 12.52 -16.25
N ILE C 62 16.59 12.86 -16.99
CA ILE C 62 17.63 13.80 -16.48
C ILE C 62 18.43 14.40 -17.63
N GLU C 63 19.11 15.48 -17.34
CA GLU C 63 19.96 16.17 -18.36
C GLU C 63 19.26 16.20 -19.72
N GLY C 64 18.61 17.28 -20.02
CA GLY C 64 17.87 17.41 -21.31
C GLY C 64 16.44 17.81 -20.97
N LEU C 65 15.80 17.03 -20.15
CA LEU C 65 14.42 17.32 -19.72
C LEU C 65 14.37 17.15 -18.21
N SER C 66 14.03 18.17 -17.49
CA SER C 66 13.99 18.03 -16.01
C SER C 66 12.64 17.45 -15.56
N ALA C 67 12.66 16.42 -14.75
CA ALA C 67 11.37 15.82 -14.30
C ALA C 67 10.43 16.91 -13.81
N GLU C 68 10.95 18.08 -13.54
CA GLU C 68 10.09 19.19 -13.08
C GLU C 68 9.41 19.82 -14.31
N GLU C 69 10.18 20.32 -15.22
CA GLU C 69 9.59 20.94 -16.44
C GLU C 69 8.46 20.08 -16.99
N ILE C 70 8.71 18.81 -17.23
CA ILE C 70 7.63 17.94 -17.76
C ILE C 70 6.48 17.89 -16.75
N ILE C 71 6.74 17.44 -15.56
CA ILE C 71 5.66 17.36 -14.53
C ILE C 71 4.87 18.66 -14.54
N LYS C 72 5.52 19.78 -14.46
CA LYS C 72 4.79 21.08 -14.47
C LYS C 72 3.86 21.13 -15.68
N MET C 73 4.42 21.20 -16.85
CA MET C 73 3.62 21.29 -18.11
C MET C 73 2.29 20.52 -17.97
N GLY C 74 2.31 19.32 -17.44
CA GLY C 74 1.02 18.56 -17.32
C GLY C 74 0.22 19.06 -16.10
N GLU C 75 0.88 19.61 -15.10
CA GLU C 75 0.13 20.11 -13.92
C GLU C 75 -0.57 21.42 -14.27
N THR C 76 -0.05 22.14 -15.23
CA THR C 76 -0.70 23.43 -15.62
C THR C 76 -2.17 23.16 -15.96
N VAL C 77 -2.46 22.01 -16.51
CA VAL C 77 -3.87 21.69 -16.87
C VAL C 77 -4.06 20.17 -16.80
N LEU C 78 -5.21 19.74 -16.34
CA LEU C 78 -5.45 18.27 -16.25
C LEU C 78 -6.93 18.02 -15.95
N GLY D 18 -23.28 -1.09 32.35
CA GLY D 18 -22.11 -0.92 31.44
C GLY D 18 -21.41 -2.27 31.24
N PRO D 19 -20.69 -2.72 32.23
CA PRO D 19 -19.95 -4.01 32.18
C PRO D 19 -20.89 -5.21 32.15
N ASN D 20 -20.81 -6.01 31.12
CA ASN D 20 -21.70 -7.20 31.03
C ASN D 20 -21.27 -8.06 29.83
N LYS D 21 -21.49 -9.34 29.92
CA LYS D 21 -21.08 -10.28 28.82
C LYS D 21 -21.34 -9.66 27.44
N GLU D 22 -22.20 -8.69 27.37
CA GLU D 22 -22.48 -8.07 26.05
C GLU D 22 -21.29 -7.21 25.62
N THR D 23 -20.58 -6.63 26.55
CA THR D 23 -19.42 -5.77 26.18
C THR D 23 -18.22 -6.64 25.78
N ILE D 24 -17.90 -7.68 26.52
CA ILE D 24 -16.73 -8.52 26.12
C ILE D 24 -17.06 -9.15 24.75
N ASN D 25 -18.26 -9.63 24.60
CA ASN D 25 -18.66 -10.26 23.32
C ASN D 25 -18.60 -9.23 22.19
N ARG D 26 -18.89 -7.98 22.48
CA ARG D 26 -18.86 -6.95 21.42
C ARG D 26 -17.44 -6.86 20.87
N GLU D 27 -16.48 -6.60 21.72
CA GLU D 27 -15.08 -6.49 21.24
C GLU D 27 -14.64 -7.81 20.63
N VAL D 28 -15.04 -8.92 21.20
CA VAL D 28 -14.62 -10.24 20.62
C VAL D 28 -15.26 -10.44 19.25
N SER D 29 -16.56 -10.27 19.16
CA SER D 29 -17.25 -10.46 17.84
C SER D 29 -16.59 -9.60 16.77
N ILE D 30 -16.40 -8.34 17.04
CA ILE D 30 -15.76 -7.45 16.03
C ILE D 30 -14.35 -7.97 15.77
N LEU D 31 -13.75 -8.57 16.76
CA LEU D 31 -12.37 -9.13 16.61
C LEU D 31 -12.34 -10.08 15.41
N ARG D 32 -13.20 -11.05 15.40
CA ARG D 32 -13.23 -12.01 14.26
C ARG D 32 -13.45 -11.23 12.97
N HIS D 33 -14.30 -10.23 13.00
CA HIS D 33 -14.55 -9.43 11.77
C HIS D 33 -13.26 -8.72 11.36
N SER D 34 -12.63 -8.02 12.27
CA SER D 34 -11.38 -7.29 11.94
C SER D 34 -10.38 -8.26 11.31
N TYR D 35 -10.19 -9.41 11.91
CA TYR D 35 -9.22 -10.39 11.32
C TYR D 35 -9.51 -10.55 9.84
N GLN D 36 -10.72 -10.91 9.51
CA GLN D 36 -11.09 -11.09 8.08
C GLN D 36 -10.51 -9.94 7.25
N LYS D 37 -10.87 -8.73 7.58
CA LYS D 37 -10.34 -7.57 6.81
C LYS D 37 -8.83 -7.71 6.64
N GLU D 38 -8.12 -8.00 7.71
CA GLU D 38 -6.64 -8.13 7.60
C GLU D 38 -6.27 -9.16 6.52
N ILE D 39 -6.57 -10.41 6.73
CA ILE D 39 -6.21 -11.43 5.70
C ILE D 39 -6.65 -10.91 4.32
N GLN D 40 -7.86 -10.47 4.19
CA GLN D 40 -8.30 -9.93 2.87
C GLN D 40 -7.26 -8.89 2.42
N ALA D 41 -6.97 -7.95 3.26
CA ALA D 41 -5.96 -6.90 2.91
C ALA D 41 -4.73 -7.57 2.29
N LYS D 42 -4.26 -8.64 2.87
CA LYS D 42 -3.07 -9.31 2.27
C LYS D 42 -3.40 -9.66 0.82
N GLU D 43 -4.65 -9.94 0.57
CA GLU D 43 -5.07 -10.29 -0.83
C GLU D 43 -4.85 -9.07 -1.73
N THR D 44 -5.42 -7.95 -1.36
CA THR D 44 -5.21 -6.72 -2.20
C THR D 44 -3.72 -6.38 -2.21
N MET D 45 -3.02 -6.78 -1.18
CA MET D 45 -1.56 -6.48 -1.13
C MET D 45 -0.85 -7.25 -2.25
N LYS D 46 -0.90 -8.55 -2.20
CA LYS D 46 -0.23 -9.37 -3.26
C LYS D 46 -0.60 -8.79 -4.63
N GLU D 47 -1.76 -8.22 -4.74
CA GLU D 47 -2.18 -7.63 -6.04
C GLU D 47 -1.33 -6.38 -6.31
N VAL D 48 -1.23 -5.51 -5.35
CA VAL D 48 -0.41 -4.27 -5.54
C VAL D 48 0.96 -4.64 -6.11
N LEU D 49 1.55 -5.70 -5.63
CA LEU D 49 2.89 -6.11 -6.16
C LEU D 49 2.73 -6.66 -7.57
N SER D 50 1.83 -7.58 -7.77
CA SER D 50 1.62 -8.16 -9.13
C SER D 50 1.51 -7.03 -10.16
N ASP D 51 0.81 -5.98 -9.83
CA ASP D 51 0.67 -4.86 -10.80
C ASP D 51 1.96 -4.01 -10.81
N ASN D 52 2.71 -4.07 -9.75
CA ASN D 52 3.98 -3.28 -9.69
C ASN D 52 5.05 -4.02 -10.51
N MET D 53 5.32 -5.24 -10.15
CA MET D 53 6.36 -6.02 -10.90
C MET D 53 6.03 -6.00 -12.39
N GLU D 54 4.78 -6.20 -12.72
CA GLU D 54 4.41 -6.19 -14.18
C GLU D 54 4.79 -4.84 -14.77
N VAL D 55 4.39 -3.77 -14.15
CA VAL D 55 4.74 -2.41 -14.67
C VAL D 55 6.27 -2.30 -14.83
N LEU D 56 6.99 -2.89 -13.91
CA LEU D 56 8.49 -2.82 -14.02
C LEU D 56 8.94 -3.74 -15.15
N SER D 57 8.66 -4.99 -15.06
CA SER D 57 9.07 -5.91 -16.15
C SER D 57 8.36 -5.51 -17.43
N ASP D 58 7.58 -4.47 -17.40
CA ASP D 58 6.87 -4.05 -18.65
C ASP D 58 7.75 -3.08 -19.44
N HIS D 59 7.96 -1.90 -18.94
CA HIS D 59 8.75 -0.92 -19.75
C HIS D 59 10.25 -1.24 -19.80
N ILE D 60 10.77 -2.05 -18.89
CA ILE D 60 12.25 -2.38 -18.88
C ILE D 60 13.00 -1.68 -20.00
N VAL D 61 13.16 -0.39 -19.89
CA VAL D 61 13.87 0.38 -20.95
C VAL D 61 15.11 -0.38 -21.40
N ILE D 62 15.47 -0.23 -22.64
CA ILE D 62 16.66 -0.97 -23.18
C ILE D 62 17.28 -0.22 -24.36
N GLU D 63 18.54 -0.47 -24.58
CA GLU D 63 19.26 0.17 -25.72
C GLU D 63 18.96 1.67 -25.76
N GLY D 64 19.87 2.46 -25.24
CA GLY D 64 19.66 3.93 -25.21
C GLY D 64 19.76 4.38 -23.76
N LEU D 65 18.96 3.79 -22.91
CA LEU D 65 18.98 4.15 -21.48
C LEU D 65 18.92 2.86 -20.66
N SER D 66 20.01 2.46 -20.08
CA SER D 66 19.99 1.21 -19.27
C SER D 66 19.46 1.51 -17.86
N ALA D 67 18.52 0.74 -17.37
CA ALA D 67 17.98 1.02 -16.01
C ALA D 67 19.14 1.17 -15.02
N GLU D 68 20.20 0.46 -15.22
CA GLU D 68 21.35 0.57 -14.27
C GLU D 68 21.97 1.97 -14.38
N GLU D 69 22.59 2.25 -15.50
CA GLU D 69 23.24 3.59 -15.70
C GLU D 69 22.37 4.71 -15.09
N ILE D 70 21.11 4.73 -15.40
CA ILE D 70 20.23 5.79 -14.83
C ILE D 70 20.33 5.77 -13.31
N ILE D 71 19.90 4.69 -12.70
CA ILE D 71 19.94 4.56 -11.20
C ILE D 71 21.18 5.27 -10.65
N LYS D 72 22.34 4.95 -11.16
CA LYS D 72 23.57 5.60 -10.63
C LYS D 72 23.42 7.11 -10.74
N MET D 73 23.22 7.61 -11.93
CA MET D 73 23.07 9.08 -12.12
C MET D 73 22.24 9.65 -10.98
N GLY D 74 21.09 9.09 -10.71
CA GLY D 74 20.20 9.64 -9.62
C GLY D 74 20.82 9.36 -8.24
N GLU D 75 21.79 8.49 -8.14
CA GLU D 75 22.40 8.22 -6.80
C GLU D 75 23.52 9.22 -6.52
N THR D 76 24.20 9.65 -7.55
CA THR D 76 25.29 10.64 -7.35
C THR D 76 24.70 11.99 -6.94
N VAL D 77 23.50 12.27 -7.37
CA VAL D 77 22.86 13.57 -7.01
C VAL D 77 21.34 13.40 -7.01
N LEU D 78 20.65 14.10 -6.14
CA LEU D 78 19.16 13.99 -6.09
C LEU D 78 18.58 15.27 -5.51
N GLY A 18 -9.52 -2.47 42.90
CA GLY A 18 -10.31 -3.28 41.94
C GLY A 18 -10.37 -2.55 40.59
N PRO A 19 -10.93 -3.17 39.59
CA PRO A 19 -11.06 -2.57 38.25
C PRO A 19 -12.02 -1.38 38.25
N ASN A 20 -12.10 -0.64 37.17
CA ASN A 20 -13.01 0.53 37.15
C ASN A 20 -13.71 0.61 35.79
N LYS A 21 -15.01 0.56 35.77
CA LYS A 21 -15.77 0.61 34.48
C LYS A 21 -15.14 1.65 33.55
N GLU A 22 -14.40 2.58 34.07
CA GLU A 22 -13.76 3.60 33.19
C GLU A 22 -12.57 2.97 32.44
N THR A 23 -11.89 2.03 33.05
CA THR A 23 -10.73 1.40 32.39
C THR A 23 -11.20 0.48 31.26
N ILE A 24 -12.17 -0.38 31.49
CA ILE A 24 -12.65 -1.25 30.37
C ILE A 24 -13.16 -0.34 29.26
N ASN A 25 -13.83 0.72 29.63
CA ASN A 25 -14.37 1.66 28.61
C ASN A 25 -13.22 2.24 27.80
N ARG A 26 -12.12 2.55 28.42
CA ARG A 26 -10.98 3.13 27.66
C ARG A 26 -10.57 2.12 26.59
N GLU A 27 -10.63 0.86 26.91
CA GLU A 27 -10.25 -0.17 25.91
C GLU A 27 -11.31 -0.23 24.81
N VAL A 28 -12.57 -0.22 25.17
CA VAL A 28 -13.63 -0.27 24.13
C VAL A 28 -13.72 1.08 23.42
N SER A 29 -13.17 2.11 24.00
CA SER A 29 -13.22 3.45 23.36
C SER A 29 -12.24 3.45 22.17
N ILE A 30 -10.98 3.24 22.43
CA ILE A 30 -10.01 3.23 21.30
C ILE A 30 -10.46 2.17 20.31
N LEU A 31 -11.04 1.11 20.79
CA LEU A 31 -11.54 0.03 19.90
C LEU A 31 -12.38 0.66 18.79
N ARG A 32 -13.40 1.40 19.16
CA ARG A 32 -14.25 2.06 18.12
C ARG A 32 -13.36 2.89 17.20
N HIS A 33 -12.47 3.67 17.74
CA HIS A 33 -11.57 4.50 16.89
C HIS A 33 -10.80 3.60 15.94
N SER A 34 -10.14 2.60 16.46
CA SER A 34 -9.37 1.67 15.59
C SER A 34 -10.22 1.28 14.38
N TYR A 35 -11.45 0.89 14.62
CA TYR A 35 -12.33 0.51 13.48
C TYR A 35 -12.29 1.62 12.44
N GLN A 36 -12.53 2.83 12.86
CA GLN A 36 -12.51 3.98 11.91
C GLN A 36 -11.28 3.84 11.01
N LYS A 37 -10.10 3.90 11.58
CA LYS A 37 -8.87 3.77 10.73
C LYS A 37 -9.04 2.60 9.76
N GLU A 38 -9.46 1.46 10.24
CA GLU A 38 -9.63 0.29 9.31
C GLU A 38 -10.47 0.69 8.10
N ILE A 39 -11.73 1.01 8.29
CA ILE A 39 -12.56 1.38 7.10
C ILE A 39 -11.81 2.45 6.30
N GLN A 40 -11.41 3.52 6.92
CA GLN A 40 -10.66 4.57 6.17
C GLN A 40 -9.42 3.95 5.52
N ALA A 41 -9.11 2.74 5.90
CA ALA A 41 -7.91 2.07 5.31
C ALA A 41 -8.26 1.51 3.94
N LYS A 42 -9.30 0.73 3.84
CA LYS A 42 -9.66 0.18 2.51
C LYS A 42 -9.89 1.35 1.57
N GLU A 43 -10.28 2.49 2.09
CA GLU A 43 -10.50 3.67 1.22
C GLU A 43 -9.16 4.09 0.62
N THR A 44 -8.22 4.47 1.43
CA THR A 44 -6.88 4.87 0.88
C THR A 44 -6.32 3.72 0.06
N MET A 45 -6.67 2.51 0.41
CA MET A 45 -6.16 1.34 -0.36
C MET A 45 -6.81 1.34 -1.74
N LYS A 46 -8.13 1.37 -1.77
CA LYS A 46 -8.84 1.38 -3.09
C LYS A 46 -8.21 2.44 -3.99
N GLU A 47 -7.63 3.46 -3.40
CA GLU A 47 -6.99 4.52 -4.23
C GLU A 47 -5.70 3.96 -4.82
N VAL A 48 -4.88 3.35 -4.00
CA VAL A 48 -3.60 2.77 -4.49
C VAL A 48 -3.87 1.92 -5.74
N LEU A 49 -4.94 1.17 -5.74
CA LEU A 49 -5.24 0.33 -6.95
C LEU A 49 -5.68 1.24 -8.08
N SER A 50 -6.63 2.10 -7.83
CA SER A 50 -7.10 3.03 -8.91
C SER A 50 -5.89 3.67 -9.59
N ASP A 51 -4.94 4.12 -8.81
CA ASP A 51 -3.73 4.74 -9.42
C ASP A 51 -2.90 3.67 -10.10
N ASN A 52 -3.04 2.44 -9.68
CA ASN A 52 -2.27 1.33 -10.31
C ASN A 52 -2.93 0.94 -11.63
N MET A 53 -4.19 0.57 -11.60
CA MET A 53 -4.88 0.17 -12.85
C MET A 53 -4.66 1.27 -13.91
N GLU A 54 -4.71 2.50 -13.51
CA GLU A 54 -4.49 3.61 -14.49
C GLU A 54 -3.06 3.47 -15.04
N VAL A 55 -2.12 3.33 -14.16
CA VAL A 55 -0.69 3.17 -14.57
C VAL A 55 -0.55 2.01 -15.56
N LEU A 56 -1.31 0.96 -15.37
CA LEU A 56 -1.19 -0.20 -16.32
C LEU A 56 -2.01 0.13 -17.57
N SER A 57 -3.23 0.55 -17.40
CA SER A 57 -4.09 0.88 -18.58
C SER A 57 -3.34 1.79 -19.54
N ASP A 58 -2.31 2.46 -19.10
CA ASP A 58 -1.55 3.32 -20.04
C ASP A 58 -0.44 2.47 -20.66
N HIS A 59 0.35 1.85 -19.84
CA HIS A 59 1.47 1.02 -20.36
C HIS A 59 0.95 -0.26 -21.04
N ILE A 60 -0.35 -0.38 -21.23
CA ILE A 60 -0.90 -1.59 -21.90
C ILE A 60 -0.02 -1.99 -23.08
N VAL A 61 -0.18 -3.19 -23.56
CA VAL A 61 0.65 -3.64 -24.72
C VAL A 61 0.56 -2.58 -25.83
N ILE A 62 1.68 -2.07 -26.28
CA ILE A 62 1.62 -1.03 -27.36
C ILE A 62 2.44 -1.41 -28.59
N GLU A 63 1.87 -1.18 -29.75
CA GLU A 63 2.57 -1.48 -31.02
C GLU A 63 3.85 -0.67 -31.04
N GLY A 64 4.95 -1.32 -31.18
CA GLY A 64 6.24 -0.60 -31.14
C GLY A 64 6.89 -1.03 -29.83
N LEU A 65 6.18 -0.88 -28.73
CA LEU A 65 6.72 -1.30 -27.43
C LEU A 65 5.67 -2.13 -26.74
N SER A 66 5.30 -3.16 -27.40
CA SER A 66 4.28 -4.08 -26.85
C SER A 66 4.82 -4.55 -25.49
N ALA A 67 4.20 -4.19 -24.40
CA ALA A 67 4.77 -4.62 -23.09
C ALA A 67 4.97 -6.14 -23.09
N GLU A 68 4.00 -6.90 -23.54
CA GLU A 68 4.18 -8.38 -23.56
C GLU A 68 5.40 -8.75 -24.40
N GLU A 69 5.28 -8.67 -25.71
CA GLU A 69 6.42 -9.02 -26.60
C GLU A 69 7.73 -8.45 -26.03
N ILE A 70 7.75 -7.20 -25.67
CA ILE A 70 9.00 -6.60 -25.12
C ILE A 70 9.40 -7.36 -23.85
N ILE A 71 8.53 -7.40 -22.87
CA ILE A 71 8.85 -8.12 -21.60
C ILE A 71 9.62 -9.41 -21.91
N LYS A 72 9.14 -10.18 -22.84
CA LYS A 72 9.85 -11.43 -23.20
C LYS A 72 11.30 -11.11 -23.56
N MET A 73 11.50 -10.29 -24.56
CA MET A 73 12.88 -9.94 -24.99
C MET A 73 13.80 -9.80 -23.78
N GLY A 74 13.38 -9.10 -22.76
CA GLY A 74 14.27 -8.94 -21.54
C GLY A 74 14.32 -10.24 -20.74
N GLU A 75 13.36 -11.12 -20.91
CA GLU A 75 13.39 -12.40 -20.15
C GLU A 75 14.40 -13.36 -20.79
N THR A 76 14.74 -13.12 -22.03
CA THR A 76 15.71 -14.01 -22.73
C THR A 76 17.12 -13.77 -22.16
N VAL A 77 17.29 -12.70 -21.42
CA VAL A 77 18.63 -12.39 -20.84
C VAL A 77 18.47 -12.03 -19.36
N LEU A 78 17.30 -11.60 -18.98
CA LEU A 78 17.07 -11.24 -17.55
C LEU A 78 15.58 -11.24 -17.25
N GLY B 18 -13.26 -11.64 40.36
CA GLY B 18 -12.79 -12.56 39.28
C GLY B 18 -11.71 -11.86 38.45
N PRO B 19 -12.09 -10.87 37.68
CA PRO B 19 -11.13 -10.12 36.83
C PRO B 19 -9.84 -9.77 37.59
N ASN B 20 -8.85 -9.25 36.91
CA ASN B 20 -7.58 -8.88 37.60
C ASN B 20 -6.99 -7.64 36.91
N LYS B 21 -6.63 -6.66 37.69
CA LYS B 21 -6.04 -5.42 37.09
C LYS B 21 -4.97 -5.79 36.07
N GLU B 22 -4.37 -6.93 36.19
CA GLU B 22 -3.30 -7.32 35.23
C GLU B 22 -3.93 -7.68 33.88
N THR B 23 -5.15 -8.14 33.85
CA THR B 23 -5.78 -8.52 32.56
C THR B 23 -6.34 -7.28 31.82
N ILE B 24 -6.91 -6.33 32.54
CA ILE B 24 -7.43 -5.12 31.82
C ILE B 24 -6.24 -4.37 31.23
N ASN B 25 -5.16 -4.28 31.96
CA ASN B 25 -3.96 -3.57 31.44
C ASN B 25 -3.30 -4.41 30.34
N ARG B 26 -3.38 -5.71 30.43
CA ARG B 26 -2.76 -6.55 29.38
C ARG B 26 -3.35 -6.14 28.05
N GLU B 27 -4.64 -5.97 27.99
CA GLU B 27 -5.24 -5.53 26.71
C GLU B 27 -4.84 -4.08 26.47
N VAL B 28 -5.43 -3.15 27.18
CA VAL B 28 -5.10 -1.70 27.00
C VAL B 28 -3.61 -1.51 26.70
N SER B 29 -2.75 -2.30 27.26
CA SER B 29 -1.28 -2.12 26.98
C SER B 29 -1.00 -2.51 25.53
N ILE B 30 -1.13 -3.77 25.19
CA ILE B 30 -0.88 -4.20 23.80
C ILE B 30 -1.87 -3.47 22.88
N LEU B 31 -2.86 -2.84 23.45
CA LEU B 31 -3.86 -2.09 22.64
C LEU B 31 -3.19 -0.84 22.06
N ARG B 32 -2.55 -0.07 22.89
CA ARG B 32 -1.86 1.15 22.37
C ARG B 32 -0.74 0.73 21.41
N HIS B 33 -0.08 -0.36 21.70
CA HIS B 33 1.00 -0.82 20.80
C HIS B 33 0.41 -1.08 19.40
N SER B 34 -0.73 -1.69 19.35
CA SER B 34 -1.37 -1.96 18.03
C SER B 34 -1.70 -0.63 17.36
N TYR B 35 -2.11 0.34 18.13
CA TYR B 35 -2.43 1.67 17.55
C TYR B 35 -1.15 2.28 17.00
N GLN B 36 -0.13 2.33 17.82
CA GLN B 36 1.17 2.91 17.38
C GLN B 36 1.58 2.32 16.02
N LYS B 37 1.27 1.07 15.78
CA LYS B 37 1.65 0.45 14.47
C LYS B 37 0.79 1.02 13.34
N GLU B 38 -0.49 1.17 13.55
CA GLU B 38 -1.36 1.72 12.47
C GLU B 38 -0.89 3.12 12.07
N ILE B 39 -0.66 3.98 13.03
CA ILE B 39 -0.23 5.37 12.70
C ILE B 39 1.07 5.32 11.87
N GLN B 40 2.14 4.75 12.38
CA GLN B 40 3.38 4.71 11.55
C GLN B 40 3.04 4.02 10.22
N ALA B 41 2.29 2.95 10.28
CA ALA B 41 1.93 2.23 9.02
C ALA B 41 1.19 3.18 8.07
N LYS B 42 0.69 4.26 8.58
CA LYS B 42 0.00 5.24 7.68
C LYS B 42 1.11 6.05 7.01
N GLU B 43 2.17 6.25 7.73
CA GLU B 43 3.33 7.02 7.18
C GLU B 43 3.91 6.25 6.01
N THR B 44 3.73 4.96 5.99
CA THR B 44 4.25 4.14 4.85
C THR B 44 3.28 4.23 3.68
N MET B 45 2.08 3.74 3.86
CA MET B 45 1.07 3.80 2.76
C MET B 45 1.11 5.18 2.08
N LYS B 46 1.25 6.22 2.85
CA LYS B 46 1.31 7.58 2.24
C LYS B 46 2.57 7.68 1.38
N GLU B 47 3.70 7.39 1.95
CA GLU B 47 4.97 7.46 1.19
C GLU B 47 4.78 6.74 -0.15
N VAL B 48 4.08 5.64 -0.15
CA VAL B 48 3.86 4.92 -1.43
C VAL B 48 3.16 5.85 -2.42
N LEU B 49 1.90 6.14 -2.19
CA LEU B 49 1.15 7.04 -3.15
C LEU B 49 2.06 8.18 -3.62
N SER B 50 2.78 8.82 -2.73
CA SER B 50 3.69 9.91 -3.17
C SER B 50 4.53 9.38 -4.33
N ASP B 51 4.98 8.16 -4.22
CA ASP B 51 5.78 7.55 -5.30
C ASP B 51 4.85 7.24 -6.48
N ASN B 52 3.84 6.44 -6.25
CA ASN B 52 2.89 6.09 -7.35
C ASN B 52 2.53 7.36 -8.14
N MET B 53 2.40 8.46 -7.46
CA MET B 53 2.04 9.73 -8.16
C MET B 53 3.19 10.15 -9.09
N GLU B 54 4.31 10.51 -8.53
CA GLU B 54 5.47 10.94 -9.37
C GLU B 54 5.61 9.98 -10.56
N VAL B 55 5.54 8.71 -10.31
CA VAL B 55 5.66 7.72 -11.42
C VAL B 55 4.57 8.02 -12.46
N LEU B 56 3.34 7.75 -12.15
CA LEU B 56 2.23 8.02 -13.13
C LEU B 56 2.45 9.41 -13.76
N SER B 57 2.70 10.40 -12.96
CA SER B 57 2.92 11.77 -13.50
C SER B 57 4.00 11.73 -14.58
N ASP B 58 4.88 10.76 -14.52
CA ASP B 58 5.95 10.69 -15.55
C ASP B 58 5.35 10.17 -16.86
N HIS B 59 4.63 9.08 -16.79
CA HIS B 59 4.03 8.48 -18.01
C HIS B 59 3.08 9.44 -18.72
N ILE B 60 2.57 10.44 -18.05
CA ILE B 60 1.62 11.38 -18.75
C ILE B 60 2.31 11.96 -20.00
N VAL B 61 2.33 11.21 -21.06
CA VAL B 61 2.98 11.68 -22.32
C VAL B 61 2.38 12.99 -22.79
N ILE B 62 3.15 13.75 -23.52
CA ILE B 62 2.67 15.06 -24.03
C ILE B 62 3.53 15.47 -25.20
N GLU B 63 3.00 16.34 -26.02
CA GLU B 63 3.76 16.81 -27.22
C GLU B 63 4.16 15.61 -28.10
N GLY B 64 4.03 15.75 -29.37
CA GLY B 64 4.40 14.62 -30.29
C GLY B 64 3.36 13.51 -30.15
N LEU B 65 3.01 13.12 -28.95
CA LEU B 65 2.02 12.03 -28.76
C LEU B 65 0.99 12.49 -27.73
N SER B 66 -0.26 12.23 -27.97
CA SER B 66 -1.31 12.66 -27.00
C SER B 66 -1.90 11.43 -26.30
N ALA B 67 -2.02 11.46 -24.99
CA ALA B 67 -2.58 10.27 -24.27
C ALA B 67 -3.78 9.72 -25.04
N GLU B 68 -4.54 10.58 -25.68
CA GLU B 68 -5.71 10.10 -26.46
C GLU B 68 -5.21 9.09 -27.50
N GLU B 69 -4.28 9.49 -28.33
CA GLU B 69 -3.75 8.54 -29.35
C GLU B 69 -3.39 7.23 -28.66
N ILE B 70 -2.74 7.30 -27.52
CA ILE B 70 -2.39 6.06 -26.79
C ILE B 70 -3.66 5.29 -26.48
N ILE B 71 -4.62 5.94 -25.87
CA ILE B 71 -5.90 5.25 -25.55
C ILE B 71 -6.39 4.53 -26.81
N LYS B 72 -6.36 5.18 -27.93
CA LYS B 72 -6.81 4.52 -29.19
C LYS B 72 -6.09 3.19 -29.32
N MET B 73 -4.84 3.15 -28.96
CA MET B 73 -4.08 1.86 -29.03
C MET B 73 -4.64 0.93 -27.97
N GLY B 74 -5.30 1.49 -26.99
CA GLY B 74 -5.90 0.64 -25.91
C GLY B 74 -7.36 0.31 -26.27
N GLU B 75 -7.87 0.84 -27.37
CA GLU B 75 -9.26 0.51 -27.77
C GLU B 75 -9.23 -0.66 -28.75
N THR B 76 -8.29 -0.66 -29.65
CA THR B 76 -8.20 -1.77 -30.64
C THR B 76 -7.47 -2.97 -30.01
N VAL B 77 -6.32 -2.74 -29.43
CA VAL B 77 -5.57 -3.86 -28.80
C VAL B 77 -6.01 -4.02 -27.35
N LEU B 78 -6.40 -5.20 -26.96
CA LEU B 78 -6.84 -5.42 -25.56
C LEU B 78 -7.84 -4.33 -25.16
N GLY C 18 -20.40 -18.74 28.81
CA GLY C 18 -20.96 -17.36 28.93
C GLY C 18 -19.85 -16.40 29.35
N PRO C 19 -20.17 -15.14 29.48
CA PRO C 19 -19.21 -14.09 29.87
C PRO C 19 -18.33 -14.53 31.06
N ASN C 20 -17.06 -14.26 31.00
CA ASN C 20 -16.17 -14.67 32.12
C ASN C 20 -14.72 -14.47 31.67
N LYS C 21 -13.79 -14.59 32.58
CA LYS C 21 -12.34 -14.40 32.23
C LYS C 21 -12.02 -15.02 30.86
N GLU C 22 -12.82 -15.95 30.41
CA GLU C 22 -12.51 -16.57 29.08
C GLU C 22 -12.89 -15.62 27.93
N THR C 23 -13.58 -14.54 28.23
CA THR C 23 -13.97 -13.60 27.14
C THR C 23 -12.86 -12.55 26.95
N ILE C 24 -12.29 -12.00 28.00
CA ILE C 24 -11.19 -11.02 27.75
C ILE C 24 -9.99 -11.82 27.24
N ASN C 25 -9.92 -13.07 27.59
CA ASN C 25 -8.78 -13.90 27.12
C ASN C 25 -8.92 -14.12 25.61
N ARG C 26 -10.09 -14.50 25.15
CA ARG C 26 -10.25 -14.70 23.68
C ARG C 26 -9.97 -13.38 22.99
N GLU C 27 -10.27 -12.30 23.65
CA GLU C 27 -10.01 -10.96 23.05
C GLU C 27 -8.52 -10.67 23.05
N VAL C 28 -7.87 -10.88 24.17
CA VAL C 28 -6.40 -10.62 24.23
C VAL C 28 -5.66 -11.67 23.39
N SER C 29 -6.29 -12.77 23.13
CA SER C 29 -5.63 -13.85 22.32
C SER C 29 -5.55 -13.40 20.86
N ILE C 30 -6.66 -13.17 20.22
CA ILE C 30 -6.62 -12.73 18.80
C ILE C 30 -5.77 -11.47 18.74
N LEU C 31 -5.79 -10.70 19.80
CA LEU C 31 -4.99 -9.46 19.85
C LEU C 31 -3.54 -9.78 19.50
N ARG C 32 -2.95 -10.72 20.19
CA ARG C 32 -1.55 -11.11 19.90
C ARG C 32 -1.43 -11.50 18.43
N HIS C 33 -2.33 -12.31 17.96
CA HIS C 33 -2.27 -12.74 16.52
C HIS C 33 -2.29 -11.49 15.64
N SER C 34 -3.25 -10.62 15.86
CA SER C 34 -3.33 -9.37 15.03
C SER C 34 -1.94 -8.75 14.93
N TYR C 35 -1.25 -8.63 16.03
CA TYR C 35 0.11 -8.03 16.00
C TYR C 35 0.95 -8.76 14.95
N GLN C 36 1.03 -10.06 15.05
CA GLN C 36 1.84 -10.84 14.07
C GLN C 36 1.54 -10.33 12.66
N LYS C 37 0.34 -10.53 12.18
CA LYS C 37 0.02 -10.06 10.81
C LYS C 37 0.52 -8.62 10.61
N GLU C 38 0.38 -7.78 11.61
CA GLU C 38 0.84 -6.36 11.45
C GLU C 38 2.33 -6.33 11.09
N ILE C 39 3.20 -6.76 11.97
CA ILE C 39 4.66 -6.71 11.66
C ILE C 39 4.89 -7.31 10.26
N GLN C 40 4.35 -8.47 9.99
CA GLN C 40 4.55 -9.07 8.63
C GLN C 40 3.95 -8.11 7.59
N ALA C 41 3.12 -7.21 8.03
CA ALA C 41 2.51 -6.23 7.08
C ALA C 41 3.56 -5.18 6.70
N LYS C 42 4.19 -4.57 7.67
CA LYS C 42 5.23 -3.56 7.35
C LYS C 42 6.24 -4.21 6.40
N GLU C 43 6.41 -5.50 6.53
CA GLU C 43 7.38 -6.21 5.63
C GLU C 43 6.90 -6.10 4.18
N THR C 44 5.70 -6.56 3.91
CA THR C 44 5.19 -6.46 2.50
C THR C 44 5.21 -4.99 2.05
N MET C 45 5.04 -4.08 2.97
CA MET C 45 5.05 -2.64 2.59
C MET C 45 6.47 -2.27 2.14
N LYS C 46 7.43 -2.44 3.01
CA LYS C 46 8.84 -2.09 2.63
C LYS C 46 9.15 -2.68 1.25
N GLU C 47 8.48 -3.75 0.89
CA GLU C 47 8.74 -4.36 -0.43
C GLU C 47 8.08 -3.49 -1.51
N VAL C 48 6.85 -3.12 -1.30
CA VAL C 48 6.15 -2.26 -2.30
C VAL C 48 7.03 -1.07 -2.66
N LEU C 49 7.66 -0.46 -1.68
CA LEU C 49 8.54 0.71 -1.98
C LEU C 49 9.74 0.23 -2.80
N SER C 50 10.42 -0.79 -2.35
CA SER C 50 11.59 -1.30 -3.11
C SER C 50 11.20 -1.45 -4.60
N ASP C 51 10.04 -1.99 -4.85
CA ASP C 51 9.61 -2.16 -6.27
C ASP C 51 9.23 -0.79 -6.84
N ASN C 52 8.68 0.06 -6.02
CA ASN C 52 8.30 1.42 -6.51
C ASN C 52 9.57 2.20 -6.87
N MET C 53 10.41 2.47 -5.90
CA MET C 53 11.66 3.23 -6.19
C MET C 53 12.35 2.62 -7.42
N GLU C 54 12.29 1.33 -7.56
CA GLU C 54 12.95 0.70 -8.76
C GLU C 54 12.19 1.15 -10.01
N VAL C 55 10.89 1.01 -10.01
CA VAL C 55 10.07 1.43 -11.18
C VAL C 55 10.36 2.90 -11.51
N LEU C 56 10.41 3.75 -10.52
CA LEU C 56 10.70 5.19 -10.79
C LEU C 56 12.16 5.31 -11.23
N SER C 57 13.06 4.91 -10.38
CA SER C 57 14.50 4.99 -10.75
C SER C 57 14.73 4.23 -12.06
N ASP C 58 13.71 3.60 -12.60
CA ASP C 58 13.91 2.86 -13.88
C ASP C 58 13.69 3.83 -15.05
N HIS C 59 12.46 4.20 -15.29
CA HIS C 59 12.22 5.12 -16.44
C HIS C 59 12.56 6.56 -16.04
N ILE C 60 13.27 6.73 -14.95
CA ILE C 60 13.64 8.11 -14.52
C ILE C 60 14.37 8.81 -15.69
N VAL C 61 13.63 9.40 -16.58
CA VAL C 61 14.26 10.08 -17.75
C VAL C 61 15.35 11.06 -17.29
N ILE C 62 16.26 11.34 -18.17
CA ILE C 62 17.37 12.29 -17.83
C ILE C 62 18.00 12.84 -19.11
N GLU C 63 18.69 13.95 -18.97
CA GLU C 63 19.37 14.59 -20.14
C GLU C 63 18.48 14.58 -21.37
N GLY C 64 17.83 15.67 -21.64
CA GLY C 64 16.91 15.77 -22.82
C GLY C 64 15.53 16.16 -22.31
N LEU C 65 15.02 15.44 -21.35
CA LEU C 65 13.71 15.74 -20.77
C LEU C 65 13.83 15.59 -19.25
N SER C 66 13.66 16.64 -18.52
CA SER C 66 13.80 16.53 -17.03
C SER C 66 12.45 16.15 -16.41
N ALA C 67 12.43 15.17 -15.54
CA ALA C 67 11.14 14.77 -14.90
C ALA C 67 10.44 16.00 -14.33
N GLU C 68 11.17 17.05 -14.07
CA GLU C 68 10.54 18.28 -13.52
C GLU C 68 9.71 18.96 -14.61
N GLU C 69 10.37 19.45 -15.64
CA GLU C 69 9.63 20.12 -16.75
C GLU C 69 8.39 19.30 -17.10
N ILE C 70 8.56 18.02 -17.35
CA ILE C 70 7.38 17.18 -17.67
C ILE C 70 6.28 17.42 -16.64
N ILE C 71 6.51 16.97 -15.42
CA ILE C 71 5.50 17.15 -14.34
C ILE C 71 4.85 18.53 -14.43
N LYS C 72 5.65 19.57 -14.50
CA LYS C 72 5.08 20.94 -14.59
C LYS C 72 4.17 21.04 -15.82
N MET C 73 4.72 20.80 -16.97
CA MET C 73 3.93 20.90 -18.24
C MET C 73 2.49 20.41 -18.01
N GLY C 74 2.32 19.25 -17.42
CA GLY C 74 0.91 18.74 -17.22
C GLY C 74 0.25 19.53 -16.07
N GLU C 75 1.04 20.14 -15.22
CA GLU C 75 0.46 20.94 -14.11
C GLU C 75 -0.31 22.13 -14.70
N THR C 76 0.19 22.68 -15.77
CA THR C 76 -0.51 23.83 -16.40
C THR C 76 -1.84 23.35 -16.99
N VAL C 77 -1.87 22.15 -17.51
CA VAL C 77 -3.14 21.62 -18.10
C VAL C 77 -3.90 20.83 -17.02
N LEU C 78 -3.55 19.60 -16.82
CA LEU C 78 -4.26 18.78 -15.80
C LEU C 78 -4.17 19.48 -14.45
N GLY D 18 -24.01 1.68 33.19
CA GLY D 18 -24.37 1.36 31.77
C GLY D 18 -23.64 0.08 31.34
N PRO D 19 -22.33 0.16 31.23
CA PRO D 19 -21.49 -0.99 30.80
C PRO D 19 -22.01 -2.34 31.33
N ASN D 20 -21.58 -3.42 30.72
CA ASN D 20 -22.05 -4.76 31.16
C ASN D 20 -21.56 -5.80 30.15
N LYS D 21 -21.74 -7.06 30.41
CA LYS D 21 -21.26 -8.11 29.46
C LYS D 21 -21.57 -7.73 28.01
N GLU D 22 -22.39 -6.75 27.80
CA GLU D 22 -22.72 -6.32 26.41
C GLU D 22 -21.55 -5.53 25.83
N THR D 23 -20.89 -4.73 26.63
CA THR D 23 -19.77 -3.91 26.12
C THR D 23 -18.55 -4.79 25.79
N ILE D 24 -18.22 -5.77 26.61
CA ILE D 24 -17.06 -6.64 26.25
C ILE D 24 -17.42 -7.40 24.97
N ASN D 25 -18.63 -7.91 24.90
CA ASN D 25 -19.05 -8.66 23.69
C ASN D 25 -18.96 -7.74 22.47
N ARG D 26 -19.29 -6.49 22.62
CA ARG D 26 -19.19 -5.56 21.46
C ARG D 26 -17.73 -5.44 21.07
N GLU D 27 -16.86 -5.52 22.04
CA GLU D 27 -15.40 -5.42 21.73
C GLU D 27 -14.96 -6.67 20.96
N VAL D 28 -15.33 -7.83 21.43
CA VAL D 28 -14.92 -9.08 20.72
C VAL D 28 -15.70 -9.17 19.40
N SER D 29 -16.81 -8.50 19.29
CA SER D 29 -17.59 -8.54 18.03
C SER D 29 -16.80 -7.84 16.93
N ILE D 30 -16.45 -6.59 17.13
CA ILE D 30 -15.67 -5.86 16.11
C ILE D 30 -14.31 -6.57 15.95
N LEU D 31 -13.75 -7.01 17.03
CA LEU D 31 -12.45 -7.74 16.98
C LEU D 31 -12.48 -8.75 15.82
N ARG D 32 -13.44 -9.62 15.82
CA ARG D 32 -13.53 -10.63 14.72
C ARG D 32 -13.64 -9.91 13.38
N HIS D 33 -14.50 -8.93 13.29
CA HIS D 33 -14.65 -8.19 12.01
C HIS D 33 -13.31 -7.59 11.58
N SER D 34 -12.67 -6.88 12.47
CA SER D 34 -11.35 -6.27 12.12
C SER D 34 -10.42 -7.33 11.55
N TYR D 35 -10.32 -8.47 12.21
CA TYR D 35 -9.42 -9.55 11.70
C TYR D 35 -9.68 -9.74 10.20
N GLN D 36 -10.91 -10.00 9.83
CA GLN D 36 -11.22 -10.20 8.39
C GLN D 36 -10.56 -9.08 7.58
N LYS D 37 -10.82 -7.84 7.89
CA LYS D 37 -10.19 -6.75 7.11
C LYS D 37 -8.68 -7.01 7.00
N GLU D 38 -8.05 -7.41 8.07
CA GLU D 38 -6.57 -7.66 8.02
C GLU D 38 -6.24 -8.66 6.90
N ILE D 39 -6.59 -9.92 7.06
CA ILE D 39 -6.26 -10.90 6.00
C ILE D 39 -6.67 -10.33 4.64
N GLN D 40 -7.87 -9.84 4.52
CA GLN D 40 -8.29 -9.25 3.21
C GLN D 40 -7.21 -8.27 2.75
N ALA D 41 -6.92 -7.28 3.57
CA ALA D 41 -5.88 -6.28 3.19
C ALA D 41 -4.65 -7.00 2.61
N LYS D 42 -4.20 -8.05 3.25
CA LYS D 42 -3.01 -8.77 2.72
C LYS D 42 -3.27 -9.10 1.25
N GLU D 43 -4.51 -9.39 0.92
CA GLU D 43 -4.85 -9.72 -0.50
C GLU D 43 -4.61 -8.49 -1.38
N THR D 44 -5.19 -7.38 -1.02
CA THR D 44 -4.98 -6.13 -1.84
C THR D 44 -3.49 -5.83 -1.95
N MET D 45 -2.71 -6.23 -0.99
CA MET D 45 -1.25 -5.98 -1.06
C MET D 45 -0.65 -6.85 -2.16
N LYS D 46 -0.86 -8.14 -2.08
CA LYS D 46 -0.30 -9.05 -3.12
C LYS D 46 -0.64 -8.47 -4.49
N GLU D 47 -1.72 -7.74 -4.59
CA GLU D 47 -2.10 -7.15 -5.90
C GLU D 47 -1.14 -6.00 -6.24
N VAL D 48 -0.98 -5.08 -5.33
CA VAL D 48 -0.05 -3.92 -5.59
C VAL D 48 1.26 -4.42 -6.19
N LEU D 49 1.79 -5.51 -5.69
CA LEU D 49 3.09 -6.02 -6.24
C LEU D 49 2.85 -6.56 -7.66
N SER D 50 1.87 -7.41 -7.83
CA SER D 50 1.59 -7.98 -9.18
C SER D 50 1.60 -6.86 -10.22
N ASP D 51 0.96 -5.76 -9.94
CA ASP D 51 0.94 -4.64 -10.92
C ASP D 51 2.32 -3.98 -10.95
N ASN D 52 3.01 -4.01 -9.84
CA ASN D 52 4.37 -3.41 -9.79
C ASN D 52 5.31 -4.20 -10.70
N MET D 53 5.46 -5.48 -10.43
CA MET D 53 6.36 -6.32 -11.25
C MET D 53 6.01 -6.17 -12.74
N GLU D 54 4.75 -6.07 -13.07
CA GLU D 54 4.37 -5.92 -14.52
C GLU D 54 4.79 -4.54 -14.99
N VAL D 55 4.45 -3.53 -14.23
CA VAL D 55 4.82 -2.14 -14.62
C VAL D 55 6.33 -2.05 -14.88
N LEU D 56 7.11 -2.69 -14.06
CA LEU D 56 8.60 -2.64 -14.26
C LEU D 56 8.95 -3.47 -15.50
N SER D 57 8.61 -4.73 -15.49
CA SER D 57 8.93 -5.60 -16.65
C SER D 57 8.51 -4.89 -17.94
N ASP D 58 7.70 -3.88 -17.86
CA ASP D 58 7.30 -3.17 -19.10
C ASP D 58 8.37 -2.14 -19.45
N HIS D 59 8.49 -1.11 -18.65
CA HIS D 59 9.51 -0.05 -18.95
C HIS D 59 10.92 -0.61 -18.76
N ILE D 60 11.08 -1.91 -18.64
CA ILE D 60 12.46 -2.44 -18.49
C ILE D 60 13.21 -2.20 -19.80
N VAL D 61 13.58 -0.97 -20.03
CA VAL D 61 14.31 -0.62 -21.29
C VAL D 61 15.38 -1.67 -21.58
N ILE D 62 15.74 -1.82 -22.81
CA ILE D 62 16.76 -2.85 -23.18
C ILE D 62 17.48 -2.48 -24.49
N GLU D 63 18.65 -3.04 -24.66
CA GLU D 63 19.45 -2.80 -25.90
C GLU D 63 19.43 -1.32 -26.27
N GLY D 64 20.47 -0.61 -25.92
CA GLY D 64 20.53 0.86 -26.21
C GLY D 64 20.72 1.59 -24.89
N LEU D 65 19.86 1.33 -23.95
CA LEU D 65 19.95 1.97 -22.63
C LEU D 65 19.74 0.89 -21.57
N SER D 66 20.74 0.55 -20.83
CA SER D 66 20.57 -0.51 -19.81
C SER D 66 20.00 0.10 -18.52
N ALA D 67 18.94 -0.46 -17.98
CA ALA D 67 18.35 0.12 -16.74
C ALA D 67 19.45 0.40 -15.71
N GLU D 68 20.54 -0.31 -15.78
CA GLU D 68 21.64 -0.07 -14.80
C GLU D 68 22.28 1.29 -15.09
N GLU D 69 22.91 1.43 -16.23
CA GLU D 69 23.57 2.71 -16.58
C GLU D 69 22.68 3.90 -16.20
N ILE D 70 21.46 3.94 -16.67
CA ILE D 70 20.58 5.08 -16.32
C ILE D 70 20.38 5.13 -14.80
N ILE D 71 19.90 4.07 -14.23
CA ILE D 71 19.67 4.04 -12.74
C ILE D 71 20.84 4.71 -12.03
N LYS D 72 22.05 4.34 -12.33
CA LYS D 72 23.22 4.97 -11.64
C LYS D 72 23.14 6.49 -11.80
N MET D 73 23.18 6.95 -13.01
CA MET D 73 23.14 8.43 -13.25
C MET D 73 22.18 9.09 -12.25
N GLY D 74 21.00 8.55 -12.10
CA GLY D 74 20.01 9.19 -11.14
C GLY D 74 20.48 8.98 -9.69
N GLU D 75 21.31 7.99 -9.43
CA GLU D 75 21.80 7.78 -8.04
C GLU D 75 22.70 8.94 -7.66
N THR D 76 23.31 9.56 -8.65
CA THR D 76 24.20 10.72 -8.38
C THR D 76 23.45 11.81 -7.63
N VAL D 77 22.18 11.60 -7.37
CA VAL D 77 21.35 12.62 -6.65
C VAL D 77 21.04 13.78 -7.61
N LEU D 78 19.78 14.01 -7.88
CA LEU D 78 19.40 15.13 -8.80
C LEU D 78 20.04 16.43 -8.30
N GLY A 18 -9.67 -2.63 41.87
CA GLY A 18 -9.87 -3.51 40.68
C GLY A 18 -10.12 -2.64 39.45
N PRO A 19 -10.48 -3.25 38.35
CA PRO A 19 -10.76 -2.53 37.08
C PRO A 19 -11.64 -1.30 37.31
N ASN A 20 -11.82 -0.49 36.29
CA ASN A 20 -12.67 0.73 36.45
C ASN A 20 -13.48 0.96 35.16
N LYS A 21 -14.77 1.10 35.29
CA LYS A 21 -15.61 1.30 34.08
C LYS A 21 -14.96 2.34 33.15
N GLU A 22 -14.16 3.22 33.66
CA GLU A 22 -13.53 4.25 32.77
C GLU A 22 -12.42 3.60 31.92
N THR A 23 -11.92 2.46 32.32
CA THR A 23 -10.84 1.81 31.54
C THR A 23 -11.45 0.94 30.43
N ILE A 24 -12.48 0.16 30.72
CA ILE A 24 -13.09 -0.66 29.63
C ILE A 24 -13.64 0.28 28.57
N ASN A 25 -14.15 1.41 28.98
CA ASN A 25 -14.71 2.38 28.00
C ASN A 25 -13.58 3.02 27.20
N ARG A 26 -12.52 3.41 27.84
CA ARG A 26 -11.39 4.05 27.10
C ARG A 26 -10.95 3.15 25.94
N GLU A 27 -10.90 1.87 26.16
CA GLU A 27 -10.47 0.96 25.07
C GLU A 27 -11.63 0.75 24.09
N VAL A 28 -12.85 0.74 24.55
CA VAL A 28 -13.99 0.54 23.60
C VAL A 28 -14.19 1.82 22.78
N SER A 29 -13.96 2.97 23.36
CA SER A 29 -14.12 4.24 22.59
C SER A 29 -13.08 4.29 21.48
N ILE A 30 -11.82 4.24 21.83
CA ILE A 30 -10.77 4.27 20.78
C ILE A 30 -11.11 3.21 19.74
N LEU A 31 -11.70 2.13 20.18
CA LEU A 31 -12.08 1.03 19.25
C LEU A 31 -12.91 1.60 18.11
N ARG A 32 -13.96 2.31 18.44
CA ARG A 32 -14.82 2.90 17.37
C ARG A 32 -13.96 3.78 16.46
N HIS A 33 -13.16 4.64 17.03
CA HIS A 33 -12.30 5.52 16.18
C HIS A 33 -11.44 4.66 15.26
N SER A 34 -10.72 3.71 15.81
CA SER A 34 -9.86 2.84 14.98
C SER A 34 -10.64 2.38 13.73
N TYR A 35 -11.85 1.93 13.92
CA TYR A 35 -12.66 1.48 12.76
C TYR A 35 -12.68 2.59 11.71
N GLN A 36 -13.14 3.76 12.09
CA GLN A 36 -13.20 4.89 11.12
C GLN A 36 -11.89 4.97 10.32
N LYS A 37 -10.81 5.33 10.95
CA LYS A 37 -9.51 5.43 10.22
C LYS A 37 -9.34 4.25 9.25
N GLU A 38 -9.68 3.06 9.68
CA GLU A 38 -9.53 1.87 8.78
C GLU A 38 -10.35 2.08 7.50
N ILE A 39 -11.65 2.12 7.59
CA ILE A 39 -12.47 2.31 6.36
C ILE A 39 -11.90 3.48 5.55
N GLN A 40 -11.71 4.62 6.15
CA GLN A 40 -11.14 5.76 5.40
C GLN A 40 -9.85 5.29 4.71
N ALA A 41 -8.91 4.82 5.48
CA ALA A 41 -7.63 4.35 4.88
C ALA A 41 -7.91 3.51 3.64
N LYS A 42 -8.85 2.61 3.72
CA LYS A 42 -9.17 1.79 2.52
C LYS A 42 -9.41 2.74 1.35
N GLU A 43 -9.99 3.88 1.63
CA GLU A 43 -10.25 4.86 0.52
C GLU A 43 -8.91 5.33 -0.04
N THR A 44 -8.06 5.86 0.80
CA THR A 44 -6.73 6.32 0.29
C THR A 44 -6.05 5.16 -0.42
N MET A 45 -6.26 3.96 0.07
CA MET A 45 -5.65 2.77 -0.59
C MET A 45 -6.23 2.66 -2.00
N LYS A 46 -7.53 2.56 -2.11
CA LYS A 46 -8.17 2.46 -3.46
C LYS A 46 -7.54 3.49 -4.38
N GLU A 47 -7.01 4.56 -3.82
CA GLU A 47 -6.37 5.60 -4.67
C GLU A 47 -5.04 5.06 -5.18
N VAL A 48 -4.22 4.56 -4.30
CA VAL A 48 -2.90 4.00 -4.74
C VAL A 48 -3.11 3.08 -5.94
N LEU A 49 -4.11 2.23 -5.88
CA LEU A 49 -4.36 1.31 -7.02
C LEU A 49 -4.73 2.15 -8.24
N SER A 50 -5.65 3.07 -8.08
CA SER A 50 -6.05 3.95 -9.22
C SER A 50 -4.80 4.47 -9.93
N ASP A 51 -3.82 4.89 -9.18
CA ASP A 51 -2.57 5.41 -9.81
C ASP A 51 -1.85 4.25 -10.49
N ASN A 52 -2.00 3.06 -9.98
CA ASN A 52 -1.34 1.88 -10.59
C ASN A 52 -2.08 1.51 -11.87
N MET A 53 -3.35 1.22 -11.77
CA MET A 53 -4.13 0.86 -12.98
C MET A 53 -3.94 1.95 -14.03
N GLU A 54 -3.58 3.12 -13.60
CA GLU A 54 -3.35 4.24 -14.57
C GLU A 54 -2.07 3.96 -15.35
N VAL A 55 -0.99 3.72 -14.66
CA VAL A 55 0.31 3.43 -15.34
C VAL A 55 0.19 2.15 -16.17
N LEU A 56 -0.67 1.26 -15.79
CA LEU A 56 -0.82 -0.01 -16.57
C LEU A 56 -1.82 0.21 -17.70
N SER A 57 -3.03 0.60 -17.37
CA SER A 57 -4.05 0.83 -18.44
C SER A 57 -3.51 1.80 -19.48
N ASP A 58 -2.46 2.52 -19.17
CA ASP A 58 -1.90 3.45 -20.18
C ASP A 58 -0.86 2.68 -21.00
N HIS A 59 0.14 2.16 -20.36
CA HIS A 59 1.20 1.42 -21.09
C HIS A 59 0.77 -0.03 -21.34
N ILE A 60 -0.52 -0.30 -21.32
CA ILE A 60 -1.02 -1.69 -21.57
C ILE A 60 -0.27 -2.31 -22.75
N VAL A 61 -0.53 -3.57 -22.99
CA VAL A 61 0.15 -4.27 -24.12
C VAL A 61 0.06 -3.38 -25.36
N ILE A 62 1.18 -3.04 -25.97
CA ILE A 62 1.11 -2.18 -27.19
C ILE A 62 1.77 -2.81 -28.39
N GLU A 63 1.09 -2.75 -29.51
CA GLU A 63 1.62 -3.32 -30.77
C GLU A 63 2.97 -2.68 -31.02
N GLY A 64 3.97 -3.47 -31.25
CA GLY A 64 5.33 -2.92 -31.43
C GLY A 64 6.07 -3.15 -30.13
N LEU A 65 5.49 -2.77 -29.02
CA LEU A 65 6.15 -2.99 -27.72
C LEU A 65 5.11 -3.55 -26.78
N SER A 66 4.61 -4.67 -27.14
CA SER A 66 3.59 -5.33 -26.29
C SER A 66 4.25 -5.53 -24.92
N ALA A 67 3.71 -4.99 -23.85
CA ALA A 67 4.40 -5.19 -22.53
C ALA A 67 4.77 -6.67 -22.35
N GLU A 68 4.04 -7.55 -22.97
CA GLU A 68 4.37 -8.99 -22.83
C GLU A 68 5.64 -9.30 -23.62
N GLU A 69 5.59 -9.15 -24.92
CA GLU A 69 6.78 -9.43 -25.77
C GLU A 69 8.05 -8.90 -25.11
N ILE A 70 8.07 -7.64 -24.72
CA ILE A 70 9.30 -7.12 -24.06
C ILE A 70 9.57 -7.90 -22.77
N ILE A 71 8.60 -7.96 -21.90
CA ILE A 71 8.79 -8.72 -20.62
C ILE A 71 9.49 -10.05 -20.90
N LYS A 72 8.96 -10.84 -21.80
CA LYS A 72 9.59 -12.15 -22.10
C LYS A 72 11.06 -11.94 -22.50
N MET A 73 11.28 -11.32 -23.63
CA MET A 73 12.67 -11.10 -24.11
C MET A 73 13.62 -10.83 -22.94
N GLY A 74 13.25 -9.98 -22.02
CA GLY A 74 14.18 -9.69 -20.88
C GLY A 74 14.14 -10.85 -19.87
N GLU A 75 13.07 -11.62 -19.86
CA GLU A 75 13.00 -12.77 -18.90
C GLU A 75 14.00 -13.84 -19.34
N THR A 76 14.33 -13.89 -20.61
CA THR A 76 15.30 -14.91 -21.08
C THR A 76 16.66 -14.64 -20.45
N VAL A 77 16.99 -13.39 -20.21
CA VAL A 77 18.30 -13.05 -19.60
C VAL A 77 18.11 -12.79 -18.09
N LEU A 78 17.37 -11.77 -17.75
CA LEU A 78 17.15 -11.47 -16.31
C LEU A 78 16.61 -12.71 -15.59
N GLY B 18 -11.92 -12.51 39.61
CA GLY B 18 -11.56 -13.13 38.30
C GLY B 18 -10.57 -12.21 37.56
N PRO B 19 -11.05 -11.10 37.05
CA PRO B 19 -10.21 -10.13 36.30
C PRO B 19 -8.99 -9.67 37.11
N ASN B 20 -8.11 -8.92 36.49
CA ASN B 20 -6.90 -8.45 37.22
C ASN B 20 -6.34 -7.21 36.52
N LYS B 21 -5.84 -6.28 37.27
CA LYS B 21 -5.28 -5.03 36.66
C LYS B 21 -4.44 -5.37 35.42
N GLU B 22 -3.86 -6.52 35.38
CA GLU B 22 -3.00 -6.90 34.21
C GLU B 22 -3.86 -7.18 32.97
N THR B 23 -5.09 -7.58 33.13
CA THR B 23 -5.92 -7.91 31.95
C THR B 23 -6.52 -6.62 31.32
N ILE B 24 -6.91 -5.65 32.12
CA ILE B 24 -7.47 -4.41 31.49
C ILE B 24 -6.28 -3.62 30.90
N ASN B 25 -5.13 -3.74 31.49
CA ASN B 25 -3.96 -3.00 30.95
C ASN B 25 -3.37 -3.77 29.76
N ARG B 26 -3.38 -5.07 29.82
CA ARG B 26 -2.83 -5.85 28.67
C ARG B 26 -3.61 -5.49 27.41
N GLU B 27 -4.90 -5.40 27.51
CA GLU B 27 -5.69 -5.03 26.30
C GLU B 27 -5.56 -3.52 26.07
N VAL B 28 -5.97 -2.73 27.03
CA VAL B 28 -5.87 -1.24 26.86
C VAL B 28 -4.47 -0.87 26.34
N SER B 29 -3.45 -1.57 26.76
CA SER B 29 -2.07 -1.25 26.29
C SER B 29 -1.96 -1.54 24.78
N ILE B 30 -2.14 -2.78 24.42
CA ILE B 30 -2.06 -3.14 22.97
C ILE B 30 -3.08 -2.31 22.19
N LEU B 31 -3.93 -1.61 22.91
CA LEU B 31 -4.97 -0.77 22.27
C LEU B 31 -4.32 0.51 21.75
N ARG B 32 -3.63 1.22 22.60
CA ARG B 32 -2.97 2.48 22.15
C ARG B 32 -1.92 2.13 21.08
N HIS B 33 -1.24 1.04 21.27
CA HIS B 33 -0.21 0.62 20.26
C HIS B 33 -0.91 0.45 18.91
N SER B 34 -2.08 -0.12 18.91
CA SER B 34 -2.81 -0.31 17.63
C SER B 34 -3.11 1.07 17.04
N TYR B 35 -3.33 2.03 17.89
CA TYR B 35 -3.61 3.40 17.40
C TYR B 35 -2.34 3.99 16.79
N GLN B 36 -1.26 3.98 17.53
CA GLN B 36 0.02 4.54 17.01
C GLN B 36 0.37 3.86 15.68
N LYS B 37 -0.18 2.71 15.41
CA LYS B 37 0.14 2.03 14.12
C LYS B 37 -0.71 2.63 12.99
N GLU B 38 -1.99 2.80 13.21
CA GLU B 38 -2.86 3.37 12.15
C GLU B 38 -2.34 4.76 11.75
N ILE B 39 -2.03 5.60 12.69
CA ILE B 39 -1.50 6.94 12.33
C ILE B 39 -0.17 6.76 11.62
N GLN B 40 0.67 5.89 12.13
CA GLN B 40 1.99 5.66 11.46
C GLN B 40 1.71 5.10 10.06
N ALA B 41 0.59 4.47 9.88
CA ALA B 41 0.26 3.91 8.54
C ALA B 41 0.10 5.06 7.54
N LYS B 42 -0.94 5.85 7.68
CA LYS B 42 -1.14 6.98 6.73
C LYS B 42 0.20 7.68 6.50
N GLU B 43 1.06 7.67 7.48
CA GLU B 43 2.40 8.33 7.27
C GLU B 43 3.15 7.56 6.19
N THR B 44 3.02 6.26 6.22
CA THR B 44 3.70 5.43 5.17
C THR B 44 2.93 5.58 3.86
N MET B 45 1.70 5.13 3.83
CA MET B 45 0.88 5.26 2.59
C MET B 45 1.04 6.66 2.01
N LYS B 46 1.32 7.63 2.83
CA LYS B 46 1.49 9.02 2.32
C LYS B 46 2.78 9.08 1.50
N GLU B 47 3.88 8.70 2.10
CA GLU B 47 5.17 8.73 1.37
C GLU B 47 5.00 7.95 0.05
N VAL B 48 4.28 6.86 0.08
CA VAL B 48 4.08 6.08 -1.16
C VAL B 48 3.51 6.99 -2.25
N LEU B 49 2.25 7.33 -2.15
CA LEU B 49 1.63 8.21 -3.18
C LEU B 49 2.61 9.30 -3.63
N SER B 50 3.40 9.81 -2.73
CA SER B 50 4.39 10.85 -3.14
C SER B 50 5.20 10.25 -4.29
N ASP B 51 5.65 9.04 -4.11
CA ASP B 51 6.43 8.37 -5.19
C ASP B 51 5.50 8.08 -6.37
N ASN B 52 4.49 7.27 -6.16
CA ASN B 52 3.54 6.94 -7.27
C ASN B 52 3.19 8.21 -8.06
N MET B 53 3.19 9.34 -7.41
CA MET B 53 2.86 10.61 -8.13
C MET B 53 4.01 10.95 -9.08
N GLU B 54 5.19 11.12 -8.54
CA GLU B 54 6.36 11.46 -9.43
C GLU B 54 6.35 10.54 -10.65
N VAL B 55 6.21 9.26 -10.43
CA VAL B 55 6.19 8.30 -11.59
C VAL B 55 5.19 8.84 -12.61
N LEU B 56 3.92 8.74 -12.32
CA LEU B 56 2.87 9.21 -13.30
C LEU B 56 3.35 10.48 -14.00
N SER B 57 3.96 11.38 -13.28
CA SER B 57 4.45 12.64 -13.91
C SER B 57 5.56 12.33 -14.93
N ASP B 58 6.33 11.32 -14.68
CA ASP B 58 7.43 10.99 -15.64
C ASP B 58 6.85 10.35 -16.90
N HIS B 59 6.22 9.22 -16.76
CA HIS B 59 5.70 8.49 -17.95
C HIS B 59 4.54 9.25 -18.62
N ILE B 60 4.04 10.31 -18.04
CA ILE B 60 2.92 11.03 -18.72
C ILE B 60 3.40 11.49 -20.10
N VAL B 61 3.28 10.64 -21.08
CA VAL B 61 3.75 11.00 -22.45
C VAL B 61 3.22 12.37 -22.85
N ILE B 62 3.97 13.07 -23.66
CA ILE B 62 3.55 14.43 -24.11
C ILE B 62 4.35 14.82 -25.33
N GLU B 63 3.85 15.76 -26.06
CA GLU B 63 4.55 16.24 -27.30
C GLU B 63 4.76 15.05 -28.26
N GLY B 64 4.52 15.28 -29.52
CA GLY B 64 4.69 14.18 -30.50
C GLY B 64 3.57 13.14 -30.32
N LEU B 65 3.30 12.73 -29.10
CA LEU B 65 2.24 11.74 -28.87
C LEU B 65 1.32 12.24 -27.75
N SER B 66 0.04 12.21 -27.94
CA SER B 66 -0.89 12.70 -26.89
C SER B 66 -1.34 11.53 -26.00
N ALA B 67 -1.28 11.70 -24.69
CA ALA B 67 -1.69 10.60 -23.77
C ALA B 67 -2.95 9.90 -24.30
N GLU B 68 -3.81 10.62 -24.98
CA GLU B 68 -5.05 10.01 -25.52
C GLU B 68 -4.72 9.08 -26.70
N GLU B 69 -3.84 9.52 -27.57
CA GLU B 69 -3.49 8.67 -28.75
C GLU B 69 -2.94 7.32 -28.29
N ILE B 70 -2.02 7.33 -27.36
CA ILE B 70 -1.44 6.05 -26.87
C ILE B 70 -2.54 5.25 -26.15
N ILE B 71 -3.46 5.92 -25.52
CA ILE B 71 -4.55 5.19 -24.83
C ILE B 71 -5.39 4.44 -25.88
N LYS B 72 -5.63 5.06 -27.00
CA LYS B 72 -6.42 4.39 -28.06
C LYS B 72 -5.72 3.09 -28.45
N MET B 73 -4.45 3.15 -28.76
CA MET B 73 -3.72 1.91 -29.14
C MET B 73 -3.87 0.89 -28.01
N GLY B 74 -3.86 1.34 -26.79
CA GLY B 74 -4.00 0.40 -25.63
C GLY B 74 -5.50 0.07 -25.41
N GLU B 75 -6.39 0.69 -26.15
CA GLU B 75 -7.83 0.38 -25.96
C GLU B 75 -8.25 -0.72 -26.95
N THR B 76 -7.60 -0.80 -28.08
CA THR B 76 -7.96 -1.85 -29.08
C THR B 76 -8.03 -3.21 -28.39
N VAL B 77 -7.50 -3.31 -27.20
CA VAL B 77 -7.53 -4.62 -26.48
C VAL B 77 -7.31 -4.38 -24.98
N LEU B 78 -8.12 -4.99 -24.14
CA LEU B 78 -7.95 -4.80 -22.68
C LEU B 78 -7.82 -3.30 -22.37
N GLY C 18 -20.75 -18.98 30.92
CA GLY C 18 -20.39 -18.55 29.53
C GLY C 18 -19.37 -17.42 29.59
N PRO C 19 -19.80 -16.23 29.93
CA PRO C 19 -18.91 -15.04 30.02
C PRO C 19 -17.98 -15.09 31.24
N ASN C 20 -16.70 -14.90 31.05
CA ASN C 20 -15.74 -14.92 32.18
C ASN C 20 -14.35 -14.61 31.65
N LYS C 21 -13.34 -14.92 32.42
CA LYS C 21 -11.95 -14.65 31.95
C LYS C 21 -11.77 -15.25 30.53
N GLU C 22 -12.73 -15.98 30.04
CA GLU C 22 -12.61 -16.56 28.68
C GLU C 22 -12.96 -15.47 27.66
N THR C 23 -14.14 -14.91 27.76
CA THR C 23 -14.54 -13.83 26.81
C THR C 23 -13.35 -12.89 26.60
N ILE C 24 -12.65 -12.59 27.65
CA ILE C 24 -11.46 -11.72 27.52
C ILE C 24 -10.46 -12.43 26.63
N ASN C 25 -10.04 -13.60 27.03
CA ASN C 25 -9.03 -14.36 26.25
C ASN C 25 -9.29 -14.24 24.74
N ARG C 26 -10.47 -14.54 24.29
CA ARG C 26 -10.71 -14.40 22.83
C ARG C 26 -10.34 -12.98 22.42
N GLU C 27 -10.77 -12.02 23.19
CA GLU C 27 -10.47 -10.61 22.88
C GLU C 27 -8.97 -10.35 23.10
N VAL C 28 -8.53 -10.40 24.33
CA VAL C 28 -7.10 -10.16 24.65
C VAL C 28 -6.19 -11.01 23.76
N SER C 29 -6.64 -12.16 23.35
CA SER C 29 -5.79 -13.01 22.45
C SER C 29 -5.80 -12.40 21.05
N ILE C 30 -6.93 -12.36 20.39
CA ILE C 30 -6.98 -11.77 19.03
C ILE C 30 -6.41 -10.35 19.09
N LEU C 31 -6.16 -9.86 20.28
CA LEU C 31 -5.58 -8.52 20.45
C LEU C 31 -4.10 -8.61 20.08
N ARG C 32 -3.29 -9.18 20.94
CA ARG C 32 -1.84 -9.30 20.63
C ARG C 32 -1.68 -9.82 19.19
N HIS C 33 -2.63 -10.58 18.72
CA HIS C 33 -2.55 -11.10 17.33
C HIS C 33 -2.83 -9.93 16.38
N SER C 34 -3.97 -9.30 16.54
CA SER C 34 -4.33 -8.15 15.66
C SER C 34 -3.09 -7.28 15.47
N TYR C 35 -2.32 -7.09 16.51
CA TYR C 35 -1.09 -6.27 16.38
C TYR C 35 -0.18 -6.94 15.35
N GLN C 36 0.28 -8.13 15.64
CA GLN C 36 1.18 -8.86 14.70
C GLN C 36 0.67 -8.69 13.26
N LYS C 37 -0.59 -8.38 13.09
CA LYS C 37 -1.12 -8.18 11.71
C LYS C 37 -0.76 -6.77 11.27
N GLU C 38 -1.20 -5.79 12.02
CA GLU C 38 -0.90 -4.37 11.66
C GLU C 38 0.56 -4.26 11.22
N ILE C 39 1.49 -4.74 12.00
CA ILE C 39 2.92 -4.66 11.60
C ILE C 39 3.12 -5.51 10.34
N GLN C 40 2.52 -6.68 10.29
CA GLN C 40 2.69 -7.53 9.07
C GLN C 40 2.35 -6.67 7.84
N ALA C 41 1.15 -6.15 7.79
CA ALA C 41 0.76 -5.29 6.64
C ALA C 41 1.81 -4.20 6.45
N LYS C 42 2.32 -3.66 7.53
CA LYS C 42 3.37 -2.60 7.41
C LYS C 42 4.65 -3.22 6.84
N GLU C 43 4.68 -4.52 6.75
CA GLU C 43 5.87 -5.19 6.16
C GLU C 43 5.70 -5.26 4.65
N THR C 44 4.52 -5.56 4.20
CA THR C 44 4.28 -5.58 2.72
C THR C 44 4.35 -4.15 2.22
N MET C 45 4.01 -3.22 3.07
CA MET C 45 4.07 -1.79 2.69
C MET C 45 5.53 -1.40 2.41
N LYS C 46 6.38 -1.50 3.41
CA LYS C 46 7.81 -1.15 3.19
C LYS C 46 8.31 -1.84 1.93
N GLU C 47 7.75 -2.97 1.60
CA GLU C 47 8.17 -3.67 0.36
C GLU C 47 7.71 -2.85 -0.84
N VAL C 48 6.46 -2.45 -0.85
CA VAL C 48 5.94 -1.62 -1.97
C VAL C 48 6.93 -0.49 -2.26
N LEU C 49 7.22 0.32 -1.27
CA LEU C 49 8.18 1.45 -1.50
C LEU C 49 9.40 0.92 -2.25
N SER C 50 10.08 -0.05 -1.70
CA SER C 50 11.30 -0.60 -2.41
C SER C 50 10.99 -0.74 -3.90
N ASP C 51 9.89 -1.36 -4.24
CA ASP C 51 9.53 -1.51 -5.68
C ASP C 51 9.25 -0.13 -6.27
N ASN C 52 8.61 0.73 -5.53
CA ASN C 52 8.31 2.09 -6.05
C ASN C 52 9.63 2.82 -6.35
N MET C 53 10.46 2.98 -5.35
CA MET C 53 11.76 3.67 -5.57
C MET C 53 12.52 2.94 -6.69
N GLU C 54 12.15 1.72 -6.96
CA GLU C 54 12.83 0.95 -8.05
C GLU C 54 12.22 1.34 -9.41
N VAL C 55 10.92 1.30 -9.51
CA VAL C 55 10.24 1.66 -10.80
C VAL C 55 10.74 3.02 -11.27
N LEU C 56 10.77 4.00 -10.41
CA LEU C 56 11.22 5.36 -10.83
C LEU C 56 12.73 5.36 -11.11
N SER C 57 13.51 4.98 -10.14
CA SER C 57 14.99 4.98 -10.33
C SER C 57 15.41 4.10 -11.52
N ASP C 58 14.73 3.01 -11.76
CA ASP C 58 15.16 2.14 -12.89
C ASP C 58 14.81 2.76 -14.24
N HIS C 59 13.66 3.33 -14.38
CA HIS C 59 13.27 3.92 -15.69
C HIS C 59 13.76 5.36 -15.80
N ILE C 60 14.46 5.88 -14.81
CA ILE C 60 14.96 7.28 -14.91
C ILE C 60 15.59 7.49 -16.29
N VAL C 61 14.82 7.96 -17.23
CA VAL C 61 15.35 8.16 -18.62
C VAL C 61 16.32 9.34 -18.69
N ILE C 62 17.20 9.28 -19.64
CA ILE C 62 18.22 10.37 -19.83
C ILE C 62 18.70 10.36 -21.27
N GLU C 63 19.23 11.46 -21.71
CA GLU C 63 19.74 11.56 -23.12
C GLU C 63 18.61 11.28 -24.10
N GLY C 64 17.98 12.32 -24.59
CA GLY C 64 16.84 12.16 -25.53
C GLY C 64 15.56 12.66 -24.85
N LEU C 65 15.30 12.18 -23.66
CA LEU C 65 14.09 12.61 -22.92
C LEU C 65 14.53 13.02 -21.51
N SER C 66 14.28 14.25 -21.13
CA SER C 66 14.69 14.71 -19.78
C SER C 66 13.48 14.74 -18.84
N ALA C 67 13.42 13.89 -17.84
CA ALA C 67 12.26 13.91 -16.92
C ALA C 67 12.04 15.35 -16.45
N GLU C 68 13.08 16.13 -16.38
CA GLU C 68 12.94 17.54 -15.96
C GLU C 68 12.09 18.27 -16.99
N GLU C 69 12.49 18.23 -18.23
CA GLU C 69 11.70 18.91 -19.29
C GLU C 69 10.23 18.50 -19.16
N ILE C 70 9.96 17.22 -19.18
CA ILE C 70 8.54 16.76 -19.04
C ILE C 70 7.96 17.32 -17.74
N ILE C 71 8.47 16.88 -16.62
CA ILE C 71 7.97 17.36 -15.31
C ILE C 71 7.73 18.88 -15.36
N LYS C 72 8.60 19.60 -16.02
CA LYS C 72 8.43 21.08 -16.10
C LYS C 72 7.05 21.40 -16.67
N MET C 73 6.77 20.93 -17.85
CA MET C 73 5.45 21.21 -18.45
C MET C 73 4.35 20.90 -17.43
N GLY C 74 4.48 19.83 -16.70
CA GLY C 74 3.43 19.48 -15.69
C GLY C 74 3.53 20.42 -14.48
N GLU C 75 4.60 21.20 -14.37
CA GLU C 75 4.71 22.12 -13.21
C GLU C 75 3.88 23.37 -13.48
N THR C 76 3.94 23.89 -14.68
CA THR C 76 3.14 25.10 -15.01
C THR C 76 1.65 24.80 -14.90
N VAL C 77 1.20 23.76 -15.55
CA VAL C 77 -0.25 23.41 -15.49
C VAL C 77 -0.48 22.38 -14.38
N LEU C 78 -0.46 21.12 -14.72
CA LEU C 78 -0.69 20.06 -13.67
C LEU C 78 0.16 20.37 -12.45
N GLY D 18 -24.27 1.53 33.85
CA GLY D 18 -24.27 1.39 32.36
C GLY D 18 -23.55 0.10 31.96
N PRO D 19 -22.31 -0.02 32.32
CA PRO D 19 -21.49 -1.23 31.99
C PRO D 19 -22.23 -2.54 32.27
N ASN D 20 -22.12 -3.50 31.40
CA ASN D 20 -22.79 -4.81 31.61
C ASN D 20 -22.37 -5.75 30.47
N LYS D 21 -22.78 -6.99 30.54
CA LYS D 21 -22.39 -7.98 29.49
C LYS D 21 -22.49 -7.35 28.09
N GLU D 22 -23.21 -6.27 27.94
CA GLU D 22 -23.34 -5.64 26.61
C GLU D 22 -22.04 -4.89 26.25
N THR D 23 -21.26 -4.50 27.22
CA THR D 23 -20.01 -3.78 26.94
C THR D 23 -18.89 -4.78 26.57
N ILE D 24 -18.71 -5.84 27.34
CA ILE D 24 -17.65 -6.83 26.97
C ILE D 24 -17.95 -7.37 25.58
N ASN D 25 -19.20 -7.60 25.29
CA ASN D 25 -19.57 -8.14 23.96
C ASN D 25 -19.35 -7.09 22.87
N ARG D 26 -19.61 -5.84 23.16
CA ARG D 26 -19.42 -4.78 22.12
C ARG D 26 -17.96 -4.79 21.66
N GLU D 27 -17.05 -4.97 22.56
CA GLU D 27 -15.61 -4.96 22.17
C GLU D 27 -15.25 -6.29 21.50
N VAL D 28 -15.78 -7.38 21.99
CA VAL D 28 -15.45 -8.71 21.38
C VAL D 28 -16.11 -8.84 20.00
N SER D 29 -17.32 -8.37 19.87
CA SER D 29 -18.03 -8.45 18.57
C SER D 29 -17.28 -7.64 17.51
N ILE D 30 -17.07 -6.38 17.74
CA ILE D 30 -16.35 -5.56 16.74
C ILE D 30 -14.98 -6.22 16.50
N LEU D 31 -14.44 -6.81 17.52
CA LEU D 31 -13.12 -7.49 17.41
C LEU D 31 -13.13 -8.37 16.16
N ARG D 32 -14.05 -9.29 16.10
CA ARG D 32 -14.11 -10.18 14.90
C ARG D 32 -14.23 -9.31 13.64
N HIS D 33 -15.11 -8.35 13.65
CA HIS D 33 -15.26 -7.49 12.44
C HIS D 33 -13.92 -6.83 12.09
N SER D 34 -13.34 -6.09 12.99
CA SER D 34 -12.04 -5.44 12.70
C SER D 34 -11.07 -6.45 12.11
N TYR D 35 -10.94 -7.60 12.73
CA TYR D 35 -10.00 -8.63 12.20
C TYR D 35 -10.24 -8.78 10.70
N GLN D 36 -11.44 -9.12 10.32
CA GLN D 36 -11.76 -9.30 8.87
C GLN D 36 -11.13 -8.16 8.06
N LYS D 37 -11.54 -6.95 8.28
CA LYS D 37 -10.96 -5.81 7.51
C LYS D 37 -9.44 -5.97 7.42
N GLU D 38 -8.78 -6.20 8.52
CA GLU D 38 -7.29 -6.36 8.47
C GLU D 38 -6.89 -7.41 7.41
N ILE D 39 -7.22 -8.65 7.64
CA ILE D 39 -6.83 -9.69 6.63
C ILE D 39 -7.23 -9.22 5.24
N GLN D 40 -8.47 -8.84 5.04
CA GLN D 40 -8.88 -8.35 3.70
C GLN D 40 -7.85 -7.33 3.21
N ALA D 41 -7.63 -6.30 3.97
CA ALA D 41 -6.65 -5.26 3.57
C ALA D 41 -5.36 -5.92 3.08
N LYS D 42 -4.88 -6.92 3.76
CA LYS D 42 -3.63 -7.60 3.30
C LYS D 42 -3.85 -8.05 1.86
N GLU D 43 -5.06 -8.41 1.52
CA GLU D 43 -5.34 -8.86 0.13
C GLU D 43 -5.12 -7.69 -0.83
N THR D 44 -5.73 -6.57 -0.57
CA THR D 44 -5.53 -5.38 -1.48
C THR D 44 -4.04 -5.05 -1.56
N MET D 45 -3.28 -5.39 -0.55
CA MET D 45 -1.82 -5.09 -0.60
C MET D 45 -1.17 -6.00 -1.64
N LYS D 46 -1.34 -7.29 -1.51
CA LYS D 46 -0.73 -8.23 -2.48
C LYS D 46 -1.04 -7.73 -3.90
N GLU D 47 -2.18 -7.14 -4.09
CA GLU D 47 -2.53 -6.61 -5.43
C GLU D 47 -1.56 -5.47 -5.79
N VAL D 48 -1.40 -4.54 -4.89
CA VAL D 48 -0.47 -3.41 -5.15
C VAL D 48 0.85 -3.94 -5.72
N LEU D 49 1.35 -5.01 -5.18
CA LEU D 49 2.64 -5.56 -5.71
C LEU D 49 2.40 -6.18 -7.09
N SER D 50 1.43 -7.05 -7.20
CA SER D 50 1.15 -7.67 -8.53
C SER D 50 1.10 -6.59 -9.60
N ASP D 51 0.40 -5.50 -9.34
CA ASP D 51 0.32 -4.41 -10.34
C ASP D 51 1.67 -3.71 -10.46
N ASN D 52 2.48 -3.79 -9.44
CA ASN D 52 3.81 -3.13 -9.47
C ASN D 52 4.78 -4.01 -10.27
N MET D 53 4.93 -5.24 -9.89
CA MET D 53 5.86 -6.15 -10.62
C MET D 53 5.57 -6.10 -12.12
N GLU D 54 4.31 -6.10 -12.49
CA GLU D 54 3.97 -6.05 -13.94
C GLU D 54 4.35 -4.67 -14.48
N VAL D 55 3.89 -3.64 -13.85
CA VAL D 55 4.22 -2.25 -14.30
C VAL D 55 5.75 -2.13 -14.45
N LEU D 56 6.48 -2.68 -13.53
CA LEU D 56 7.97 -2.61 -13.60
C LEU D 56 8.45 -3.49 -14.76
N SER D 57 8.24 -4.78 -14.66
CA SER D 57 8.70 -5.69 -15.75
C SER D 57 8.23 -5.18 -17.11
N ASP D 58 7.34 -4.23 -17.14
CA ASP D 58 6.88 -3.72 -18.47
C ASP D 58 7.88 -2.69 -18.98
N HIS D 59 7.95 -1.56 -18.36
CA HIS D 59 8.86 -0.48 -18.85
C HIS D 59 10.34 -0.92 -18.77
N ILE D 60 10.67 -1.87 -17.92
CA ILE D 60 12.10 -2.29 -17.81
C ILE D 60 12.76 -2.37 -19.20
N VAL D 61 13.39 -1.29 -19.60
CA VAL D 61 14.05 -1.25 -20.94
C VAL D 61 14.99 -2.44 -21.12
N ILE D 62 15.31 -2.74 -22.35
CA ILE D 62 16.23 -3.90 -22.64
C ILE D 62 16.87 -3.77 -24.02
N GLU D 63 17.93 -4.50 -24.21
CA GLU D 63 18.65 -4.50 -25.52
C GLU D 63 18.77 -3.09 -26.08
N GLY D 64 19.89 -2.46 -25.87
CA GLY D 64 20.10 -1.07 -26.36
C GLY D 64 20.46 -0.20 -25.16
N LEU D 65 19.62 -0.21 -24.17
CA LEU D 65 19.86 0.58 -22.95
C LEU D 65 19.58 -0.33 -21.74
N SER D 66 20.57 -0.58 -20.94
CA SER D 66 20.35 -1.47 -19.77
C SER D 66 19.97 -0.65 -18.53
N ALA D 67 18.89 -0.98 -17.86
CA ALA D 67 18.48 -0.20 -16.66
C ALA D 67 19.68 -0.03 -15.73
N GLU D 68 20.61 -0.95 -15.76
CA GLU D 68 21.80 -0.83 -14.88
C GLU D 68 22.61 0.39 -15.31
N GLU D 69 23.20 0.34 -16.48
CA GLU D 69 24.00 1.50 -16.98
C GLU D 69 23.28 2.80 -16.64
N ILE D 70 22.03 2.90 -17.01
CA ILE D 70 21.27 4.14 -16.69
C ILE D 70 21.41 4.46 -15.21
N ILE D 71 20.83 3.64 -14.36
CA ILE D 71 20.91 3.88 -12.89
C ILE D 71 22.29 4.39 -12.50
N LYS D 72 23.34 3.72 -12.92
CA LYS D 72 24.69 4.20 -12.56
C LYS D 72 24.82 5.67 -12.97
N MET D 73 24.69 5.93 -14.24
CA MET D 73 24.81 7.34 -14.73
C MET D 73 24.10 8.28 -13.75
N GLY D 74 22.89 7.97 -13.38
CA GLY D 74 22.13 8.87 -12.43
C GLY D 74 22.68 8.73 -11.00
N GLU D 75 23.50 7.73 -10.74
CA GLU D 75 24.06 7.58 -9.37
C GLU D 75 25.32 8.44 -9.25
N THR D 76 26.02 8.62 -10.34
CA THR D 76 27.25 9.45 -10.31
C THR D 76 26.88 10.91 -10.03
N VAL D 77 25.91 11.42 -10.73
CA VAL D 77 25.50 12.84 -10.51
C VAL D 77 24.01 12.99 -10.82
N LEU D 78 23.16 12.69 -9.88
CA LEU D 78 21.70 12.84 -10.14
C LEU D 78 21.36 14.32 -10.33
N GLY A 18 -8.02 -0.10 42.23
CA GLY A 18 -7.93 -1.38 41.49
C GLY A 18 -8.69 -1.26 40.16
N PRO A 19 -8.72 -2.31 39.39
CA PRO A 19 -9.42 -2.33 38.08
C PRO A 19 -10.87 -1.84 38.21
N ASN A 20 -11.52 -1.55 37.12
CA ASN A 20 -12.92 -1.07 37.20
C ASN A 20 -13.46 -0.84 35.79
N LYS A 21 -14.76 -0.79 35.66
CA LYS A 21 -15.39 -0.61 34.30
C LYS A 21 -14.61 0.41 33.47
N GLU A 22 -13.82 1.25 34.08
CA GLU A 22 -13.06 2.25 33.30
C GLU A 22 -11.91 1.57 32.54
N THR A 23 -11.43 0.46 33.02
CA THR A 23 -10.31 -0.23 32.33
C THR A 23 -10.85 -1.06 31.16
N ILE A 24 -11.90 -1.84 31.34
CA ILE A 24 -12.43 -2.62 30.19
C ILE A 24 -12.86 -1.63 29.10
N ASN A 25 -13.46 -0.54 29.51
CA ASN A 25 -13.92 0.48 28.54
C ASN A 25 -12.72 1.04 27.77
N ARG A 26 -11.62 1.28 28.44
CA ARG A 26 -10.44 1.83 27.72
C ARG A 26 -10.06 0.84 26.63
N GLU A 27 -10.23 -0.43 26.89
CA GLU A 27 -9.89 -1.45 25.87
C GLU A 27 -10.93 -1.43 24.76
N VAL A 28 -12.19 -1.40 25.08
CA VAL A 28 -13.25 -1.38 24.02
C VAL A 28 -13.24 -0.02 23.34
N SER A 29 -12.71 0.99 23.97
CA SER A 29 -12.68 2.34 23.35
C SER A 29 -11.69 2.32 22.19
N ILE A 30 -10.45 2.02 22.45
CA ILE A 30 -9.45 1.98 21.34
C ILE A 30 -9.91 0.94 20.32
N LEU A 31 -10.51 -0.12 20.80
CA LEU A 31 -11.01 -1.18 19.88
C LEU A 31 -11.80 -0.54 18.74
N ARG A 32 -12.85 0.17 19.07
CA ARG A 32 -13.67 0.82 18.01
C ARG A 32 -12.77 1.72 17.15
N HIS A 33 -11.89 2.46 17.76
CA HIS A 33 -10.98 3.34 16.97
C HIS A 33 -10.15 2.50 16.00
N SER A 34 -9.44 1.52 16.50
CA SER A 34 -8.62 0.67 15.62
C SER A 34 -9.43 0.24 14.40
N TYR A 35 -10.63 -0.22 14.60
CA TYR A 35 -11.47 -0.64 13.44
C TYR A 35 -11.50 0.49 12.40
N GLN A 36 -12.01 1.63 12.78
CA GLN A 36 -12.07 2.77 11.82
C GLN A 36 -10.76 2.88 11.05
N LYS A 37 -9.69 3.19 11.71
CA LYS A 37 -8.38 3.32 11.00
C LYS A 37 -8.20 2.16 10.01
N GLU A 38 -8.54 0.96 10.42
CA GLU A 38 -8.37 -0.21 9.51
C GLU A 38 -9.19 0.00 8.22
N ILE A 39 -10.50 0.02 8.32
CA ILE A 39 -11.31 0.21 7.09
C ILE A 39 -10.76 1.39 6.29
N GLN A 40 -10.54 2.51 6.93
CA GLN A 40 -9.99 3.68 6.18
C GLN A 40 -8.75 3.23 5.41
N ALA A 41 -7.78 2.69 6.10
CA ALA A 41 -6.54 2.23 5.41
C ALA A 41 -6.91 1.43 4.16
N LYS A 42 -7.94 0.63 4.22
CA LYS A 42 -8.31 -0.14 3.00
C LYS A 42 -8.61 0.87 1.89
N GLU A 43 -9.16 1.99 2.25
CA GLU A 43 -9.48 3.03 1.23
C GLU A 43 -8.20 3.52 0.57
N THR A 44 -7.23 3.92 1.35
CA THR A 44 -5.94 4.40 0.75
C THR A 44 -5.31 3.27 -0.07
N MET A 45 -5.71 2.06 0.17
CA MET A 45 -5.14 0.92 -0.62
C MET A 45 -5.79 0.89 -2.00
N LYS A 46 -7.09 0.91 -2.06
CA LYS A 46 -7.78 0.90 -3.38
C LYS A 46 -7.25 2.05 -4.22
N GLU A 47 -6.82 3.11 -3.59
CA GLU A 47 -6.28 4.28 -4.35
C GLU A 47 -4.93 3.90 -4.93
N VAL A 48 -4.01 3.46 -4.10
CA VAL A 48 -2.66 3.08 -4.60
C VAL A 48 -2.79 2.17 -5.82
N LEU A 49 -3.83 1.39 -5.90
CA LEU A 49 -3.99 0.48 -7.08
C LEU A 49 -4.61 1.27 -8.23
N SER A 50 -5.65 2.02 -7.98
CA SER A 50 -6.29 2.80 -9.07
C SER A 50 -5.20 3.53 -9.86
N ASP A 51 -4.15 3.93 -9.19
CA ASP A 51 -3.05 4.63 -9.90
C ASP A 51 -2.11 3.58 -10.52
N ASN A 52 -1.58 2.71 -9.72
CA ASN A 52 -0.68 1.66 -10.25
C ASN A 52 -1.31 1.04 -11.50
N MET A 53 -2.53 0.59 -11.39
CA MET A 53 -3.22 -0.02 -12.57
C MET A 53 -3.28 1.03 -13.69
N GLU A 54 -3.80 2.18 -13.38
CA GLU A 54 -3.91 3.26 -14.42
C GLU A 54 -2.63 3.32 -15.25
N VAL A 55 -1.49 3.36 -14.61
CA VAL A 55 -0.20 3.41 -15.36
C VAL A 55 -0.08 2.16 -16.22
N LEU A 56 -0.54 1.05 -15.70
CA LEU A 56 -0.48 -0.21 -16.49
C LEU A 56 -1.41 -0.08 -17.68
N SER A 57 -2.66 0.20 -17.42
CA SER A 57 -3.62 0.37 -18.54
C SER A 57 -3.28 1.66 -19.28
N ASP A 58 -2.23 2.33 -18.88
CA ASP A 58 -1.85 3.59 -19.61
C ASP A 58 -1.05 3.19 -20.83
N HIS A 59 0.12 2.65 -20.66
CA HIS A 59 0.94 2.30 -21.86
C HIS A 59 0.34 1.11 -22.60
N ILE A 60 -0.14 0.10 -21.90
CA ILE A 60 -0.73 -1.12 -22.58
C ILE A 60 0.14 -1.58 -23.74
N VAL A 61 -0.19 -2.70 -24.29
CA VAL A 61 0.61 -3.25 -25.42
C VAL A 61 0.65 -2.19 -26.53
N ILE A 62 1.81 -1.76 -26.95
CA ILE A 62 1.88 -0.74 -28.04
C ILE A 62 2.63 -1.21 -29.27
N GLU A 63 2.04 -0.96 -30.42
CA GLU A 63 2.68 -1.35 -31.71
C GLU A 63 4.03 -0.69 -31.75
N GLY A 64 5.06 -1.46 -31.92
CA GLY A 64 6.43 -0.90 -31.91
C GLY A 64 7.07 -1.36 -30.61
N LEU A 65 6.40 -1.14 -29.50
CA LEU A 65 6.95 -1.59 -28.22
C LEU A 65 5.85 -2.25 -27.45
N SER A 66 5.33 -3.28 -28.02
CA SER A 66 4.24 -4.03 -27.36
C SER A 66 4.76 -4.38 -25.95
N ALA A 67 4.11 -3.93 -24.90
CA ALA A 67 4.65 -4.25 -23.54
C ALA A 67 5.00 -5.74 -23.47
N GLU A 68 4.34 -6.56 -24.23
CA GLU A 68 4.67 -8.02 -24.20
C GLU A 68 6.01 -8.24 -24.89
N GLU A 69 6.07 -7.97 -26.16
CA GLU A 69 7.35 -8.16 -26.92
C GLU A 69 8.54 -7.67 -26.10
N ILE A 70 8.52 -6.45 -25.64
CA ILE A 70 9.68 -5.95 -24.84
C ILE A 70 9.80 -6.80 -23.56
N ILE A 71 8.75 -6.91 -22.81
CA ILE A 71 8.79 -7.72 -21.54
C ILE A 71 9.61 -8.99 -21.78
N LYS A 72 9.32 -9.72 -22.82
CA LYS A 72 10.08 -10.97 -23.09
C LYS A 72 11.57 -10.61 -23.23
N MET A 73 11.88 -9.74 -24.14
CA MET A 73 13.30 -9.35 -24.35
C MET A 73 14.01 -9.22 -23.01
N GLY A 74 13.44 -8.50 -22.07
CA GLY A 74 14.12 -8.34 -20.74
C GLY A 74 14.05 -9.67 -19.96
N GLU A 75 13.17 -10.57 -20.35
CA GLU A 75 13.08 -11.87 -19.64
C GLU A 75 14.36 -12.67 -19.92
N THR A 76 14.87 -12.60 -21.13
CA THR A 76 16.10 -13.34 -21.47
C THR A 76 17.21 -12.97 -20.49
N VAL A 77 17.21 -11.74 -20.02
CA VAL A 77 18.25 -11.30 -19.06
C VAL A 77 17.66 -11.21 -17.65
N LEU A 78 16.65 -10.40 -17.48
CA LEU A 78 16.02 -10.26 -16.13
C LEU A 78 15.70 -11.65 -15.57
N GLY B 18 -12.36 -11.57 39.29
CA GLY B 18 -11.92 -12.70 38.43
C GLY B 18 -10.75 -12.27 37.57
N PRO B 19 -10.90 -11.17 36.87
CA PRO B 19 -9.83 -10.63 35.98
C PRO B 19 -8.55 -10.30 36.75
N ASN B 20 -7.54 -9.85 36.06
CA ASN B 20 -6.25 -9.52 36.74
C ASN B 20 -5.65 -8.29 36.06
N LYS B 21 -5.22 -7.33 36.84
CA LYS B 21 -4.62 -6.10 36.26
C LYS B 21 -3.67 -6.46 35.10
N GLU B 22 -3.08 -7.62 35.15
CA GLU B 22 -2.12 -8.02 34.08
C GLU B 22 -2.85 -8.40 32.78
N THR B 23 -3.98 -9.04 32.86
CA THR B 23 -4.68 -9.45 31.61
C THR B 23 -5.31 -8.24 30.91
N ILE B 24 -5.85 -7.29 31.62
CA ILE B 24 -6.43 -6.11 30.89
C ILE B 24 -5.27 -5.26 30.37
N ASN B 25 -4.20 -5.18 31.11
CA ASN B 25 -3.06 -4.37 30.64
C ASN B 25 -2.30 -5.15 29.56
N ARG B 26 -2.36 -6.45 29.60
CA ARG B 26 -1.65 -7.24 28.56
C ARG B 26 -2.25 -6.88 27.21
N GLU B 27 -3.55 -6.92 27.09
CA GLU B 27 -4.16 -6.55 25.81
C GLU B 27 -4.00 -5.04 25.62
N VAL B 28 -4.71 -4.26 26.40
CA VAL B 28 -4.63 -2.77 26.30
C VAL B 28 -3.19 -2.32 25.99
N SER B 29 -2.20 -2.97 26.54
CA SER B 29 -0.80 -2.54 26.25
C SER B 29 -0.44 -2.90 24.80
N ILE B 30 -0.44 -4.15 24.47
CA ILE B 30 -0.10 -4.56 23.08
C ILE B 30 -1.11 -3.90 22.14
N LEU B 31 -2.12 -3.30 22.69
CA LEU B 31 -3.16 -2.61 21.88
C LEU B 31 -2.60 -1.28 21.39
N ARG B 32 -2.03 -0.51 22.28
CA ARG B 32 -1.45 0.80 21.88
C ARG B 32 -0.29 0.56 20.91
N HIS B 33 0.49 -0.45 21.15
CA HIS B 33 1.64 -0.74 20.23
C HIS B 33 1.08 -0.98 18.83
N SER B 34 0.05 -1.77 18.70
CA SER B 34 -0.54 -2.04 17.37
C SER B 34 -0.97 -0.70 16.76
N TYR B 35 -1.43 0.20 17.57
CA TYR B 35 -1.85 1.53 17.03
C TYR B 35 -0.65 2.19 16.35
N GLN B 36 0.41 2.39 17.07
CA GLN B 36 1.62 3.03 16.47
C GLN B 36 1.89 2.42 15.10
N LYS B 37 2.16 1.16 15.04
CA LYS B 37 2.43 0.52 13.72
C LYS B 37 1.34 0.92 12.71
N GLU B 38 0.10 0.89 13.10
CA GLU B 38 -1.00 1.27 12.15
C GLU B 38 -0.76 2.68 11.59
N ILE B 39 -0.66 3.67 12.44
CA ILE B 39 -0.42 5.05 11.91
C ILE B 39 0.89 5.06 11.14
N GLN B 40 1.83 4.25 11.54
CA GLN B 40 3.13 4.20 10.79
C GLN B 40 2.86 3.67 9.38
N ALA B 41 2.18 2.56 9.29
CA ALA B 41 1.87 1.98 7.95
C ALA B 41 1.12 3.00 7.11
N LYS B 42 0.49 3.95 7.74
CA LYS B 42 -0.23 5.01 6.95
C LYS B 42 0.84 5.97 6.43
N GLU B 43 1.90 6.11 7.17
CA GLU B 43 3.01 7.03 6.75
C GLU B 43 3.73 6.43 5.54
N THR B 44 3.68 5.12 5.40
CA THR B 44 4.34 4.48 4.22
C THR B 44 3.44 4.63 3.00
N MET B 45 2.28 4.04 3.04
CA MET B 45 1.34 4.14 1.88
C MET B 45 1.31 5.58 1.36
N LYS B 46 1.36 6.54 2.26
CA LYS B 46 1.35 7.97 1.81
C LYS B 46 2.61 8.24 0.99
N GLU B 47 3.75 7.99 1.56
CA GLU B 47 5.03 8.22 0.82
C GLU B 47 4.91 7.66 -0.60
N VAL B 48 4.40 6.46 -0.73
CA VAL B 48 4.26 5.86 -2.08
C VAL B 48 3.44 6.81 -2.96
N LEU B 49 2.17 6.94 -2.69
CA LEU B 49 1.27 7.82 -3.52
C LEU B 49 2.04 9.07 -3.99
N SER B 50 2.65 9.80 -3.11
CA SER B 50 3.41 11.00 -3.55
C SER B 50 4.30 10.59 -4.73
N ASP B 51 4.91 9.45 -4.61
CA ASP B 51 5.76 8.94 -5.72
C ASP B 51 4.86 8.43 -6.86
N ASN B 52 4.00 7.49 -6.58
CA ASN B 52 3.10 6.96 -7.64
C ASN B 52 2.54 8.12 -8.46
N MET B 53 2.21 9.20 -7.82
CA MET B 53 1.66 10.37 -8.56
C MET B 53 2.72 10.92 -9.53
N GLU B 54 3.80 11.43 -9.00
CA GLU B 54 4.87 12.00 -9.88
C GLU B 54 5.12 11.07 -11.07
N VAL B 55 5.31 9.80 -10.82
CA VAL B 55 5.53 8.87 -11.96
C VAL B 55 4.26 8.81 -12.80
N LEU B 56 3.14 8.57 -12.16
CA LEU B 56 1.85 8.49 -12.92
C LEU B 56 1.80 9.63 -13.94
N SER B 57 1.91 10.86 -13.49
CA SER B 57 1.89 12.00 -14.43
C SER B 57 3.02 11.84 -15.47
N ASP B 58 4.04 11.11 -15.11
CA ASP B 58 5.16 10.92 -16.10
C ASP B 58 4.65 10.14 -17.31
N HIS B 59 4.29 8.90 -17.12
CA HIS B 59 3.77 8.10 -18.27
C HIS B 59 2.75 8.91 -19.07
N ILE B 60 1.99 9.75 -18.42
CA ILE B 60 0.98 10.55 -19.17
C ILE B 60 1.69 11.41 -20.22
N VAL B 61 2.00 10.83 -21.34
CA VAL B 61 2.71 11.59 -22.41
C VAL B 61 1.99 12.92 -22.68
N ILE B 62 2.73 13.88 -23.15
CA ILE B 62 2.13 15.22 -23.44
C ILE B 62 3.08 15.98 -24.36
N GLU B 63 2.55 16.98 -25.01
CA GLU B 63 3.38 17.82 -25.93
C GLU B 63 4.02 16.92 -27.00
N GLY B 64 3.82 17.23 -28.24
CA GLY B 64 4.41 16.41 -29.33
C GLY B 64 3.50 15.21 -29.59
N LEU B 65 3.13 14.49 -28.56
CA LEU B 65 2.25 13.32 -28.73
C LEU B 65 1.09 13.45 -27.75
N SER B 66 -0.11 13.15 -28.18
CA SER B 66 -1.28 13.28 -27.26
C SER B 66 -1.77 11.87 -26.88
N ALA B 67 -2.00 11.63 -25.60
CA ALA B 67 -2.48 10.29 -25.17
C ALA B 67 -3.51 9.76 -26.19
N GLU B 68 -4.32 10.63 -26.74
CA GLU B 68 -5.32 10.18 -27.75
C GLU B 68 -4.58 9.45 -28.87
N GLU B 69 -3.63 10.09 -29.48
CA GLU B 69 -2.87 9.41 -30.58
C GLU B 69 -2.40 8.05 -30.08
N ILE B 70 -1.88 8.00 -28.88
CA ILE B 70 -1.41 6.70 -28.33
C ILE B 70 -2.60 5.74 -28.23
N ILE B 71 -3.70 6.20 -27.69
CA ILE B 71 -4.90 5.32 -27.58
C ILE B 71 -5.12 4.63 -28.93
N LYS B 72 -5.11 5.38 -30.00
CA LYS B 72 -5.31 4.76 -31.34
C LYS B 72 -4.31 3.61 -31.51
N MET B 73 -3.07 3.84 -31.19
CA MET B 73 -2.06 2.75 -31.32
C MET B 73 -2.37 1.69 -30.26
N GLY B 74 -3.16 2.05 -29.29
CA GLY B 74 -3.54 1.08 -28.21
C GLY B 74 -4.89 0.44 -28.58
N GLU B 75 -5.53 0.89 -29.65
CA GLU B 75 -6.84 0.30 -30.03
C GLU B 75 -6.60 -0.81 -31.06
N THR B 76 -5.65 -0.62 -31.95
CA THR B 76 -5.37 -1.66 -32.96
C THR B 76 -5.25 -3.03 -32.28
N VAL B 77 -5.14 -3.03 -30.98
CA VAL B 77 -5.02 -4.32 -30.24
C VAL B 77 -5.78 -4.21 -28.91
N LEU B 78 -5.08 -4.36 -27.81
CA LEU B 78 -5.77 -4.25 -26.49
C LEU B 78 -6.49 -2.91 -26.40
N GLY C 18 -20.96 -19.46 31.45
CA GLY C 18 -20.80 -18.19 30.68
C GLY C 18 -19.32 -17.98 30.37
N PRO C 19 -18.95 -16.78 29.99
CA PRO C 19 -17.53 -16.43 29.66
C PRO C 19 -16.56 -16.92 30.74
N ASN C 20 -15.29 -16.83 30.49
CA ASN C 20 -14.29 -17.27 31.51
C ASN C 20 -12.90 -16.90 31.02
N LYS C 21 -11.92 -17.02 31.87
CA LYS C 21 -10.51 -16.68 31.48
C LYS C 21 -10.20 -17.15 30.05
N GLU C 22 -10.92 -18.11 29.55
CA GLU C 22 -10.63 -18.61 28.17
C GLU C 22 -11.16 -17.62 27.11
N THR C 23 -11.99 -16.68 27.48
CA THR C 23 -12.50 -15.73 26.48
C THR C 23 -11.52 -14.56 26.31
N ILE C 24 -11.02 -13.98 27.39
CA ILE C 24 -10.02 -12.88 27.20
C ILE C 24 -8.76 -13.51 26.63
N ASN C 25 -8.54 -14.78 26.91
CA ASN C 25 -7.33 -15.46 26.37
C ASN C 25 -7.46 -15.61 24.86
N ARG C 26 -8.60 -16.02 24.38
CA ARG C 26 -8.75 -16.17 22.91
C ARG C 26 -8.51 -14.81 22.25
N GLU C 27 -8.89 -13.76 22.91
CA GLU C 27 -8.68 -12.40 22.33
C GLU C 27 -7.22 -11.98 22.54
N VAL C 28 -6.67 -12.27 23.68
CA VAL C 28 -5.24 -11.88 23.93
C VAL C 28 -4.32 -12.76 23.08
N SER C 29 -4.69 -13.99 22.85
CA SER C 29 -3.86 -14.91 22.03
C SER C 29 -3.81 -14.38 20.58
N ILE C 30 -4.95 -14.23 19.97
CA ILE C 30 -4.96 -13.72 18.56
C ILE C 30 -4.23 -12.39 18.55
N LEU C 31 -4.26 -11.68 19.66
CA LEU C 31 -3.57 -10.37 19.75
C LEU C 31 -2.11 -10.57 19.38
N ARG C 32 -1.46 -11.53 19.99
CA ARG C 32 -0.03 -11.79 19.68
C ARG C 32 0.11 -12.15 18.20
N HIS C 33 -0.68 -13.07 17.72
CA HIS C 33 -0.59 -13.44 16.27
C HIS C 33 -0.79 -12.17 15.42
N SER C 34 -1.82 -11.43 15.70
CA SER C 34 -2.09 -10.19 14.93
C SER C 34 -0.79 -9.38 14.85
N TYR C 35 -0.12 -9.21 15.96
CA TYR C 35 1.15 -8.45 15.94
C TYR C 35 2.02 -9.00 14.81
N GLN C 36 2.18 -10.30 14.76
CA GLN C 36 3.00 -10.92 13.68
C GLN C 36 2.61 -10.27 12.36
N LYS C 37 1.38 -10.41 11.94
CA LYS C 37 0.95 -9.79 10.64
C LYS C 37 1.51 -8.37 10.55
N GLU C 38 1.34 -7.58 11.59
CA GLU C 38 1.85 -6.17 11.55
C GLU C 38 3.33 -6.17 11.14
N ILE C 39 4.21 -6.67 11.98
CA ILE C 39 5.65 -6.66 11.61
C ILE C 39 5.81 -7.23 10.19
N GLN C 40 5.28 -8.40 9.93
CA GLN C 40 5.42 -8.97 8.55
C GLN C 40 4.85 -7.96 7.54
N ALA C 41 4.13 -6.99 8.03
CA ALA C 41 3.56 -5.96 7.10
C ALA C 41 4.67 -4.97 6.76
N LYS C 42 5.36 -4.47 7.74
CA LYS C 42 6.46 -3.52 7.47
C LYS C 42 7.37 -4.15 6.41
N GLU C 43 7.48 -5.46 6.43
CA GLU C 43 8.33 -6.14 5.43
C GLU C 43 7.71 -5.98 4.04
N THR C 44 6.50 -6.43 3.87
CA THR C 44 5.84 -6.28 2.52
C THR C 44 5.77 -4.80 2.16
N MET C 45 5.54 -3.94 3.12
CA MET C 45 5.49 -2.49 2.81
C MET C 45 6.88 -2.04 2.33
N LYS C 46 7.89 -2.27 3.13
CA LYS C 46 9.26 -1.86 2.75
C LYS C 46 9.53 -2.31 1.30
N GLU C 47 8.89 -3.35 0.86
CA GLU C 47 9.10 -3.80 -0.54
C GLU C 47 8.39 -2.82 -1.47
N VAL C 48 7.21 -2.42 -1.12
CA VAL C 48 6.46 -1.45 -1.96
C VAL C 48 7.36 -0.24 -2.24
N LEU C 49 8.02 0.28 -1.24
CA LEU C 49 8.91 1.45 -1.49
C LEU C 49 10.02 1.02 -2.44
N SER C 50 10.69 -0.06 -2.14
CA SER C 50 11.79 -0.54 -3.03
C SER C 50 11.26 -0.58 -4.46
N ASP C 51 10.12 -1.18 -4.66
CA ASP C 51 9.54 -1.24 -6.03
C ASP C 51 9.20 0.18 -6.47
N ASN C 52 8.70 0.97 -5.57
CA ASN C 52 8.36 2.38 -5.90
C ASN C 52 9.61 3.10 -6.40
N MET C 53 10.55 3.31 -5.52
CA MET C 53 11.81 3.98 -5.91
C MET C 53 12.32 3.38 -7.23
N GLU C 54 11.94 2.17 -7.53
CA GLU C 54 12.40 1.57 -8.81
C GLU C 54 11.56 2.14 -9.95
N VAL C 55 10.27 2.07 -9.83
CA VAL C 55 9.39 2.62 -10.90
C VAL C 55 9.78 4.07 -11.21
N LEU C 56 9.93 4.88 -10.20
CA LEU C 56 10.32 6.31 -10.43
C LEU C 56 11.75 6.35 -10.96
N SER C 57 12.69 5.84 -10.21
CA SER C 57 14.10 5.86 -10.68
C SER C 57 14.19 5.34 -12.11
N ASP C 58 13.22 4.60 -12.57
CA ASP C 58 13.29 4.08 -13.97
C ASP C 58 12.90 5.19 -14.93
N HIS C 59 11.64 5.49 -15.01
CA HIS C 59 11.18 6.55 -15.96
C HIS C 59 11.61 7.95 -15.48
N ILE C 60 12.53 8.03 -14.55
CA ILE C 60 12.97 9.39 -14.11
C ILE C 60 13.68 10.07 -15.28
N VAL C 61 12.93 10.57 -16.21
CA VAL C 61 13.54 11.25 -17.39
C VAL C 61 14.59 12.25 -16.94
N ILE C 62 15.52 12.54 -17.80
CA ILE C 62 16.61 13.50 -17.44
C ILE C 62 17.28 14.05 -18.70
N GLU C 63 17.96 15.15 -18.54
CA GLU C 63 18.69 15.79 -19.68
C GLU C 63 17.86 15.74 -20.96
N GLY C 64 17.18 16.81 -21.25
CA GLY C 64 16.31 16.87 -22.46
C GLY C 64 14.92 17.28 -22.01
N LEU C 65 14.38 16.55 -21.08
CA LEU C 65 13.04 16.86 -20.55
C LEU C 65 13.11 16.72 -19.03
N SER C 66 12.81 17.75 -18.30
CA SER C 66 12.90 17.65 -16.81
C SER C 66 11.54 17.23 -16.24
N ALA C 67 11.52 16.23 -15.38
CA ALA C 67 10.21 15.79 -14.81
C ALA C 67 9.46 17.01 -14.28
N GLU C 68 10.16 18.06 -13.94
CA GLU C 68 9.48 19.28 -13.43
C GLU C 68 8.60 19.87 -14.52
N GLU C 69 9.20 20.41 -15.56
CA GLU C 69 8.41 21.00 -16.67
C GLU C 69 7.25 20.07 -17.00
N ILE C 70 7.52 18.81 -17.23
CA ILE C 70 6.41 17.87 -17.55
C ILE C 70 5.34 17.97 -16.47
N ILE C 71 5.64 17.54 -15.27
CA ILE C 71 4.64 17.60 -14.16
C ILE C 71 3.91 18.94 -14.21
N LYS C 72 4.63 20.02 -14.21
CA LYS C 72 3.95 21.35 -14.24
C LYS C 72 3.03 21.42 -15.45
N MET C 73 3.58 21.30 -16.62
CA MET C 73 2.77 21.37 -17.86
C MET C 73 1.38 20.74 -17.65
N GLY C 74 1.33 19.55 -17.09
CA GLY C 74 -0.02 18.90 -16.89
C GLY C 74 -0.75 19.55 -15.70
N GLU C 75 -0.04 20.22 -14.83
CA GLU C 75 -0.71 20.88 -13.67
C GLU C 75 -1.40 22.16 -14.15
N THR C 76 -0.93 22.72 -15.23
CA THR C 76 -1.57 23.97 -15.75
C THR C 76 -2.81 23.58 -16.55
N VAL C 77 -2.73 22.55 -17.35
CA VAL C 77 -3.90 22.12 -18.15
C VAL C 77 -4.65 21.01 -17.40
N LEU C 78 -4.21 19.79 -17.57
CA LEU C 78 -4.89 18.65 -16.87
C LEU C 78 -5.09 19.01 -15.40
N GLY D 18 -24.28 -2.39 32.26
CA GLY D 18 -23.25 -1.88 31.31
C GLY D 18 -22.13 -2.91 31.14
N PRO D 19 -21.35 -3.11 32.18
CA PRO D 19 -20.23 -4.09 32.16
C PRO D 19 -20.73 -5.53 32.32
N ASN D 20 -20.57 -6.36 31.32
CA ASN D 20 -21.03 -7.77 31.45
C ASN D 20 -20.58 -8.57 30.23
N LYS D 21 -20.85 -9.84 30.24
CA LYS D 21 -20.45 -10.73 29.11
C LYS D 21 -20.68 -10.04 27.76
N GLU D 22 -21.52 -9.03 27.71
CA GLU D 22 -21.77 -8.35 26.40
C GLU D 22 -20.57 -7.48 26.02
N THR D 23 -19.81 -7.02 26.98
CA THR D 23 -18.65 -6.16 26.66
C THR D 23 -17.44 -7.03 26.23
N ILE D 24 -17.14 -8.09 26.96
CA ILE D 24 -15.98 -8.95 26.52
C ILE D 24 -16.29 -9.48 25.12
N ASN D 25 -17.53 -9.83 24.89
CA ASN D 25 -17.91 -10.37 23.55
C ASN D 25 -17.75 -9.29 22.48
N ARG D 26 -18.09 -8.06 22.80
CA ARG D 26 -17.96 -6.98 21.79
C ARG D 26 -16.52 -6.89 21.29
N GLU D 27 -15.57 -6.94 22.18
CA GLU D 27 -14.15 -6.86 21.74
C GLU D 27 -13.74 -8.17 21.07
N VAL D 28 -14.22 -9.29 21.56
CA VAL D 28 -13.83 -10.59 20.94
C VAL D 28 -14.49 -10.73 19.56
N SER D 29 -15.72 -10.34 19.43
CA SER D 29 -16.41 -10.45 18.11
C SER D 29 -15.67 -9.62 17.07
N ILE D 30 -15.47 -8.36 17.33
CA ILE D 30 -14.73 -7.52 16.35
C ILE D 30 -13.36 -8.14 16.11
N LEU D 31 -12.80 -8.74 17.12
CA LEU D 31 -11.48 -9.40 16.99
C LEU D 31 -11.48 -10.28 15.74
N ARG D 32 -12.36 -11.23 15.69
CA ARG D 32 -12.42 -12.13 14.51
C ARG D 32 -12.55 -11.28 13.24
N HIS D 33 -13.38 -10.28 13.27
CA HIS D 33 -13.55 -9.41 12.07
C HIS D 33 -12.21 -8.76 11.72
N SER D 34 -11.58 -8.12 12.66
CA SER D 34 -10.28 -7.46 12.38
C SER D 34 -9.31 -8.46 11.74
N TYR D 35 -9.14 -9.61 12.33
CA TYR D 35 -8.20 -10.62 11.75
C TYR D 35 -8.47 -10.73 10.24
N GLN D 36 -9.67 -11.09 9.89
CA GLN D 36 -10.01 -11.24 8.44
C GLN D 36 -9.44 -10.05 7.66
N LYS D 37 -9.91 -8.87 7.93
CA LYS D 37 -9.39 -7.66 7.20
C LYS D 37 -7.87 -7.77 7.02
N GLU D 38 -7.16 -8.07 8.07
CA GLU D 38 -5.67 -8.16 7.96
C GLU D 38 -5.29 -9.17 6.86
N ILE D 39 -5.55 -10.43 7.06
CA ILE D 39 -5.17 -11.43 6.02
C ILE D 39 -5.66 -10.95 4.66
N GLN D 40 -6.90 -10.55 4.55
CA GLN D 40 -7.39 -10.05 3.22
C GLN D 40 -6.41 -8.98 2.74
N ALA D 41 -6.18 -7.97 3.53
CA ALA D 41 -5.25 -6.89 3.11
C ALA D 41 -3.97 -7.50 2.55
N LYS D 42 -3.42 -8.49 3.19
CA LYS D 42 -2.17 -9.11 2.64
C LYS D 42 -2.42 -9.48 1.20
N GLU D 43 -3.63 -9.89 0.89
CA GLU D 43 -3.93 -10.27 -0.53
C GLU D 43 -3.81 -9.03 -1.42
N THR D 44 -4.48 -7.97 -1.07
CA THR D 44 -4.37 -6.72 -1.90
C THR D 44 -2.92 -6.28 -1.97
N MET D 45 -2.14 -6.54 -0.95
CA MET D 45 -0.71 -6.13 -0.99
C MET D 45 0.00 -6.91 -2.09
N LYS D 46 -0.01 -8.23 -2.00
CA LYS D 46 0.67 -9.04 -3.05
C LYS D 46 0.25 -8.51 -4.43
N GLU D 47 -0.93 -7.95 -4.52
CA GLU D 47 -1.39 -7.40 -5.82
C GLU D 47 -0.55 -6.15 -6.15
N VAL D 48 -0.43 -5.26 -5.21
CA VAL D 48 0.38 -4.02 -5.45
C VAL D 48 1.70 -4.41 -6.12
N LEU D 49 2.32 -5.46 -5.66
CA LEU D 49 3.62 -5.88 -6.26
C LEU D 49 3.38 -6.42 -7.68
N SER D 50 2.49 -7.35 -7.83
CA SER D 50 2.21 -7.91 -9.18
C SER D 50 2.08 -6.77 -10.20
N ASP D 51 1.31 -5.77 -9.88
CA ASP D 51 1.14 -4.63 -10.83
C ASP D 51 2.44 -3.85 -10.93
N ASN D 52 3.22 -3.86 -9.88
CA ASN D 52 4.51 -3.11 -9.91
C ASN D 52 5.51 -3.86 -10.78
N MET D 53 5.82 -5.08 -10.43
CA MET D 53 6.79 -5.88 -11.23
C MET D 53 6.48 -5.77 -12.72
N GLU D 54 5.23 -5.85 -13.08
CA GLU D 54 4.89 -5.75 -14.55
C GLU D 54 5.29 -4.37 -15.08
N VAL D 55 4.93 -3.32 -14.40
CA VAL D 55 5.28 -1.95 -14.89
C VAL D 55 6.77 -1.87 -15.22
N LEU D 56 7.62 -2.45 -14.41
CA LEU D 56 9.08 -2.39 -14.73
C LEU D 56 9.35 -3.21 -15.98
N SER D 57 9.09 -4.49 -15.93
CA SER D 57 9.33 -5.35 -17.12
C SER D 57 8.80 -4.68 -18.39
N ASP D 58 7.95 -3.68 -18.25
CA ASP D 58 7.45 -3.02 -19.49
C ASP D 58 8.44 -1.95 -19.90
N HIS D 59 8.46 -0.85 -19.21
CA HIS D 59 9.41 0.24 -19.56
C HIS D 59 10.85 -0.17 -19.24
N ILE D 60 11.10 -1.46 -19.07
CA ILE D 60 12.50 -1.88 -18.78
C ILE D 60 13.36 -1.55 -20.00
N VAL D 61 13.74 -0.32 -20.14
CA VAL D 61 14.58 0.09 -21.32
C VAL D 61 15.67 -0.94 -21.57
N ILE D 62 16.05 -1.10 -22.80
CA ILE D 62 17.11 -2.11 -23.14
C ILE D 62 17.77 -1.76 -24.47
N GLU D 63 18.95 -2.29 -24.67
CA GLU D 63 19.71 -2.06 -25.94
C GLU D 63 19.61 -0.58 -26.35
N GLY D 64 20.62 0.17 -26.01
CA GLY D 64 20.62 1.63 -26.33
C GLY D 64 20.87 2.38 -25.03
N LEU D 65 20.05 2.13 -24.06
CA LEU D 65 20.20 2.77 -22.75
C LEU D 65 19.96 1.70 -21.70
N SER D 66 20.77 1.62 -20.68
CA SER D 66 20.59 0.57 -19.65
C SER D 66 19.97 1.17 -18.37
N ALA D 67 18.96 0.54 -17.81
CA ALA D 67 18.33 1.08 -16.57
C ALA D 67 19.41 1.51 -15.58
N GLU D 68 20.59 0.95 -15.69
CA GLU D 68 21.68 1.34 -14.77
C GLU D 68 22.08 2.79 -15.05
N GLU D 69 22.60 3.04 -16.23
CA GLU D 69 23.02 4.43 -16.59
C GLU D 69 21.97 5.42 -16.06
N ILE D 70 20.73 5.26 -16.44
CA ILE D 70 19.69 6.20 -15.94
C ILE D 70 19.80 6.30 -14.41
N ILE D 71 19.47 5.23 -13.73
CA ILE D 71 19.53 5.22 -12.23
C ILE D 71 20.79 5.95 -11.76
N LYS D 72 21.95 5.53 -12.20
CA LYS D 72 23.19 6.22 -11.76
C LYS D 72 23.11 7.70 -12.10
N MET D 73 22.94 8.00 -13.35
CA MET D 73 22.85 9.44 -13.77
C MET D 73 22.03 10.22 -12.74
N GLY D 74 20.87 9.74 -12.41
CA GLY D 74 20.01 10.49 -11.41
C GLY D 74 20.62 10.38 -10.00
N GLU D 75 21.57 9.49 -9.81
CA GLU D 75 22.20 9.37 -8.46
C GLU D 75 23.17 10.53 -8.25
N THR D 76 23.92 10.88 -9.26
CA THR D 76 24.88 12.02 -9.11
C THR D 76 24.10 13.34 -9.02
N VAL D 77 23.38 13.67 -10.04
CA VAL D 77 22.60 14.95 -10.02
C VAL D 77 21.16 14.68 -9.59
N LEU D 78 20.61 15.51 -8.76
CA LEU D 78 19.20 15.30 -8.29
C LEU D 78 18.61 16.64 -7.83
N GLY A 18 -9.40 0.19 41.47
CA GLY A 18 -9.37 -1.13 40.77
C GLY A 18 -10.15 -1.02 39.47
N PRO A 19 -10.48 -2.12 38.85
CA PRO A 19 -11.24 -2.14 37.58
C PRO A 19 -12.53 -1.30 37.69
N ASN A 20 -12.98 -0.73 36.61
CA ASN A 20 -14.21 0.11 36.67
C ASN A 20 -14.85 0.17 35.28
N LYS A 21 -16.15 0.03 35.22
CA LYS A 21 -16.86 0.06 33.90
C LYS A 21 -16.29 1.17 33.01
N GLU A 22 -15.68 2.17 33.57
CA GLU A 22 -15.12 3.26 32.73
C GLU A 22 -13.86 2.77 31.98
N THR A 23 -13.20 1.76 32.49
CA THR A 23 -11.98 1.25 31.84
C THR A 23 -12.35 0.30 30.68
N ILE A 24 -13.27 -0.62 30.88
CA ILE A 24 -13.65 -1.52 29.75
C ILE A 24 -14.23 -0.65 28.64
N ASN A 25 -14.99 0.36 29.01
CA ASN A 25 -15.58 1.26 28.00
C ASN A 25 -14.47 1.97 27.21
N ARG A 26 -13.45 2.40 27.88
CA ARG A 26 -12.34 3.08 27.16
C ARG A 26 -11.79 2.13 26.12
N GLU A 27 -11.79 0.86 26.42
CA GLU A 27 -11.27 -0.15 25.46
C GLU A 27 -12.25 -0.31 24.31
N VAL A 28 -13.52 -0.45 24.60
CA VAL A 28 -14.52 -0.61 23.51
C VAL A 28 -14.70 0.72 22.77
N SER A 29 -14.30 1.81 23.37
CA SER A 29 -14.43 3.12 22.69
C SER A 29 -13.40 3.22 21.58
N ILE A 30 -12.14 3.14 21.92
CA ILE A 30 -11.09 3.21 20.87
C ILE A 30 -11.37 2.11 19.85
N LEU A 31 -11.92 1.02 20.30
CA LEU A 31 -12.26 -0.12 19.39
C LEU A 31 -13.11 0.41 18.23
N ARG A 32 -14.21 1.05 18.53
CA ARG A 32 -15.10 1.57 17.46
C ARG A 32 -14.30 2.51 16.54
N HIS A 33 -13.57 3.43 17.11
CA HIS A 33 -12.77 4.37 16.26
C HIS A 33 -11.76 3.55 15.43
N SER A 34 -11.06 2.64 16.06
CA SER A 34 -10.09 1.81 15.32
C SER A 34 -10.74 1.27 14.06
N TYR A 35 -11.88 0.64 14.19
CA TYR A 35 -12.58 0.10 12.99
C TYR A 35 -12.62 1.18 11.92
N GLN A 36 -13.08 2.35 12.27
CA GLN A 36 -13.15 3.47 11.28
C GLN A 36 -11.85 3.51 10.48
N LYS A 37 -10.75 3.78 11.11
CA LYS A 37 -9.46 3.85 10.37
C LYS A 37 -9.34 2.65 9.42
N GLU A 38 -9.68 1.47 9.87
CA GLU A 38 -9.58 0.27 8.97
C GLU A 38 -10.39 0.51 7.69
N ILE A 39 -11.69 0.59 7.79
CA ILE A 39 -12.51 0.81 6.56
C ILE A 39 -11.91 1.96 5.75
N GLN A 40 -11.71 3.10 6.36
CA GLN A 40 -11.12 4.24 5.61
C GLN A 40 -9.86 3.73 4.90
N ALA A 41 -8.94 3.20 5.64
CA ALA A 41 -7.68 2.69 5.03
C ALA A 41 -8.00 1.90 3.77
N LYS A 42 -9.00 1.06 3.80
CA LYS A 42 -9.34 0.29 2.57
C LYS A 42 -9.58 1.29 1.44
N GLU A 43 -10.11 2.44 1.77
CA GLU A 43 -10.36 3.47 0.73
C GLU A 43 -9.02 3.93 0.14
N THR A 44 -8.13 4.41 0.97
CA THR A 44 -6.80 4.86 0.44
C THR A 44 -6.09 3.68 -0.24
N MET A 45 -6.36 2.49 0.20
CA MET A 45 -5.70 1.30 -0.42
C MET A 45 -6.23 1.15 -1.85
N LYS A 46 -7.52 0.95 -2.00
CA LYS A 46 -8.08 0.80 -3.37
C LYS A 46 -7.56 1.94 -4.24
N GLU A 47 -7.15 3.02 -3.62
CA GLU A 47 -6.61 4.16 -4.41
C GLU A 47 -5.23 3.78 -4.94
N VAL A 48 -4.36 3.35 -4.06
CA VAL A 48 -2.98 2.95 -4.50
C VAL A 48 -3.09 1.99 -5.69
N LEU A 49 -4.06 1.13 -5.70
CA LEU A 49 -4.20 0.19 -6.85
C LEU A 49 -4.68 0.96 -8.08
N SER A 50 -5.71 1.76 -7.93
CA SER A 50 -6.21 2.55 -9.08
C SER A 50 -5.04 3.20 -9.80
N ASP A 51 -4.07 3.68 -9.06
CA ASP A 51 -2.89 4.31 -9.71
C ASP A 51 -1.95 3.20 -10.21
N ASN A 52 -1.63 2.26 -9.36
CA ASN A 52 -0.74 1.15 -9.79
C ASN A 52 -1.24 0.58 -11.12
N MET A 53 -2.46 0.12 -11.14
CA MET A 53 -3.01 -0.45 -12.41
C MET A 53 -2.91 0.59 -13.54
N GLU A 54 -3.30 1.80 -13.26
CA GLU A 54 -3.24 2.85 -14.32
C GLU A 54 -1.88 2.79 -15.01
N VAL A 55 -0.81 2.75 -14.25
CA VAL A 55 0.55 2.68 -14.85
C VAL A 55 0.68 1.42 -15.73
N LEU A 56 0.24 0.31 -15.23
CA LEU A 56 0.32 -0.95 -16.03
C LEU A 56 -0.54 -0.77 -17.27
N SER A 57 -1.78 -0.41 -17.09
CA SER A 57 -2.69 -0.22 -18.26
C SER A 57 -2.16 0.91 -19.16
N ASP A 58 -1.32 1.78 -18.66
CA ASP A 58 -0.79 2.85 -19.56
C ASP A 58 0.02 2.14 -20.62
N HIS A 59 1.08 1.50 -20.23
CA HIS A 59 1.92 0.77 -21.22
C HIS A 59 1.08 -0.31 -21.90
N ILE A 60 0.65 -1.31 -21.16
CA ILE A 60 -0.19 -2.40 -21.77
C ILE A 60 0.49 -2.95 -23.03
N VAL A 61 0.05 -4.08 -23.48
CA VAL A 61 0.67 -4.68 -24.71
C VAL A 61 0.39 -3.76 -25.89
N ILE A 62 1.41 -3.33 -26.60
CA ILE A 62 1.13 -2.43 -27.77
C ILE A 62 1.87 -2.88 -29.03
N GLU A 63 1.20 -2.75 -30.15
CA GLU A 63 1.78 -3.13 -31.46
C GLU A 63 3.03 -2.31 -31.65
N GLY A 64 4.13 -2.96 -31.88
CA GLY A 64 5.42 -2.24 -32.02
C GLY A 64 6.16 -2.45 -30.72
N LEU A 65 5.51 -2.18 -29.60
CA LEU A 65 6.18 -2.38 -28.30
C LEU A 65 5.24 -3.18 -27.43
N SER A 66 4.99 -4.38 -27.84
CA SER A 66 4.09 -5.27 -27.07
C SER A 66 4.80 -5.52 -25.73
N ALA A 67 4.25 -5.07 -24.63
CA ALA A 67 4.98 -5.29 -23.33
C ALA A 67 5.43 -6.75 -23.24
N GLU A 68 4.74 -7.64 -23.90
CA GLU A 68 5.15 -9.07 -23.85
C GLU A 68 6.47 -9.22 -24.61
N GLU A 69 6.44 -9.02 -25.90
CA GLU A 69 7.69 -9.15 -26.72
C GLU A 69 8.87 -8.54 -25.96
N ILE A 70 8.76 -7.31 -25.55
CA ILE A 70 9.88 -6.68 -24.78
C ILE A 70 10.31 -7.63 -23.65
N ILE A 71 9.43 -7.86 -22.71
CA ILE A 71 9.74 -8.76 -21.55
C ILE A 71 10.70 -9.88 -21.98
N LYS A 72 10.40 -10.57 -23.05
CA LYS A 72 11.33 -11.65 -23.49
C LYS A 72 12.71 -11.07 -23.69
N MET A 73 12.80 -10.04 -24.48
CA MET A 73 14.11 -9.40 -24.72
C MET A 73 14.80 -9.22 -23.36
N GLY A 74 14.10 -8.63 -22.41
CA GLY A 74 14.72 -8.41 -21.06
C GLY A 74 14.96 -9.76 -20.37
N GLU A 75 14.45 -10.84 -20.91
CA GLU A 75 14.68 -12.17 -20.27
C GLU A 75 16.10 -12.63 -20.60
N THR A 76 16.49 -12.56 -21.84
CA THR A 76 17.87 -12.99 -22.21
C THR A 76 18.88 -12.06 -21.55
N VAL A 77 18.48 -10.86 -21.23
CA VAL A 77 19.42 -9.90 -20.58
C VAL A 77 18.65 -8.99 -19.63
N LEU A 78 19.08 -8.89 -18.41
CA LEU A 78 18.36 -8.02 -17.43
C LEU A 78 16.90 -8.43 -17.37
N GLY B 18 -12.46 -11.75 40.65
CA GLY B 18 -11.89 -12.63 39.59
C GLY B 18 -10.91 -11.81 38.74
N PRO B 19 -11.43 -10.95 37.90
CA PRO B 19 -10.59 -10.08 37.02
C PRO B 19 -9.39 -9.51 37.75
N ASN B 20 -8.52 -8.82 37.06
CA ASN B 20 -7.32 -8.24 37.73
C ASN B 20 -6.92 -6.94 37.01
N LYS B 21 -6.66 -5.91 37.76
CA LYS B 21 -6.26 -4.62 37.14
C LYS B 21 -5.17 -4.89 36.08
N GLU B 22 -4.36 -5.88 36.27
CA GLU B 22 -3.28 -6.18 35.29
C GLU B 22 -3.88 -6.68 33.98
N THR B 23 -5.08 -7.22 34.00
CA THR B 23 -5.68 -7.72 32.75
C THR B 23 -6.24 -6.54 31.93
N ILE B 24 -7.21 -5.81 32.44
CA ILE B 24 -7.75 -4.67 31.62
C ILE B 24 -6.58 -3.83 31.11
N ASN B 25 -5.53 -3.70 31.89
CA ASN B 25 -4.38 -2.88 31.43
C ASN B 25 -3.68 -3.61 30.29
N ARG B 26 -3.49 -4.89 30.41
CA ARG B 26 -2.82 -5.63 29.32
C ARG B 26 -3.57 -5.34 28.03
N GLU B 27 -4.87 -5.22 28.11
CA GLU B 27 -5.66 -4.90 26.90
C GLU B 27 -5.45 -3.43 26.55
N VAL B 28 -6.10 -2.55 27.26
CA VAL B 28 -5.96 -1.10 27.00
C VAL B 28 -4.50 -0.74 26.71
N SER B 29 -3.57 -1.55 27.15
CA SER B 29 -2.13 -1.24 26.88
C SER B 29 -1.81 -1.54 25.41
N ILE B 30 -1.83 -2.79 25.03
CA ILE B 30 -1.53 -3.12 23.61
C ILE B 30 -2.59 -2.46 22.73
N LEU B 31 -3.59 -1.90 23.36
CA LEU B 31 -4.68 -1.21 22.62
C LEU B 31 -4.13 0.13 22.09
N ARG B 32 -3.56 0.92 22.95
CA ARG B 32 -3.00 2.22 22.52
C ARG B 32 -1.86 1.96 21.52
N HIS B 33 -1.07 0.94 21.79
CA HIS B 33 0.05 0.61 20.87
C HIS B 33 -0.52 0.18 19.51
N SER B 34 -1.56 -0.60 19.54
CA SER B 34 -2.17 -1.04 18.25
C SER B 34 -2.71 0.17 17.51
N TYR B 35 -3.11 1.18 18.25
CA TYR B 35 -3.63 2.42 17.61
C TYR B 35 -2.45 3.20 17.02
N GLN B 36 -1.46 3.49 17.83
CA GLN B 36 -0.29 4.25 17.33
C GLN B 36 0.31 3.55 16.11
N LYS B 37 0.01 2.29 15.94
CA LYS B 37 0.59 1.57 14.76
C LYS B 37 -0.28 1.84 13.52
N GLU B 38 -1.58 1.76 13.68
CA GLU B 38 -2.49 2.02 12.50
C GLU B 38 -2.22 3.42 11.96
N ILE B 39 -2.09 4.40 12.80
CA ILE B 39 -1.84 5.78 12.29
C ILE B 39 -0.45 5.82 11.62
N GLN B 40 0.57 5.35 12.29
CA GLN B 40 1.91 5.36 11.61
C GLN B 40 1.77 4.70 10.25
N ALA B 41 0.92 3.71 10.16
CA ALA B 41 0.72 3.03 8.85
C ALA B 41 0.33 4.07 7.81
N LYS B 42 -0.80 4.71 7.99
CA LYS B 42 -1.24 5.74 7.01
C LYS B 42 -0.04 6.60 6.60
N GLU B 43 0.89 6.80 7.49
CA GLU B 43 2.09 7.64 7.11
C GLU B 43 2.91 6.88 6.07
N THR B 44 2.95 5.59 6.18
CA THR B 44 3.71 4.77 5.17
C THR B 44 2.94 4.80 3.84
N MET B 45 1.76 4.25 3.81
CA MET B 45 0.97 4.24 2.55
C MET B 45 0.99 5.63 1.91
N LYS B 46 1.18 6.66 2.70
CA LYS B 46 1.23 8.02 2.13
C LYS B 46 2.51 8.17 1.30
N GLU B 47 3.64 7.92 1.89
CA GLU B 47 4.91 8.02 1.15
C GLU B 47 4.77 7.28 -0.19
N VAL B 48 4.01 6.21 -0.21
CA VAL B 48 3.84 5.46 -1.47
C VAL B 48 3.14 6.35 -2.49
N LEU B 49 1.87 6.62 -2.30
CA LEU B 49 1.12 7.47 -3.27
C LEU B 49 2.00 8.62 -3.76
N SER B 50 2.70 9.29 -2.88
CA SER B 50 3.58 10.39 -3.35
C SER B 50 4.47 9.83 -4.45
N ASP B 51 5.02 8.67 -4.21
CA ASP B 51 5.89 8.02 -5.22
C ASP B 51 5.03 7.60 -6.42
N ASN B 52 4.07 6.74 -6.20
CA ASN B 52 3.20 6.28 -7.33
C ASN B 52 2.74 7.49 -8.15
N MET B 53 2.65 8.64 -7.54
CA MET B 53 2.19 9.85 -8.28
C MET B 53 3.33 10.39 -9.15
N GLU B 54 4.44 10.71 -8.55
CA GLU B 54 5.59 11.27 -9.35
C GLU B 54 5.79 10.43 -10.62
N VAL B 55 5.69 9.14 -10.51
CA VAL B 55 5.85 8.29 -11.73
C VAL B 55 4.66 8.56 -12.66
N LEU B 56 3.47 8.41 -12.14
CA LEU B 56 2.22 8.65 -12.99
C LEU B 56 2.44 9.86 -13.90
N SER B 57 2.78 10.98 -13.34
CA SER B 57 3.01 12.20 -14.18
C SER B 57 4.31 12.03 -14.97
N ASP B 58 5.15 11.14 -14.53
CA ASP B 58 6.46 10.97 -15.25
C ASP B 58 6.25 10.36 -16.63
N HIS B 59 5.54 9.27 -16.75
CA HIS B 59 5.36 8.66 -18.11
C HIS B 59 4.12 9.23 -18.80
N ILE B 60 3.35 10.06 -18.13
CA ILE B 60 2.15 10.64 -18.80
C ILE B 60 2.59 11.18 -20.18
N VAL B 61 2.47 10.37 -21.20
CA VAL B 61 2.91 10.83 -22.55
C VAL B 61 2.27 12.17 -22.89
N ILE B 62 2.96 12.96 -23.67
CA ILE B 62 2.43 14.31 -24.04
C ILE B 62 3.14 14.77 -25.29
N GLU B 63 2.52 15.67 -26.01
CA GLU B 63 3.11 16.20 -27.27
C GLU B 63 3.41 15.04 -28.22
N GLY B 64 3.12 15.23 -29.47
CA GLY B 64 3.37 14.12 -30.46
C GLY B 64 2.32 13.03 -30.26
N LEU B 65 2.06 12.63 -29.03
CA LEU B 65 1.05 11.59 -28.77
C LEU B 65 0.18 12.03 -27.61
N SER B 66 -1.10 11.76 -27.67
CA SER B 66 -2.01 12.17 -26.57
C SER B 66 -2.44 10.95 -25.75
N ALA B 67 -2.35 11.03 -24.43
CA ALA B 67 -2.73 9.87 -23.57
C ALA B 67 -4.01 9.20 -24.12
N GLU B 68 -4.85 9.95 -24.78
CA GLU B 68 -6.08 9.33 -25.33
C GLU B 68 -5.71 8.40 -26.49
N GLU B 69 -4.72 8.78 -27.26
CA GLU B 69 -4.29 7.94 -28.40
C GLU B 69 -3.71 6.61 -27.89
N ILE B 70 -2.80 6.66 -26.96
CA ILE B 70 -2.20 5.39 -26.45
C ILE B 70 -3.29 4.58 -25.75
N ILE B 71 -4.34 5.24 -25.29
CA ILE B 71 -5.43 4.48 -24.62
C ILE B 71 -6.23 3.75 -25.71
N LYS B 72 -6.42 4.38 -26.83
CA LYS B 72 -7.18 3.74 -27.93
C LYS B 72 -6.49 2.43 -28.31
N MET B 73 -5.27 2.50 -28.76
CA MET B 73 -4.55 1.25 -29.13
C MET B 73 -4.61 0.28 -27.95
N GLY B 74 -4.53 0.80 -26.75
CA GLY B 74 -4.58 -0.11 -25.55
C GLY B 74 -6.03 -0.51 -25.25
N GLU B 75 -7.01 0.02 -25.98
CA GLU B 75 -8.42 -0.37 -25.70
C GLU B 75 -8.79 -1.55 -26.59
N THR B 76 -8.36 -1.54 -27.82
CA THR B 76 -8.71 -2.66 -28.75
C THR B 76 -8.29 -3.99 -28.11
N VAL B 77 -7.27 -3.98 -27.30
CA VAL B 77 -6.84 -5.24 -26.65
C VAL B 77 -7.53 -5.40 -25.29
N LEU B 78 -7.58 -4.34 -24.52
CA LEU B 78 -8.25 -4.42 -23.19
C LEU B 78 -9.75 -4.18 -23.36
N GLY C 18 -20.69 -18.93 30.12
CA GLY C 18 -20.86 -17.46 30.24
C GLY C 18 -19.49 -16.79 30.30
N PRO C 19 -19.47 -15.50 30.49
CA PRO C 19 -18.20 -14.70 30.57
C PRO C 19 -17.21 -15.31 31.56
N ASN C 20 -15.95 -15.31 31.22
CA ASN C 20 -14.94 -15.88 32.15
C ASN C 20 -13.53 -15.53 31.63
N LYS C 21 -12.56 -15.53 32.51
CA LYS C 21 -11.17 -15.18 32.11
C LYS C 21 -10.80 -15.76 30.74
N GLU C 22 -11.49 -16.76 30.28
CA GLU C 22 -11.13 -17.34 28.95
C GLU C 22 -11.60 -16.40 27.82
N THR C 23 -12.62 -15.61 28.06
CA THR C 23 -13.12 -14.70 27.01
C THR C 23 -12.20 -13.46 26.92
N ILE C 24 -11.85 -12.84 28.02
CA ILE C 24 -10.94 -11.66 27.92
C ILE C 24 -9.62 -12.12 27.30
N ASN C 25 -9.19 -13.30 27.68
CA ASN C 25 -7.91 -13.83 27.13
C ASN C 25 -8.05 -14.01 25.62
N ARG C 26 -9.20 -14.42 25.16
CA ARG C 26 -9.39 -14.60 23.70
C ARG C 26 -9.15 -13.26 23.02
N GLU C 27 -9.56 -12.19 23.66
CA GLU C 27 -9.36 -10.85 23.06
C GLU C 27 -7.89 -10.44 23.18
N VAL C 28 -7.27 -10.69 24.32
CA VAL C 28 -5.83 -10.32 24.48
C VAL C 28 -4.96 -11.22 23.60
N SER C 29 -5.37 -12.45 23.42
CA SER C 29 -4.56 -13.39 22.59
C SER C 29 -4.53 -12.92 21.13
N ILE C 30 -5.68 -12.75 20.53
CA ILE C 30 -5.71 -12.28 19.12
C ILE C 30 -5.01 -10.93 19.04
N LEU C 31 -5.03 -10.20 20.12
CA LEU C 31 -4.37 -8.87 20.17
C LEU C 31 -2.90 -9.03 19.80
N ARG C 32 -2.21 -9.91 20.47
CA ARG C 32 -0.77 -10.12 20.16
C ARG C 32 -0.61 -10.58 18.71
N HIS C 33 -1.38 -11.53 18.29
CA HIS C 33 -1.27 -12.02 16.88
C HIS C 33 -1.52 -10.85 15.92
N SER C 34 -2.62 -10.16 16.10
CA SER C 34 -2.93 -9.01 15.20
C SER C 34 -1.69 -8.13 15.07
N TYR C 35 -1.07 -7.79 16.16
CA TYR C 35 0.15 -6.93 16.08
C TYR C 35 1.15 -7.56 15.11
N GLN C 36 1.50 -8.80 15.33
CA GLN C 36 2.47 -9.49 14.43
C GLN C 36 2.13 -9.18 12.97
N LYS C 37 1.03 -9.67 12.48
CA LYS C 37 0.67 -9.41 11.06
C LYS C 37 0.91 -7.93 10.71
N GLU C 38 0.56 -7.04 11.59
CA GLU C 38 0.76 -5.59 11.30
C GLU C 38 2.25 -5.27 11.06
N ILE C 39 3.09 -5.44 12.06
CA ILE C 39 4.54 -5.12 11.85
C ILE C 39 5.01 -5.76 10.54
N GLN C 40 4.71 -7.01 10.33
CA GLN C 40 5.13 -7.64 9.05
C GLN C 40 4.66 -6.76 7.90
N ALA C 41 3.40 -6.43 7.88
CA ALA C 41 2.86 -5.57 6.78
C ALA C 41 3.79 -4.37 6.57
N LYS C 42 4.22 -3.74 7.62
CA LYS C 42 5.15 -2.58 7.44
C LYS C 42 6.36 -3.06 6.64
N GLU C 43 6.73 -4.30 6.82
CA GLU C 43 7.92 -4.83 6.07
C GLU C 43 7.59 -4.81 4.57
N THR C 44 6.45 -5.33 4.19
CA THR C 44 6.08 -5.32 2.73
C THR C 44 5.93 -3.89 2.25
N MET C 45 5.61 -2.97 3.14
CA MET C 45 5.46 -1.55 2.71
C MET C 45 6.84 -1.00 2.34
N LYS C 46 7.76 -1.01 3.26
CA LYS C 46 9.12 -0.51 2.95
C LYS C 46 9.59 -1.12 1.63
N GLU C 47 9.19 -2.33 1.36
CA GLU C 47 9.59 -2.99 0.10
C GLU C 47 8.92 -2.25 -1.06
N VAL C 48 7.64 -2.04 -0.97
CA VAL C 48 6.93 -1.32 -2.07
C VAL C 48 7.73 -0.08 -2.46
N LEU C 49 8.29 0.62 -1.51
CA LEU C 49 9.10 1.83 -1.86
C LEU C 49 10.31 1.38 -2.68
N SER C 50 11.07 0.46 -2.15
CA SER C 50 12.27 -0.03 -2.90
C SER C 50 11.86 -0.33 -4.35
N ASP C 51 10.79 -1.04 -4.54
CA ASP C 51 10.33 -1.35 -5.92
C ASP C 51 9.88 -0.06 -6.60
N ASN C 52 9.40 0.89 -5.83
CA ASN C 52 8.94 2.18 -6.43
C ASN C 52 10.16 3.00 -6.87
N MET C 53 11.01 3.37 -5.95
CA MET C 53 12.21 4.17 -6.31
C MET C 53 12.88 3.57 -7.55
N GLU C 54 12.93 2.27 -7.65
CA GLU C 54 13.58 1.64 -8.85
C GLU C 54 12.79 2.04 -10.09
N VAL C 55 11.51 1.82 -10.09
CA VAL C 55 10.67 2.18 -11.26
C VAL C 55 10.86 3.67 -11.61
N LEU C 56 10.93 4.52 -10.62
CA LEU C 56 11.14 5.97 -10.90
C LEU C 56 12.58 6.19 -11.39
N SER C 57 13.54 5.77 -10.60
CA SER C 57 14.97 5.93 -11.01
C SER C 57 15.13 5.51 -12.47
N ASP C 58 14.18 4.78 -13.00
CA ASP C 58 14.29 4.37 -14.42
C ASP C 58 13.77 5.50 -15.30
N HIS C 59 12.52 5.84 -15.17
CA HIS C 59 11.93 6.92 -16.03
C HIS C 59 12.57 8.28 -15.70
N ILE C 60 13.55 8.31 -14.84
CA ILE C 60 14.18 9.62 -14.53
C ILE C 60 15.00 10.06 -15.75
N VAL C 61 14.31 10.51 -16.76
CA VAL C 61 15.01 10.96 -18.01
C VAL C 61 16.13 11.92 -17.68
N ILE C 62 17.07 12.04 -18.57
CA ILE C 62 18.24 12.95 -18.34
C ILE C 62 18.92 13.32 -19.66
N GLU C 63 19.70 14.37 -19.60
CA GLU C 63 20.46 14.84 -20.81
C GLU C 63 19.60 14.77 -22.06
N GLY C 64 19.02 15.88 -22.43
CA GLY C 64 18.13 15.93 -23.63
C GLY C 64 16.77 16.45 -23.18
N LEU C 65 16.20 15.80 -22.21
CA LEU C 65 14.90 16.21 -21.67
C LEU C 65 15.00 16.15 -20.15
N SER C 66 14.50 17.15 -19.46
CA SER C 66 14.58 17.14 -17.97
C SER C 66 13.18 16.89 -17.38
N ALA C 67 13.06 15.96 -16.45
CA ALA C 67 11.72 15.67 -15.86
C ALA C 67 10.98 16.98 -15.55
N GLU C 68 11.68 18.07 -15.46
CA GLU C 68 11.00 19.36 -15.19
C GLU C 68 10.16 19.75 -16.40
N GLU C 69 10.79 19.98 -17.52
CA GLU C 69 10.04 20.36 -18.75
C GLU C 69 8.78 19.51 -18.87
N ILE C 70 8.92 18.22 -18.92
CA ILE C 70 7.71 17.35 -19.03
C ILE C 70 6.75 17.73 -17.90
N ILE C 71 7.16 17.51 -16.67
CA ILE C 71 6.29 17.85 -15.51
C ILE C 71 5.59 19.20 -15.74
N LYS C 72 6.34 20.24 -15.96
CA LYS C 72 5.71 21.57 -16.19
C LYS C 72 4.71 21.46 -17.33
N MET C 73 5.18 21.05 -18.48
CA MET C 73 4.26 20.94 -19.66
C MET C 73 2.94 20.32 -19.19
N GLY C 74 3.01 19.22 -18.48
CA GLY C 74 1.74 18.55 -18.02
C GLY C 74 1.07 19.42 -16.94
N GLU C 75 1.75 20.40 -16.40
CA GLU C 75 1.13 21.27 -15.37
C GLU C 75 0.13 22.21 -16.03
N THR C 76 0.49 22.76 -17.16
CA THR C 76 -0.43 23.71 -17.86
C THR C 76 -1.81 23.06 -18.02
N VAL C 77 -1.84 21.79 -18.34
CA VAL C 77 -3.16 21.11 -18.52
C VAL C 77 -3.61 20.50 -17.19
N LEU C 78 -3.15 19.32 -16.88
CA LEU C 78 -3.54 18.67 -15.60
C LEU C 78 -3.43 19.67 -14.46
N GLY D 18 -24.80 -1.59 34.41
CA GLY D 18 -23.85 -0.87 33.52
C GLY D 18 -23.30 -1.83 32.47
N PRO D 19 -22.40 -2.70 32.84
CA PRO D 19 -21.79 -3.69 31.90
C PRO D 19 -22.76 -4.83 31.57
N ASN D 20 -22.47 -5.59 30.54
CA ASN D 20 -23.38 -6.71 30.17
C ASN D 20 -22.60 -7.71 29.33
N LYS D 21 -22.86 -8.97 29.49
CA LYS D 21 -22.14 -10.00 28.69
C LYS D 21 -21.97 -9.47 27.27
N GLU D 22 -22.99 -8.86 26.73
CA GLU D 22 -22.89 -8.33 25.34
C GLU D 22 -21.60 -7.51 25.17
N THR D 23 -21.22 -6.74 26.15
CA THR D 23 -20.00 -5.91 26.00
C THR D 23 -18.77 -6.77 25.65
N ILE D 24 -18.44 -7.80 26.41
CA ILE D 24 -17.23 -8.60 26.03
C ILE D 24 -17.45 -9.15 24.61
N ASN D 25 -18.61 -9.66 24.32
CA ASN D 25 -18.84 -10.20 22.96
C ASN D 25 -18.76 -9.09 21.92
N ARG D 26 -19.02 -7.86 22.30
CA ARG D 26 -18.94 -6.77 21.29
C ARG D 26 -17.48 -6.59 20.93
N GLU D 27 -16.68 -6.13 21.87
CA GLU D 27 -15.23 -5.95 21.57
C GLU D 27 -14.74 -7.20 20.86
N VAL D 28 -14.87 -8.35 21.47
CA VAL D 28 -14.41 -9.59 20.81
C VAL D 28 -15.02 -9.67 19.40
N SER D 29 -16.31 -9.83 19.29
CA SER D 29 -16.96 -9.94 17.94
C SER D 29 -16.29 -9.01 16.91
N ILE D 30 -16.00 -7.80 17.28
CA ILE D 30 -15.32 -6.87 16.32
C ILE D 30 -13.85 -7.26 16.25
N LEU D 31 -13.29 -7.60 17.39
CA LEU D 31 -11.86 -8.03 17.45
C LEU D 31 -11.60 -9.00 16.31
N ARG D 32 -12.42 -10.02 16.18
CA ARG D 32 -12.21 -10.97 15.06
C ARG D 32 -12.37 -10.21 13.75
N HIS D 33 -13.52 -9.59 13.56
CA HIS D 33 -13.75 -8.81 12.29
C HIS D 33 -12.46 -8.06 11.93
N SER D 34 -11.95 -7.27 12.83
CA SER D 34 -10.70 -6.53 12.55
C SER D 34 -9.69 -7.51 11.95
N TYR D 35 -9.61 -8.68 12.49
CA TYR D 35 -8.64 -9.68 11.93
C TYR D 35 -8.92 -9.85 10.43
N GLN D 36 -10.14 -10.16 10.09
CA GLN D 36 -10.49 -10.33 8.64
C GLN D 36 -10.02 -9.11 7.84
N LYS D 37 -9.84 -8.00 8.50
CA LYS D 37 -9.35 -6.80 7.76
C LYS D 37 -7.82 -6.86 7.70
N GLU D 38 -7.18 -6.93 8.83
CA GLU D 38 -5.69 -7.00 8.83
C GLU D 38 -5.21 -8.03 7.80
N ILE D 39 -5.81 -9.19 7.78
CA ILE D 39 -5.36 -10.22 6.80
C ILE D 39 -5.69 -9.72 5.38
N GLN D 40 -6.94 -9.49 5.08
CA GLN D 40 -7.30 -9.00 3.71
C GLN D 40 -6.33 -7.87 3.33
N ALA D 41 -6.13 -6.94 4.21
CA ALA D 41 -5.18 -5.83 3.91
C ALA D 41 -3.88 -6.44 3.39
N LYS D 42 -3.30 -7.31 4.17
CA LYS D 42 -2.02 -7.96 3.74
C LYS D 42 -2.16 -8.45 2.30
N GLU D 43 -3.34 -8.81 1.88
CA GLU D 43 -3.52 -9.31 0.47
C GLU D 43 -3.54 -8.13 -0.50
N THR D 44 -3.84 -6.96 -0.03
CA THR D 44 -3.83 -5.78 -0.97
C THR D 44 -2.39 -5.36 -1.24
N MET D 45 -1.61 -5.18 -0.20
CA MET D 45 -0.19 -4.79 -0.40
C MET D 45 0.48 -5.85 -1.27
N LYS D 46 0.18 -7.10 -1.04
CA LYS D 46 0.79 -8.17 -1.87
C LYS D 46 0.52 -7.87 -3.35
N GLU D 47 -0.71 -7.66 -3.69
CA GLU D 47 -1.06 -7.38 -5.11
C GLU D 47 -0.18 -6.24 -5.63
N VAL D 48 0.00 -5.20 -4.85
CA VAL D 48 0.85 -4.07 -5.32
C VAL D 48 2.20 -4.60 -5.81
N LEU D 49 2.82 -5.46 -5.05
CA LEU D 49 4.14 -6.00 -5.51
C LEU D 49 3.95 -6.73 -6.84
N SER D 50 2.95 -7.56 -6.94
CA SER D 50 2.72 -8.29 -8.22
C SER D 50 2.64 -7.28 -9.36
N ASP D 51 2.08 -6.13 -9.10
CA ASP D 51 1.97 -5.09 -10.16
C ASP D 51 3.32 -4.40 -10.34
N ASN D 52 3.96 -4.02 -9.26
CA ASN D 52 5.28 -3.35 -9.37
C ASN D 52 6.26 -4.29 -10.07
N MET D 53 6.18 -5.56 -9.77
CA MET D 53 7.11 -6.55 -10.38
C MET D 53 6.89 -6.61 -11.89
N GLU D 54 5.67 -6.73 -12.33
CA GLU D 54 5.44 -6.79 -13.81
C GLU D 54 5.67 -5.40 -14.41
N VAL D 55 5.12 -4.39 -13.79
CA VAL D 55 5.29 -3.01 -14.31
C VAL D 55 6.80 -2.72 -14.52
N LEU D 56 7.61 -2.97 -13.53
CA LEU D 56 9.08 -2.71 -13.72
C LEU D 56 9.59 -3.56 -14.88
N SER D 57 9.10 -4.76 -15.00
CA SER D 57 9.55 -5.65 -16.11
C SER D 57 9.33 -4.95 -17.46
N ASP D 58 8.25 -4.25 -17.63
CA ASP D 58 8.00 -3.58 -18.93
C ASP D 58 9.00 -2.43 -19.11
N HIS D 59 9.38 -1.79 -18.05
CA HIS D 59 10.33 -0.64 -18.16
C HIS D 59 11.70 -1.09 -18.66
N ILE D 60 12.12 -2.30 -18.33
CA ILE D 60 13.47 -2.78 -18.81
C ILE D 60 13.70 -2.26 -20.23
N VAL D 61 14.35 -1.14 -20.35
CA VAL D 61 14.59 -0.50 -21.68
C VAL D 61 15.61 -1.28 -22.52
N ILE D 62 15.59 -1.01 -23.79
CA ILE D 62 16.54 -1.67 -24.75
C ILE D 62 16.57 -0.87 -26.04
N GLU D 63 17.56 -1.13 -26.84
CA GLU D 63 17.69 -0.43 -28.17
C GLU D 63 17.46 1.08 -28.01
N GLY D 64 18.52 1.86 -28.09
CA GLY D 64 18.39 3.33 -27.96
C GLY D 64 18.99 3.75 -26.62
N LEU D 65 18.58 3.10 -25.57
CA LEU D 65 19.10 3.41 -24.23
C LEU D 65 19.42 2.08 -23.55
N SER D 66 20.41 2.07 -22.71
CA SER D 66 20.79 0.80 -22.01
C SER D 66 20.70 1.03 -20.48
N ALA D 67 20.02 0.17 -19.77
CA ALA D 67 19.92 0.36 -18.29
C ALA D 67 21.32 0.60 -17.71
N GLU D 68 22.35 0.21 -18.41
CA GLU D 68 23.72 0.41 -17.89
C GLU D 68 24.07 1.91 -17.89
N GLU D 69 23.93 2.55 -19.02
CA GLU D 69 24.25 4.01 -19.09
C GLU D 69 23.39 4.77 -18.07
N ILE D 70 22.16 4.36 -17.90
CA ILE D 70 21.27 5.06 -16.93
C ILE D 70 21.80 4.84 -15.51
N ILE D 71 21.80 3.61 -15.06
CA ILE D 71 22.30 3.33 -13.67
C ILE D 71 23.62 4.06 -13.44
N LYS D 72 24.46 4.15 -14.45
CA LYS D 72 25.75 4.85 -14.27
C LYS D 72 25.51 6.29 -13.81
N MET D 73 24.93 7.09 -14.66
CA MET D 73 24.68 8.52 -14.27
C MET D 73 24.10 8.57 -12.86
N GLY D 74 23.24 7.66 -12.51
CA GLY D 74 22.63 7.68 -11.13
C GLY D 74 23.62 7.10 -10.11
N GLU D 75 24.69 6.48 -10.55
CA GLU D 75 25.66 5.90 -9.57
C GLU D 75 26.63 7.01 -9.12
N THR D 76 26.94 7.93 -9.99
CA THR D 76 27.88 9.02 -9.61
C THR D 76 27.08 10.16 -8.98
N VAL D 77 26.15 10.72 -9.70
CA VAL D 77 25.32 11.84 -9.16
C VAL D 77 23.84 11.44 -9.18
N LEU D 78 23.08 11.91 -8.24
CA LEU D 78 21.62 11.55 -8.21
C LEU D 78 20.91 12.43 -7.18
N GLY A 18 -6.97 -1.32 41.65
CA GLY A 18 -7.44 -2.51 40.88
C GLY A 18 -8.21 -2.04 39.65
N PRO A 19 -8.77 -2.97 38.91
CA PRO A 19 -9.55 -2.65 37.68
C PRO A 19 -10.56 -1.53 37.92
N ASN A 20 -10.91 -0.80 36.90
CA ASN A 20 -11.89 0.31 37.07
C ASN A 20 -12.75 0.42 35.81
N LYS A 21 -14.05 0.43 35.96
CA LYS A 21 -14.95 0.52 34.79
C LYS A 21 -14.45 1.58 33.79
N GLU A 22 -13.66 2.51 34.23
CA GLU A 22 -13.17 3.55 33.27
C GLU A 22 -12.06 2.96 32.38
N THR A 23 -11.52 1.83 32.74
CA THR A 23 -10.45 1.20 31.93
C THR A 23 -11.08 0.28 30.87
N ILE A 24 -12.07 -0.51 31.22
CA ILE A 24 -12.70 -1.38 30.19
C ILE A 24 -13.37 -0.46 29.17
N ASN A 25 -13.95 0.62 29.63
CA ASN A 25 -14.61 1.58 28.71
C ASN A 25 -13.56 2.19 27.79
N ARG A 26 -12.45 2.63 28.34
CA ARG A 26 -11.40 3.24 27.48
C ARG A 26 -11.01 2.20 26.44
N GLU A 27 -11.03 0.95 26.80
CA GLU A 27 -10.67 -0.12 25.85
C GLU A 27 -11.76 -0.24 24.79
N VAL A 28 -13.00 -0.28 25.19
CA VAL A 28 -14.10 -0.39 24.19
C VAL A 28 -14.22 0.92 23.41
N SER A 29 -13.65 1.97 23.92
CA SER A 29 -13.72 3.28 23.20
C SER A 29 -12.84 3.21 21.96
N ILE A 30 -11.56 3.00 22.15
CA ILE A 30 -10.66 2.90 20.97
C ILE A 30 -11.14 1.75 20.08
N LEU A 31 -11.58 0.68 20.69
CA LEU A 31 -12.11 -0.48 19.92
C LEU A 31 -13.01 0.02 18.79
N ARG A 32 -14.05 0.74 19.13
CA ARG A 32 -14.97 1.27 18.08
C ARG A 32 -14.17 2.09 17.08
N HIS A 33 -13.33 2.97 17.56
CA HIS A 33 -12.52 3.82 16.62
C HIS A 33 -11.70 2.93 15.69
N SER A 34 -10.94 2.01 16.24
CA SER A 34 -10.12 1.10 15.41
C SER A 34 -10.95 0.59 14.23
N TYR A 35 -12.12 0.10 14.49
CA TYR A 35 -12.97 -0.40 13.38
C TYR A 35 -13.05 0.67 12.30
N GLN A 36 -13.50 1.85 12.66
CA GLN A 36 -13.60 2.95 11.66
C GLN A 36 -12.33 3.02 10.82
N LYS A 37 -11.23 3.43 11.41
CA LYS A 37 -9.96 3.54 10.62
C LYS A 37 -9.82 2.32 9.69
N GLU A 38 -10.02 1.14 10.21
CA GLU A 38 -9.89 -0.08 9.35
C GLU A 38 -10.71 0.09 8.07
N ILE A 39 -12.02 0.12 8.15
CA ILE A 39 -12.83 0.27 6.91
C ILE A 39 -12.27 1.44 6.09
N GLN A 40 -12.18 2.60 6.68
CA GLN A 40 -11.63 3.77 5.93
C GLN A 40 -10.26 3.40 5.36
N ALA A 41 -9.71 2.30 5.80
CA ALA A 41 -8.39 1.86 5.28
C ALA A 41 -8.60 1.17 3.93
N LYS A 42 -9.50 0.22 3.88
CA LYS A 42 -9.76 -0.46 2.59
C LYS A 42 -10.01 0.62 1.54
N GLU A 43 -10.56 1.74 1.95
CA GLU A 43 -10.82 2.84 0.97
C GLU A 43 -9.47 3.39 0.49
N THR A 44 -8.68 3.91 1.39
CA THR A 44 -7.35 4.46 0.96
C THR A 44 -6.59 3.38 0.18
N MET A 45 -6.71 2.15 0.58
CA MET A 45 -6.01 1.06 -0.15
C MET A 45 -6.58 0.98 -1.57
N LYS A 46 -7.87 0.86 -1.68
CA LYS A 46 -8.50 0.78 -3.03
C LYS A 46 -7.93 1.90 -3.91
N GLU A 47 -7.48 2.97 -3.31
CA GLU A 47 -6.91 4.08 -4.11
C GLU A 47 -5.54 3.68 -4.63
N VAL A 48 -4.67 3.23 -3.74
CA VAL A 48 -3.31 2.81 -4.17
C VAL A 48 -3.41 1.92 -5.41
N LEU A 49 -4.32 0.99 -5.43
CA LEU A 49 -4.45 0.11 -6.63
C LEU A 49 -5.01 0.93 -7.79
N SER A 50 -6.10 1.62 -7.58
CA SER A 50 -6.69 2.44 -8.69
C SER A 50 -5.58 3.23 -9.39
N ASP A 51 -4.74 3.88 -8.64
CA ASP A 51 -3.63 4.66 -9.25
C ASP A 51 -2.62 3.71 -9.90
N ASN A 52 -2.51 2.53 -9.37
CA ASN A 52 -1.55 1.54 -9.94
C ASN A 52 -2.11 1.01 -11.26
N MET A 53 -3.28 0.44 -11.24
CA MET A 53 -3.88 -0.08 -12.49
C MET A 53 -3.93 1.05 -13.52
N GLU A 54 -3.97 2.27 -13.07
CA GLU A 54 -4.00 3.41 -14.04
C GLU A 54 -2.68 3.46 -14.79
N VAL A 55 -1.59 3.53 -14.07
CA VAL A 55 -0.25 3.58 -14.73
C VAL A 55 -0.10 2.39 -15.68
N LEU A 56 -0.77 1.30 -15.40
CA LEU A 56 -0.66 0.12 -16.31
C LEU A 56 -1.66 0.29 -17.46
N SER A 57 -2.89 0.61 -17.15
CA SER A 57 -3.91 0.80 -18.22
C SER A 57 -3.38 1.77 -19.26
N ASP A 58 -2.37 2.53 -18.93
CA ASP A 58 -1.81 3.47 -19.93
C ASP A 58 -0.71 2.74 -20.69
N HIS A 59 0.29 2.26 -19.99
CA HIS A 59 1.40 1.56 -20.67
C HIS A 59 1.00 0.13 -21.05
N ILE A 60 -0.28 -0.17 -21.10
CA ILE A 60 -0.73 -1.55 -21.48
C ILE A 60 0.09 -2.06 -22.66
N VAL A 61 -0.08 -3.31 -22.97
CA VAL A 61 0.67 -3.92 -24.11
C VAL A 61 0.59 -2.98 -25.31
N ILE A 62 1.70 -2.57 -25.86
CA ILE A 62 1.63 -1.66 -27.05
C ILE A 62 2.47 -2.14 -28.21
N GLU A 63 1.92 -2.03 -29.40
CA GLU A 63 2.65 -2.44 -30.62
C GLU A 63 3.94 -1.64 -30.65
N GLY A 64 5.03 -2.30 -30.79
CA GLY A 64 6.33 -1.58 -30.75
C GLY A 64 6.92 -1.83 -29.37
N LEU A 65 6.17 -1.55 -28.32
CA LEU A 65 6.67 -1.79 -26.97
C LEU A 65 5.63 -2.60 -26.23
N SER A 66 5.33 -3.70 -26.82
CA SER A 66 4.34 -4.64 -26.22
C SER A 66 4.91 -5.00 -24.84
N ALA A 67 4.28 -4.59 -23.75
CA ALA A 67 4.89 -4.92 -22.40
C ALA A 67 5.34 -6.37 -22.34
N GLU A 68 4.57 -7.26 -22.89
CA GLU A 68 5.00 -8.69 -22.89
C GLU A 68 6.31 -8.83 -23.66
N GLU A 69 6.29 -8.54 -24.93
CA GLU A 69 7.52 -8.65 -25.77
C GLU A 69 8.74 -8.11 -25.02
N ILE A 70 8.72 -6.88 -24.58
CA ILE A 70 9.91 -6.35 -23.84
C ILE A 70 10.17 -7.19 -22.60
N ILE A 71 9.17 -7.38 -21.78
CA ILE A 71 9.35 -8.19 -20.53
C ILE A 71 10.22 -9.41 -20.83
N LYS A 72 9.87 -10.19 -21.83
CA LYS A 72 10.70 -11.38 -22.16
C LYS A 72 12.14 -10.95 -22.41
N MET A 73 12.33 -10.10 -23.38
CA MET A 73 13.70 -9.62 -23.71
C MET A 73 14.50 -9.39 -22.41
N GLY A 74 13.94 -8.67 -21.49
CA GLY A 74 14.70 -8.39 -20.21
C GLY A 74 14.72 -9.64 -19.32
N GLU A 75 13.94 -10.64 -19.62
CA GLU A 75 13.95 -11.87 -18.78
C GLU A 75 15.08 -12.79 -19.23
N THR A 76 15.53 -12.64 -20.45
CA THR A 76 16.64 -13.51 -20.94
C THR A 76 17.89 -13.29 -20.08
N VAL A 77 18.19 -12.06 -19.76
CA VAL A 77 19.40 -11.78 -18.93
C VAL A 77 19.11 -10.60 -18.00
N LEU A 78 18.77 -10.87 -16.77
CA LEU A 78 18.48 -9.76 -15.81
C LEU A 78 19.79 -9.08 -15.41
N GLY B 18 -12.65 -11.77 39.83
CA GLY B 18 -12.24 -12.75 38.79
C GLY B 18 -11.10 -12.17 37.95
N PRO B 19 -11.38 -11.12 37.21
CA PRO B 19 -10.36 -10.45 36.35
C PRO B 19 -9.05 -10.19 37.09
N ASN B 20 -8.09 -9.62 36.41
CA ASN B 20 -6.79 -9.32 37.07
C ASN B 20 -6.23 -8.02 36.50
N LYS B 21 -5.83 -7.12 37.35
CA LYS B 21 -5.28 -5.82 36.85
C LYS B 21 -4.28 -6.07 35.73
N GLU B 22 -3.68 -7.22 35.69
CA GLU B 22 -2.68 -7.50 34.62
C GLU B 22 -3.38 -7.77 33.28
N THR B 23 -4.62 -8.17 33.28
CA THR B 23 -5.31 -8.45 31.99
C THR B 23 -5.97 -7.17 31.45
N ILE B 24 -6.49 -6.32 32.31
CA ILE B 24 -7.11 -5.06 31.78
C ILE B 24 -5.99 -4.19 31.20
N ASN B 25 -4.87 -4.12 31.87
CA ASN B 25 -3.75 -3.28 31.37
C ASN B 25 -3.05 -3.99 30.20
N ARG B 26 -2.79 -5.26 30.31
CA ARG B 26 -2.10 -5.95 29.19
C ARG B 26 -2.86 -5.66 27.90
N GLU B 27 -4.16 -5.56 27.99
CA GLU B 27 -4.95 -5.24 26.77
C GLU B 27 -4.77 -3.75 26.46
N VAL B 28 -5.42 -2.90 27.22
CA VAL B 28 -5.29 -1.43 26.99
C VAL B 28 -3.86 -1.05 26.62
N SER B 29 -2.89 -1.79 27.08
CA SER B 29 -1.48 -1.46 26.73
C SER B 29 -1.23 -1.77 25.25
N ILE B 30 -1.24 -3.03 24.90
CA ILE B 30 -1.02 -3.40 23.46
C ILE B 30 -2.13 -2.74 22.63
N LEU B 31 -3.16 -2.28 23.28
CA LEU B 31 -4.28 -1.61 22.55
C LEU B 31 -3.76 -0.28 21.99
N ARG B 32 -3.10 0.49 22.81
CA ARG B 32 -2.56 1.79 22.33
C ARG B 32 -1.50 1.54 21.26
N HIS B 33 -0.57 0.66 21.54
CA HIS B 33 0.49 0.37 20.52
C HIS B 33 -0.17 0.13 19.16
N SER B 34 -1.27 -0.56 19.15
CA SER B 34 -1.98 -0.80 17.86
C SER B 34 -2.38 0.55 17.27
N TYR B 35 -3.14 1.32 17.99
CA TYR B 35 -3.55 2.66 17.48
C TYR B 35 -2.32 3.39 16.92
N GLN B 36 -1.28 3.50 17.71
CA GLN B 36 -0.06 4.21 17.24
C GLN B 36 0.44 3.58 15.94
N LYS B 37 0.06 2.35 15.67
CA LYS B 37 0.52 1.70 14.40
C LYS B 37 -0.38 2.13 13.24
N GLU B 38 -1.67 2.10 13.44
CA GLU B 38 -2.62 2.49 12.35
C GLU B 38 -2.28 3.89 11.86
N ILE B 39 -2.00 4.82 12.75
CA ILE B 39 -1.66 6.19 12.31
C ILE B 39 -0.27 6.17 11.68
N GLN B 40 0.66 5.48 12.29
CA GLN B 40 2.03 5.41 11.69
C GLN B 40 1.88 4.83 10.28
N ALA B 41 0.91 3.99 10.09
CA ALA B 41 0.69 3.39 8.75
C ALA B 41 0.38 4.53 7.77
N LYS B 42 -0.71 5.23 7.98
CA LYS B 42 -1.06 6.36 7.07
C LYS B 42 0.20 7.15 6.73
N GLU B 43 1.13 7.23 7.63
CA GLU B 43 2.39 8.00 7.33
C GLU B 43 3.12 7.28 6.19
N THR B 44 3.18 5.97 6.26
CA THR B 44 3.86 5.20 5.17
C THR B 44 2.96 5.25 3.93
N MET B 45 1.79 4.70 4.01
CA MET B 45 0.86 4.71 2.83
C MET B 45 0.87 6.11 2.20
N LYS B 46 1.11 7.13 2.98
CA LYS B 46 1.14 8.50 2.40
C LYS B 46 2.32 8.62 1.46
N GLU B 47 3.50 8.40 1.96
CA GLU B 47 4.70 8.48 1.10
C GLU B 47 4.45 7.68 -0.19
N VAL B 48 3.79 6.56 -0.09
CA VAL B 48 3.53 5.76 -1.32
C VAL B 48 2.75 6.60 -2.32
N LEU B 49 1.47 6.81 -2.09
CA LEU B 49 0.65 7.62 -3.06
C LEU B 49 1.46 8.79 -3.60
N SER B 50 2.21 9.47 -2.79
CA SER B 50 3.02 10.60 -3.30
C SER B 50 3.84 10.06 -4.48
N ASP B 51 4.42 8.91 -4.31
CA ASP B 51 5.21 8.28 -5.40
C ASP B 51 4.25 7.93 -6.54
N ASN B 52 3.30 7.05 -6.30
CA ASN B 52 2.33 6.66 -7.36
C ASN B 52 1.86 7.90 -8.13
N MET B 53 1.84 9.03 -7.48
CA MET B 53 1.38 10.27 -8.17
C MET B 53 2.53 10.89 -8.97
N GLU B 54 3.62 11.17 -8.32
CA GLU B 54 4.78 11.78 -9.06
C GLU B 54 5.19 10.85 -10.20
N VAL B 55 5.06 9.57 -9.99
CA VAL B 55 5.43 8.59 -11.05
C VAL B 55 4.41 8.71 -12.21
N LEU B 56 3.19 8.28 -12.00
CA LEU B 56 2.14 8.38 -13.10
C LEU B 56 2.28 9.68 -13.88
N SER B 57 2.60 10.75 -13.21
CA SER B 57 2.78 12.05 -13.93
C SER B 57 4.16 12.05 -14.57
N ASP B 58 5.12 11.47 -13.90
CA ASP B 58 6.51 11.44 -14.45
C ASP B 58 6.46 11.03 -15.93
N HIS B 59 5.61 10.10 -16.27
CA HIS B 59 5.54 9.67 -17.69
C HIS B 59 4.60 10.59 -18.48
N ILE B 60 3.32 10.60 -18.12
CA ILE B 60 2.32 11.47 -18.85
C ILE B 60 2.83 11.72 -20.29
N VAL B 61 2.63 10.75 -21.15
CA VAL B 61 3.12 10.86 -22.55
C VAL B 61 2.96 12.30 -23.06
N ILE B 62 3.92 12.75 -23.82
CA ILE B 62 3.88 14.15 -24.31
C ILE B 62 4.89 14.33 -25.43
N GLU B 63 4.73 15.36 -26.20
CA GLU B 63 5.66 15.63 -27.33
C GLU B 63 5.72 14.43 -28.26
N GLY B 64 5.25 14.61 -29.47
CA GLY B 64 5.27 13.48 -30.46
C GLY B 64 3.97 12.69 -30.35
N LEU B 65 3.58 12.29 -29.17
CA LEU B 65 2.34 11.53 -28.99
C LEU B 65 1.50 12.19 -27.91
N SER B 66 0.21 12.25 -28.08
CA SER B 66 -0.66 12.91 -27.05
C SER B 66 -1.30 11.87 -26.11
N ALA B 67 -1.44 12.21 -24.85
CA ALA B 67 -2.03 11.26 -23.87
C ALA B 67 -3.24 10.55 -24.50
N GLU B 68 -4.02 11.25 -25.27
CA GLU B 68 -5.21 10.61 -25.90
C GLU B 68 -4.76 9.59 -26.96
N GLU B 69 -3.73 9.92 -27.71
CA GLU B 69 -3.27 8.97 -28.76
C GLU B 69 -2.91 7.62 -28.14
N ILE B 70 -2.12 7.62 -27.09
CA ILE B 70 -1.75 6.33 -26.45
C ILE B 70 -3.01 5.65 -25.91
N ILE B 71 -3.93 6.42 -25.41
CA ILE B 71 -5.18 5.81 -24.88
C ILE B 71 -5.88 5.04 -26.00
N LYS B 72 -6.02 5.65 -27.15
CA LYS B 72 -6.68 4.95 -28.29
C LYS B 72 -5.98 3.61 -28.51
N MET B 73 -4.67 3.59 -28.46
CA MET B 73 -3.94 2.31 -28.65
C MET B 73 -4.21 1.42 -27.43
N GLY B 74 -4.61 2.01 -26.35
CA GLY B 74 -4.91 1.21 -25.12
C GLY B 74 -6.41 0.86 -25.12
N GLU B 75 -7.17 1.37 -26.06
CA GLU B 75 -8.62 1.04 -26.10
C GLU B 75 -8.84 -0.17 -27.01
N THR B 76 -8.16 -0.21 -28.12
CA THR B 76 -8.31 -1.37 -29.04
C THR B 76 -8.02 -2.67 -28.28
N VAL B 77 -6.79 -2.86 -27.87
CA VAL B 77 -6.43 -4.10 -27.13
C VAL B 77 -6.80 -3.92 -25.65
N LEU B 78 -6.33 -4.81 -24.81
CA LEU B 78 -6.65 -4.69 -23.35
C LEU B 78 -6.09 -3.36 -22.82
N GLY C 18 -21.44 -18.57 29.84
CA GLY C 18 -20.81 -18.64 28.50
C GLY C 18 -19.52 -17.79 28.50
N PRO C 19 -19.64 -16.50 28.33
CA PRO C 19 -18.47 -15.58 28.34
C PRO C 19 -17.94 -15.34 29.76
N ASN C 20 -16.65 -15.13 29.91
CA ASN C 20 -16.09 -14.88 31.27
C ASN C 20 -14.62 -14.52 31.15
N LYS C 21 -13.90 -14.64 32.22
CA LYS C 21 -12.44 -14.33 32.19
C LYS C 21 -11.78 -15.06 31.01
N GLU C 22 -12.51 -15.92 30.35
CA GLU C 22 -11.96 -16.66 29.18
C GLU C 22 -12.12 -15.80 27.93
N THR C 23 -13.33 -15.42 27.61
CA THR C 23 -13.55 -14.59 26.41
C THR C 23 -12.56 -13.42 26.40
N ILE C 24 -12.35 -12.76 27.52
CA ILE C 24 -11.35 -11.64 27.50
C ILE C 24 -9.98 -12.24 27.18
N ASN C 25 -9.53 -13.20 27.97
CA ASN C 25 -8.20 -13.81 27.71
C ASN C 25 -8.08 -14.15 26.23
N ARG C 26 -9.10 -14.73 25.64
CA ARG C 26 -9.01 -15.05 24.19
C ARG C 26 -8.67 -13.76 23.46
N GLU C 27 -9.47 -12.75 23.66
CA GLU C 27 -9.23 -11.44 23.01
C GLU C 27 -7.73 -11.11 23.09
N VAL C 28 -7.26 -10.78 24.27
CA VAL C 28 -5.81 -10.45 24.43
C VAL C 28 -4.95 -11.52 23.75
N SER C 29 -5.52 -12.66 23.47
CA SER C 29 -4.74 -13.74 22.80
C SER C 29 -4.66 -13.42 21.31
N ILE C 30 -5.75 -13.46 20.61
CA ILE C 30 -5.73 -13.13 19.17
C ILE C 30 -5.09 -11.74 19.05
N LEU C 31 -5.37 -10.89 20.00
CA LEU C 31 -4.79 -9.53 19.99
C LEU C 31 -3.29 -9.64 19.69
N ARG C 32 -2.53 -10.23 20.58
CA ARG C 32 -1.07 -10.37 20.34
C ARG C 32 -0.83 -11.04 18.99
N HIS C 33 -1.79 -11.77 18.50
CA HIS C 33 -1.62 -12.44 17.17
C HIS C 33 -1.79 -11.39 16.07
N SER C 34 -2.97 -10.84 15.95
CA SER C 34 -3.20 -9.80 14.92
C SER C 34 -2.07 -8.78 14.99
N TYR C 35 -1.55 -8.57 16.17
CA TYR C 35 -0.43 -7.61 16.32
C TYR C 35 0.72 -8.07 15.42
N GLN C 36 1.30 -9.21 15.71
CA GLN C 36 2.40 -9.72 14.87
C GLN C 36 2.01 -9.63 13.40
N LYS C 37 0.73 -9.51 13.12
CA LYS C 37 0.31 -9.38 11.69
C LYS C 37 0.38 -7.90 11.29
N GLU C 38 -0.34 -7.06 11.98
CA GLU C 38 -0.31 -5.60 11.64
C GLU C 38 1.12 -5.15 11.41
N ILE C 39 2.04 -5.57 12.24
CA ILE C 39 3.46 -5.15 12.04
C ILE C 39 3.97 -5.80 10.75
N GLN C 40 4.05 -7.11 10.69
CA GLN C 40 4.54 -7.77 9.44
C GLN C 40 3.96 -7.03 8.22
N ALA C 41 2.71 -6.67 8.30
CA ALA C 41 2.07 -5.94 7.17
C ALA C 41 2.90 -4.72 6.79
N LYS C 42 3.03 -3.75 7.67
CA LYS C 42 3.82 -2.53 7.30
C LYS C 42 5.12 -2.96 6.60
N GLU C 43 5.65 -4.11 6.96
CA GLU C 43 6.92 -4.56 6.29
C GLU C 43 6.62 -4.84 4.81
N THR C 44 5.44 -5.30 4.52
CA THR C 44 5.07 -5.56 3.08
C THR C 44 5.01 -4.21 2.37
N MET C 45 4.29 -3.27 2.92
CA MET C 45 4.19 -1.92 2.30
C MET C 45 5.61 -1.42 2.02
N LYS C 46 6.54 -1.75 2.88
CA LYS C 46 7.93 -1.30 2.66
C LYS C 46 8.42 -1.82 1.31
N GLU C 47 8.38 -3.12 1.14
CA GLU C 47 8.84 -3.71 -0.16
C GLU C 47 8.30 -2.86 -1.31
N VAL C 48 7.04 -2.51 -1.27
CA VAL C 48 6.48 -1.69 -2.37
C VAL C 48 7.36 -0.45 -2.59
N LEU C 49 7.57 0.33 -1.56
CA LEU C 49 8.43 1.55 -1.72
C LEU C 49 9.71 1.18 -2.45
N SER C 50 10.40 0.18 -2.00
CA SER C 50 11.67 -0.21 -2.68
C SER C 50 11.44 -0.30 -4.19
N ASP C 51 10.30 -0.80 -4.58
CA ASP C 51 9.99 -0.90 -6.03
C ASP C 51 9.54 0.48 -6.55
N ASN C 52 8.68 1.13 -5.84
CA ASN C 52 8.21 2.47 -6.26
C ASN C 52 9.41 3.41 -6.37
N MET C 53 10.48 3.09 -5.71
CA MET C 53 11.69 3.94 -5.76
C MET C 53 12.48 3.68 -7.04
N GLU C 54 12.89 2.45 -7.25
CA GLU C 54 13.66 2.14 -8.49
C GLU C 54 12.85 2.58 -9.71
N VAL C 55 11.57 2.33 -9.71
CA VAL C 55 10.73 2.74 -10.86
C VAL C 55 10.84 4.26 -11.06
N LEU C 56 10.60 5.02 -10.02
CA LEU C 56 10.70 6.51 -10.17
C LEU C 56 12.12 6.87 -10.60
N SER C 57 13.10 6.28 -9.97
CA SER C 57 14.51 6.59 -10.32
C SER C 57 14.85 6.01 -11.70
N ASP C 58 13.97 5.25 -12.27
CA ASP C 58 14.26 4.67 -13.62
C ASP C 58 13.78 5.65 -14.69
N HIS C 59 12.71 6.35 -14.43
CA HIS C 59 12.18 7.31 -15.43
C HIS C 59 13.03 8.59 -15.45
N ILE C 60 13.23 9.22 -14.31
CA ILE C 60 14.06 10.49 -14.24
C ILE C 60 14.38 11.03 -15.63
N VAL C 61 13.54 11.88 -16.16
CA VAL C 61 13.76 12.44 -17.52
C VAL C 61 15.05 13.27 -17.56
N ILE C 62 15.79 13.19 -18.63
CA ILE C 62 17.06 13.97 -18.76
C ILE C 62 17.49 14.03 -20.22
N GLU C 63 18.44 14.86 -20.48
CA GLU C 63 18.99 15.03 -21.86
C GLU C 63 17.90 15.47 -22.84
N GLY C 64 17.77 16.75 -23.02
CA GLY C 64 16.74 17.29 -23.95
C GLY C 64 15.51 17.75 -23.15
N LEU C 65 14.99 16.90 -22.33
CA LEU C 65 13.80 17.25 -21.53
C LEU C 65 14.15 17.10 -20.05
N SER C 66 14.18 18.19 -19.32
CA SER C 66 14.59 18.12 -17.89
C SER C 66 13.45 17.60 -17.00
N ALA C 67 13.72 17.52 -15.73
CA ALA C 67 12.69 17.07 -14.77
C ALA C 67 11.79 18.25 -14.42
N GLU C 68 12.31 19.44 -14.51
CA GLU C 68 11.49 20.64 -14.20
C GLU C 68 10.36 20.75 -15.22
N GLU C 69 10.69 20.64 -16.48
CA GLU C 69 9.64 20.76 -17.54
C GLU C 69 8.65 19.59 -17.37
N ILE C 70 9.09 18.39 -17.64
CA ILE C 70 8.17 17.22 -17.54
C ILE C 70 7.26 17.35 -16.30
N ILE C 71 7.78 17.80 -15.19
CA ILE C 71 6.88 17.96 -13.99
C ILE C 71 5.92 19.11 -14.28
N LYS C 72 6.40 20.14 -14.93
CA LYS C 72 5.52 21.29 -15.28
C LYS C 72 4.22 20.75 -15.87
N MET C 73 4.31 19.96 -16.90
CA MET C 73 3.08 19.39 -17.51
C MET C 73 2.44 18.46 -16.49
N GLY C 74 3.22 17.96 -15.57
CA GLY C 74 2.65 17.05 -14.51
C GLY C 74 2.08 17.91 -13.37
N GLU C 75 2.15 19.22 -13.49
CA GLU C 75 1.59 20.11 -12.42
C GLU C 75 0.22 20.59 -12.86
N THR C 76 0.11 21.08 -14.06
CA THR C 76 -1.21 21.57 -14.56
C THR C 76 -1.96 20.42 -15.22
N VAL C 77 -1.34 19.76 -16.17
CA VAL C 77 -2.02 18.63 -16.87
C VAL C 77 -1.79 17.34 -16.08
N LEU C 78 -2.63 16.36 -16.28
CA LEU C 78 -2.46 15.08 -15.54
C LEU C 78 -3.17 13.95 -16.30
N GLY D 18 -24.38 -0.43 32.28
CA GLY D 18 -23.31 -0.18 31.28
C GLY D 18 -22.33 -1.37 31.25
N PRO D 19 -21.46 -1.45 32.21
CA PRO D 19 -20.45 -2.54 32.30
C PRO D 19 -21.08 -3.92 32.57
N ASN D 20 -20.90 -4.85 31.66
CA ASN D 20 -21.48 -6.21 31.86
C ASN D 20 -20.99 -7.12 30.73
N LYS D 21 -21.17 -8.40 30.87
CA LYS D 21 -20.69 -9.36 29.83
C LYS D 21 -20.99 -8.84 28.42
N GLU D 22 -21.86 -7.89 28.27
CA GLU D 22 -22.16 -7.38 26.90
C GLU D 22 -21.03 -6.45 26.42
N THR D 23 -20.21 -5.97 27.32
CA THR D 23 -19.10 -5.07 26.91
C THR D 23 -17.89 -5.91 26.49
N ILE D 24 -17.53 -6.92 27.26
CA ILE D 24 -16.37 -7.77 26.84
C ILE D 24 -16.73 -8.40 25.49
N ASN D 25 -17.94 -8.87 25.38
CA ASN D 25 -18.38 -9.51 24.11
C ASN D 25 -18.29 -8.49 22.97
N ARG D 26 -18.72 -7.28 23.19
CA ARG D 26 -18.64 -6.27 22.10
C ARG D 26 -17.20 -6.23 21.57
N GLU D 27 -16.25 -6.29 22.45
CA GLU D 27 -14.82 -6.26 22.00
C GLU D 27 -14.47 -7.57 21.31
N VAL D 28 -14.88 -8.68 21.86
CA VAL D 28 -14.53 -10.00 21.23
C VAL D 28 -15.31 -10.17 19.92
N SER D 29 -16.47 -9.57 19.82
CA SER D 29 -17.26 -9.69 18.57
C SER D 29 -16.52 -9.00 17.43
N ILE D 30 -16.24 -7.73 17.58
CA ILE D 30 -15.50 -7.01 16.50
C ILE D 30 -14.15 -7.70 16.29
N LEU D 31 -13.58 -8.21 17.35
CA LEU D 31 -12.27 -8.92 17.23
C LEU D 31 -12.34 -9.92 16.08
N ARG D 32 -13.30 -10.81 16.11
CA ARG D 32 -13.43 -11.81 15.03
C ARG D 32 -13.61 -11.09 13.69
N HIS D 33 -14.50 -10.14 13.63
CA HIS D 33 -14.73 -9.41 12.35
C HIS D 33 -13.41 -8.79 11.87
N SER D 34 -12.79 -8.00 12.70
CA SER D 34 -11.49 -7.36 12.30
C SER D 34 -10.55 -8.42 11.74
N TYR D 35 -10.42 -9.53 12.42
CA TYR D 35 -9.50 -10.60 11.93
C TYR D 35 -9.78 -10.84 10.44
N GLN D 36 -10.96 -11.31 10.13
CA GLN D 36 -11.31 -11.58 8.71
C GLN D 36 -10.82 -10.45 7.82
N LYS D 37 -11.31 -9.25 8.04
CA LYS D 37 -10.85 -8.10 7.19
C LYS D 37 -9.32 -8.14 7.07
N GLU D 38 -8.62 -8.31 8.17
CA GLU D 38 -7.13 -8.34 8.11
C GLU D 38 -6.65 -9.39 7.10
N ILE D 39 -6.86 -10.66 7.37
CA ILE D 39 -6.40 -11.71 6.41
C ILE D 39 -6.83 -11.32 5.00
N GLN D 40 -8.08 -11.01 4.79
CA GLN D 40 -8.51 -10.61 3.44
C GLN D 40 -7.57 -9.51 2.94
N ALA D 41 -7.40 -8.49 3.74
CA ALA D 41 -6.49 -7.38 3.34
C ALA D 41 -5.16 -7.95 2.83
N LYS D 42 -4.61 -8.89 3.54
CA LYS D 42 -3.31 -9.48 3.07
C LYS D 42 -3.48 -9.88 1.60
N GLU D 43 -4.64 -10.36 1.25
CA GLU D 43 -4.87 -10.78 -0.17
C GLU D 43 -4.72 -9.55 -1.07
N THR D 44 -5.39 -8.49 -0.74
CA THR D 44 -5.27 -7.25 -1.57
C THR D 44 -3.80 -6.80 -1.58
N MET D 45 -3.09 -7.02 -0.51
CA MET D 45 -1.66 -6.62 -0.46
C MET D 45 -0.89 -7.40 -1.54
N LYS D 46 -0.88 -8.71 -1.45
CA LYS D 46 -0.17 -9.53 -2.47
C LYS D 46 -0.51 -9.00 -3.86
N GLU D 47 -1.69 -8.48 -4.02
CA GLU D 47 -2.08 -7.94 -5.36
C GLU D 47 -1.28 -6.66 -5.62
N VAL D 48 -1.17 -5.82 -4.63
CA VAL D 48 -0.41 -4.56 -4.82
C VAL D 48 0.97 -4.88 -5.40
N LEU D 49 1.63 -5.87 -4.87
CA LEU D 49 2.98 -6.22 -5.42
C LEU D 49 2.82 -6.64 -6.88
N SER D 50 1.89 -7.52 -7.15
CA SER D 50 1.68 -7.96 -8.55
C SER D 50 1.58 -6.74 -9.46
N ASP D 51 0.87 -5.73 -9.04
CA ASP D 51 0.75 -4.51 -9.89
C ASP D 51 2.11 -3.82 -9.99
N ASN D 52 2.89 -3.88 -8.96
CA ASN D 52 4.24 -3.24 -9.00
C ASN D 52 5.14 -4.04 -9.94
N MET D 53 5.32 -5.30 -9.66
CA MET D 53 6.18 -6.15 -10.54
C MET D 53 5.83 -5.89 -12.00
N GLU D 54 4.57 -5.78 -12.31
CA GLU D 54 4.18 -5.52 -13.74
C GLU D 54 4.63 -4.11 -14.13
N VAL D 55 4.36 -3.15 -13.30
CA VAL D 55 4.75 -1.74 -13.62
C VAL D 55 6.26 -1.68 -13.90
N LEU D 56 7.06 -2.37 -13.12
CA LEU D 56 8.53 -2.33 -13.36
C LEU D 56 8.88 -3.27 -14.52
N SER D 57 8.53 -4.52 -14.40
CA SER D 57 8.85 -5.50 -15.50
C SER D 57 8.32 -4.98 -16.83
N ASP D 58 7.37 -4.10 -16.83
CA ASP D 58 6.88 -3.57 -18.14
C ASP D 58 7.79 -2.43 -18.56
N HIS D 59 7.77 -1.35 -17.84
CA HIS D 59 8.62 -0.18 -18.21
C HIS D 59 10.09 -0.51 -18.01
N ILE D 60 10.44 -1.76 -17.83
CA ILE D 60 11.90 -2.09 -17.65
C ILE D 60 12.62 -1.81 -18.97
N VAL D 61 12.88 -0.56 -19.24
CA VAL D 61 13.58 -0.19 -20.51
C VAL D 61 14.78 -1.10 -20.75
N ILE D 62 15.17 -1.24 -21.99
CA ILE D 62 16.33 -2.11 -22.33
C ILE D 62 16.92 -1.75 -23.70
N GLU D 63 18.14 -2.15 -23.91
CA GLU D 63 18.83 -1.88 -25.20
C GLU D 63 18.55 -0.46 -25.69
N GLY D 64 19.46 0.43 -25.42
CA GLY D 64 19.29 1.86 -25.82
C GLY D 64 19.48 2.71 -24.57
N LEU D 65 18.73 2.43 -23.55
CA LEU D 65 18.83 3.18 -22.30
C LEU D 65 18.90 2.18 -21.14
N SER D 66 20.08 1.81 -20.77
CA SER D 66 20.22 0.81 -19.66
C SER D 66 19.64 1.40 -18.37
N ALA D 67 18.72 0.73 -17.73
CA ALA D 67 18.14 1.28 -16.47
C ALA D 67 19.26 1.75 -15.55
N GLU D 68 20.40 1.13 -15.64
CA GLU D 68 21.55 1.55 -14.79
C GLU D 68 22.06 2.89 -15.31
N GLU D 69 22.55 2.91 -16.51
CA GLU D 69 23.08 4.17 -17.11
C GLU D 69 22.15 5.35 -16.78
N ILE D 70 20.89 5.25 -17.11
CA ILE D 70 19.97 6.40 -16.81
C ILE D 70 19.93 6.61 -15.30
N ILE D 71 19.63 5.59 -14.53
CA ILE D 71 19.58 5.74 -13.05
C ILE D 71 20.79 6.53 -12.58
N LYS D 72 21.98 6.12 -12.96
CA LYS D 72 23.19 6.85 -12.52
C LYS D 72 23.10 8.31 -12.95
N MET D 73 23.06 8.55 -14.24
CA MET D 73 23.00 9.94 -14.76
C MET D 73 22.21 10.86 -13.82
N GLY D 74 21.04 10.45 -13.41
CA GLY D 74 20.22 11.34 -12.50
C GLY D 74 20.76 11.27 -11.06
N GLU D 75 21.49 10.24 -10.72
CA GLU D 75 22.03 10.15 -9.33
C GLU D 75 23.28 11.04 -9.23
N THR D 76 23.92 11.31 -10.33
CA THR D 76 25.14 12.18 -10.28
C THR D 76 24.79 13.52 -9.63
N VAL D 77 23.81 14.20 -10.16
CA VAL D 77 23.42 15.52 -9.58
C VAL D 77 21.90 15.69 -9.69
N LEU D 78 21.18 15.27 -8.68
CA LEU D 78 19.70 15.40 -8.72
C LEU D 78 19.33 16.88 -8.81
N GLY A 18 -8.49 -1.32 42.69
CA GLY A 18 -9.11 -2.35 41.81
C GLY A 18 -9.37 -1.74 40.43
N PRO A 19 -9.91 -2.51 39.53
CA PRO A 19 -10.22 -2.05 38.15
C PRO A 19 -11.43 -1.10 38.14
N ASN A 20 -11.67 -0.43 37.04
CA ASN A 20 -12.83 0.50 37.01
C ASN A 20 -13.39 0.57 35.59
N LYS A 21 -14.69 0.49 35.45
CA LYS A 21 -15.32 0.50 34.10
C LYS A 21 -14.65 1.56 33.21
N GLU A 22 -14.03 2.56 33.79
CA GLU A 22 -13.37 3.60 32.95
C GLU A 22 -12.13 3.03 32.27
N THR A 23 -11.61 1.92 32.76
CA THR A 23 -10.41 1.32 32.14
C THR A 23 -10.82 0.36 31.00
N ILE A 24 -11.78 -0.51 31.22
CA ILE A 24 -12.20 -1.41 30.09
C ILE A 24 -12.72 -0.52 28.97
N ASN A 25 -13.39 0.55 29.32
CA ASN A 25 -13.93 1.46 28.28
C ASN A 25 -12.79 2.17 27.56
N ARG A 26 -11.79 2.61 28.28
CA ARG A 26 -10.65 3.32 27.63
C ARG A 26 -10.08 2.45 26.51
N GLU A 27 -9.98 1.17 26.71
CA GLU A 27 -9.42 0.29 25.64
C GLU A 27 -10.51 0.01 24.59
N VAL A 28 -11.74 -0.15 25.00
CA VAL A 28 -12.81 -0.42 24.00
C VAL A 28 -13.05 0.83 23.15
N SER A 29 -12.91 1.99 23.74
CA SER A 29 -13.12 3.26 22.97
C SER A 29 -12.02 3.40 21.92
N ILE A 30 -10.78 3.45 22.35
CA ILE A 30 -9.67 3.57 21.37
C ILE A 30 -9.85 2.48 20.32
N LEU A 31 -10.44 1.38 20.71
CA LEU A 31 -10.68 0.25 19.77
C LEU A 31 -11.48 0.78 18.58
N ARG A 32 -12.60 1.40 18.84
CA ARG A 32 -13.41 1.96 17.72
C ARG A 32 -12.53 2.85 16.87
N HIS A 33 -11.78 3.72 17.48
CA HIS A 33 -10.87 4.61 16.69
C HIS A 33 -9.97 3.74 15.82
N SER A 34 -9.27 2.82 16.42
CA SER A 34 -8.37 1.94 15.65
C SER A 34 -9.14 1.38 14.45
N TYR A 35 -10.31 0.84 14.68
CA TYR A 35 -11.11 0.29 13.54
C TYR A 35 -11.20 1.38 12.47
N GLN A 36 -11.55 2.57 12.86
CA GLN A 36 -11.67 3.69 11.87
C GLN A 36 -10.47 3.63 10.91
N LYS A 37 -9.28 3.73 11.41
CA LYS A 37 -8.09 3.67 10.52
C LYS A 37 -8.24 2.48 9.55
N GLU A 38 -8.63 1.33 10.06
CA GLU A 38 -8.79 0.14 9.16
C GLU A 38 -9.65 0.50 7.94
N ILE A 39 -10.91 0.77 8.14
CA ILE A 39 -11.78 1.11 6.99
C ILE A 39 -11.09 2.21 6.16
N GLN A 40 -10.69 3.29 6.79
CA GLN A 40 -10.00 4.37 6.01
C GLN A 40 -8.76 3.77 5.33
N ALA A 41 -8.43 2.56 5.68
CA ALA A 41 -7.24 1.91 5.05
C ALA A 41 -7.67 1.32 3.72
N LYS A 42 -8.79 0.65 3.69
CA LYS A 42 -9.27 0.08 2.38
C LYS A 42 -9.40 1.24 1.40
N GLU A 43 -9.69 2.41 1.91
CA GLU A 43 -9.83 3.59 1.02
C GLU A 43 -8.46 3.95 0.42
N THR A 44 -7.52 4.31 1.24
CA THR A 44 -6.16 4.66 0.70
C THR A 44 -5.62 3.50 -0.12
N MET A 45 -6.06 2.30 0.16
CA MET A 45 -5.57 1.12 -0.62
C MET A 45 -6.30 1.09 -1.97
N LYS A 46 -7.61 1.13 -1.94
CA LYS A 46 -8.37 1.11 -3.23
C LYS A 46 -7.79 2.18 -4.15
N GLU A 47 -7.14 3.16 -3.60
CA GLU A 47 -6.54 4.23 -4.44
C GLU A 47 -5.25 3.70 -5.06
N VAL A 48 -4.35 3.21 -4.25
CA VAL A 48 -3.06 2.68 -4.78
C VAL A 48 -3.35 1.76 -5.97
N LEU A 49 -4.46 1.07 -5.96
CA LEU A 49 -4.76 0.16 -7.11
C LEU A 49 -5.27 1.00 -8.28
N SER A 50 -6.23 1.84 -8.05
CA SER A 50 -6.75 2.69 -9.16
C SER A 50 -5.57 3.29 -9.92
N ASP A 51 -4.54 3.68 -9.20
CA ASP A 51 -3.35 4.26 -9.88
C ASP A 51 -2.55 3.13 -10.53
N ASN A 52 -2.04 2.21 -9.73
CA ASN A 52 -1.25 1.08 -10.30
C ASN A 52 -1.94 0.55 -11.56
N MET A 53 -3.20 0.23 -11.47
CA MET A 53 -3.92 -0.29 -12.66
C MET A 53 -3.81 0.72 -13.80
N GLU A 54 -4.22 1.94 -13.55
CA GLU A 54 -4.16 2.99 -14.61
C GLU A 54 -2.85 2.87 -15.41
N VAL A 55 -1.74 2.82 -14.73
CA VAL A 55 -0.43 2.70 -15.44
C VAL A 55 -0.40 1.37 -16.22
N LEU A 56 -0.90 0.33 -15.63
CA LEU A 56 -0.90 -0.99 -16.33
C LEU A 56 -1.84 -0.90 -17.54
N SER A 57 -3.10 -0.63 -17.31
CA SER A 57 -4.06 -0.54 -18.43
C SER A 57 -3.64 0.56 -19.42
N ASP A 58 -2.67 1.35 -19.09
CA ASP A 58 -2.24 2.40 -20.05
C ASP A 58 -1.38 1.73 -21.11
N HIS A 59 -0.29 1.15 -20.69
CA HIS A 59 0.63 0.49 -21.66
C HIS A 59 -0.10 -0.62 -22.42
N ILE A 60 -0.68 -1.57 -21.73
CA ILE A 60 -1.42 -2.70 -22.42
C ILE A 60 -0.58 -3.29 -23.55
N VAL A 61 -0.97 -4.41 -24.04
CA VAL A 61 -0.20 -5.04 -25.16
C VAL A 61 -0.35 -4.15 -26.38
N ILE A 62 0.72 -3.62 -26.91
CA ILE A 62 0.57 -2.75 -28.13
C ILE A 62 1.58 -3.09 -29.22
N GLU A 63 1.11 -3.04 -30.46
CA GLU A 63 1.99 -3.32 -31.61
C GLU A 63 3.15 -2.35 -31.55
N GLY A 64 4.33 -2.86 -31.50
CA GLY A 64 5.52 -1.98 -31.37
C GLY A 64 6.00 -2.15 -29.95
N LEU A 65 5.11 -2.01 -28.97
CA LEU A 65 5.50 -2.19 -27.58
C LEU A 65 4.53 -3.16 -26.94
N SER A 66 4.46 -4.30 -27.53
CA SER A 66 3.58 -5.37 -27.00
C SER A 66 4.10 -5.65 -25.57
N ALA A 67 3.37 -5.31 -24.54
CA ALA A 67 3.93 -5.55 -23.15
C ALA A 67 4.54 -6.95 -23.05
N GLU A 68 3.98 -7.91 -23.72
CA GLU A 68 4.57 -9.28 -23.66
C GLU A 68 5.94 -9.26 -24.35
N GLU A 69 5.95 -9.01 -25.63
CA GLU A 69 7.24 -8.97 -26.39
C GLU A 69 8.34 -8.30 -25.57
N ILE A 70 8.14 -7.08 -25.11
CA ILE A 70 9.20 -6.42 -24.30
C ILE A 70 9.52 -7.27 -23.07
N ILE A 71 8.52 -7.61 -22.29
CA ILE A 71 8.76 -8.44 -21.08
C ILE A 71 9.73 -9.57 -21.42
N LYS A 72 9.42 -10.37 -22.40
CA LYS A 72 10.32 -11.48 -22.77
C LYS A 72 11.69 -10.93 -23.15
N MET A 73 11.73 -10.09 -24.15
CA MET A 73 13.04 -9.51 -24.61
C MET A 73 13.97 -9.25 -23.42
N GLY A 74 13.48 -8.61 -22.39
CA GLY A 74 14.38 -8.32 -21.21
C GLY A 74 14.62 -9.62 -20.42
N GLU A 75 13.75 -10.59 -20.55
CA GLU A 75 13.93 -11.87 -19.83
C GLU A 75 15.18 -12.57 -20.37
N THR A 76 15.44 -12.44 -21.64
CA THR A 76 16.64 -13.10 -22.22
C THR A 76 17.91 -12.43 -21.69
N VAL A 77 17.86 -11.14 -21.50
CA VAL A 77 19.06 -10.41 -20.98
C VAL A 77 18.61 -9.28 -20.05
N LEU A 78 17.97 -9.62 -18.96
CA LEU A 78 17.50 -8.57 -18.01
C LEU A 78 18.70 -7.73 -17.56
N GLY B 18 -13.12 -13.11 38.57
CA GLY B 18 -12.35 -14.06 37.71
C GLY B 18 -11.14 -13.33 37.10
N PRO B 19 -11.39 -12.29 36.35
CA PRO B 19 -10.31 -11.50 35.69
C PRO B 19 -9.19 -11.14 36.67
N ASN B 20 -8.09 -10.65 36.16
CA ASN B 20 -6.93 -10.27 37.02
C ASN B 20 -6.44 -8.89 36.60
N LYS B 21 -6.32 -7.99 37.55
CA LYS B 21 -5.86 -6.61 37.22
C LYS B 21 -4.65 -6.66 36.27
N GLU B 22 -4.04 -7.80 36.17
CA GLU B 22 -2.88 -7.95 35.25
C GLU B 22 -3.41 -8.11 33.83
N THR B 23 -4.20 -9.11 33.59
CA THR B 23 -4.71 -9.34 32.22
C THR B 23 -5.37 -8.05 31.69
N ILE B 24 -6.25 -7.40 32.42
CA ILE B 24 -6.84 -6.15 31.89
C ILE B 24 -5.68 -5.23 31.51
N ASN B 25 -4.83 -4.92 32.46
CA ASN B 25 -3.69 -4.01 32.17
C ASN B 25 -3.00 -4.42 30.86
N ARG B 26 -2.77 -5.69 30.64
CA ARG B 26 -2.11 -6.08 29.37
C ARG B 26 -2.87 -5.48 28.19
N GLU B 27 -4.04 -5.99 27.94
CA GLU B 27 -4.85 -5.47 26.79
C GLU B 27 -4.68 -3.95 26.68
N VAL B 28 -4.97 -3.22 27.74
CA VAL B 28 -4.83 -1.74 27.69
C VAL B 28 -3.37 -1.36 27.38
N SER B 29 -2.46 -2.22 27.75
CA SER B 29 -1.01 -1.95 27.51
C SER B 29 -0.69 -2.00 26.01
N ILE B 30 -0.80 -3.15 25.40
CA ILE B 30 -0.51 -3.23 23.94
C ILE B 30 -1.42 -2.24 23.23
N LEU B 31 -2.45 -1.81 23.90
CA LEU B 31 -3.39 -0.82 23.31
C LEU B 31 -2.59 0.44 22.97
N ARG B 32 -2.16 1.18 23.96
CA ARG B 32 -1.37 2.41 23.67
C ARG B 32 -0.27 2.06 22.67
N HIS B 33 0.20 0.84 22.70
CA HIS B 33 1.29 0.45 21.76
C HIS B 33 0.73 0.39 20.33
N SER B 34 -0.09 -0.58 20.03
CA SER B 34 -0.64 -0.69 18.66
C SER B 34 -1.12 0.67 18.18
N TYR B 35 -1.62 1.49 19.07
CA TYR B 35 -2.09 2.84 18.62
C TYR B 35 -0.92 3.57 17.97
N GLN B 36 0.07 3.93 18.74
CA GLN B 36 1.24 4.66 18.17
C GLN B 36 1.68 3.99 16.86
N LYS B 37 1.41 2.72 16.70
CA LYS B 37 1.80 2.05 15.43
C LYS B 37 0.76 2.39 14.37
N GLU B 38 -0.48 2.12 14.65
CA GLU B 38 -1.56 2.42 13.66
C GLU B 38 -1.35 3.81 13.04
N ILE B 39 -1.15 4.81 13.86
CA ILE B 39 -0.93 6.17 13.28
C ILE B 39 0.36 6.15 12.44
N GLN B 40 1.48 5.91 13.05
CA GLN B 40 2.76 5.88 12.27
C GLN B 40 2.53 5.12 10.96
N ALA B 41 1.98 3.94 11.04
CA ALA B 41 1.73 3.14 9.80
C ALA B 41 0.99 4.02 8.80
N LYS B 42 -0.02 4.72 9.24
CA LYS B 42 -0.78 5.60 8.29
C LYS B 42 0.23 6.49 7.56
N GLU B 43 1.27 6.91 8.24
CA GLU B 43 2.28 7.79 7.59
C GLU B 43 3.00 7.03 6.47
N THR B 44 3.19 5.76 6.65
CA THR B 44 3.88 4.96 5.58
C THR B 44 2.95 4.89 4.36
N MET B 45 1.74 4.48 4.55
CA MET B 45 0.79 4.40 3.40
C MET B 45 0.83 5.72 2.63
N LYS B 46 0.87 6.82 3.33
CA LYS B 46 0.91 8.13 2.63
C LYS B 46 2.09 8.15 1.66
N GLU B 47 3.27 7.89 2.16
CA GLU B 47 4.47 7.89 1.28
C GLU B 47 4.16 7.07 0.02
N VAL B 48 3.65 5.87 0.17
CA VAL B 48 3.34 5.04 -1.02
C VAL B 48 2.61 5.89 -2.07
N LEU B 49 1.63 6.65 -1.64
CA LEU B 49 0.90 7.52 -2.63
C LEU B 49 1.87 8.51 -3.24
N SER B 50 2.63 9.20 -2.42
CA SER B 50 3.59 10.20 -2.97
C SER B 50 4.36 9.58 -4.14
N ASP B 51 4.73 8.34 -4.02
CA ASP B 51 5.49 7.68 -5.12
C ASP B 51 4.55 7.40 -6.30
N ASN B 52 3.40 6.83 -6.04
CA ASN B 52 2.44 6.54 -7.15
C ASN B 52 1.95 7.87 -7.75
N MET B 53 2.10 8.93 -7.02
CA MET B 53 1.64 10.25 -7.53
C MET B 53 2.60 10.76 -8.61
N GLU B 54 3.85 10.94 -8.26
CA GLU B 54 4.84 11.43 -9.26
C GLU B 54 5.03 10.36 -10.34
N VAL B 55 5.24 9.14 -9.92
CA VAL B 55 5.44 8.04 -10.91
C VAL B 55 4.33 8.09 -11.97
N LEU B 56 3.09 8.21 -11.55
CA LEU B 56 1.98 8.29 -12.54
C LEU B 56 2.11 9.59 -13.35
N SER B 57 2.41 10.67 -12.68
CA SER B 57 2.55 11.97 -13.40
C SER B 57 3.81 11.93 -14.28
N ASP B 58 4.54 10.85 -14.24
CA ASP B 58 5.77 10.75 -15.08
C ASP B 58 5.43 10.01 -16.37
N HIS B 59 4.61 9.00 -16.27
CA HIS B 59 4.24 8.21 -17.49
C HIS B 59 3.28 9.01 -18.36
N ILE B 60 2.50 9.89 -17.80
CA ILE B 60 1.54 10.70 -18.63
C ILE B 60 2.26 11.20 -19.89
N VAL B 61 2.21 10.42 -20.94
CA VAL B 61 2.92 10.79 -22.19
C VAL B 61 2.41 12.12 -22.77
N ILE B 62 3.27 12.78 -23.50
CA ILE B 62 2.91 14.09 -24.14
C ILE B 62 3.94 14.44 -25.20
N GLU B 63 3.63 15.42 -25.98
CA GLU B 63 4.56 15.91 -27.05
C GLU B 63 5.11 14.74 -27.85
N GLY B 64 4.46 14.42 -28.93
CA GLY B 64 4.88 13.28 -29.79
C GLY B 64 3.72 12.31 -29.85
N LEU B 65 3.30 11.84 -28.71
CA LEU B 65 2.17 10.91 -28.63
C LEU B 65 1.09 11.57 -27.79
N SER B 66 -0.07 10.99 -27.81
CA SER B 66 -1.20 11.56 -27.02
C SER B 66 -1.84 10.44 -26.18
N ALA B 67 -2.11 10.69 -24.91
CA ALA B 67 -2.73 9.63 -24.07
C ALA B 67 -4.02 9.15 -24.75
N GLU B 68 -4.85 10.06 -25.14
CA GLU B 68 -6.13 9.68 -25.83
C GLU B 68 -5.84 8.60 -26.88
N GLU B 69 -4.98 8.89 -27.81
CA GLU B 69 -4.66 7.87 -28.87
C GLU B 69 -4.13 6.60 -28.24
N ILE B 70 -3.45 6.71 -27.12
CA ILE B 70 -2.93 5.48 -26.46
C ILE B 70 -4.12 4.74 -25.82
N ILE B 71 -4.92 5.41 -25.06
CA ILE B 71 -6.10 4.73 -24.45
C ILE B 71 -6.92 4.09 -25.56
N LYS B 72 -7.03 4.76 -26.68
CA LYS B 72 -7.81 4.19 -27.81
C LYS B 72 -7.29 2.79 -28.13
N MET B 73 -6.06 2.69 -28.58
CA MET B 73 -5.50 1.33 -28.93
C MET B 73 -5.84 0.33 -27.81
N GLY B 74 -5.88 0.77 -26.58
CA GLY B 74 -6.19 -0.20 -25.47
C GLY B 74 -7.72 -0.33 -25.31
N GLU B 75 -8.50 0.51 -25.96
CA GLU B 75 -9.98 0.39 -25.85
C GLU B 75 -10.47 -0.66 -26.84
N THR B 76 -9.85 -0.74 -27.98
CA THR B 76 -10.28 -1.74 -29.00
C THR B 76 -10.08 -3.15 -28.44
N VAL B 77 -9.46 -3.26 -27.29
CA VAL B 77 -9.23 -4.60 -26.69
C VAL B 77 -9.55 -4.54 -25.19
N LEU B 78 -9.46 -3.38 -24.61
CA LEU B 78 -9.75 -3.26 -23.15
C LEU B 78 -10.12 -1.81 -22.82
N GLY C 18 -19.32 -20.19 28.70
CA GLY C 18 -19.86 -18.82 28.89
C GLY C 18 -18.73 -17.86 29.27
N PRO C 19 -18.98 -16.58 29.19
CA PRO C 19 -17.98 -15.53 29.53
C PRO C 19 -17.16 -15.89 30.77
N ASN C 20 -15.91 -15.52 30.79
CA ASN C 20 -15.04 -15.83 31.95
C ASN C 20 -13.59 -15.50 31.58
N LYS C 21 -12.71 -15.50 32.54
CA LYS C 21 -11.28 -15.15 32.25
C LYS C 21 -10.83 -15.78 30.92
N GLU C 22 -11.49 -16.81 30.47
CA GLU C 22 -11.07 -17.45 29.18
C GLU C 22 -11.49 -16.59 27.99
N THR C 23 -12.27 -15.57 28.20
CA THR C 23 -12.70 -14.71 27.06
C THR C 23 -11.69 -13.57 26.86
N ILE C 24 -11.20 -12.95 27.92
CA ILE C 24 -10.18 -11.87 27.68
C ILE C 24 -8.89 -12.57 27.28
N ASN C 25 -8.70 -13.79 27.70
CA ASN C 25 -7.45 -14.52 27.33
C ASN C 25 -7.51 -14.86 25.85
N ARG C 26 -8.59 -15.44 25.40
CA ARG C 26 -8.70 -15.80 23.96
C ARG C 26 -8.54 -14.53 23.13
N GLU C 27 -8.96 -13.42 23.66
CA GLU C 27 -8.84 -12.14 22.92
C GLU C 27 -7.40 -11.62 23.07
N VAL C 28 -6.85 -11.67 24.25
CA VAL C 28 -5.44 -11.20 24.43
C VAL C 28 -4.52 -12.11 23.62
N SER C 29 -4.92 -13.34 23.41
CA SER C 29 -4.09 -14.28 22.60
C SER C 29 -4.07 -13.80 21.15
N ILE C 30 -5.22 -13.66 20.55
CA ILE C 30 -5.27 -13.18 19.15
C ILE C 30 -4.62 -11.78 19.10
N LEU C 31 -4.87 -10.99 20.10
CA LEU C 31 -4.27 -9.62 20.16
C LEU C 31 -2.79 -9.72 19.80
N ARG C 32 -2.05 -10.53 20.53
CA ARG C 32 -0.60 -10.67 20.23
C ARG C 32 -0.43 -11.04 18.76
N HIS C 33 -1.20 -11.99 18.29
CA HIS C 33 -1.08 -12.38 16.86
C HIS C 33 -1.28 -11.15 15.98
N SER C 34 -2.30 -10.38 16.24
CA SER C 34 -2.53 -9.16 15.43
C SER C 34 -1.23 -8.36 15.36
N TYR C 35 -0.62 -8.09 16.48
CA TYR C 35 0.65 -7.32 16.46
C TYR C 35 1.57 -7.88 15.38
N GLN C 36 1.79 -9.17 15.40
CA GLN C 36 2.67 -9.78 14.37
C GLN C 36 2.29 -9.22 13.00
N LYS C 37 1.06 -9.42 12.59
CA LYS C 37 0.63 -8.88 11.27
C LYS C 37 1.16 -7.45 11.10
N GLU C 38 0.94 -6.60 12.07
CA GLU C 38 1.44 -5.20 11.96
C GLU C 38 2.91 -5.20 11.55
N ILE C 39 3.79 -5.60 12.42
CA ILE C 39 5.24 -5.60 12.07
C ILE C 39 5.42 -6.28 10.70
N GLN C 40 4.95 -7.49 10.55
CA GLN C 40 5.09 -8.17 9.23
C GLN C 40 4.52 -7.26 8.14
N ALA C 41 3.76 -6.26 8.53
CA ALA C 41 3.19 -5.33 7.52
C ALA C 41 4.28 -4.36 7.07
N LYS C 42 4.94 -3.73 8.01
CA LYS C 42 6.03 -2.79 7.61
C LYS C 42 6.96 -3.52 6.65
N GLU C 43 7.08 -4.81 6.80
CA GLU C 43 7.96 -5.58 5.86
C GLU C 43 7.35 -5.57 4.46
N THR C 44 6.15 -6.09 4.33
CA THR C 44 5.50 -6.08 2.98
C THR C 44 5.39 -4.64 2.47
N MET C 45 5.09 -3.72 3.35
CA MET C 45 4.98 -2.29 2.91
C MET C 45 6.34 -1.84 2.39
N LYS C 46 7.35 -1.91 3.22
CA LYS C 46 8.71 -1.49 2.77
C LYS C 46 8.99 -2.09 1.39
N GLU C 47 8.38 -3.20 1.09
CA GLU C 47 8.61 -3.82 -0.24
C GLU C 47 7.89 -2.98 -1.30
N VAL C 48 6.65 -2.64 -1.07
CA VAL C 48 5.90 -1.82 -2.05
C VAL C 48 6.74 -0.60 -2.43
N LEU C 49 7.33 0.05 -1.48
CA LEU C 49 8.17 1.26 -1.81
C LEU C 49 9.41 0.81 -2.59
N SER C 50 10.14 -0.15 -2.08
CA SER C 50 11.35 -0.63 -2.79
C SER C 50 11.02 -0.86 -4.27
N ASP C 51 9.91 -1.49 -4.55
CA ASP C 51 9.52 -1.73 -5.96
C ASP C 51 9.08 -0.42 -6.60
N ASN C 52 8.48 0.44 -5.83
CA ASN C 52 8.03 1.75 -6.40
C ASN C 52 9.26 2.59 -6.73
N MET C 53 10.04 2.93 -5.76
CA MET C 53 11.27 3.75 -6.02
C MET C 53 11.99 3.17 -7.24
N GLU C 54 12.02 1.88 -7.37
CA GLU C 54 12.71 1.27 -8.54
C GLU C 54 12.05 1.79 -9.83
N VAL C 55 10.75 1.74 -9.89
CA VAL C 55 10.03 2.21 -11.11
C VAL C 55 10.38 3.68 -11.36
N LEU C 56 10.54 4.46 -10.33
CA LEU C 56 10.90 5.90 -10.55
C LEU C 56 12.39 6.01 -10.87
N SER C 57 13.22 5.55 -9.97
CA SER C 57 14.69 5.61 -10.22
C SER C 57 15.01 5.05 -11.60
N ASP C 58 14.08 4.39 -12.24
CA ASP C 58 14.37 3.87 -13.59
C ASP C 58 13.98 4.92 -14.63
N HIS C 59 12.72 5.26 -14.68
CA HIS C 59 12.26 6.25 -15.69
C HIS C 59 12.63 7.69 -15.32
N ILE C 60 13.49 7.91 -14.35
CA ILE C 60 13.85 9.33 -14.04
C ILE C 60 14.55 9.94 -15.25
N VAL C 61 13.79 10.32 -16.24
CA VAL C 61 14.39 10.90 -17.47
C VAL C 61 15.39 11.99 -17.11
N ILE C 62 16.33 12.22 -17.99
CA ILE C 62 17.39 13.25 -17.71
C ILE C 62 17.99 13.77 -19.01
N GLU C 63 18.57 14.94 -18.93
CA GLU C 63 19.24 15.57 -20.13
C GLU C 63 18.37 15.41 -21.37
N GLY C 64 17.63 16.44 -21.72
CA GLY C 64 16.74 16.37 -22.91
C GLY C 64 15.32 16.68 -22.44
N LEU C 65 14.86 15.96 -21.45
CA LEU C 65 13.52 16.16 -20.90
C LEU C 65 13.64 16.14 -19.38
N SER C 66 13.37 17.23 -18.72
CA SER C 66 13.50 17.24 -17.24
C SER C 66 12.18 16.79 -16.59
N ALA C 67 12.23 15.87 -15.66
CA ALA C 67 10.98 15.42 -15.00
C ALA C 67 10.18 16.64 -14.54
N GLU C 68 10.84 17.74 -14.28
CA GLU C 68 10.11 18.96 -13.83
C GLU C 68 9.19 19.42 -14.95
N GLU C 69 9.75 19.93 -16.02
CA GLU C 69 8.91 20.41 -17.17
C GLU C 69 7.79 19.41 -17.42
N ILE C 70 8.13 18.16 -17.58
CA ILE C 70 7.06 17.13 -17.81
C ILE C 70 5.98 17.31 -16.75
N ILE C 71 6.30 17.02 -15.52
CA ILE C 71 5.31 17.15 -14.41
C ILE C 71 4.48 18.44 -14.61
N LYS C 72 5.14 19.55 -14.79
CA LYS C 72 4.38 20.82 -14.99
C LYS C 72 3.40 20.66 -16.16
N MET C 73 3.92 20.42 -17.33
CA MET C 73 3.06 20.27 -18.54
C MET C 73 1.72 19.60 -18.17
N GLY C 74 1.77 18.50 -17.46
CA GLY C 74 0.48 17.80 -17.10
C GLY C 74 -0.27 18.60 -16.02
N GLU C 75 0.41 19.43 -15.27
CA GLU C 75 -0.31 20.23 -14.22
C GLU C 75 -1.14 21.31 -14.91
N THR C 76 -0.79 21.68 -16.11
CA THR C 76 -1.56 22.73 -16.82
C THR C 76 -2.98 22.23 -17.10
N VAL C 77 -3.23 20.96 -16.93
CA VAL C 77 -4.59 20.43 -17.18
C VAL C 77 -4.76 19.07 -16.51
N LEU C 78 -5.97 18.66 -16.25
CA LEU C 78 -6.18 17.34 -15.59
C LEU C 78 -5.35 17.26 -14.31
N GLY D 18 -24.11 -1.04 33.26
CA GLY D 18 -23.20 -0.68 32.14
C GLY D 18 -22.18 -1.81 31.93
N PRO D 19 -21.26 -1.95 32.84
CA PRO D 19 -20.22 -3.01 32.77
C PRO D 19 -20.80 -4.40 33.06
N ASN D 20 -20.62 -5.33 32.16
CA ASN D 20 -21.14 -6.70 32.37
C ASN D 20 -20.69 -7.58 31.20
N LYS D 21 -20.99 -8.83 31.25
CA LYS D 21 -20.58 -9.78 30.17
C LYS D 21 -20.76 -9.13 28.78
N GLU D 22 -21.56 -8.10 28.69
CA GLU D 22 -21.76 -7.44 27.37
C GLU D 22 -20.52 -6.61 27.00
N THR D 23 -19.82 -6.09 27.97
CA THR D 23 -18.62 -5.28 27.68
C THR D 23 -17.44 -6.18 27.29
N ILE D 24 -17.16 -7.22 28.03
CA ILE D 24 -16.02 -8.11 27.63
C ILE D 24 -16.30 -8.65 26.22
N ASN D 25 -17.52 -9.04 25.96
CA ASN D 25 -17.87 -9.58 24.62
C ASN D 25 -17.72 -8.50 23.55
N ARG D 26 -17.96 -7.25 23.88
CA ARG D 26 -17.83 -6.18 22.86
C ARG D 26 -16.38 -6.08 22.39
N GLU D 27 -15.45 -6.14 23.30
CA GLU D 27 -14.02 -6.04 22.89
C GLU D 27 -13.62 -7.32 22.16
N VAL D 28 -14.05 -8.46 22.62
CA VAL D 28 -13.68 -9.74 21.93
C VAL D 28 -14.42 -9.83 20.60
N SER D 29 -15.61 -9.31 20.52
CA SER D 29 -16.39 -9.37 19.25
C SER D 29 -15.67 -8.61 18.14
N ILE D 30 -15.35 -7.37 18.35
CA ILE D 30 -14.65 -6.59 17.29
C ILE D 30 -13.28 -7.25 17.05
N LEU D 31 -12.73 -7.83 18.07
CA LEU D 31 -11.41 -8.53 17.96
C LEU D 31 -11.44 -9.47 16.76
N ARG D 32 -12.37 -10.39 16.76
CA ARG D 32 -12.46 -11.34 15.63
C ARG D 32 -12.69 -10.58 14.33
N HIS D 33 -13.55 -9.59 14.35
CA HIS D 33 -13.81 -8.81 13.11
C HIS D 33 -12.50 -8.22 12.59
N SER D 34 -11.80 -7.47 13.41
CA SER D 34 -10.52 -6.87 12.97
C SER D 34 -9.64 -7.94 12.31
N TYR D 35 -9.57 -9.11 12.89
CA TYR D 35 -8.73 -10.18 12.28
C TYR D 35 -9.14 -10.36 10.82
N GLN D 36 -10.38 -10.69 10.59
CA GLN D 36 -10.86 -10.89 9.19
C GLN D 36 -10.31 -9.78 8.30
N LYS D 37 -10.69 -8.57 8.54
CA LYS D 37 -10.19 -7.45 7.68
C LYS D 37 -8.67 -7.59 7.50
N GLU D 38 -7.94 -7.80 8.57
CA GLU D 38 -6.45 -7.92 8.45
C GLU D 38 -6.09 -8.94 7.37
N ILE D 39 -6.42 -10.20 7.55
CA ILE D 39 -6.06 -11.21 6.52
C ILE D 39 -6.56 -10.73 5.15
N GLN D 40 -7.80 -10.34 5.04
CA GLN D 40 -8.30 -9.85 3.73
C GLN D 40 -7.32 -8.79 3.20
N ALA D 41 -7.09 -7.77 3.96
CA ALA D 41 -6.15 -6.69 3.51
C ALA D 41 -4.89 -7.32 2.94
N LYS D 42 -4.39 -8.36 3.55
CA LYS D 42 -3.16 -9.00 2.99
C LYS D 42 -3.45 -9.41 1.54
N GLU D 43 -4.67 -9.80 1.29
CA GLU D 43 -5.03 -10.21 -0.10
C GLU D 43 -4.91 -9.00 -1.03
N THR D 44 -5.56 -7.92 -0.70
CA THR D 44 -5.46 -6.70 -1.58
C THR D 44 -4.01 -6.22 -1.61
N MET D 45 -3.24 -6.53 -0.60
CA MET D 45 -1.81 -6.09 -0.59
C MET D 45 -1.04 -6.88 -1.65
N LYS D 46 -1.06 -8.18 -1.55
CA LYS D 46 -0.35 -9.02 -2.57
C LYS D 46 -0.71 -8.52 -3.96
N GLU D 47 -1.93 -8.04 -4.11
CA GLU D 47 -2.34 -7.50 -5.44
C GLU D 47 -1.45 -6.31 -5.77
N VAL D 48 -1.32 -5.39 -4.86
CA VAL D 48 -0.46 -4.20 -5.12
C VAL D 48 0.89 -4.64 -5.66
N LEU D 49 1.41 -5.75 -5.18
CA LEU D 49 2.75 -6.21 -5.67
C LEU D 49 2.57 -6.94 -7.00
N SER D 50 1.66 -7.87 -7.08
CA SER D 50 1.45 -8.59 -8.38
C SER D 50 1.35 -7.56 -9.49
N ASP D 51 0.70 -6.46 -9.23
CA ASP D 51 0.58 -5.40 -10.26
C ASP D 51 1.89 -4.63 -10.36
N ASN D 52 2.30 -4.01 -9.27
CA ASN D 52 3.58 -3.24 -9.30
C ASN D 52 4.66 -4.04 -10.03
N MET D 53 4.85 -5.28 -9.66
CA MET D 53 5.89 -6.10 -10.34
C MET D 53 5.60 -6.15 -11.84
N GLU D 54 4.38 -6.45 -12.20
CA GLU D 54 4.04 -6.51 -13.65
C GLU D 54 4.27 -5.14 -14.28
N VAL D 55 3.68 -4.12 -13.73
CA VAL D 55 3.86 -2.74 -14.29
C VAL D 55 5.35 -2.43 -14.41
N LEU D 56 6.15 -2.93 -13.50
CA LEU D 56 7.62 -2.68 -13.59
C LEU D 56 8.17 -3.50 -14.74
N SER D 57 7.98 -4.78 -14.70
CA SER D 57 8.49 -5.63 -15.82
C SER D 57 7.73 -5.25 -17.09
N ASP D 58 6.87 -4.26 -17.01
CA ASP D 58 6.11 -3.85 -18.23
C ASP D 58 6.91 -2.79 -18.98
N HIS D 59 6.94 -1.58 -18.48
CA HIS D 59 7.68 -0.51 -19.23
C HIS D 59 9.19 -0.74 -19.17
N ILE D 60 9.66 -1.61 -18.30
CA ILE D 60 11.13 -1.87 -18.16
C ILE D 60 11.86 -1.60 -19.48
N VAL D 61 12.30 -0.37 -19.67
CA VAL D 61 13.02 0.00 -20.92
C VAL D 61 14.12 -1.01 -21.23
N ILE D 62 14.51 -1.07 -22.47
CA ILE D 62 15.59 -2.03 -22.87
C ILE D 62 16.26 -1.57 -24.18
N GLU D 63 17.44 -2.06 -24.41
CA GLU D 63 18.21 -1.71 -25.65
C GLU D 63 18.10 -0.22 -25.95
N GLY D 64 19.12 0.53 -25.60
CA GLY D 64 19.10 1.99 -25.83
C GLY D 64 19.31 2.68 -24.48
N LEU D 65 18.47 2.38 -23.53
CA LEU D 65 18.58 2.97 -22.19
C LEU D 65 18.43 1.88 -21.14
N SER D 66 19.51 1.39 -20.62
CA SER D 66 19.43 0.31 -19.60
C SER D 66 18.99 0.91 -18.26
N ALA D 67 17.95 0.39 -17.65
CA ALA D 67 17.49 0.95 -16.35
C ALA D 67 18.70 1.17 -15.43
N GLU D 68 19.74 0.43 -15.62
CA GLU D 68 20.94 0.61 -14.77
C GLU D 68 21.67 1.87 -15.22
N GLU D 69 22.10 1.90 -16.46
CA GLU D 69 22.82 3.11 -16.98
C GLU D 69 22.12 4.38 -16.51
N ILE D 70 20.86 4.54 -16.80
CA ILE D 70 20.15 5.77 -16.36
C ILE D 70 20.24 5.88 -14.83
N ILE D 71 19.74 4.87 -14.14
CA ILE D 71 19.78 4.89 -12.65
C ILE D 71 21.11 5.47 -12.17
N LYS D 72 22.21 4.94 -12.64
CA LYS D 72 23.53 5.46 -12.19
C LYS D 72 23.58 6.97 -12.41
N MET D 73 23.48 7.38 -13.64
CA MET D 73 23.53 8.84 -13.96
C MET D 73 22.82 9.64 -12.86
N GLY D 74 21.62 9.26 -12.51
CA GLY D 74 20.87 10.04 -11.45
C GLY D 74 21.47 9.79 -10.06
N GLU D 75 22.26 8.75 -9.88
CA GLU D 75 22.86 8.50 -8.54
C GLU D 75 24.06 9.42 -8.35
N THR D 76 24.73 9.79 -9.42
CA THR D 76 25.91 10.69 -9.29
C THR D 76 25.43 12.14 -9.11
N VAL D 77 24.18 12.40 -9.38
CA VAL D 77 23.65 13.78 -9.24
C VAL D 77 22.19 13.72 -8.77
N LEU D 78 21.49 14.81 -8.89
CA LEU D 78 20.06 14.83 -8.47
C LEU D 78 19.96 14.36 -7.01
N GLY A 18 -7.28 0.46 42.26
CA GLY A 18 -7.10 -0.80 41.48
C GLY A 18 -7.96 -0.74 40.22
N PRO A 19 -7.90 -1.76 39.40
CA PRO A 19 -8.69 -1.82 38.13
C PRO A 19 -10.16 -1.48 38.37
N ASN A 20 -10.91 -1.25 37.33
CA ASN A 20 -12.34 -0.92 37.51
C ASN A 20 -13.01 -0.80 36.14
N LYS A 21 -14.30 -0.99 36.07
CA LYS A 21 -15.03 -0.93 34.76
C LYS A 21 -14.49 0.22 33.89
N GLU A 22 -13.85 1.19 34.47
CA GLU A 22 -13.33 2.32 33.64
C GLU A 22 -12.09 1.86 32.84
N THR A 23 -11.45 0.80 33.25
CA THR A 23 -10.25 0.33 32.50
C THR A 23 -10.68 -0.57 31.34
N ILE A 24 -11.58 -1.51 31.56
CA ILE A 24 -12.01 -2.36 30.42
C ILE A 24 -12.67 -1.46 29.38
N ASN A 25 -13.41 -0.48 29.83
CA ASN A 25 -14.09 0.45 28.90
C ASN A 25 -13.05 1.24 28.10
N ARG A 26 -12.02 1.72 28.75
CA ARG A 26 -11.00 2.49 28.02
C ARG A 26 -10.47 1.62 26.88
N GLU A 27 -10.39 0.34 27.10
CA GLU A 27 -9.88 -0.58 26.05
C GLU A 27 -10.95 -0.76 24.97
N VAL A 28 -12.18 -0.97 25.35
CA VAL A 28 -13.26 -1.17 24.33
C VAL A 28 -13.54 0.17 23.63
N SER A 29 -13.27 1.26 24.27
CA SER A 29 -13.53 2.58 23.63
C SER A 29 -12.54 2.77 22.47
N ILE A 30 -11.27 2.75 22.75
CA ILE A 30 -10.28 2.92 21.66
C ILE A 30 -10.53 1.82 20.62
N LEU A 31 -10.92 0.65 21.08
CA LEU A 31 -11.20 -0.47 20.15
C LEU A 31 -12.06 0.05 19.00
N ARG A 32 -13.18 0.63 19.31
CA ARG A 32 -14.06 1.17 18.24
C ARG A 32 -13.24 2.15 17.38
N HIS A 33 -12.57 3.06 18.01
CA HIS A 33 -11.75 4.05 17.24
C HIS A 33 -10.79 3.29 16.31
N SER A 34 -9.98 2.42 16.85
CA SER A 34 -9.03 1.65 16.02
C SER A 34 -9.76 1.10 14.79
N TYR A 35 -10.87 0.43 15.00
CA TYR A 35 -11.63 -0.11 13.84
C TYR A 35 -11.77 0.99 12.79
N GLN A 36 -12.21 2.15 13.21
CA GLN A 36 -12.38 3.27 12.25
C GLN A 36 -11.15 3.34 11.35
N LYS A 37 -9.99 3.54 11.90
CA LYS A 37 -8.76 3.61 11.06
C LYS A 37 -8.76 2.46 10.05
N GLU A 38 -9.03 1.25 10.50
CA GLU A 38 -9.03 0.09 9.56
C GLU A 38 -9.95 0.37 8.36
N ILE A 39 -11.22 0.49 8.57
CA ILE A 39 -12.13 0.74 7.42
C ILE A 39 -11.59 1.91 6.59
N GLN A 40 -11.30 3.02 7.21
CA GLN A 40 -10.75 4.18 6.44
C GLN A 40 -9.47 3.73 5.74
N ALA A 41 -8.96 2.59 6.12
CA ALA A 41 -7.72 2.08 5.46
C ALA A 41 -8.09 1.46 4.12
N LYS A 42 -9.10 0.63 4.09
CA LYS A 42 -9.51 0.02 2.79
C LYS A 42 -9.79 1.17 1.81
N GLU A 43 -10.23 2.29 2.34
CA GLU A 43 -10.52 3.46 1.45
C GLU A 43 -9.21 3.91 0.81
N THR A 44 -8.26 4.31 1.61
CA THR A 44 -6.95 4.75 1.03
C THR A 44 -6.34 3.59 0.24
N MET A 45 -6.61 2.38 0.63
CA MET A 45 -6.06 1.21 -0.10
C MET A 45 -6.70 1.14 -1.48
N LYS A 46 -8.00 1.01 -1.55
CA LYS A 46 -8.69 0.94 -2.86
C LYS A 46 -8.16 2.07 -3.75
N GLU A 47 -7.67 3.12 -3.15
CA GLU A 47 -7.13 4.24 -3.97
C GLU A 47 -5.81 3.80 -4.60
N VAL A 48 -4.93 3.24 -3.81
CA VAL A 48 -3.61 2.78 -4.35
C VAL A 48 -3.82 1.87 -5.56
N LEU A 49 -4.77 0.97 -5.48
CA LEU A 49 -5.00 0.05 -6.64
C LEU A 49 -5.49 0.84 -7.85
N SER A 50 -6.61 1.49 -7.73
CA SER A 50 -7.17 2.28 -8.87
C SER A 50 -6.03 3.05 -9.58
N ASP A 51 -5.11 3.57 -8.82
CA ASP A 51 -3.98 4.32 -9.44
C ASP A 51 -2.94 3.34 -9.98
N ASN A 52 -2.73 2.25 -9.29
CA ASN A 52 -1.73 1.26 -9.77
C ASN A 52 -2.22 0.66 -11.10
N MET A 53 -3.38 0.07 -11.09
CA MET A 53 -3.91 -0.53 -12.35
C MET A 53 -3.93 0.53 -13.46
N GLU A 54 -4.44 1.69 -13.17
CA GLU A 54 -4.50 2.77 -14.21
C GLU A 54 -3.15 2.85 -14.93
N VAL A 55 -2.08 2.92 -14.18
CA VAL A 55 -0.73 3.01 -14.81
C VAL A 55 -0.49 1.79 -15.72
N LEU A 56 -0.84 0.63 -15.26
CA LEU A 56 -0.65 -0.58 -16.09
C LEU A 56 -1.56 -0.47 -17.31
N SER A 57 -2.82 -0.22 -17.09
CA SER A 57 -3.77 -0.10 -18.24
C SER A 57 -3.38 1.09 -19.11
N ASP A 58 -2.51 1.96 -18.64
CA ASP A 58 -2.10 3.09 -19.52
C ASP A 58 -1.22 2.52 -20.61
N HIS A 59 -0.08 2.02 -20.25
CA HIS A 59 0.84 1.44 -21.28
C HIS A 59 0.10 0.32 -22.03
N ILE A 60 -0.34 -0.69 -21.32
CA ILE A 60 -1.08 -1.81 -21.98
C ILE A 60 -0.23 -2.41 -23.11
N VAL A 61 -0.51 -3.61 -23.49
CA VAL A 61 0.28 -4.26 -24.58
C VAL A 61 0.06 -3.50 -25.89
N ILE A 62 1.12 -3.10 -26.55
CA ILE A 62 0.95 -2.38 -27.87
C ILE A 62 1.69 -3.06 -29.01
N GLU A 63 1.02 -3.18 -30.13
CA GLU A 63 1.67 -3.81 -31.31
C GLU A 63 2.95 -3.04 -31.57
N GLY A 64 4.03 -3.74 -31.76
CA GLY A 64 5.32 -3.02 -31.96
C GLY A 64 5.92 -2.79 -30.59
N LEU A 65 5.15 -2.25 -29.66
CA LEU A 65 5.66 -2.02 -28.30
C LEU A 65 4.74 -2.73 -27.35
N SER A 66 4.80 -4.03 -27.40
CA SER A 66 3.93 -4.85 -26.54
C SER A 66 4.53 -4.83 -25.14
N ALA A 67 3.86 -4.29 -24.15
CA ALA A 67 4.48 -4.29 -22.78
C ALA A 67 4.93 -5.71 -22.45
N GLU A 68 4.32 -6.69 -23.04
CA GLU A 68 4.72 -8.09 -22.78
C GLU A 68 6.10 -8.34 -23.38
N GLU A 69 6.19 -8.37 -24.68
CA GLU A 69 7.50 -8.60 -25.36
C GLU A 69 8.60 -7.82 -24.62
N ILE A 70 8.34 -6.57 -24.33
CA ILE A 70 9.36 -5.76 -23.59
C ILE A 70 9.85 -6.57 -22.40
N ILE A 71 8.98 -6.85 -21.47
CA ILE A 71 9.36 -7.64 -20.26
C ILE A 71 10.29 -8.78 -20.65
N LYS A 72 9.91 -9.56 -21.64
CA LYS A 72 10.78 -10.69 -22.06
C LYS A 72 12.20 -10.19 -22.32
N MET A 73 12.35 -9.34 -23.30
CA MET A 73 13.70 -8.80 -23.65
C MET A 73 14.54 -8.60 -22.38
N GLY A 74 13.98 -7.99 -21.36
CA GLY A 74 14.79 -7.76 -20.10
C GLY A 74 14.93 -9.06 -19.31
N GLU A 75 14.08 -10.04 -19.54
CA GLU A 75 14.20 -11.31 -18.80
C GLU A 75 15.37 -12.13 -19.35
N THR A 76 15.73 -11.89 -20.60
CA THR A 76 16.86 -12.65 -21.20
C THR A 76 18.17 -12.24 -20.51
N VAL A 77 18.34 -10.98 -20.24
CA VAL A 77 19.59 -10.52 -19.57
C VAL A 77 19.28 -9.29 -18.71
N LEU A 78 18.64 -9.49 -17.60
CA LEU A 78 18.31 -8.34 -16.71
C LEU A 78 19.60 -7.58 -16.35
N GLY B 18 -13.07 -12.56 37.52
CA GLY B 18 -12.45 -13.50 36.54
C GLY B 18 -11.07 -12.98 36.15
N PRO B 19 -11.02 -11.90 35.40
CA PRO B 19 -9.75 -11.29 34.95
C PRO B 19 -8.86 -10.89 36.12
N ASN B 20 -7.72 -10.33 35.85
CA ASN B 20 -6.81 -9.91 36.95
C ASN B 20 -6.04 -8.65 36.52
N LYS B 21 -5.73 -7.80 37.47
CA LYS B 21 -5.03 -6.53 37.17
C LYS B 21 -3.93 -6.73 36.12
N GLU B 22 -3.48 -7.93 35.95
CA GLU B 22 -2.44 -8.19 34.92
C GLU B 22 -3.10 -8.41 33.56
N THR B 23 -4.03 -9.32 33.48
CA THR B 23 -4.71 -9.58 32.21
C THR B 23 -5.29 -8.27 31.66
N ILE B 24 -5.84 -7.41 32.49
CA ILE B 24 -6.37 -6.13 31.93
C ILE B 24 -5.18 -5.31 31.43
N ASN B 25 -4.23 -5.01 32.29
CA ASN B 25 -3.06 -4.20 31.85
C ASN B 25 -2.53 -4.73 30.53
N ARG B 26 -2.50 -6.03 30.33
CA ARG B 26 -2.00 -6.55 29.03
C ARG B 26 -2.84 -5.91 27.93
N GLU B 27 -4.12 -5.99 28.08
CA GLU B 27 -5.02 -5.39 27.06
C GLU B 27 -4.64 -3.92 26.86
N VAL B 28 -4.93 -3.07 27.82
CA VAL B 28 -4.60 -1.62 27.70
C VAL B 28 -3.11 -1.41 27.37
N SER B 29 -2.32 -2.43 27.54
CA SER B 29 -0.86 -2.28 27.21
C SER B 29 -0.67 -2.43 25.71
N ILE B 30 -0.98 -3.59 25.17
CA ILE B 30 -0.82 -3.75 23.71
C ILE B 30 -1.70 -2.70 23.05
N LEU B 31 -2.72 -2.28 23.75
CA LEU B 31 -3.64 -1.24 23.22
C LEU B 31 -2.82 -0.01 22.85
N ARG B 32 -2.38 0.76 23.82
CA ARG B 32 -1.58 1.97 23.50
C ARG B 32 -0.48 1.61 22.50
N HIS B 33 -0.11 0.36 22.43
CA HIS B 33 0.95 -0.04 21.46
C HIS B 33 0.35 -0.07 20.06
N SER B 34 -0.58 -0.96 19.81
CA SER B 34 -1.21 -1.05 18.47
C SER B 34 -1.63 0.35 18.03
N TYR B 35 -2.14 1.16 18.91
CA TYR B 35 -2.56 2.53 18.50
C TYR B 35 -1.36 3.25 17.88
N GLN B 36 -0.37 3.56 18.68
CA GLN B 36 0.83 4.27 18.15
C GLN B 36 1.28 3.63 16.83
N LYS B 37 0.95 2.38 16.61
CA LYS B 37 1.35 1.74 15.34
C LYS B 37 0.33 2.07 14.25
N GLU B 38 -0.93 1.84 14.51
CA GLU B 38 -1.95 2.16 13.49
C GLU B 38 -1.77 3.61 13.01
N ILE B 39 -1.56 4.53 13.90
CA ILE B 39 -1.38 5.94 13.47
C ILE B 39 -0.11 6.09 12.63
N GLN B 40 1.06 5.93 13.20
CA GLN B 40 2.29 6.09 12.35
C GLN B 40 2.12 5.24 11.07
N ALA B 41 1.60 4.06 11.21
CA ALA B 41 1.39 3.21 10.01
C ALA B 41 0.61 4.02 8.97
N LYS B 42 -0.51 4.55 9.37
CA LYS B 42 -1.32 5.35 8.42
C LYS B 42 -0.41 6.36 7.71
N GLU B 43 0.59 6.86 8.40
CA GLU B 43 1.49 7.86 7.76
C GLU B 43 2.34 7.18 6.69
N THR B 44 2.54 5.90 6.81
CA THR B 44 3.33 5.17 5.77
C THR B 44 2.46 5.02 4.52
N MET B 45 1.21 4.64 4.71
CA MET B 45 0.31 4.49 3.54
C MET B 45 0.20 5.83 2.82
N LYS B 46 0.28 6.91 3.56
CA LYS B 46 0.19 8.25 2.92
C LYS B 46 1.38 8.44 1.97
N GLU B 47 2.57 8.33 2.48
CA GLU B 47 3.77 8.49 1.61
C GLU B 47 3.61 7.61 0.38
N VAL B 48 3.18 6.39 0.55
CA VAL B 48 3.00 5.50 -0.63
C VAL B 48 2.20 6.25 -1.70
N LEU B 49 1.13 6.88 -1.32
CA LEU B 49 0.31 7.62 -2.34
C LEU B 49 1.21 8.65 -3.05
N SER B 50 1.84 9.50 -2.30
CA SER B 50 2.73 10.53 -2.92
C SER B 50 3.55 9.92 -4.06
N ASP B 51 4.08 8.75 -3.85
CA ASP B 51 4.89 8.10 -4.92
C ASP B 51 3.96 7.62 -6.05
N ASN B 52 2.82 7.09 -5.70
CA ASN B 52 1.89 6.60 -6.77
C ASN B 52 1.28 7.78 -7.52
N MET B 53 0.60 8.68 -6.83
CA MET B 53 -0.02 9.83 -7.56
C MET B 53 1.02 10.49 -8.47
N GLU B 54 2.22 10.67 -8.00
CA GLU B 54 3.26 11.31 -8.86
C GLU B 54 3.61 10.35 -10.00
N VAL B 55 4.05 9.16 -9.66
CA VAL B 55 4.41 8.15 -10.71
C VAL B 55 3.34 8.16 -11.82
N LEU B 56 2.09 8.21 -11.47
CA LEU B 56 1.02 8.24 -12.52
C LEU B 56 1.20 9.51 -13.36
N SER B 57 1.07 10.64 -12.72
CA SER B 57 1.23 11.92 -13.45
C SER B 57 2.68 12.10 -13.88
N ASP B 58 3.48 11.07 -13.78
CA ASP B 58 4.92 11.20 -14.18
C ASP B 58 5.15 10.60 -15.58
N HIS B 59 4.62 9.43 -15.85
CA HIS B 59 4.86 8.81 -17.18
C HIS B 59 3.73 9.09 -18.18
N ILE B 60 2.55 9.48 -17.73
CA ILE B 60 1.44 9.73 -18.73
C ILE B 60 2.04 10.40 -19.97
N VAL B 61 1.95 9.72 -21.09
CA VAL B 61 2.56 10.27 -22.34
C VAL B 61 2.10 11.70 -22.60
N ILE B 62 2.94 12.46 -23.25
CA ILE B 62 2.60 13.88 -23.58
C ILE B 62 3.46 14.37 -24.74
N GLU B 63 3.05 15.46 -25.31
CA GLU B 63 3.80 16.07 -26.45
C GLU B 63 4.26 14.99 -27.42
N GLY B 64 3.50 14.80 -28.46
CA GLY B 64 3.82 13.77 -29.47
C GLY B 64 2.62 12.85 -29.60
N LEU B 65 2.26 12.21 -28.52
CA LEU B 65 1.11 11.28 -28.54
C LEU B 65 0.23 11.58 -27.32
N SER B 66 -1.03 11.84 -27.51
CA SER B 66 -1.90 12.16 -26.35
C SER B 66 -2.36 10.89 -25.64
N ALA B 67 -2.65 10.97 -24.36
CA ALA B 67 -3.11 9.76 -23.61
C ALA B 67 -4.41 9.26 -24.23
N GLU B 68 -5.08 10.10 -24.98
CA GLU B 68 -6.35 9.69 -25.63
C GLU B 68 -6.05 8.70 -26.77
N GLU B 69 -5.20 9.07 -27.69
CA GLU B 69 -4.88 8.14 -28.80
C GLU B 69 -4.25 6.87 -28.23
N ILE B 70 -3.35 7.02 -27.30
CA ILE B 70 -2.72 5.81 -26.68
C ILE B 70 -3.85 4.89 -26.20
N ILE B 71 -4.70 5.38 -25.33
CA ILE B 71 -5.82 4.53 -24.83
C ILE B 71 -6.52 3.88 -26.02
N LYS B 72 -6.54 4.55 -27.14
CA LYS B 72 -7.21 3.94 -28.33
C LYS B 72 -6.56 2.58 -28.58
N MET B 73 -5.27 2.57 -28.76
CA MET B 73 -4.58 1.28 -29.02
C MET B 73 -5.03 0.26 -27.97
N GLY B 74 -5.24 0.68 -26.76
CA GLY B 74 -5.69 -0.28 -25.69
C GLY B 74 -7.20 -0.54 -25.81
N GLU B 75 -7.89 0.20 -26.65
CA GLU B 75 -9.36 -0.02 -26.78
C GLU B 75 -9.60 -1.08 -27.86
N THR B 76 -8.72 -1.17 -28.82
CA THR B 76 -8.89 -2.18 -29.90
C THR B 76 -8.80 -3.58 -29.30
N VAL B 77 -8.36 -3.68 -28.07
CA VAL B 77 -8.24 -5.01 -27.42
C VAL B 77 -8.17 -4.84 -25.90
N LEU B 78 -8.82 -5.69 -25.16
CA LEU B 78 -8.78 -5.57 -23.67
C LEU B 78 -9.15 -4.14 -23.27
N GLY C 18 -21.65 -19.11 30.53
CA GLY C 18 -21.56 -18.29 29.28
C GLY C 18 -20.14 -17.73 29.16
N PRO C 19 -19.86 -16.60 29.77
CA PRO C 19 -18.50 -15.99 29.74
C PRO C 19 -17.55 -16.72 30.70
N ASN C 20 -16.27 -16.72 30.40
CA ASN C 20 -15.32 -17.42 31.31
C ASN C 20 -13.89 -17.08 30.89
N LYS C 21 -12.95 -17.30 31.77
CA LYS C 21 -11.52 -16.98 31.46
C LYS C 21 -11.16 -17.33 30.01
N GLU C 22 -11.89 -18.21 29.39
CA GLU C 22 -11.56 -18.56 27.97
C GLU C 22 -11.94 -17.42 27.01
N THR C 23 -12.80 -16.53 27.43
CA THR C 23 -13.19 -15.42 26.53
C THR C 23 -12.20 -14.25 26.68
N ILE C 24 -11.84 -13.87 27.89
CA ILE C 24 -10.86 -12.76 28.03
C ILE C 24 -9.55 -13.19 27.36
N ASN C 25 -9.20 -14.44 27.50
CA ASN C 25 -7.94 -14.94 26.89
C ASN C 25 -8.08 -14.96 25.37
N ARG C 26 -9.22 -15.37 24.86
CA ARG C 26 -9.39 -15.43 23.38
C ARG C 26 -9.09 -14.06 22.78
N GLU C 27 -9.48 -13.01 23.44
CA GLU C 27 -9.21 -11.65 22.87
C GLU C 27 -7.77 -11.23 23.19
N VAL C 28 -7.26 -11.58 24.34
CA VAL C 28 -5.84 -11.20 24.67
C VAL C 28 -4.87 -12.03 23.82
N SER C 29 -5.24 -13.24 23.51
CA SER C 29 -4.34 -14.11 22.69
C SER C 29 -4.30 -13.56 21.26
N ILE C 30 -5.42 -13.48 20.60
CA ILE C 30 -5.42 -12.94 19.21
C ILE C 30 -4.73 -11.58 19.23
N LEU C 31 -4.79 -10.91 20.36
CA LEU C 31 -4.14 -9.58 20.49
C LEU C 31 -2.66 -9.73 20.16
N ARG C 32 -1.98 -10.63 20.84
CA ARG C 32 -0.53 -10.83 20.57
C ARG C 32 -0.34 -11.16 19.09
N HIS C 33 -1.02 -12.16 18.60
CA HIS C 33 -0.86 -12.53 17.16
C HIS C 33 -1.08 -11.28 16.30
N SER C 34 -2.17 -10.60 16.51
CA SER C 34 -2.44 -9.36 15.71
C SER C 34 -1.17 -8.51 15.70
N TYR C 35 -0.55 -8.32 16.84
CA TYR C 35 0.69 -7.51 16.90
C TYR C 35 1.64 -7.99 15.80
N GLN C 36 2.01 -9.25 15.85
CA GLN C 36 2.93 -9.80 14.83
C GLN C 36 2.53 -9.29 13.44
N LYS C 37 1.38 -9.68 12.97
CA LYS C 37 0.95 -9.22 11.61
C LYS C 37 1.26 -7.73 11.44
N GLU C 38 0.89 -6.91 12.39
CA GLU C 38 1.17 -5.44 12.28
C GLU C 38 2.66 -5.21 11.96
N ILE C 39 3.54 -5.51 12.88
CA ILE C 39 4.99 -5.27 12.60
C ILE C 39 5.34 -5.88 11.23
N GLN C 40 5.03 -7.13 11.01
CA GLN C 40 5.35 -7.73 9.69
C GLN C 40 4.67 -6.91 8.58
N ALA C 41 3.76 -6.05 8.97
CA ALA C 41 3.07 -5.20 7.96
C ALA C 41 3.99 -4.05 7.57
N LYS C 42 4.52 -3.35 8.55
CA LYS C 42 5.46 -2.23 8.21
C LYS C 42 6.54 -2.78 7.30
N GLU C 43 6.85 -4.05 7.45
CA GLU C 43 7.91 -4.67 6.58
C GLU C 43 7.42 -4.68 5.14
N THR C 44 6.31 -5.33 4.88
CA THR C 44 5.78 -5.38 3.47
C THR C 44 5.58 -3.95 2.96
N MET C 45 5.23 -3.03 3.81
CA MET C 45 5.04 -1.63 3.34
C MET C 45 6.38 -1.06 2.91
N LYS C 46 7.36 -1.10 3.78
CA LYS C 46 8.71 -0.56 3.41
C LYS C 46 9.11 -1.09 2.03
N GLU C 47 8.65 -2.26 1.71
CA GLU C 47 9.00 -2.85 0.37
C GLU C 47 8.25 -2.09 -0.72
N VAL C 48 6.95 -1.99 -0.61
CA VAL C 48 6.16 -1.26 -1.65
C VAL C 48 6.85 0.06 -1.99
N LEU C 49 7.33 0.78 -1.01
CA LEU C 49 8.01 2.08 -1.30
C LEU C 49 9.26 1.82 -2.14
N SER C 50 10.15 1.00 -1.64
CA SER C 50 11.40 0.71 -2.41
C SER C 50 11.06 0.45 -3.88
N ASP C 51 10.04 -0.32 -4.12
CA ASP C 51 9.65 -0.59 -5.54
C ASP C 51 9.00 0.66 -6.13
N ASN C 52 8.27 1.39 -5.34
CA ASN C 52 7.63 2.63 -5.87
C ASN C 52 8.73 3.61 -6.26
N MET C 53 9.50 4.07 -5.31
CA MET C 53 10.59 5.03 -5.62
C MET C 53 11.39 4.51 -6.82
N GLU C 54 11.48 3.21 -6.97
CA GLU C 54 12.24 2.65 -8.12
C GLU C 54 11.52 3.00 -9.43
N VAL C 55 10.27 2.65 -9.52
CA VAL C 55 9.49 2.97 -10.75
C VAL C 55 9.61 4.48 -11.04
N LEU C 56 9.58 5.29 -10.02
CA LEU C 56 9.72 6.76 -10.24
C LEU C 56 11.15 7.03 -10.68
N SER C 57 12.11 6.59 -9.91
CA SER C 57 13.54 6.81 -10.29
C SER C 57 13.74 6.52 -11.77
N ASP C 58 12.84 5.78 -12.36
CA ASP C 58 12.98 5.49 -13.82
C ASP C 58 12.41 6.67 -14.60
N HIS C 59 11.14 6.94 -14.42
CA HIS C 59 10.51 8.07 -15.17
C HIS C 59 11.23 9.39 -14.88
N ILE C 60 12.23 9.39 -14.04
CA ILE C 60 12.93 10.67 -13.77
C ILE C 60 13.97 10.92 -14.87
N VAL C 61 13.49 11.17 -16.05
CA VAL C 61 14.41 11.44 -17.20
C VAL C 61 15.46 12.48 -16.82
N ILE C 62 16.55 12.50 -17.53
CA ILE C 62 17.65 13.47 -17.20
C ILE C 62 18.53 13.76 -18.42
N GLU C 63 19.27 14.82 -18.31
CA GLU C 63 20.23 15.25 -19.39
C GLU C 63 19.62 15.07 -20.79
N GLY C 64 19.05 16.12 -21.31
CA GLY C 64 18.38 16.05 -22.65
C GLY C 64 16.96 16.55 -22.46
N LEU C 65 16.24 15.93 -21.57
CA LEU C 65 14.85 16.33 -21.28
C LEU C 65 14.75 16.56 -19.77
N SER C 66 14.50 17.76 -19.35
CA SER C 66 14.45 18.03 -17.88
C SER C 66 13.02 17.78 -17.36
N ALA C 67 12.87 16.98 -16.34
CA ALA C 67 11.52 16.70 -15.79
C ALA C 67 10.73 18.01 -15.68
N GLU C 68 11.42 19.10 -15.47
CA GLU C 68 10.70 20.41 -15.38
C GLU C 68 9.95 20.64 -16.68
N GLU C 69 10.67 20.91 -17.74
CA GLU C 69 10.01 21.15 -19.06
C GLU C 69 8.88 20.13 -19.23
N ILE C 70 9.19 18.87 -19.16
CA ILE C 70 8.13 17.83 -19.30
C ILE C 70 6.97 18.20 -18.36
N ILE C 71 7.19 18.08 -17.07
CA ILE C 71 6.12 18.41 -16.08
C ILE C 71 5.32 19.63 -16.54
N LYS C 72 5.98 20.73 -16.81
CA LYS C 72 5.25 21.94 -17.27
C LYS C 72 4.42 21.62 -18.50
N MET C 73 5.07 21.14 -19.53
CA MET C 73 4.34 20.81 -20.79
C MET C 73 3.01 20.12 -20.43
N GLY C 74 3.08 19.11 -19.61
CA GLY C 74 1.81 18.37 -19.23
C GLY C 74 0.93 19.27 -18.35
N GLU C 75 1.46 20.34 -17.82
CA GLU C 75 0.62 21.23 -16.97
C GLU C 75 -0.32 22.03 -17.86
N THR C 76 0.14 22.49 -18.98
CA THR C 76 -0.74 23.28 -19.89
C THR C 76 -1.85 22.38 -20.42
N VAL C 77 -1.50 21.27 -21.03
CA VAL C 77 -2.54 20.35 -21.55
C VAL C 77 -3.00 19.42 -20.43
N LEU C 78 -3.25 18.18 -20.74
CA LEU C 78 -3.70 17.22 -19.68
C LEU C 78 -4.89 17.84 -18.92
N GLY D 18 -25.40 -1.28 31.79
CA GLY D 18 -23.98 -0.80 31.87
C GLY D 18 -23.03 -1.95 31.53
N PRO D 19 -21.76 -1.67 31.52
CA PRO D 19 -20.72 -2.68 31.20
C PRO D 19 -21.02 -4.06 31.79
N ASN D 20 -21.07 -5.07 30.96
CA ASN D 20 -21.37 -6.44 31.45
C ASN D 20 -21.02 -7.43 30.35
N LYS D 21 -21.55 -8.60 30.41
CA LYS D 21 -21.24 -9.61 29.35
C LYS D 21 -21.40 -8.95 27.96
N GLU D 22 -22.15 -7.88 27.88
CA GLU D 22 -22.34 -7.21 26.56
C GLU D 22 -21.10 -6.39 26.20
N THR D 23 -20.22 -6.15 27.14
CA THR D 23 -19.01 -5.37 26.84
C THR D 23 -17.91 -6.34 26.41
N ILE D 24 -17.62 -7.35 27.19
CA ILE D 24 -16.56 -8.32 26.77
C ILE D 24 -16.88 -8.77 25.34
N ASN D 25 -18.13 -9.07 25.08
CA ASN D 25 -18.50 -9.53 23.70
C ASN D 25 -18.29 -8.39 22.70
N ARG D 26 -18.82 -7.22 22.98
CA ARG D 26 -18.64 -6.09 22.04
C ARG D 26 -17.17 -6.03 21.63
N GLU D 27 -16.31 -6.46 22.51
CA GLU D 27 -14.87 -6.46 22.18
C GLU D 27 -14.57 -7.69 21.33
N VAL D 28 -14.60 -8.86 21.94
CA VAL D 28 -14.33 -10.12 21.18
C VAL D 28 -15.03 -10.08 19.82
N SER D 29 -16.05 -9.28 19.68
CA SER D 29 -16.76 -9.18 18.37
C SER D 29 -15.92 -8.32 17.42
N ILE D 30 -15.78 -7.06 17.73
CA ILE D 30 -14.96 -6.18 16.86
C ILE D 30 -13.54 -6.75 16.82
N LEU D 31 -13.28 -7.70 17.67
CA LEU D 31 -11.93 -8.36 17.71
C LEU D 31 -11.79 -9.26 16.49
N ARG D 32 -12.71 -10.18 16.32
CA ARG D 32 -12.64 -11.10 15.14
C ARG D 32 -12.66 -10.28 13.86
N HIS D 33 -13.40 -9.21 13.84
CA HIS D 33 -13.46 -8.38 12.60
C HIS D 33 -12.08 -7.76 12.36
N SER D 34 -11.39 -7.41 13.41
CA SER D 34 -10.03 -6.85 13.24
C SER D 34 -9.13 -7.90 12.59
N TYR D 35 -9.04 -9.05 13.19
CA TYR D 35 -8.20 -10.13 12.60
C TYR D 35 -8.57 -10.27 11.12
N GLN D 36 -9.83 -10.47 10.83
CA GLN D 36 -10.28 -10.61 9.42
C GLN D 36 -9.77 -9.44 8.57
N LYS D 37 -9.50 -8.33 9.18
CA LYS D 37 -8.99 -7.16 8.38
C LYS D 37 -7.50 -7.34 8.10
N GLU D 38 -6.75 -7.78 9.07
CA GLU D 38 -5.28 -7.98 8.86
C GLU D 38 -5.06 -9.00 7.73
N ILE D 39 -5.69 -10.14 7.79
CA ILE D 39 -5.50 -11.15 6.72
C ILE D 39 -5.95 -10.55 5.39
N GLN D 40 -7.16 -10.04 5.33
CA GLN D 40 -7.63 -9.43 4.05
C GLN D 40 -6.61 -8.37 3.63
N ALA D 41 -5.84 -7.87 4.56
CA ALA D 41 -4.83 -6.84 4.22
C ALA D 41 -3.77 -7.48 3.34
N LYS D 42 -3.00 -8.40 3.88
CA LYS D 42 -1.94 -9.07 3.07
C LYS D 42 -2.50 -9.41 1.69
N GLU D 43 -3.78 -9.69 1.61
CA GLU D 43 -4.38 -10.01 0.27
C GLU D 43 -4.36 -8.75 -0.59
N THR D 44 -4.60 -7.62 0.01
CA THR D 44 -4.56 -6.34 -0.78
C THR D 44 -3.11 -5.97 -1.05
N MET D 45 -2.35 -5.69 -0.03
CA MET D 45 -0.91 -5.33 -0.24
C MET D 45 -0.28 -6.34 -1.19
N LYS D 46 -0.83 -7.52 -1.27
CA LYS D 46 -0.26 -8.55 -2.19
C LYS D 46 -0.55 -8.14 -3.64
N GLU D 47 -1.80 -8.02 -3.97
CA GLU D 47 -2.16 -7.62 -5.36
C GLU D 47 -1.37 -6.36 -5.72
N VAL D 48 -1.16 -5.49 -4.78
CA VAL D 48 -0.39 -4.25 -5.07
C VAL D 48 0.98 -4.64 -5.62
N LEU D 49 1.87 -5.09 -4.76
CA LEU D 49 3.24 -5.48 -5.23
C LEU D 49 3.15 -6.21 -6.56
N SER D 50 2.18 -7.05 -6.73
CA SER D 50 2.05 -7.76 -8.04
C SER D 50 2.04 -6.69 -9.13
N ASP D 51 1.22 -5.68 -8.93
CA ASP D 51 1.15 -4.57 -9.91
C ASP D 51 2.52 -3.86 -9.96
N ASN D 52 2.94 -3.29 -8.87
CA ASN D 52 4.26 -2.59 -8.85
C ASN D 52 5.32 -3.48 -9.51
N MET D 53 5.10 -4.76 -9.54
CA MET D 53 6.11 -5.67 -10.16
C MET D 53 5.88 -5.75 -11.67
N GLU D 54 4.71 -6.15 -12.08
CA GLU D 54 4.44 -6.24 -13.55
C GLU D 54 4.66 -4.85 -14.16
N VAL D 55 4.35 -3.83 -13.41
CA VAL D 55 4.54 -2.44 -13.91
C VAL D 55 6.03 -2.18 -14.11
N LEU D 56 6.78 -2.04 -13.03
CA LEU D 56 8.25 -1.77 -13.16
C LEU D 56 8.85 -2.62 -14.30
N SER D 57 8.26 -3.76 -14.56
CA SER D 57 8.78 -4.62 -15.66
C SER D 57 8.25 -4.10 -16.99
N ASP D 58 6.99 -3.80 -17.06
CA ASP D 58 6.40 -3.29 -18.33
C ASP D 58 7.32 -2.24 -18.93
N HIS D 59 7.99 -1.48 -18.12
CA HIS D 59 8.91 -0.42 -18.67
C HIS D 59 10.28 -1.01 -18.96
N ILE D 60 10.98 -1.47 -17.95
CA ILE D 60 12.36 -2.06 -18.12
C ILE D 60 13.01 -1.58 -19.42
N VAL D 61 13.57 -0.40 -19.40
CA VAL D 61 14.21 0.16 -20.63
C VAL D 61 15.11 -0.88 -21.28
N ILE D 62 15.24 -0.82 -22.57
CA ILE D 62 16.09 -1.80 -23.32
C ILE D 62 16.39 -1.25 -24.70
N GLU D 63 17.40 -1.78 -25.31
CA GLU D 63 17.79 -1.34 -26.69
C GLU D 63 18.06 0.16 -26.68
N GLY D 64 19.11 0.59 -27.32
CA GLY D 64 19.43 2.03 -27.35
C GLY D 64 19.92 2.49 -25.97
N LEU D 65 19.21 2.13 -24.92
CA LEU D 65 19.63 2.53 -23.56
C LEU D 65 19.63 1.30 -22.67
N SER D 66 20.64 1.13 -21.86
CA SER D 66 20.70 -0.08 -20.98
C SER D 66 20.18 0.26 -19.57
N ALA D 67 19.40 -0.61 -18.99
CA ALA D 67 18.87 -0.34 -17.62
C ALA D 67 19.96 0.24 -16.73
N GLU D 68 21.16 -0.27 -16.85
CA GLU D 68 22.28 0.26 -16.01
C GLU D 68 22.59 1.70 -16.40
N GLU D 69 22.55 2.00 -17.68
CA GLU D 69 22.87 3.39 -18.13
C GLU D 69 21.91 4.39 -17.47
N ILE D 70 20.63 4.12 -17.48
CA ILE D 70 19.67 5.07 -16.85
C ILE D 70 19.88 5.06 -15.34
N ILE D 71 20.11 3.92 -14.76
CA ILE D 71 20.33 3.86 -13.28
C ILE D 71 21.48 4.81 -12.92
N LYS D 72 22.56 4.75 -13.65
CA LYS D 72 23.70 5.66 -13.35
C LYS D 72 23.21 7.10 -13.37
N MET D 73 22.73 7.57 -14.49
CA MET D 73 22.23 8.97 -14.55
C MET D 73 21.13 9.16 -13.51
N GLY D 74 20.62 8.07 -12.99
CA GLY D 74 19.54 8.18 -11.94
C GLY D 74 20.19 8.11 -10.55
N GLU D 75 21.47 7.81 -10.46
CA GLU D 75 22.13 7.73 -9.13
C GLU D 75 22.79 9.07 -8.82
N THR D 76 23.38 9.69 -9.80
CA THR D 76 24.05 11.00 -9.58
C THR D 76 22.99 12.08 -9.34
N VAL D 77 22.24 12.42 -10.36
CA VAL D 77 21.19 13.46 -10.18
C VAL D 77 19.89 12.80 -9.71
N LEU D 78 19.66 12.79 -8.42
CA LEU D 78 18.41 12.18 -7.91
C LEU D 78 18.30 10.74 -8.41
N GLY A 18 -7.44 3.41 40.45
CA GLY A 18 -7.04 1.99 40.23
C GLY A 18 -7.93 1.38 39.14
N PRO A 19 -7.59 0.21 38.67
CA PRO A 19 -8.37 -0.49 37.62
C PRO A 19 -9.88 -0.43 37.91
N ASN A 20 -10.70 -0.47 36.89
CA ASN A 20 -12.16 -0.40 37.12
C ASN A 20 -12.86 -0.22 35.77
N LYS A 21 -14.15 -0.28 35.75
CA LYS A 21 -14.91 -0.15 34.47
C LYS A 21 -14.31 0.96 33.60
N GLU A 22 -13.52 1.84 34.16
CA GLU A 22 -12.93 2.92 33.32
C GLU A 22 -11.76 2.37 32.48
N THR A 23 -11.24 1.22 32.83
CA THR A 23 -10.12 0.65 32.06
C THR A 23 -10.67 -0.17 30.88
N ILE A 24 -11.70 -0.97 31.10
CA ILE A 24 -12.27 -1.73 29.94
C ILE A 24 -12.83 -0.70 28.96
N ASN A 25 -13.43 0.34 29.48
CA ASN A 25 -14.00 1.39 28.60
C ASN A 25 -12.88 1.99 27.75
N ARG A 26 -11.76 2.29 28.36
CA ARG A 26 -10.63 2.86 27.56
C ARG A 26 -10.31 1.88 26.44
N GLU A 27 -10.45 0.61 26.72
CA GLU A 27 -10.16 -0.41 25.67
C GLU A 27 -11.28 -0.38 24.62
N VAL A 28 -12.50 -0.36 25.06
CA VAL A 28 -13.63 -0.32 24.08
C VAL A 28 -13.57 1.00 23.31
N SER A 29 -12.94 2.00 23.86
CA SER A 29 -12.84 3.30 23.15
C SER A 29 -11.91 3.16 21.95
N ILE A 30 -10.66 2.84 22.19
CA ILE A 30 -9.72 2.67 21.06
C ILE A 30 -10.33 1.65 20.09
N LEU A 31 -10.95 0.63 20.63
CA LEU A 31 -11.59 -0.41 19.78
C LEU A 31 -12.37 0.28 18.64
N ARG A 32 -13.42 0.98 18.98
CA ARG A 32 -14.23 1.66 17.94
C ARG A 32 -13.30 2.42 16.98
N HIS A 33 -12.32 3.11 17.52
CA HIS A 33 -11.39 3.87 16.64
C HIS A 33 -10.68 2.89 15.70
N SER A 34 -10.15 1.82 16.22
CA SER A 34 -9.46 0.85 15.35
C SER A 34 -10.33 0.52 14.14
N TYR A 35 -11.56 0.13 14.36
CA TYR A 35 -12.46 -0.19 13.21
C TYR A 35 -12.36 0.92 12.18
N GLN A 36 -12.63 2.13 12.58
CA GLN A 36 -12.58 3.29 11.63
C GLN A 36 -11.34 3.14 10.73
N LYS A 37 -10.16 3.14 11.31
CA LYS A 37 -8.93 2.99 10.47
C LYS A 37 -9.15 1.89 9.43
N GLU A 38 -9.55 0.73 9.85
CA GLU A 38 -9.79 -0.38 8.88
C GLU A 38 -10.59 0.12 7.68
N ILE A 39 -11.84 0.44 7.87
CA ILE A 39 -12.66 0.92 6.71
C ILE A 39 -11.90 2.05 6.00
N GLN A 40 -11.49 3.06 6.71
CA GLN A 40 -10.74 4.17 6.06
C GLN A 40 -9.52 3.58 5.35
N ALA A 41 -9.21 2.34 5.61
CA ALA A 41 -8.04 1.70 4.94
C ALA A 41 -8.46 1.23 3.55
N LYS A 42 -9.57 0.56 3.45
CA LYS A 42 -10.03 0.10 2.11
C LYS A 42 -10.16 1.33 1.21
N GLU A 43 -10.42 2.46 1.81
CA GLU A 43 -10.56 3.71 1.00
C GLU A 43 -9.18 4.10 0.45
N THR A 44 -8.26 4.45 1.33
CA THR A 44 -6.89 4.83 0.84
C THR A 44 -6.31 3.68 0.02
N MET A 45 -6.71 2.46 0.31
CA MET A 45 -6.17 1.32 -0.47
C MET A 45 -6.75 1.37 -1.89
N LYS A 46 -8.05 1.38 -2.01
CA LYS A 46 -8.68 1.44 -3.35
C LYS A 46 -8.04 2.59 -4.15
N GLU A 47 -7.48 3.54 -3.46
CA GLU A 47 -6.83 4.68 -4.18
C GLU A 47 -5.48 4.25 -4.74
N VAL A 48 -4.63 3.73 -3.88
CA VAL A 48 -3.28 3.29 -4.35
C VAL A 48 -3.41 2.39 -5.58
N LEU A 49 -4.46 1.61 -5.66
CA LEU A 49 -4.61 0.71 -6.84
C LEU A 49 -5.15 1.50 -8.03
N SER A 50 -6.19 2.26 -7.84
CA SER A 50 -6.74 3.05 -8.98
C SER A 50 -5.59 3.77 -9.68
N ASP A 51 -4.60 4.20 -8.95
CA ASP A 51 -3.44 4.89 -9.56
C ASP A 51 -2.52 3.85 -10.18
N ASN A 52 -1.97 2.97 -9.38
CA ASN A 52 -1.05 1.93 -9.92
C ASN A 52 -1.67 1.31 -11.18
N MET A 53 -2.89 0.84 -11.09
CA MET A 53 -3.52 0.24 -12.30
C MET A 53 -3.52 1.26 -13.44
N GLU A 54 -4.04 2.42 -13.18
CA GLU A 54 -4.08 3.49 -14.24
C GLU A 54 -2.77 3.49 -15.02
N VAL A 55 -1.66 3.49 -14.33
CA VAL A 55 -0.34 3.48 -15.04
C VAL A 55 -0.27 2.26 -15.96
N LEU A 56 -0.28 1.09 -15.37
CA LEU A 56 -0.22 -0.15 -16.18
C LEU A 56 -1.24 -0.04 -17.33
N SER A 57 -2.49 0.17 -17.00
CA SER A 57 -3.53 0.28 -18.05
C SER A 57 -3.26 1.50 -18.93
N ASP A 58 -2.28 2.29 -18.61
CA ASP A 58 -1.97 3.47 -19.47
C ASP A 58 -1.21 2.97 -20.69
N HIS A 59 -0.05 2.43 -20.46
CA HIS A 59 0.78 1.93 -21.59
C HIS A 59 0.04 0.84 -22.36
N ILE A 60 -0.41 -0.19 -21.68
CA ILE A 60 -1.15 -1.30 -22.38
C ILE A 60 -0.28 -1.83 -23.53
N VAL A 61 -0.56 -3.02 -23.99
CA VAL A 61 0.25 -3.58 -25.11
C VAL A 61 0.14 -2.61 -26.28
N ILE A 62 1.24 -2.08 -26.77
CA ILE A 62 1.13 -1.13 -27.93
C ILE A 62 2.00 -1.54 -29.12
N GLU A 63 1.41 -1.41 -30.29
CA GLU A 63 2.13 -1.75 -31.54
C GLU A 63 3.38 -0.89 -31.57
N GLY A 64 4.50 -1.51 -31.69
CA GLY A 64 5.78 -0.74 -31.66
C GLY A 64 6.41 -1.01 -30.30
N LEU A 65 5.67 -0.81 -29.23
CA LEU A 65 6.21 -1.08 -27.90
C LEU A 65 5.22 -1.92 -27.15
N SER A 66 4.91 -3.02 -27.75
CA SER A 66 3.95 -3.98 -27.14
C SER A 66 4.49 -4.31 -25.75
N ALA A 67 3.82 -3.94 -24.69
CA ALA A 67 4.39 -4.26 -23.34
C ALA A 67 4.68 -5.76 -23.25
N GLU A 68 3.75 -6.59 -23.62
CA GLU A 68 4.00 -8.06 -23.54
C GLU A 68 5.25 -8.40 -24.33
N GLU A 69 5.17 -8.39 -25.63
CA GLU A 69 6.36 -8.72 -26.48
C GLU A 69 7.60 -8.02 -25.91
N ILE A 70 7.50 -6.74 -25.66
CA ILE A 70 8.68 -6.00 -25.12
C ILE A 70 9.18 -6.71 -23.85
N ILE A 71 8.35 -6.78 -22.84
CA ILE A 71 8.76 -7.44 -21.57
C ILE A 71 9.58 -8.70 -21.87
N LYS A 72 9.13 -9.50 -22.80
CA LYS A 72 9.88 -10.73 -23.16
C LYS A 72 11.29 -10.33 -23.61
N MET A 73 11.37 -9.52 -24.63
CA MET A 73 12.70 -9.10 -25.17
C MET A 73 13.70 -8.88 -24.02
N GLY A 74 13.31 -8.17 -22.99
CA GLY A 74 14.27 -7.93 -21.86
C GLY A 74 14.40 -9.23 -21.03
N GLU A 75 13.45 -10.13 -21.12
CA GLU A 75 13.54 -11.41 -20.37
C GLU A 75 14.71 -12.22 -20.93
N THR A 76 14.97 -12.09 -22.20
CA THR A 76 16.10 -12.86 -22.80
C THR A 76 17.43 -12.29 -22.30
N VAL A 77 17.44 -11.03 -21.95
CA VAL A 77 18.71 -10.41 -21.45
C VAL A 77 18.42 -9.02 -20.91
N LEU A 78 18.70 -8.78 -19.66
CA LEU A 78 18.43 -7.44 -19.08
C LEU A 78 19.66 -6.56 -19.25
N GLY B 18 -12.75 -12.95 39.98
CA GLY B 18 -12.30 -13.94 38.97
C GLY B 18 -11.14 -13.35 38.16
N PRO B 19 -11.43 -12.39 37.32
CA PRO B 19 -10.40 -11.73 36.46
C PRO B 19 -9.17 -11.31 37.27
N ASN B 20 -8.23 -10.69 36.63
CA ASN B 20 -7.00 -10.25 37.33
C ASN B 20 -6.52 -8.93 36.75
N LYS B 21 -6.22 -7.97 37.58
CA LYS B 21 -5.75 -6.65 37.05
C LYS B 21 -4.63 -6.88 36.03
N GLU B 22 -3.90 -7.96 36.13
CA GLU B 22 -2.81 -8.20 35.16
C GLU B 22 -3.39 -8.55 33.79
N THR B 23 -4.63 -8.97 33.74
CA THR B 23 -5.23 -9.32 32.43
C THR B 23 -5.77 -8.04 31.77
N ILE B 24 -6.67 -7.33 32.41
CA ILE B 24 -7.20 -6.08 31.78
C ILE B 24 -6.03 -5.24 31.25
N ASN B 25 -4.95 -5.18 31.99
CA ASN B 25 -3.79 -4.36 31.53
C ASN B 25 -3.09 -5.06 30.36
N ARG B 26 -2.88 -6.35 30.46
CA ARG B 26 -2.20 -7.07 29.35
C ARG B 26 -2.86 -6.69 28.02
N GLU B 27 -4.15 -6.53 28.02
CA GLU B 27 -4.83 -6.14 26.75
C GLU B 27 -4.56 -4.66 26.49
N VAL B 28 -5.17 -3.79 27.27
CA VAL B 28 -4.95 -2.32 27.08
C VAL B 28 -3.48 -2.04 26.76
N SER B 29 -2.57 -2.84 27.25
CA SER B 29 -1.13 -2.60 26.96
C SER B 29 -0.86 -2.89 25.48
N ILE B 30 -0.94 -4.13 25.09
CA ILE B 30 -0.71 -4.48 23.66
C ILE B 30 -1.73 -3.72 22.80
N LEU B 31 -2.74 -3.20 23.42
CA LEU B 31 -3.80 -2.44 22.68
C LEU B 31 -3.18 -1.14 22.15
N ARG B 32 -2.52 -0.41 23.01
CA ARG B 32 -1.90 0.87 22.57
C ARG B 32 -0.79 0.55 21.56
N HIS B 33 -0.02 -0.47 21.82
CA HIS B 33 1.07 -0.83 20.87
C HIS B 33 0.45 -1.07 19.48
N SER B 34 -0.72 -1.65 19.45
CA SER B 34 -1.37 -1.89 18.14
C SER B 34 -1.64 -0.55 17.47
N TYR B 35 -2.42 0.28 18.11
CA TYR B 35 -2.73 1.63 17.54
C TYR B 35 -1.44 2.23 16.98
N GLN B 36 -0.40 2.21 17.75
CA GLN B 36 0.90 2.77 17.28
C GLN B 36 1.18 2.29 15.85
N LYS B 37 1.21 0.99 15.65
CA LYS B 37 1.49 0.48 14.27
C LYS B 37 0.52 1.12 13.27
N GLU B 38 -0.72 1.29 13.64
CA GLU B 38 -1.71 1.90 12.71
C GLU B 38 -1.28 3.32 12.32
N ILE B 39 -1.14 4.20 13.26
CA ILE B 39 -0.72 5.59 12.91
C ILE B 39 0.57 5.50 12.08
N GLN B 40 1.53 4.76 12.54
CA GLN B 40 2.79 4.62 11.74
C GLN B 40 2.41 4.24 10.32
N ALA B 41 1.38 3.45 10.16
CA ALA B 41 0.95 3.06 8.80
C ALA B 41 0.67 4.33 8.00
N LYS B 42 -0.28 5.11 8.44
CA LYS B 42 -0.61 6.37 7.71
C LYS B 42 0.68 7.05 7.25
N GLU B 43 1.73 6.96 8.03
CA GLU B 43 3.01 7.61 7.62
C GLU B 43 3.56 6.90 6.38
N THR B 44 3.37 5.61 6.33
CA THR B 44 3.87 4.84 5.13
C THR B 44 2.88 5.03 3.98
N MET B 45 1.66 4.61 4.16
CA MET B 45 0.63 4.76 3.08
C MET B 45 0.74 6.14 2.44
N LYS B 46 1.01 7.15 3.22
CA LYS B 46 1.15 8.53 2.67
C LYS B 46 2.39 8.59 1.78
N GLU B 47 3.53 8.31 2.36
CA GLU B 47 4.79 8.35 1.56
C GLU B 47 4.58 7.57 0.27
N VAL B 48 3.92 6.44 0.33
CA VAL B 48 3.69 5.64 -0.89
C VAL B 48 3.01 6.51 -1.95
N LEU B 49 1.73 6.77 -1.79
CA LEU B 49 0.98 7.60 -2.80
C LEU B 49 1.86 8.75 -3.29
N SER B 50 2.61 9.38 -2.42
CA SER B 50 3.49 10.48 -2.89
C SER B 50 4.33 9.94 -4.05
N ASP B 51 4.82 8.75 -3.89
CA ASP B 51 5.63 8.13 -4.97
C ASP B 51 4.71 7.75 -6.14
N ASN B 52 3.76 6.89 -5.89
CA ASN B 52 2.81 6.47 -6.97
C ASN B 52 2.36 7.69 -7.77
N MET B 53 2.29 8.83 -7.15
CA MET B 53 1.85 10.05 -7.86
C MET B 53 2.96 10.55 -8.79
N GLU B 54 4.09 10.92 -8.24
CA GLU B 54 5.21 11.42 -9.09
C GLU B 54 5.40 10.48 -10.28
N VAL B 55 5.37 9.19 -10.05
CA VAL B 55 5.55 8.23 -11.16
C VAL B 55 4.43 8.47 -12.19
N LEU B 56 3.22 8.12 -11.87
CA LEU B 56 2.09 8.32 -12.84
C LEU B 56 2.22 9.71 -13.49
N SER B 57 2.48 10.72 -12.71
CA SER B 57 2.62 12.09 -13.29
C SER B 57 3.74 12.11 -14.33
N ASP B 58 4.68 11.20 -14.23
CA ASP B 58 5.78 11.18 -15.22
C ASP B 58 5.27 10.58 -16.54
N HIS B 59 4.66 9.43 -16.47
CA HIS B 59 4.17 8.76 -17.71
C HIS B 59 3.05 9.57 -18.38
N ILE B 60 2.48 10.54 -17.72
CA ILE B 60 1.40 11.32 -18.37
C ILE B 60 1.95 11.96 -19.66
N VAL B 61 1.95 11.21 -20.73
CA VAL B 61 2.50 11.73 -22.02
C VAL B 61 1.88 13.09 -22.34
N ILE B 62 2.62 13.89 -23.06
CA ILE B 62 2.12 15.25 -23.41
C ILE B 62 2.93 15.79 -24.59
N GLU B 63 2.39 16.77 -25.24
CA GLU B 63 3.08 17.38 -26.42
C GLU B 63 3.39 16.31 -27.47
N GLY B 64 3.03 16.57 -28.69
CA GLY B 64 3.30 15.58 -29.77
C GLY B 64 2.28 14.43 -29.68
N LEU B 65 2.06 13.91 -28.49
CA LEU B 65 1.09 12.79 -28.35
C LEU B 65 0.13 13.11 -27.20
N SER B 66 -1.15 13.00 -27.43
CA SER B 66 -2.14 13.32 -26.36
C SER B 66 -2.62 12.02 -25.69
N ALA B 67 -2.58 11.95 -24.37
CA ALA B 67 -3.02 10.71 -23.66
C ALA B 67 -4.21 10.06 -24.38
N GLU B 68 -5.04 10.85 -25.00
CA GLU B 68 -6.21 10.27 -25.73
C GLU B 68 -5.73 9.39 -26.88
N GLU B 69 -4.72 9.82 -27.59
CA GLU B 69 -4.21 9.01 -28.74
C GLU B 69 -3.57 7.72 -28.25
N ILE B 70 -2.64 7.79 -27.33
CA ILE B 70 -1.99 6.55 -26.84
C ILE B 70 -3.01 5.70 -26.05
N ILE B 71 -3.93 6.33 -25.39
CA ILE B 71 -4.95 5.56 -24.63
C ILE B 71 -5.87 4.84 -25.62
N LYS B 72 -6.24 5.50 -26.69
CA LYS B 72 -7.12 4.86 -27.70
C LYS B 72 -6.47 3.56 -28.16
N MET B 73 -5.29 3.64 -28.69
CA MET B 73 -4.61 2.39 -29.17
C MET B 73 -4.61 1.36 -28.02
N GLY B 74 -4.45 1.82 -26.81
CA GLY B 74 -4.43 0.86 -25.65
C GLY B 74 -5.87 0.49 -25.26
N GLU B 75 -6.88 1.11 -25.85
CA GLU B 75 -8.27 0.74 -25.49
C GLU B 75 -8.81 -0.31 -26.47
N THR B 76 -8.26 -0.34 -27.66
CA THR B 76 -8.75 -1.34 -28.66
C THR B 76 -8.48 -2.76 -28.14
N VAL B 77 -7.60 -2.91 -27.19
CA VAL B 77 -7.30 -4.27 -26.66
C VAL B 77 -6.73 -4.16 -25.25
N LEU B 78 -7.16 -5.01 -24.36
CA LEU B 78 -6.64 -4.95 -22.96
C LEU B 78 -5.17 -5.43 -22.95
N GLY C 18 -21.41 -19.29 29.18
CA GLY C 18 -20.91 -18.94 27.82
C GLY C 18 -19.69 -18.02 27.95
N PRO C 19 -19.91 -16.73 28.06
CA PRO C 19 -18.79 -15.74 28.20
C PRO C 19 -18.19 -15.74 29.60
N ASN C 20 -16.89 -15.67 29.72
CA ASN C 20 -16.26 -15.65 31.07
C ASN C 20 -14.76 -15.41 30.92
N LYS C 21 -14.02 -15.75 31.95
CA LYS C 21 -12.54 -15.56 31.88
C LYS C 21 -11.99 -16.18 30.59
N GLU C 22 -12.82 -16.88 29.87
CA GLU C 22 -12.36 -17.50 28.59
C GLU C 22 -12.49 -16.47 27.46
N THR C 23 -13.66 -15.94 27.27
CA THR C 23 -13.85 -14.95 26.19
C THR C 23 -12.75 -13.88 26.27
N ILE C 24 -12.38 -13.43 27.45
CA ILE C 24 -11.27 -12.43 27.50
C ILE C 24 -10.00 -13.12 27.03
N ASN C 25 -9.60 -14.18 27.70
CA ASN C 25 -8.35 -14.90 27.29
C ASN C 25 -8.30 -15.03 25.77
N ARG C 26 -9.39 -15.40 25.14
CA ARG C 26 -9.36 -15.51 23.66
C ARG C 26 -8.91 -14.16 23.10
N GLU C 27 -9.58 -13.12 23.49
CA GLU C 27 -9.21 -11.77 23.02
C GLU C 27 -7.69 -11.60 23.14
N VAL C 28 -7.18 -11.49 24.34
CA VAL C 28 -5.70 -11.33 24.51
C VAL C 28 -4.96 -12.35 23.64
N SER C 29 -5.65 -13.37 23.18
CA SER C 29 -4.99 -14.39 22.31
C SER C 29 -4.88 -13.84 20.89
N ILE C 30 -5.97 -13.65 20.22
CA ILE C 30 -5.89 -13.08 18.84
C ILE C 30 -5.20 -11.74 18.94
N LEU C 31 -5.25 -11.13 20.10
CA LEU C 31 -4.59 -9.82 20.30
C LEU C 31 -3.10 -10.00 19.95
N ARG C 32 -2.36 -10.69 20.77
CA ARG C 32 -0.91 -10.87 20.46
C ARG C 32 -0.75 -11.43 19.05
N HIS C 33 -1.78 -12.03 18.51
CA HIS C 33 -1.69 -12.57 17.13
C HIS C 33 -1.73 -11.41 16.14
N SER C 34 -2.81 -10.67 16.13
CA SER C 34 -2.93 -9.51 15.21
C SER C 34 -1.63 -8.71 15.29
N TYR C 35 -1.04 -8.62 16.45
CA TYR C 35 0.23 -7.86 16.60
C TYR C 35 1.26 -8.46 15.65
N GLN C 36 1.70 -9.67 15.91
CA GLN C 36 2.71 -10.31 15.02
C GLN C 36 2.29 -10.12 13.56
N LYS C 37 1.05 -9.79 13.33
CA LYS C 37 0.61 -9.56 11.91
C LYS C 37 0.87 -8.11 11.56
N GLU C 38 0.30 -7.20 12.30
CA GLU C 38 0.51 -5.74 12.02
C GLU C 38 1.99 -5.49 11.72
N ILE C 39 2.88 -6.08 12.47
CA ILE C 39 4.33 -5.86 12.18
C ILE C 39 4.67 -6.57 10.87
N GLN C 40 4.50 -7.87 10.80
CA GLN C 40 4.82 -8.59 9.52
C GLN C 40 4.27 -7.77 8.34
N ALA C 41 3.04 -7.36 8.43
CA ALA C 41 2.46 -6.55 7.33
C ALA C 41 3.43 -5.42 6.99
N LYS C 42 3.77 -4.62 7.97
CA LYS C 42 4.72 -3.49 7.72
C LYS C 42 5.86 -4.00 6.83
N GLU C 43 6.31 -5.21 7.04
CA GLU C 43 7.44 -5.75 6.20
C GLU C 43 6.98 -5.82 4.74
N THR C 44 5.72 -6.08 4.55
CA THR C 44 5.19 -6.13 3.14
C THR C 44 5.11 -4.70 2.60
N MET C 45 4.49 -3.81 3.33
CA MET C 45 4.40 -2.40 2.87
C MET C 45 5.80 -1.89 2.56
N LYS C 46 6.78 -2.31 3.31
CA LYS C 46 8.17 -1.85 3.03
C LYS C 46 8.52 -2.27 1.60
N GLU C 47 8.45 -3.54 1.33
CA GLU C 47 8.77 -4.04 -0.04
C GLU C 47 8.11 -3.13 -1.08
N VAL C 48 6.86 -2.77 -0.88
CA VAL C 48 6.18 -1.88 -1.85
C VAL C 48 7.08 -0.68 -2.13
N LEU C 49 7.31 0.15 -1.14
CA LEU C 49 8.19 1.34 -1.36
C LEU C 49 9.45 0.91 -2.11
N SER C 50 10.09 -0.15 -1.66
CA SER C 50 11.32 -0.61 -2.37
C SER C 50 11.03 -0.72 -3.85
N ASP C 51 9.86 -1.22 -4.20
CA ASP C 51 9.51 -1.35 -5.64
C ASP C 51 9.12 0.03 -6.20
N ASN C 52 8.28 0.75 -5.50
CA ASN C 52 7.87 2.10 -5.97
C ASN C 52 9.11 2.98 -6.14
N MET C 53 10.16 2.64 -5.44
CA MET C 53 11.41 3.45 -5.54
C MET C 53 12.15 3.08 -6.84
N GLU C 54 12.47 1.83 -7.00
CA GLU C 54 13.19 1.40 -8.24
C GLU C 54 12.46 1.94 -9.48
N VAL C 55 11.15 1.83 -9.50
CA VAL C 55 10.39 2.35 -10.68
C VAL C 55 10.62 3.85 -10.81
N LEU C 56 10.53 4.57 -9.71
CA LEU C 56 10.76 6.05 -9.78
C LEU C 56 12.14 6.33 -10.38
N SER C 57 13.13 5.64 -9.91
CA SER C 57 14.50 5.84 -10.45
C SER C 57 14.63 5.11 -11.79
N ASP C 58 13.63 4.39 -12.18
CA ASP C 58 13.71 3.63 -13.47
C ASP C 58 13.40 4.56 -14.65
N HIS C 59 12.40 5.39 -14.54
CA HIS C 59 12.08 6.29 -15.69
C HIS C 59 12.71 7.68 -15.48
N ILE C 60 13.18 7.97 -14.27
CA ILE C 60 13.81 9.30 -13.99
C ILE C 60 14.36 9.89 -15.29
N VAL C 61 13.64 10.82 -15.86
CA VAL C 61 14.05 11.43 -17.16
C VAL C 61 15.36 12.21 -17.04
N ILE C 62 16.18 12.14 -18.06
CA ILE C 62 17.48 12.87 -18.05
C ILE C 62 18.01 12.98 -19.48
N GLU C 63 18.97 13.84 -19.65
CA GLU C 63 19.60 14.06 -20.99
C GLU C 63 18.55 14.49 -22.01
N GLY C 64 18.47 15.78 -22.24
CA GLY C 64 17.49 16.33 -23.22
C GLY C 64 16.29 16.88 -22.46
N LEU C 65 15.66 16.07 -21.65
CA LEU C 65 14.50 16.52 -20.88
C LEU C 65 14.80 16.26 -19.40
N SER C 66 14.74 17.28 -18.59
CA SER C 66 15.08 17.09 -17.15
C SER C 66 13.91 16.52 -16.35
N ALA C 67 14.16 16.32 -15.08
CA ALA C 67 13.10 15.82 -14.17
C ALA C 67 12.27 17.02 -13.73
N GLU C 68 12.91 18.16 -13.61
CA GLU C 68 12.20 19.39 -13.19
C GLU C 68 11.07 19.67 -14.19
N GLU C 69 11.38 19.66 -15.46
CA GLU C 69 10.31 19.91 -16.48
C GLU C 69 9.26 18.82 -16.32
N ILE C 70 9.60 17.61 -16.67
CA ILE C 70 8.62 16.48 -16.56
C ILE C 70 7.76 16.64 -15.29
N ILE C 71 8.36 16.99 -14.18
CA ILE C 71 7.56 17.18 -12.93
C ILE C 71 6.69 18.42 -13.12
N LYS C 72 7.22 19.43 -13.74
CA LYS C 72 6.42 20.67 -13.96
C LYS C 72 5.03 20.28 -14.46
N MET C 73 4.96 19.50 -15.50
CA MET C 73 3.61 19.07 -16.00
C MET C 73 2.97 18.21 -14.91
N GLY C 74 3.79 17.56 -14.12
CA GLY C 74 3.23 16.71 -13.01
C GLY C 74 2.87 17.61 -11.82
N GLU C 75 3.10 18.92 -11.92
CA GLU C 75 2.74 19.83 -10.79
C GLU C 75 1.38 20.47 -11.09
N THR C 76 1.17 20.87 -12.31
CA THR C 76 -0.13 21.50 -12.67
C THR C 76 -1.25 20.49 -12.49
N VAL C 77 -0.92 19.25 -12.26
CA VAL C 77 -1.97 18.21 -12.07
C VAL C 77 -2.91 18.20 -13.27
N LEU C 78 -4.17 17.93 -13.05
CA LEU C 78 -5.13 17.90 -14.19
C LEU C 78 -5.82 19.27 -14.30
N GLY D 18 -24.53 -1.70 31.18
CA GLY D 18 -23.36 -1.35 30.31
C GLY D 18 -22.22 -2.35 30.55
N PRO D 19 -21.53 -2.21 31.65
CA PRO D 19 -20.38 -3.09 32.01
C PRO D 19 -20.84 -4.51 32.36
N ASN D 20 -20.53 -5.47 31.52
CA ASN D 20 -20.91 -6.90 31.80
C ASN D 20 -20.44 -7.76 30.62
N LYS D 21 -20.67 -9.04 30.70
CA LYS D 21 -20.23 -9.97 29.61
C LYS D 21 -20.47 -9.33 28.23
N GLU D 22 -21.35 -8.37 28.13
CA GLU D 22 -21.61 -7.73 26.82
C GLU D 22 -20.45 -6.83 26.41
N THR D 23 -19.78 -6.21 27.36
CA THR D 23 -18.68 -5.29 27.01
C THR D 23 -17.48 -6.08 26.44
N ILE D 24 -17.07 -7.19 27.04
CA ILE D 24 -15.93 -7.94 26.42
C ILE D 24 -16.45 -8.56 25.11
N ASN D 25 -17.72 -8.84 25.05
CA ASN D 25 -18.28 -9.43 23.81
C ASN D 25 -18.17 -8.41 22.68
N ARG D 26 -18.34 -7.14 22.97
CA ARG D 26 -18.23 -6.12 21.89
C ARG D 26 -16.78 -6.13 21.40
N GLU D 27 -15.84 -6.10 22.30
CA GLU D 27 -14.42 -6.11 21.87
C GLU D 27 -14.09 -7.44 21.21
N VAL D 28 -14.54 -8.53 21.78
CA VAL D 28 -14.24 -9.87 21.17
C VAL D 28 -14.94 -10.02 19.81
N SER D 29 -16.21 -9.72 19.75
CA SER D 29 -16.95 -9.86 18.46
C SER D 29 -16.27 -9.02 17.37
N ILE D 30 -15.98 -7.78 17.65
CA ILE D 30 -15.30 -6.93 16.63
C ILE D 30 -13.92 -7.52 16.34
N LEU D 31 -13.32 -8.11 17.34
CA LEU D 31 -11.98 -8.73 17.19
C LEU D 31 -11.99 -9.63 15.94
N ARG D 32 -12.88 -10.57 15.90
CA ARG D 32 -12.94 -11.48 14.72
C ARG D 32 -13.22 -10.66 13.46
N HIS D 33 -14.11 -9.71 13.55
CA HIS D 33 -14.42 -8.88 12.35
C HIS D 33 -13.14 -8.21 11.86
N SER D 34 -12.47 -7.46 12.70
CA SER D 34 -11.22 -6.78 12.29
C SER D 34 -10.25 -7.79 11.68
N TYR D 35 -10.10 -8.93 12.27
CA TYR D 35 -9.17 -9.95 11.71
C TYR D 35 -9.52 -10.21 10.25
N GLN D 36 -10.71 -10.71 10.00
CA GLN D 36 -11.14 -11.00 8.60
C GLN D 36 -10.72 -9.85 7.68
N LYS D 37 -11.30 -8.70 7.85
CA LYS D 37 -10.93 -7.54 6.98
C LYS D 37 -9.41 -7.42 6.89
N GLU D 38 -8.70 -7.77 7.93
CA GLU D 38 -7.20 -7.65 7.88
C GLU D 38 -6.63 -8.66 6.87
N ILE D 39 -6.77 -9.94 7.12
CA ILE D 39 -6.22 -10.94 6.16
C ILE D 39 -6.61 -10.55 4.74
N GLN D 40 -7.86 -10.25 4.51
CA GLN D 40 -8.27 -9.84 3.14
C GLN D 40 -7.38 -8.67 2.69
N ALA D 41 -7.25 -7.67 3.52
CA ALA D 41 -6.40 -6.52 3.15
C ALA D 41 -5.03 -7.02 2.67
N LYS D 42 -4.48 -8.00 3.33
CA LYS D 42 -3.16 -8.51 2.87
C LYS D 42 -3.31 -8.95 1.42
N GLU D 43 -4.46 -9.46 1.06
CA GLU D 43 -4.67 -9.92 -0.35
C GLU D 43 -4.52 -8.72 -1.29
N THR D 44 -5.18 -7.63 -0.98
CA THR D 44 -5.06 -6.42 -1.86
C THR D 44 -3.60 -5.95 -1.86
N MET D 45 -2.87 -6.31 -0.84
CA MET D 45 -1.43 -5.91 -0.77
C MET D 45 -0.66 -6.65 -1.86
N LYS D 46 -0.69 -7.96 -1.81
CA LYS D 46 0.03 -8.76 -2.85
C LYS D 46 -0.30 -8.18 -4.23
N GLU D 47 -1.51 -7.68 -4.38
CA GLU D 47 -1.90 -7.08 -5.68
C GLU D 47 -0.99 -5.88 -5.95
N VAL D 48 -0.85 -5.01 -4.99
CA VAL D 48 0.02 -3.82 -5.16
C VAL D 48 1.38 -4.25 -5.72
N LEU D 49 1.89 -5.37 -5.28
CA LEU D 49 3.22 -5.83 -5.79
C LEU D 49 3.06 -6.41 -7.20
N SER D 50 2.14 -7.31 -7.38
CA SER D 50 1.94 -7.91 -8.73
C SER D 50 1.89 -6.78 -9.76
N ASP D 51 1.31 -5.67 -9.40
CA ASP D 51 1.24 -4.52 -10.34
C ASP D 51 2.59 -3.81 -10.35
N ASN D 52 3.05 -3.39 -9.20
CA ASN D 52 4.37 -2.68 -9.12
C ASN D 52 5.40 -3.44 -9.96
N MET D 53 5.56 -4.70 -9.73
CA MET D 53 6.56 -5.50 -10.51
C MET D 53 6.23 -5.41 -12.01
N GLU D 54 5.00 -5.65 -12.37
CA GLU D 54 4.62 -5.60 -13.82
C GLU D 54 4.92 -4.19 -14.35
N VAL D 55 4.40 -3.18 -13.70
CA VAL D 55 4.66 -1.78 -14.13
C VAL D 55 6.17 -1.58 -14.28
N LEU D 56 6.94 -2.20 -13.43
CA LEU D 56 8.42 -2.06 -13.52
C LEU D 56 8.90 -2.82 -14.76
N SER D 57 8.59 -4.08 -14.84
CA SER D 57 9.02 -4.89 -16.01
C SER D 57 8.51 -4.25 -17.29
N ASP D 58 7.70 -3.23 -17.19
CA ASP D 58 7.20 -2.57 -18.43
C ASP D 58 8.19 -1.49 -18.86
N HIS D 59 8.30 -0.46 -18.06
CA HIS D 59 9.20 0.69 -18.42
C HIS D 59 10.64 0.24 -18.69
N ILE D 60 11.09 -0.85 -18.11
CA ILE D 60 12.52 -1.27 -18.34
C ILE D 60 12.95 -1.08 -19.81
N VAL D 61 13.41 0.10 -20.13
CA VAL D 61 13.84 0.38 -21.54
C VAL D 61 14.83 -0.66 -22.03
N ILE D 62 15.02 -0.73 -23.32
CA ILE D 62 15.96 -1.74 -23.89
C ILE D 62 16.47 -1.30 -25.27
N GLU D 63 17.57 -1.87 -25.67
CA GLU D 63 18.18 -1.57 -27.01
C GLU D 63 18.15 -0.08 -27.29
N GLY D 64 19.26 0.60 -27.08
CA GLY D 64 19.33 2.07 -27.30
C GLY D 64 19.73 2.70 -25.97
N LEU D 65 18.96 2.44 -24.95
CA LEU D 65 19.25 2.99 -23.61
C LEU D 65 19.23 1.82 -22.63
N SER D 66 20.36 1.44 -22.11
CA SER D 66 20.40 0.28 -21.18
C SER D 66 20.06 0.74 -19.75
N ALA D 67 19.08 0.13 -19.13
CA ALA D 67 18.71 0.54 -17.75
C ALA D 67 19.98 0.72 -16.91
N GLU D 68 21.01 -0.04 -17.21
CA GLU D 68 22.27 0.10 -16.45
C GLU D 68 22.78 1.54 -16.59
N GLU D 69 23.27 1.89 -17.75
CA GLU D 69 23.78 3.28 -17.97
C GLU D 69 22.84 4.27 -17.28
N ILE D 70 21.58 4.26 -17.64
CA ILE D 70 20.61 5.19 -16.98
C ILE D 70 20.80 5.09 -15.47
N ILE D 71 20.49 3.94 -14.91
CA ILE D 71 20.64 3.76 -13.44
C ILE D 71 21.98 4.34 -12.98
N LYS D 72 23.07 3.86 -13.54
CA LYS D 72 24.40 4.38 -13.12
C LYS D 72 24.45 5.89 -13.32
N MET D 73 23.45 6.41 -13.97
CA MET D 73 23.42 7.89 -14.14
C MET D 73 22.87 8.48 -12.85
N GLY D 74 21.78 7.92 -12.39
CA GLY D 74 21.16 8.44 -11.12
C GLY D 74 22.14 8.25 -9.96
N GLU D 75 23.10 7.35 -10.08
CA GLU D 75 24.07 7.15 -8.96
C GLU D 75 25.14 8.24 -9.03
N THR D 76 25.69 8.46 -10.20
CA THR D 76 26.74 9.50 -10.34
C THR D 76 26.15 10.86 -9.98
N VAL D 77 24.85 10.99 -10.06
CA VAL D 77 24.21 12.29 -9.72
C VAL D 77 22.71 12.08 -9.52
N LEU D 78 22.15 12.64 -8.49
CA LEU D 78 20.69 12.48 -8.23
C LEU D 78 20.36 10.99 -8.21
#